data_8YZ6
#
_entry.id   8YZ6
#
_cell.length_a   1.00
_cell.length_b   1.00
_cell.length_c   1.00
_cell.angle_alpha   90.00
_cell.angle_beta   90.00
_cell.angle_gamma   90.00
#
_symmetry.space_group_name_H-M   'P 1'
#
loop_
_entity.id
_entity.type
_entity.pdbx_description
1 polymer 'Spike glycoprotein'
2 polymer 'Fab heavy chain of JH-8B'
3 polymer 'Fab light chain of JH-8B'
4 branched 2-acetamido-2-deoxy-beta-D-glucopyranose-(1-4)-2-acetamido-2-deoxy-beta-D-glucopyranose
5 branched beta-D-mannopyranose-(1-4)-2-acetamido-2-deoxy-beta-D-glucopyranose-(1-4)-2-acetamido-2-deoxy-beta-D-glucopyranose
6 non-polymer 2-acetamido-2-deoxy-beta-D-glucopyranose
#
loop_
_entity_poly.entity_id
_entity_poly.type
_entity_poly.pdbx_seq_one_letter_code
_entity_poly.pdbx_strand_id
1 'polypeptide(L)'
;MKVKLLVLLCTFTATYAGTQCVNLTTRTQLPPAYTNSFTRGVYYPDKVFRSSVLHSTQDLFLPFFSNVTWFHVISGTNGT
KRFDNPVLPFNDGVYFASIEKSNIIRGWIFGTTLDSKTQSLLIVNNATNVVIKVCEFQFCNDPFLDHKNNKSWMESEFRV
YSSANNCTFEYVSQPFLMDLEGKQGNFKNLREFVFKNIDGYFKIYSKHTPIIVREPEDLPQGFSALEPLVDLPIGINITR
FQTLLALHRSYLTPGDSSSGWTAGAAAYYVGYLQPRTFLLKYNENGTITDAVDCALDPLSETKCTLKSFTVEKGIYQTSN
FRVQPTESIVRFPNITNLCPFDEVFNATRFASVYAWNRKRISNCVADYSVLYNLAPFFTFKCYGVSPTKLNDLCFTNVYA
DSFVIRGDEVRQIAPGQTGNIADYNYKLPDDFTGCVIAWNSNKLDSKVSGNYNYLYRLFRKSNLKPFERDISTEIYQAGN
KPCNGVAGFNCYFPLRSYSFRPTYGVGHQPYRVVVLSFELLHAPATVCGPKKSTNLVKNKCVNFNFNGLKGTGVLTESNK
KFLPFQQFGRDIADTTDAVRDPQTLEILDITPCSFGGVSVITPGTNTSNQVAVLYQGVNCTEVPVAIHADQLTPTWRVYS
TGSNVFQTRAGCLIGAEYVNNSYECDIPIGAGICASYQTQTKSHGSASSVASQSIIAYTMSLGAENSVAYSNNSIAIPTN
FTISVTTEILPVSMTKTSVDCTMYICGDSTECSNLLLQYGSFCTQLKRALTGIAVEQDKNTQEVFAQVKQIYKTPPIKYF
GGFNFSQILPDPSKPSKRSFIEDLLFNKVTLADAGFIKQYGDCLGDIAARDLICAQKFKGLTVLPPLLTDEMIAQYTSAL
LAGTITSGWTFGAGAALQIPFAMQMAYRFNGIGVTQNVLYENQKLIANQFNSAIGKIQDSLSSTASALGKLQDVVNHNAQ
ALNTLVKQLSSKFGAISSVLNDIFSRLDPPEAEVQIDRLITGRLQSLQTYVTQQLIRAAEIRASANLAATKMSECVLGQS
KRVDFCGKGYHLMSFPQSAPHGVVFLHVTYVPAQEKNFTTAPAICHDGKAHFPREGVFVSNGTHWFVTQRNFYEPQIITT
DNTFVSGNCDVVIGIVNNTVYDPLQPELDSFKEELDKYFKNHTSPDVDLGDISGINASVVNIQKEIDRLNEVAKNLNESL
IDLQELGKYEQYIKDIRSLVPRGSPGSGYIPEAPRDGQAYVRKDGEWVLLSTFLGHHHHHH
;
A,B,C
2 'polypeptide(L)'
;EVQLVESGGGLIQPGGSLRLSCAASGVTVSSNYMSWVRQAPGKGLEWISLIYSGGSTYYADSVKGRFTISRDNSKNTLYL
QMNSLRAEDTAVYYCARELDIVGATDIWGQGTMVTVSSA
;
D
3 'polypeptide(L)'
;EIVLTQSPGTLSLSPGERATLSCRASQSVSSSYLAWYQQKPGQAPRLLIYGASSRATGIPDRFSGSGSGTDFTLTISRLE
PEDFAIYYCQQYGVSPPEFTFGPGTKVEIK
;
E
#
# COMPACT_ATOMS: atom_id res chain seq x y z
N PRO A 31 4.01 -4.96 -68.07
CA PRO A 31 3.20 -4.24 -67.08
C PRO A 31 3.50 -4.66 -65.65
N PRO A 32 3.34 -3.74 -64.69
CA PRO A 32 3.55 -4.10 -63.29
C PRO A 32 2.58 -5.19 -62.85
N ALA A 33 3.07 -6.10 -62.01
CA ALA A 33 2.28 -7.22 -61.52
C ALA A 33 2.23 -7.20 -60.01
N TYR A 34 1.09 -7.64 -59.47
CA TYR A 34 0.87 -7.71 -58.03
C TYR A 34 0.72 -9.16 -57.61
N THR A 35 1.28 -9.49 -56.45
CA THR A 35 1.24 -10.85 -55.95
C THR A 35 1.35 -10.83 -54.43
N ASN A 36 1.03 -11.96 -53.81
CA ASN A 36 1.07 -12.08 -52.37
C ASN A 36 2.50 -12.19 -51.88
N SER A 37 2.84 -11.42 -50.84
CA SER A 37 4.18 -11.49 -50.28
C SER A 37 4.41 -12.75 -49.46
N PHE A 38 3.34 -13.43 -49.04
CA PHE A 38 3.41 -14.68 -48.27
C PHE A 38 4.13 -14.41 -46.96
N THR A 39 5.25 -15.07 -46.66
CA THR A 39 5.88 -15.03 -45.34
C THR A 39 7.35 -14.65 -45.44
N ARG A 40 7.64 -13.58 -46.18
CA ARG A 40 9.00 -13.08 -46.31
C ARG A 40 9.17 -11.78 -45.55
N GLY A 41 10.34 -11.61 -44.96
CA GLY A 41 10.67 -10.43 -44.18
C GLY A 41 10.90 -10.66 -42.69
N VAL A 42 11.30 -11.87 -42.29
CA VAL A 42 11.45 -12.22 -40.88
C VAL A 42 12.92 -12.11 -40.51
N TYR A 43 13.25 -11.19 -39.60
CA TYR A 43 14.62 -11.00 -39.15
C TYR A 43 14.67 -10.94 -37.63
N TYR A 44 15.83 -11.29 -37.09
CA TYR A 44 16.05 -11.14 -35.65
C TYR A 44 16.22 -9.66 -35.32
N PRO A 45 15.53 -9.16 -34.28
CA PRO A 45 15.48 -7.70 -34.07
C PRO A 45 16.85 -7.06 -33.84
N ASP A 46 17.77 -7.77 -33.19
CA ASP A 46 19.07 -7.20 -32.85
C ASP A 46 20.08 -8.33 -32.73
N LYS A 47 21.20 -8.04 -32.07
CA LYS A 47 22.27 -9.02 -31.85
C LYS A 47 22.09 -9.83 -30.59
N VAL A 48 20.85 -9.98 -30.11
CA VAL A 48 20.55 -10.75 -28.91
C VAL A 48 19.95 -12.07 -29.34
N PHE A 49 20.59 -13.17 -28.94
CA PHE A 49 20.13 -14.50 -29.27
C PHE A 49 19.21 -15.01 -28.17
N ARG A 50 18.14 -15.70 -28.57
CA ARG A 50 17.19 -16.27 -27.64
C ARG A 50 16.88 -17.69 -28.08
N SER A 51 16.80 -18.61 -27.11
CA SER A 51 16.58 -20.02 -27.39
C SER A 51 15.31 -20.51 -26.71
N SER A 52 14.50 -21.25 -27.46
CA SER A 52 13.34 -21.95 -26.92
C SER A 52 12.38 -21.00 -26.21
N VAL A 53 12.18 -19.82 -26.78
CA VAL A 53 11.28 -18.83 -26.21
C VAL A 53 10.30 -18.37 -27.28
N LEU A 54 9.08 -18.08 -26.87
CA LEU A 54 8.09 -17.44 -27.75
C LEU A 54 8.12 -15.96 -27.40
N HIS A 55 9.16 -15.28 -27.84
CA HIS A 55 9.36 -13.86 -27.56
C HIS A 55 8.63 -13.04 -28.62
N SER A 56 7.92 -12.02 -28.18
CA SER A 56 7.19 -11.11 -29.08
C SER A 56 7.63 -9.70 -28.76
N THR A 57 8.10 -8.98 -29.77
CA THR A 57 8.69 -7.66 -29.56
C THR A 57 8.15 -6.68 -30.59
N GLN A 58 8.25 -5.41 -30.25
CA GLN A 58 7.64 -4.32 -31.02
C GLN A 58 8.73 -3.49 -31.69
N ASP A 59 8.68 -3.41 -33.00
CA ASP A 59 9.65 -2.63 -33.78
C ASP A 59 9.08 -2.41 -35.18
N LEU A 60 9.80 -1.64 -35.99
CA LEU A 60 9.40 -1.38 -37.37
C LEU A 60 9.48 -2.67 -38.17
N PHE A 61 8.34 -3.12 -38.71
CA PHE A 61 8.26 -4.43 -39.35
C PHE A 61 7.43 -4.32 -40.64
N LEU A 62 7.66 -5.28 -41.55
CA LEU A 62 7.04 -5.27 -42.86
C LEU A 62 5.80 -6.18 -42.85
N PRO A 63 4.69 -5.76 -43.45
CA PRO A 63 3.44 -6.52 -43.30
C PRO A 63 3.50 -7.89 -43.97
N PHE A 64 2.59 -8.75 -43.56
CA PHE A 64 2.43 -10.05 -44.18
C PHE A 64 1.29 -10.02 -45.19
N PHE A 65 1.34 -10.94 -46.15
CA PHE A 65 0.33 -11.07 -47.20
C PHE A 65 0.11 -9.74 -47.91
N SER A 66 1.19 -9.02 -48.15
CA SER A 66 1.11 -7.69 -48.73
C SER A 66 1.06 -7.75 -50.25
N ASN A 67 0.52 -6.68 -50.85
CA ASN A 67 0.46 -6.53 -52.30
C ASN A 67 1.81 -6.03 -52.78
N VAL A 68 2.75 -6.96 -52.97
CA VAL A 68 4.09 -6.61 -53.42
C VAL A 68 4.11 -6.56 -54.94
N THR A 69 4.64 -5.46 -55.47
CA THR A 69 4.66 -5.24 -56.91
C THR A 69 5.79 -6.06 -57.54
N TRP A 70 5.48 -6.71 -58.65
CA TRP A 70 6.46 -7.47 -59.41
C TRP A 70 6.95 -6.63 -60.58
N PHE A 71 8.26 -6.56 -60.75
CA PHE A 71 8.89 -5.72 -61.76
C PHE A 71 9.62 -6.59 -62.78
N HIS A 72 9.56 -6.18 -64.04
CA HIS A 72 10.24 -6.89 -65.11
C HIS A 72 10.87 -5.89 -66.08
N VAL A 73 12.09 -6.19 -66.52
CA VAL A 73 12.82 -5.38 -67.48
C VAL A 73 13.06 -6.23 -68.72
N ILE A 74 12.53 -5.78 -69.84
CA ILE A 74 12.66 -6.53 -71.09
C ILE A 74 12.98 -5.59 -72.25
N LYS A 81 13.59 -3.56 -74.99
CA LYS A 81 12.33 -3.19 -75.63
C LYS A 81 11.61 -2.12 -74.81
N ARG A 82 11.66 -2.26 -73.49
CA ARG A 82 11.11 -1.27 -72.57
C ARG A 82 11.96 -1.21 -71.32
N PHE A 83 11.95 -0.06 -70.66
CA PHE A 83 12.75 0.18 -69.46
C PHE A 83 11.93 1.04 -68.51
N ASP A 84 11.21 0.40 -67.60
CA ASP A 84 10.36 1.10 -66.62
C ASP A 84 10.89 0.79 -65.22
N ASN A 85 11.89 1.57 -64.78
CA ASN A 85 12.45 1.47 -63.44
C ASN A 85 12.63 2.88 -62.88
N PRO A 86 11.54 3.49 -62.39
CA PRO A 86 11.62 4.87 -61.88
C PRO A 86 12.27 4.90 -60.50
N VAL A 87 12.35 6.12 -59.96
CA VAL A 87 13.03 6.35 -58.69
C VAL A 87 12.26 5.69 -57.56
N LEU A 88 12.97 4.99 -56.68
CA LEU A 88 12.36 4.28 -55.56
C LEU A 88 12.67 5.02 -54.27
N PRO A 89 11.70 5.69 -53.64
CA PRO A 89 11.99 6.45 -52.43
C PRO A 89 12.30 5.57 -51.23
N PHE A 90 13.08 6.13 -50.30
CA PHE A 90 13.41 5.42 -49.06
C PHE A 90 12.21 5.30 -48.14
N ASN A 91 11.45 6.38 -47.99
CA ASN A 91 10.28 6.44 -47.09
C ASN A 91 10.78 6.15 -45.67
N ASP A 92 10.00 5.43 -44.85
CA ASP A 92 10.41 5.15 -43.47
C ASP A 92 11.62 4.22 -43.44
N GLY A 93 11.56 3.11 -44.16
CA GLY A 93 12.61 2.13 -44.19
C GLY A 93 12.24 1.02 -45.16
N VAL A 94 13.22 0.35 -45.75
CA VAL A 94 12.95 -0.58 -46.85
C VAL A 94 13.59 -1.93 -46.56
N TYR A 95 12.79 -2.98 -46.67
CA TYR A 95 13.26 -4.36 -46.77
C TYR A 95 13.34 -4.73 -48.24
N PHE A 96 14.53 -5.09 -48.70
CA PHE A 96 14.78 -5.36 -50.11
C PHE A 96 15.44 -6.73 -50.25
N ALA A 97 14.93 -7.54 -51.18
CA ALA A 97 15.50 -8.82 -51.52
C ALA A 97 15.87 -8.85 -53.00
N SER A 98 16.92 -9.60 -53.33
CA SER A 98 17.37 -9.77 -54.71
C SER A 98 17.39 -11.25 -55.05
N ILE A 99 16.59 -11.65 -56.03
CA ILE A 99 16.66 -13.00 -56.59
C ILE A 99 17.74 -12.95 -57.67
N GLU A 100 18.98 -13.22 -57.27
CA GLU A 100 20.14 -12.97 -58.10
C GLU A 100 20.72 -14.27 -58.63
N LYS A 101 20.95 -14.31 -59.94
CA LYS A 101 21.64 -15.41 -60.59
C LYS A 101 22.76 -14.86 -61.45
N SER A 102 23.95 -15.45 -61.32
CA SER A 102 25.16 -15.06 -62.04
C SER A 102 25.64 -13.66 -61.70
N ASN A 103 25.18 -13.08 -60.59
CA ASN A 103 25.70 -11.82 -60.07
C ASN A 103 25.57 -10.68 -61.08
N ILE A 104 24.32 -10.33 -61.39
CA ILE A 104 24.07 -9.22 -62.31
C ILE A 104 23.92 -7.90 -61.56
N ILE A 105 23.42 -7.92 -60.34
CA ILE A 105 23.34 -6.72 -59.52
C ILE A 105 24.68 -6.51 -58.82
N ARG A 106 25.26 -5.32 -58.99
CA ARG A 106 26.61 -5.06 -58.51
C ARG A 106 26.72 -3.90 -57.54
N GLY A 107 25.75 -2.99 -57.51
CA GLY A 107 25.78 -1.92 -56.52
C GLY A 107 24.69 -0.92 -56.81
N TRP A 108 24.49 -0.02 -55.83
CA TRP A 108 23.52 1.05 -55.94
C TRP A 108 24.18 2.38 -55.58
N ILE A 109 23.36 3.43 -55.59
CA ILE A 109 23.76 4.76 -55.14
C ILE A 109 22.79 5.19 -54.05
N PHE A 110 23.31 5.56 -52.90
CA PHE A 110 22.52 6.06 -51.78
C PHE A 110 22.90 7.50 -51.51
N GLY A 111 21.90 8.38 -51.47
CA GLY A 111 22.15 9.78 -51.20
C GLY A 111 20.86 10.56 -51.19
N THR A 112 20.98 11.80 -50.71
CA THR A 112 19.85 12.73 -50.62
C THR A 112 19.96 13.91 -51.56
N GLN A 119 25.29 12.90 -45.89
CA GLN A 119 26.10 11.76 -46.27
C GLN A 119 25.23 10.70 -46.93
N SER A 120 25.85 9.89 -47.78
CA SER A 120 25.15 8.88 -48.56
C SER A 120 25.82 7.52 -48.37
N LEU A 121 25.01 6.46 -48.47
CA LEU A 121 25.46 5.09 -48.27
C LEU A 121 25.63 4.39 -49.61
N LEU A 122 26.76 3.72 -49.79
CA LEU A 122 27.06 2.99 -51.02
C LEU A 122 27.88 1.75 -50.68
N ILE A 123 27.59 0.66 -51.39
CA ILE A 123 28.36 -0.57 -51.28
C ILE A 123 28.86 -0.93 -52.68
N VAL A 124 30.17 -1.13 -52.82
CA VAL A 124 30.80 -1.38 -54.11
C VAL A 124 31.59 -2.68 -54.03
N ASN A 125 31.56 -3.45 -55.12
CA ASN A 125 32.30 -4.71 -55.23
C ASN A 125 33.05 -4.69 -56.55
N ASN A 126 34.33 -4.34 -56.50
CA ASN A 126 35.19 -4.42 -57.69
C ASN A 126 35.63 -5.87 -57.89
N ALA A 127 36.56 -6.09 -58.80
CA ALA A 127 36.98 -7.44 -59.13
C ALA A 127 37.79 -8.11 -58.03
N THR A 128 38.21 -7.36 -57.00
CA THR A 128 39.05 -7.91 -55.94
C THR A 128 38.23 -8.33 -54.73
N ASN A 129 37.48 -7.42 -54.12
CA ASN A 129 36.71 -7.72 -52.92
C ASN A 129 35.54 -6.74 -52.85
N VAL A 130 34.92 -6.67 -51.68
CA VAL A 130 33.74 -5.83 -51.45
C VAL A 130 34.13 -4.71 -50.49
N VAL A 131 33.73 -3.48 -50.82
CA VAL A 131 34.04 -2.30 -50.02
C VAL A 131 32.74 -1.60 -49.67
N ILE A 132 32.61 -1.18 -48.42
CA ILE A 132 31.47 -0.40 -47.94
C ILE A 132 31.94 1.01 -47.65
N LYS A 133 31.30 2.00 -48.27
CA LYS A 133 31.72 3.38 -48.18
C LYS A 133 30.52 4.29 -47.89
N VAL A 134 30.72 5.26 -46.99
CA VAL A 134 29.76 6.31 -46.73
C VAL A 134 30.56 7.62 -46.68
N CYS A 135 30.57 8.36 -47.80
CA CYS A 135 31.30 9.61 -47.90
C CYS A 135 30.43 10.62 -48.63
N THR A 168 31.43 10.37 -42.97
CA THR A 168 31.27 10.12 -41.54
C THR A 168 31.32 8.65 -41.18
N PHE A 169 30.63 7.79 -41.91
CA PHE A 169 30.55 6.37 -41.61
C PHE A 169 31.43 5.58 -42.55
N GLU A 170 32.23 4.67 -41.98
CA GLU A 170 33.06 3.75 -42.74
C GLU A 170 32.85 2.34 -42.19
N TYR A 171 32.96 1.34 -43.07
CA TYR A 171 32.83 -0.05 -42.65
C TYR A 171 33.56 -0.94 -43.63
N VAL A 172 34.35 -1.88 -43.10
CA VAL A 172 34.92 -2.98 -43.93
C VAL A 172 34.41 -4.32 -43.39
N SER A 173 34.07 -5.25 -44.29
CA SER A 173 33.52 -6.57 -43.89
C SER A 173 34.22 -7.67 -44.68
N GLN A 174 33.52 -8.25 -45.67
CA GLN A 174 34.07 -9.37 -46.46
C GLN A 174 33.80 -9.13 -47.95
N PRO A 175 34.57 -9.72 -48.89
CA PRO A 175 34.17 -9.74 -50.30
C PRO A 175 32.98 -10.67 -50.51
N PHE A 176 32.08 -10.75 -49.54
CA PHE A 176 30.88 -11.63 -49.68
C PHE A 176 30.28 -11.47 -51.08
N LEU A 177 30.01 -10.23 -51.48
CA LEU A 177 29.34 -9.93 -52.78
C LEU A 177 30.33 -10.21 -53.92
N MET A 178 31.58 -10.52 -53.59
CA MET A 178 32.60 -10.93 -54.58
C MET A 178 32.87 -12.43 -54.44
N ASP A 179 32.54 -12.99 -53.28
CA ASP A 179 32.72 -14.44 -53.00
C ASP A 179 31.97 -15.23 -54.08
N LEU A 180 30.68 -14.95 -54.23
CA LEU A 180 29.88 -15.56 -55.34
C LEU A 180 30.10 -17.07 -55.33
N GLU A 181 29.80 -17.71 -54.19
CA GLU A 181 30.16 -19.13 -53.96
C GLU A 181 28.87 -19.96 -53.91
N ASN A 186 18.37 -22.02 -63.92
CA ASN A 186 19.73 -21.56 -64.15
C ASN A 186 20.34 -21.02 -62.86
N PHE A 187 19.50 -20.41 -62.02
CA PHE A 187 19.97 -19.85 -60.77
C PHE A 187 20.40 -20.94 -59.81
N LYS A 188 21.58 -20.74 -59.21
CA LYS A 188 22.08 -21.66 -58.19
C LYS A 188 22.06 -21.07 -56.78
N ASN A 189 21.95 -19.76 -56.65
CA ASN A 189 21.97 -19.09 -55.35
C ASN A 189 20.88 -18.02 -55.31
N LEU A 190 20.45 -17.70 -54.10
CA LEU A 190 19.54 -16.58 -53.84
C LEU A 190 20.12 -15.74 -52.71
N ARG A 191 20.31 -14.46 -52.96
CA ARG A 191 20.83 -13.54 -51.95
C ARG A 191 19.67 -12.86 -51.23
N GLU A 192 19.90 -12.55 -49.94
CA GLU A 192 18.90 -11.87 -49.13
C GLU A 192 19.55 -10.68 -48.43
N PHE A 193 18.82 -9.56 -48.40
CA PHE A 193 19.35 -8.32 -47.86
C PHE A 193 18.35 -7.70 -46.91
N VAL A 194 18.86 -6.93 -45.95
CA VAL A 194 18.04 -6.17 -45.01
C VAL A 194 18.60 -4.77 -44.90
N PHE A 195 17.73 -3.77 -45.00
CA PHE A 195 18.11 -2.38 -44.81
C PHE A 195 17.23 -1.79 -43.70
N LYS A 196 17.84 -1.47 -42.56
CA LYS A 196 17.13 -0.89 -41.42
C LYS A 196 17.85 0.38 -41.01
N ASN A 197 17.09 1.44 -40.75
CA ASN A 197 17.70 2.74 -40.44
C ASN A 197 16.85 3.43 -39.37
N ILE A 198 17.20 3.21 -38.11
CA ILE A 198 16.59 3.89 -36.98
C ILE A 198 17.69 4.29 -36.00
N ASP A 199 17.61 5.52 -35.51
CA ASP A 199 18.47 6.03 -34.44
C ASP A 199 19.94 6.03 -34.83
N GLY A 200 20.22 6.15 -36.13
CA GLY A 200 21.58 6.19 -36.61
C GLY A 200 22.28 4.86 -36.68
N TYR A 201 21.59 3.76 -36.44
CA TYR A 201 22.17 2.42 -36.52
C TYR A 201 21.59 1.70 -37.74
N PHE A 202 22.47 1.24 -38.62
CA PHE A 202 22.09 0.68 -39.91
C PHE A 202 22.46 -0.80 -39.90
N LYS A 203 21.45 -1.66 -39.91
CA LYS A 203 21.63 -3.10 -39.77
C LYS A 203 21.31 -3.81 -41.08
N ILE A 204 22.22 -4.68 -41.52
CA ILE A 204 22.03 -5.49 -42.71
C ILE A 204 22.19 -6.96 -42.33
N TYR A 205 21.28 -7.79 -42.82
CA TYR A 205 21.36 -9.23 -42.62
C TYR A 205 21.60 -9.89 -43.97
N SER A 206 22.58 -10.78 -44.02
CA SER A 206 23.00 -11.40 -45.28
C SER A 206 22.64 -12.88 -45.25
N LYS A 207 22.21 -13.39 -46.40
CA LYS A 207 21.78 -14.78 -46.52
C LYS A 207 21.91 -15.22 -47.96
N HIS A 208 22.84 -16.13 -48.23
CA HIS A 208 22.99 -16.77 -49.52
C HIS A 208 22.15 -18.05 -49.51
N THR A 209 21.11 -18.10 -50.34
CA THR A 209 20.17 -19.22 -50.32
C THR A 209 20.25 -19.99 -51.63
N PRO A 210 20.98 -21.10 -51.68
CA PRO A 210 21.01 -21.90 -52.91
C PRO A 210 19.68 -22.62 -53.16
N ILE A 211 18.93 -22.14 -54.14
CA ILE A 211 17.64 -22.74 -54.47
C ILE A 211 17.67 -23.30 -55.89
N ASP A 218 5.95 -20.89 -58.41
CA ASP A 218 7.29 -21.17 -58.91
C ASP A 218 8.34 -21.00 -57.82
N LEU A 219 7.88 -20.68 -56.62
CA LEU A 219 8.80 -20.48 -55.49
C LEU A 219 9.38 -21.81 -55.05
N PRO A 220 10.71 -21.97 -55.06
CA PRO A 220 11.30 -23.19 -54.48
C PRO A 220 11.00 -23.27 -52.98
N GLN A 221 10.80 -24.50 -52.50
CA GLN A 221 10.45 -24.72 -51.10
C GLN A 221 11.70 -24.60 -50.25
N GLY A 222 11.68 -23.68 -49.30
CA GLY A 222 12.82 -23.51 -48.40
C GLY A 222 12.61 -22.31 -47.50
N PHE A 223 13.51 -22.19 -46.52
CA PHE A 223 13.49 -21.08 -45.58
C PHE A 223 14.89 -20.93 -44.98
N SER A 224 15.15 -19.74 -44.46
CA SER A 224 16.45 -19.48 -43.84
C SER A 224 16.29 -18.36 -42.80
N ALA A 225 16.93 -18.55 -41.64
CA ALA A 225 16.99 -17.49 -40.65
C ALA A 225 17.88 -16.37 -41.13
N LEU A 226 17.51 -15.13 -40.78
CA LEU A 226 18.24 -13.95 -41.23
C LEU A 226 19.35 -13.67 -40.24
N GLU A 227 20.55 -14.12 -40.57
CA GLU A 227 21.67 -14.07 -39.63
C GLU A 227 22.11 -12.62 -39.42
N PRO A 228 22.40 -12.22 -38.19
CA PRO A 228 22.94 -10.86 -37.97
C PRO A 228 24.41 -10.75 -38.32
N LEU A 229 24.72 -10.08 -39.42
CA LEU A 229 26.11 -9.92 -39.83
C LEU A 229 26.77 -8.71 -39.18
N VAL A 230 26.27 -7.51 -39.46
CA VAL A 230 26.95 -6.28 -39.06
C VAL A 230 25.93 -5.25 -38.61
N ASP A 231 26.39 -4.38 -37.70
CA ASP A 231 25.67 -3.17 -37.30
C ASP A 231 26.65 -2.02 -37.37
N LEU A 232 26.26 -0.95 -38.05
CA LEU A 232 27.12 0.21 -38.22
C LEU A 232 26.41 1.47 -37.73
N PRO A 233 27.00 2.22 -36.80
CA PRO A 233 26.39 3.48 -36.34
C PRO A 233 26.60 4.60 -37.36
N ILE A 234 25.84 4.54 -38.46
CA ILE A 234 26.01 5.48 -39.55
C ILE A 234 25.65 6.90 -39.09
N GLY A 235 24.57 7.05 -38.33
CA GLY A 235 24.12 8.37 -37.92
C GLY A 235 23.72 9.26 -39.07
N ILE A 236 23.26 8.68 -40.18
CA ILE A 236 22.89 9.45 -41.37
C ILE A 236 21.53 8.99 -41.86
N ASN A 237 20.86 9.89 -42.58
CA ASN A 237 19.58 9.61 -43.21
C ASN A 237 19.73 9.72 -44.72
N ILE A 238 19.34 8.68 -45.43
CA ILE A 238 19.36 8.65 -46.89
C ILE A 238 17.91 8.50 -47.37
N THR A 239 17.43 9.50 -48.10
CA THR A 239 16.01 9.61 -48.40
C THR A 239 15.61 8.95 -49.71
N ARG A 240 16.55 8.41 -50.48
CA ARG A 240 16.22 7.70 -51.71
C ARG A 240 17.26 6.64 -52.00
N PHE A 241 16.87 5.66 -52.80
CA PHE A 241 17.80 4.64 -53.30
C PHE A 241 17.46 4.35 -54.75
N GLN A 242 18.45 3.83 -55.47
CA GLN A 242 18.32 3.59 -56.90
C GLN A 242 18.60 2.13 -57.20
N THR A 243 18.30 1.74 -58.45
CA THR A 243 18.53 0.38 -58.92
C THR A 243 19.43 0.43 -60.15
N LEU A 244 20.44 -0.42 -60.18
CA LEU A 244 21.40 -0.49 -61.28
C LEU A 244 21.34 -1.86 -61.93
N LEU A 245 21.34 -1.87 -63.27
CA LEU A 245 21.28 -3.10 -64.05
C LEU A 245 22.51 -3.19 -64.96
N ALA A 246 22.87 -4.43 -65.29
CA ALA A 246 24.07 -4.71 -66.09
C ALA A 246 23.66 -5.23 -67.46
N LEU A 247 24.17 -4.60 -68.50
CA LEU A 247 23.90 -5.00 -69.87
C LEU A 247 25.06 -5.83 -70.43
N HIS A 248 24.91 -6.24 -71.68
CA HIS A 248 25.97 -6.94 -72.41
C HIS A 248 26.15 -6.26 -73.75
N ARG A 249 27.37 -5.81 -74.02
CA ARG A 249 27.70 -5.07 -75.24
C ARG A 249 28.83 -5.79 -75.98
N SER A 250 28.72 -5.85 -77.30
CA SER A 250 29.74 -6.49 -78.12
C SER A 250 30.94 -5.55 -78.35
N GLY A 260 23.85 -8.45 -81.15
CA GLY A 260 23.57 -7.14 -80.57
C GLY A 260 23.56 -7.16 -79.06
N TRP A 261 22.76 -6.27 -78.47
CA TRP A 261 22.64 -6.17 -77.02
C TRP A 261 21.21 -6.50 -76.61
N THR A 262 21.08 -7.23 -75.51
CA THR A 262 19.78 -7.59 -74.97
C THR A 262 19.81 -7.46 -73.44
N ALA A 263 18.77 -6.83 -72.89
CA ALA A 263 18.64 -6.68 -71.45
C ALA A 263 17.89 -7.88 -70.90
N GLY A 264 18.51 -8.58 -69.94
CA GLY A 264 17.88 -9.74 -69.36
C GLY A 264 16.70 -9.39 -68.48
N ALA A 265 15.87 -10.39 -68.22
CA ALA A 265 14.72 -10.20 -67.34
C ALA A 265 15.21 -9.99 -65.91
N ALA A 266 14.66 -8.97 -65.25
CA ALA A 266 15.07 -8.62 -63.90
C ALA A 266 13.83 -8.35 -63.06
N ALA A 267 13.99 -8.52 -61.74
CA ALA A 267 12.90 -8.30 -60.81
C ALA A 267 13.47 -7.86 -59.48
N TYR A 268 12.64 -7.17 -58.69
CA TYR A 268 13.04 -6.77 -57.35
C TYR A 268 11.79 -6.64 -56.48
N TYR A 269 11.99 -6.66 -55.18
CA TYR A 269 10.90 -6.69 -54.21
C TYR A 269 10.88 -5.39 -53.40
N VAL A 270 9.69 -4.86 -53.16
CA VAL A 270 9.52 -3.57 -52.51
C VAL A 270 8.59 -3.75 -51.31
N GLY A 271 9.03 -3.26 -50.15
CA GLY A 271 8.22 -3.28 -48.95
C GLY A 271 8.73 -2.22 -47.99
N TYR A 272 7.98 -2.01 -46.91
CA TYR A 272 8.32 -1.00 -45.93
C TYR A 272 8.00 -1.50 -44.53
N LEU A 273 8.70 -0.94 -43.54
CA LEU A 273 8.55 -1.32 -42.15
C LEU A 273 7.70 -0.30 -41.41
N GLN A 274 6.71 -0.79 -40.66
CA GLN A 274 6.01 0.08 -39.72
C GLN A 274 5.87 -0.65 -38.40
N PRO A 275 5.94 0.07 -37.27
CA PRO A 275 5.99 -0.58 -35.96
C PRO A 275 4.84 -1.54 -35.67
N ARG A 276 5.17 -2.83 -35.51
CA ARG A 276 4.20 -3.85 -35.12
C ARG A 276 4.94 -4.85 -34.24
N THR A 277 4.24 -5.93 -33.86
CA THR A 277 4.80 -6.87 -32.89
C THR A 277 4.63 -8.30 -33.38
N PHE A 278 5.71 -8.90 -33.87
CA PHE A 278 5.69 -10.29 -34.32
C PHE A 278 5.60 -11.25 -33.13
N LEU A 279 5.21 -12.49 -33.43
CA LEU A 279 5.28 -13.61 -32.50
C LEU A 279 6.08 -14.71 -33.18
N LEU A 280 7.05 -15.27 -32.45
CA LEU A 280 8.03 -16.18 -33.03
C LEU A 280 7.84 -17.59 -32.48
N LYS A 281 8.66 -18.50 -33.01
CA LYS A 281 8.84 -19.84 -32.46
C LYS A 281 10.28 -20.28 -32.70
N TYR A 282 10.86 -20.92 -31.69
CA TYR A 282 12.20 -21.50 -31.79
C TYR A 282 12.11 -22.99 -31.53
N ASN A 283 12.73 -23.78 -32.40
CA ASN A 283 12.71 -25.23 -32.30
C ASN A 283 13.83 -25.69 -31.36
N GLU A 284 14.09 -27.00 -31.35
CA GLU A 284 15.08 -27.56 -30.44
C GLU A 284 16.49 -27.05 -30.70
N ASN A 285 16.76 -26.55 -31.91
CA ASN A 285 18.08 -26.06 -32.27
C ASN A 285 18.17 -24.54 -32.28
N GLY A 286 17.20 -23.86 -31.71
CA GLY A 286 17.26 -22.41 -31.60
C GLY A 286 17.24 -21.65 -32.91
N THR A 287 16.35 -22.02 -33.83
CA THR A 287 16.21 -21.36 -35.11
C THR A 287 14.76 -20.97 -35.34
N ILE A 288 14.56 -19.79 -35.93
CA ILE A 288 13.20 -19.33 -36.21
C ILE A 288 12.61 -20.17 -37.32
N THR A 289 11.34 -20.55 -37.16
CA THR A 289 10.60 -21.28 -38.18
C THR A 289 9.30 -20.61 -38.59
N ASP A 290 8.84 -19.61 -37.85
CA ASP A 290 7.61 -18.90 -38.19
C ASP A 290 7.57 -17.61 -37.40
N ALA A 291 6.97 -16.58 -38.00
CA ALA A 291 6.77 -15.31 -37.34
C ALA A 291 5.39 -14.77 -37.69
N VAL A 292 4.63 -14.40 -36.66
CA VAL A 292 3.26 -13.91 -36.84
C VAL A 292 3.12 -12.63 -36.04
N ASP A 293 2.76 -11.54 -36.71
CA ASP A 293 2.44 -10.29 -36.06
C ASP A 293 1.09 -10.39 -35.34
N CYS A 294 0.90 -9.53 -34.36
CA CYS A 294 -0.36 -9.46 -33.63
C CYS A 294 -1.39 -8.56 -34.31
N ALA A 295 -1.07 -8.01 -35.49
CA ALA A 295 -1.91 -6.98 -36.11
C ALA A 295 -2.29 -7.23 -37.56
N LEU A 296 -2.02 -8.42 -38.11
CA LEU A 296 -2.44 -8.69 -39.49
C LEU A 296 -3.85 -9.29 -39.56
N ASP A 297 -4.09 -10.35 -38.81
CA ASP A 297 -5.30 -11.14 -38.94
C ASP A 297 -5.96 -11.27 -37.57
N PRO A 298 -7.28 -11.43 -37.52
CA PRO A 298 -7.89 -11.92 -36.27
C PRO A 298 -7.29 -13.24 -35.83
N LEU A 299 -6.99 -14.12 -36.77
CA LEU A 299 -6.24 -15.33 -36.43
C LEU A 299 -4.88 -14.98 -35.85
N SER A 300 -4.21 -13.97 -36.44
CA SER A 300 -2.89 -13.58 -35.97
C SER A 300 -2.95 -13.08 -34.53
N GLU A 301 -3.95 -12.25 -34.21
CA GLU A 301 -4.02 -11.71 -32.85
C GLU A 301 -4.52 -12.74 -31.86
N THR A 302 -5.35 -13.70 -32.30
CA THR A 302 -5.68 -14.83 -31.44
C THR A 302 -4.42 -15.64 -31.11
N LYS A 303 -3.56 -15.84 -32.11
CA LYS A 303 -2.28 -16.51 -31.89
C LYS A 303 -1.42 -15.71 -30.92
N CYS A 304 -1.40 -14.39 -31.09
CA CYS A 304 -0.64 -13.52 -30.20
C CYS A 304 -1.12 -13.65 -28.76
N THR A 305 -2.44 -13.69 -28.56
CA THR A 305 -2.98 -13.82 -27.21
C THR A 305 -2.65 -15.19 -26.62
N LEU A 306 -2.89 -16.26 -27.37
CA LEU A 306 -2.72 -17.60 -26.81
C LEU A 306 -1.26 -17.98 -26.61
N LYS A 307 -0.33 -17.37 -27.35
CA LYS A 307 1.09 -17.71 -27.26
C LYS A 307 1.31 -19.20 -27.49
N SER A 308 0.56 -19.77 -28.44
CA SER A 308 0.63 -21.19 -28.74
C SER A 308 0.08 -21.41 -30.14
N PHE A 309 0.89 -22.02 -31.01
CA PHE A 309 0.55 -22.09 -32.42
C PHE A 309 -0.42 -23.22 -32.76
N THR A 310 -0.76 -24.07 -31.80
CA THR A 310 -1.85 -25.02 -31.95
C THR A 310 -2.96 -24.62 -30.99
N VAL A 311 -4.19 -24.56 -31.49
CA VAL A 311 -5.34 -24.04 -30.75
C VAL A 311 -6.38 -25.13 -30.69
N GLU A 312 -6.83 -25.46 -29.48
CA GLU A 312 -7.77 -26.57 -29.32
C GLU A 312 -9.14 -26.20 -29.89
N LYS A 313 -9.85 -25.29 -29.22
CA LYS A 313 -11.11 -24.72 -29.68
C LYS A 313 -11.58 -23.78 -28.59
N GLY A 314 -12.48 -22.87 -28.93
CA GLY A 314 -13.21 -22.11 -27.94
C GLY A 314 -13.26 -20.62 -28.24
N ILE A 315 -14.11 -19.92 -27.50
CA ILE A 315 -14.30 -18.48 -27.64
C ILE A 315 -13.29 -17.77 -26.76
N TYR A 316 -12.46 -16.93 -27.36
CA TYR A 316 -11.37 -16.26 -26.66
C TYR A 316 -11.58 -14.76 -26.73
N GLN A 317 -11.40 -14.09 -25.60
CA GLN A 317 -11.36 -12.63 -25.61
C GLN A 317 -9.99 -12.16 -26.07
N THR A 318 -9.97 -11.23 -27.03
CA THR A 318 -8.72 -10.70 -27.56
C THR A 318 -8.54 -9.23 -27.26
N SER A 319 -9.49 -8.39 -27.63
CA SER A 319 -9.33 -6.95 -27.49
C SER A 319 -10.71 -6.33 -27.25
N ASN A 320 -10.80 -5.02 -27.43
CA ASN A 320 -12.02 -4.27 -27.20
C ASN A 320 -12.38 -3.48 -28.45
N PHE A 321 -13.63 -3.06 -28.55
CA PHE A 321 -14.08 -2.16 -29.61
C PHE A 321 -14.63 -0.88 -28.98
N ARG A 322 -14.18 0.26 -29.49
CA ARG A 322 -14.74 1.54 -29.10
C ARG A 322 -14.92 2.39 -30.35
N VAL A 323 -15.90 3.28 -30.31
CA VAL A 323 -16.14 4.21 -31.41
C VAL A 323 -15.36 5.49 -31.11
N GLN A 324 -14.34 5.75 -31.92
CA GLN A 324 -13.45 6.87 -31.65
C GLN A 324 -14.16 8.19 -31.95
N PRO A 325 -13.83 9.25 -31.20
CA PRO A 325 -14.37 10.57 -31.54
C PRO A 325 -13.80 11.07 -32.85
N THR A 326 -14.52 12.02 -33.46
CA THR A 326 -14.16 12.52 -34.79
C THR A 326 -13.83 14.00 -34.81
N GLU A 327 -14.64 14.83 -34.17
CA GLU A 327 -14.49 16.28 -34.25
C GLU A 327 -14.35 16.88 -32.86
N SER A 328 -13.77 18.09 -32.83
CA SER A 328 -13.59 18.86 -31.61
C SER A 328 -14.65 19.95 -31.55
N ILE A 329 -15.49 19.91 -30.52
CA ILE A 329 -16.62 20.81 -30.37
C ILE A 329 -16.29 21.81 -29.26
N VAL A 330 -16.28 23.10 -29.60
CA VAL A 330 -15.95 24.17 -28.67
C VAL A 330 -17.15 25.09 -28.55
N ARG A 331 -17.72 25.21 -27.34
CA ARG A 331 -18.98 25.98 -27.21
C ARG A 331 -18.88 27.10 -26.17
N PHE A 332 -19.55 28.23 -26.41
CA PHE A 332 -19.48 29.41 -25.49
C PHE A 332 -20.72 30.29 -25.67
N PRO A 333 -20.89 31.40 -24.91
CA PRO A 333 -22.01 32.33 -25.13
C PRO A 333 -21.93 32.97 -26.53
N ASN A 334 -22.17 32.18 -27.58
CA ASN A 334 -22.05 32.70 -28.97
C ASN A 334 -23.11 33.78 -29.19
N ILE A 335 -24.39 33.43 -29.07
CA ILE A 335 -25.49 34.42 -29.29
C ILE A 335 -25.84 35.04 -27.94
N THR A 336 -26.70 34.37 -27.16
CA THR A 336 -27.06 34.86 -25.79
C THR A 336 -27.29 36.38 -25.82
N ASN A 337 -26.49 37.13 -25.05
CA ASN A 337 -26.71 38.60 -24.94
C ASN A 337 -26.01 39.35 -26.07
N LEU A 338 -25.61 40.60 -25.83
CA LEU A 338 -24.92 41.41 -26.86
C LEU A 338 -24.20 42.58 -26.19
N CYS A 339 -23.01 42.94 -26.67
CA CYS A 339 -22.22 44.01 -26.01
C CYS A 339 -22.51 45.37 -26.64
N PRO A 340 -22.35 46.49 -25.89
CA PRO A 340 -22.68 47.82 -26.41
C PRO A 340 -21.62 48.32 -27.40
N PHE A 341 -21.95 48.33 -28.69
CA PHE A 341 -21.02 48.86 -29.69
C PHE A 341 -21.55 50.12 -30.37
N ASP A 342 -22.86 50.39 -30.27
CA ASP A 342 -23.43 51.54 -30.95
C ASP A 342 -22.85 52.85 -30.44
N GLU A 343 -22.85 53.06 -29.12
CA GLU A 343 -22.31 54.29 -28.56
C GLU A 343 -20.79 54.28 -28.49
N VAL A 344 -20.14 53.17 -28.84
CA VAL A 344 -18.69 53.15 -28.92
C VAL A 344 -18.21 53.54 -30.31
N PHE A 345 -18.86 53.03 -31.35
CA PHE A 345 -18.41 53.27 -32.72
C PHE A 345 -19.23 54.31 -33.46
N ASN A 346 -20.57 54.19 -33.43
CA ASN A 346 -21.43 55.13 -34.14
C ASN A 346 -21.98 56.23 -33.23
N ALA A 347 -21.26 56.60 -32.19
CA ALA A 347 -21.64 57.74 -31.36
C ALA A 347 -21.39 59.04 -32.11
N THR A 348 -22.28 60.01 -31.92
CA THR A 348 -22.19 61.25 -32.69
C THR A 348 -21.00 62.09 -32.25
N ARG A 349 -20.83 62.30 -30.95
CA ARG A 349 -19.82 63.20 -30.41
C ARG A 349 -18.96 62.48 -29.39
N PHE A 350 -17.68 62.83 -29.36
CA PHE A 350 -16.73 62.29 -28.39
C PHE A 350 -16.37 63.39 -27.38
N ALA A 351 -15.42 63.09 -26.50
CA ALA A 351 -15.05 63.98 -25.41
C ALA A 351 -13.58 64.36 -25.49
N SER A 352 -13.18 65.27 -24.61
CA SER A 352 -11.80 65.74 -24.56
C SER A 352 -10.93 64.74 -23.79
N VAL A 353 -9.62 64.96 -23.88
CA VAL A 353 -8.67 63.99 -23.33
C VAL A 353 -8.69 64.02 -21.81
N TYR A 354 -8.65 65.21 -21.19
CA TYR A 354 -8.54 65.28 -19.74
C TYR A 354 -9.78 64.69 -19.08
N ALA A 355 -10.95 64.98 -19.61
CA ALA A 355 -12.20 64.35 -19.18
C ALA A 355 -12.54 63.16 -20.06
N TRP A 356 -11.59 62.24 -20.18
CA TRP A 356 -11.80 61.05 -21.01
C TRP A 356 -12.86 60.16 -20.38
N ASN A 357 -13.73 59.61 -21.23
CA ASN A 357 -14.88 58.86 -20.76
C ASN A 357 -14.47 57.45 -20.36
N ARG A 358 -14.79 57.08 -19.12
CA ARG A 358 -14.56 55.73 -18.61
C ARG A 358 -15.92 55.09 -18.34
N LYS A 359 -16.17 53.95 -18.96
CA LYS A 359 -17.45 53.27 -18.82
C LYS A 359 -17.22 51.77 -18.67
N ARG A 360 -18.20 51.11 -18.05
CA ARG A 360 -18.10 49.69 -17.72
C ARG A 360 -18.80 48.87 -18.78
N ILE A 361 -18.07 47.92 -19.36
CA ILE A 361 -18.65 46.91 -20.25
C ILE A 361 -18.49 45.56 -19.55
N SER A 362 -19.62 44.92 -19.28
CA SER A 362 -19.59 43.64 -18.57
C SER A 362 -20.85 42.86 -18.91
N ASN A 363 -20.78 41.55 -18.67
CA ASN A 363 -21.88 40.61 -18.88
C ASN A 363 -22.64 40.90 -20.17
N CYS A 364 -21.93 40.86 -21.30
CA CYS A 364 -22.57 40.97 -22.60
C CYS A 364 -21.80 40.13 -23.60
N VAL A 365 -22.49 39.69 -24.65
CA VAL A 365 -21.90 38.87 -25.70
C VAL A 365 -21.32 39.80 -26.76
N ALA A 366 -20.04 39.62 -27.06
CA ALA A 366 -19.34 40.43 -28.04
C ALA A 366 -18.66 39.54 -29.06
N ASP A 367 -18.63 39.99 -30.32
CA ASP A 367 -17.96 39.29 -31.39
C ASP A 367 -16.82 40.15 -31.94
N TYR A 368 -15.70 39.50 -32.24
CA TYR A 368 -14.49 40.17 -32.67
C TYR A 368 -14.37 40.30 -34.18
N SER A 369 -15.27 39.65 -34.93
CA SER A 369 -15.15 39.61 -36.38
C SER A 369 -15.60 40.89 -37.04
N VAL A 370 -16.31 41.77 -36.33
CA VAL A 370 -16.82 43.00 -36.93
C VAL A 370 -15.67 43.88 -37.38
N LEU A 371 -14.71 44.14 -36.49
CA LEU A 371 -13.56 44.95 -36.88
C LEU A 371 -12.72 44.28 -37.95
N TYR A 372 -12.63 42.94 -37.90
CA TYR A 372 -11.84 42.22 -38.88
C TYR A 372 -12.45 42.26 -40.27
N ASN A 373 -13.78 42.30 -40.36
CA ASN A 373 -14.47 42.21 -41.65
C ASN A 373 -14.85 43.57 -42.23
N LEU A 374 -14.53 44.67 -41.56
CA LEU A 374 -14.74 46.01 -42.10
C LEU A 374 -13.41 46.60 -42.53
N ALA A 375 -13.34 47.05 -43.78
CA ALA A 375 -12.11 47.59 -44.34
C ALA A 375 -11.57 48.82 -43.60
N PRO A 376 -12.37 49.83 -43.25
CA PRO A 376 -11.77 51.09 -42.74
C PRO A 376 -10.88 50.90 -41.52
N PHE A 377 -11.16 49.91 -40.66
CA PHE A 377 -10.36 49.67 -39.47
C PHE A 377 -9.03 49.03 -39.89
N PHE A 378 -8.21 49.81 -40.57
CA PHE A 378 -6.97 49.30 -41.15
C PHE A 378 -5.96 48.92 -40.06
N THR A 379 -5.71 49.82 -39.12
CA THR A 379 -4.61 49.67 -38.18
C THR A 379 -5.03 48.79 -37.02
N PHE A 380 -4.42 47.61 -36.90
CA PHE A 380 -4.64 46.71 -35.77
C PHE A 380 -3.29 46.18 -35.30
N LYS A 381 -2.61 46.96 -34.47
CA LYS A 381 -1.41 46.54 -33.77
C LYS A 381 -1.74 46.46 -32.29
N CYS A 382 -1.68 45.26 -31.73
CA CYS A 382 -2.40 44.97 -30.50
C CYS A 382 -1.39 44.67 -29.41
N TYR A 383 -1.46 45.42 -28.30
CA TYR A 383 -0.40 45.48 -27.30
C TYR A 383 -0.64 44.51 -26.17
N GLY A 384 0.44 43.89 -25.69
CA GLY A 384 0.42 43.18 -24.44
C GLY A 384 -0.23 41.81 -24.50
N VAL A 385 -1.21 41.66 -25.39
CA VAL A 385 -1.97 40.43 -25.53
C VAL A 385 -2.12 40.13 -27.02
N SER A 386 -1.92 38.86 -27.39
CA SER A 386 -2.03 38.46 -28.78
C SER A 386 -3.50 38.33 -29.16
N PRO A 387 -3.93 38.93 -30.28
CA PRO A 387 -5.35 38.82 -30.65
C PRO A 387 -5.74 37.47 -31.20
N THR A 388 -4.79 36.69 -31.73
CA THR A 388 -5.12 35.35 -32.23
C THR A 388 -5.57 34.44 -31.10
N LYS A 389 -4.89 34.50 -29.96
CA LYS A 389 -5.22 33.68 -28.81
C LYS A 389 -6.34 34.28 -27.96
N LEU A 390 -7.11 35.21 -28.52
CA LEU A 390 -8.29 35.71 -27.83
C LEU A 390 -9.33 34.62 -27.63
N ASN A 391 -9.22 33.52 -28.38
CA ASN A 391 -10.05 32.34 -28.17
C ASN A 391 -9.67 31.60 -26.89
N ASP A 392 -8.60 32.01 -26.20
CA ASP A 392 -8.16 31.35 -24.98
C ASP A 392 -8.14 32.27 -23.77
N LEU A 393 -7.69 33.51 -23.91
CA LEU A 393 -7.51 34.42 -22.79
C LEU A 393 -8.64 35.44 -22.75
N CYS A 394 -9.24 35.60 -21.57
CA CYS A 394 -10.26 36.61 -21.33
C CYS A 394 -9.92 37.38 -20.06
N PHE A 395 -10.19 38.69 -20.07
CA PHE A 395 -9.79 39.58 -19.01
C PHE A 395 -10.91 39.74 -17.99
N THR A 396 -10.66 40.58 -16.97
CA THR A 396 -11.63 40.79 -15.91
C THR A 396 -12.83 41.58 -16.40
N ASN A 397 -12.59 42.72 -17.05
CA ASN A 397 -13.68 43.59 -17.49
C ASN A 397 -13.20 44.30 -18.75
N VAL A 398 -14.12 44.97 -19.43
CA VAL A 398 -13.83 45.62 -20.71
C VAL A 398 -14.20 47.09 -20.60
N TYR A 399 -13.27 47.97 -20.99
CA TYR A 399 -13.46 49.41 -20.93
C TYR A 399 -13.34 49.98 -22.33
N ALA A 400 -14.25 50.89 -22.67
CA ALA A 400 -14.22 51.59 -23.96
C ALA A 400 -14.21 53.09 -23.71
N ASP A 401 -13.07 53.72 -23.97
CA ASP A 401 -12.91 55.16 -23.76
C ASP A 401 -13.02 55.87 -25.10
N SER A 402 -13.91 56.86 -25.17
CA SER A 402 -14.12 57.66 -26.37
C SER A 402 -13.56 59.06 -26.13
N PHE A 403 -12.72 59.53 -27.06
CA PHE A 403 -12.05 60.80 -26.92
C PHE A 403 -11.54 61.25 -28.28
N VAL A 404 -11.07 62.49 -28.35
CA VAL A 404 -10.60 63.11 -29.58
C VAL A 404 -9.22 63.69 -29.33
N ILE A 405 -8.29 63.43 -30.26
CA ILE A 405 -6.94 63.95 -30.21
C ILE A 405 -6.61 64.58 -31.55
N ARG A 406 -5.57 65.43 -31.56
CA ARG A 406 -5.10 66.06 -32.78
C ARG A 406 -4.21 65.07 -33.54
N GLY A 407 -3.57 65.55 -34.61
CA GLY A 407 -2.78 64.68 -35.46
C GLY A 407 -1.29 64.69 -35.21
N ASP A 408 -0.70 65.88 -35.10
CA ASP A 408 0.76 65.99 -35.06
C ASP A 408 1.36 65.45 -33.77
N GLU A 409 0.60 65.40 -32.67
CA GLU A 409 1.14 64.97 -31.39
C GLU A 409 0.96 63.46 -31.15
N VAL A 410 0.32 62.74 -32.07
CA VAL A 410 0.26 61.29 -31.94
C VAL A 410 1.65 60.69 -32.05
N ARG A 411 2.47 61.20 -32.97
CA ARG A 411 3.86 60.77 -33.07
C ARG A 411 4.62 61.03 -31.78
N GLN A 412 4.27 62.09 -31.05
CA GLN A 412 4.99 62.44 -29.83
C GLN A 412 4.70 61.50 -28.68
N ILE A 413 3.70 60.62 -28.82
CA ILE A 413 3.35 59.67 -27.76
C ILE A 413 4.15 58.40 -28.02
N ALA A 414 5.27 58.25 -27.32
CA ALA A 414 6.14 57.08 -27.49
C ALA A 414 6.98 56.93 -26.23
N PRO A 415 7.45 55.72 -25.92
CA PRO A 415 8.27 55.53 -24.73
C PRO A 415 9.64 56.17 -24.88
N GLY A 416 10.24 56.49 -23.73
CA GLY A 416 11.57 57.06 -23.69
C GLY A 416 11.66 58.54 -23.97
N GLN A 417 10.54 59.22 -24.16
CA GLN A 417 10.52 60.66 -24.42
C GLN A 417 9.65 61.36 -23.40
N THR A 418 9.95 62.63 -23.18
CA THR A 418 9.18 63.47 -22.26
C THR A 418 8.84 64.79 -22.94
N GLY A 419 7.86 65.48 -22.38
CA GLY A 419 7.43 66.75 -22.94
C GLY A 419 6.34 67.34 -22.08
N ASN A 420 5.90 68.54 -22.47
CA ASN A 420 4.86 69.23 -21.71
C ASN A 420 3.55 68.43 -21.70
N ILE A 421 3.10 68.01 -22.88
CA ILE A 421 1.84 67.27 -22.96
C ILE A 421 1.96 65.92 -22.24
N ALA A 422 3.07 65.22 -22.45
CA ALA A 422 3.25 63.92 -21.83
C ALA A 422 3.30 64.02 -20.31
N ASP A 423 3.95 65.05 -19.79
CA ASP A 423 4.14 65.19 -18.35
C ASP A 423 3.02 65.95 -17.65
N TYR A 424 2.08 66.55 -18.38
CA TYR A 424 1.00 67.29 -17.73
C TYR A 424 -0.40 66.92 -18.18
N ASN A 425 -0.57 66.03 -19.15
CA ASN A 425 -1.91 65.65 -19.60
C ASN A 425 -2.24 64.19 -19.33
N TYR A 426 -1.44 63.25 -19.83
CA TYR A 426 -1.76 61.83 -19.75
C TYR A 426 -0.52 61.01 -20.04
N LYS A 427 -0.16 60.12 -19.13
CA LYS A 427 1.01 59.27 -19.27
C LYS A 427 0.55 57.81 -19.40
N LEU A 428 0.98 57.15 -20.48
CA LEU A 428 0.55 55.78 -20.75
C LEU A 428 1.27 54.79 -19.84
N PRO A 429 0.63 53.66 -19.54
CA PRO A 429 1.29 52.64 -18.72
C PRO A 429 2.43 51.96 -19.46
N ASP A 430 3.41 51.48 -18.69
CA ASP A 430 4.54 50.77 -19.27
C ASP A 430 4.19 49.33 -19.67
N ASP A 431 3.32 48.68 -18.90
CA ASP A 431 2.90 47.31 -19.16
C ASP A 431 1.53 47.23 -19.83
N PHE A 432 1.27 48.17 -20.75
CA PHE A 432 -0.05 48.32 -21.34
C PHE A 432 -0.51 47.05 -22.04
N THR A 433 -1.51 46.38 -21.46
CA THR A 433 -2.14 45.21 -22.07
C THR A 433 -3.48 45.68 -22.64
N GLY A 434 -3.41 46.27 -23.85
CA GLY A 434 -4.59 46.81 -24.50
C GLY A 434 -4.44 46.66 -25.99
N CYS A 435 -5.53 46.96 -26.70
CA CYS A 435 -5.61 46.62 -28.11
C CYS A 435 -6.27 47.80 -28.83
N VAL A 436 -5.59 48.33 -29.84
CA VAL A 436 -5.94 49.63 -30.42
C VAL A 436 -6.55 49.43 -31.80
N ILE A 437 -7.49 50.32 -32.14
CA ILE A 437 -8.17 50.30 -33.44
C ILE A 437 -8.11 51.71 -34.02
N ALA A 438 -7.74 51.81 -35.30
CA ALA A 438 -7.64 53.08 -35.99
C ALA A 438 -8.29 53.01 -37.36
N TRP A 439 -8.84 54.13 -37.79
CA TRP A 439 -9.51 54.24 -39.09
C TRP A 439 -9.66 55.71 -39.45
N ASN A 440 -9.97 55.95 -40.72
CA ASN A 440 -10.24 57.30 -41.20
C ASN A 440 -11.66 57.72 -40.81
N SER A 441 -11.79 58.91 -40.25
CA SER A 441 -13.07 59.45 -39.81
C SER A 441 -13.21 60.90 -40.26
N ASN A 442 -12.92 61.16 -41.53
CA ASN A 442 -12.99 62.52 -42.06
C ASN A 442 -14.41 63.07 -42.00
N LYS A 443 -15.41 62.26 -42.35
CA LYS A 443 -16.79 62.73 -42.29
C LYS A 443 -17.22 63.02 -40.86
N LEU A 444 -16.63 62.33 -39.88
CA LEU A 444 -16.95 62.55 -38.47
C LEU A 444 -16.06 63.58 -37.80
N ASP A 445 -15.03 64.06 -38.49
CA ASP A 445 -14.12 65.07 -37.95
C ASP A 445 -14.19 66.40 -38.67
N SER A 446 -14.86 66.48 -39.81
CA SER A 446 -14.89 67.69 -40.63
C SER A 446 -16.13 68.50 -40.27
N LYS A 447 -15.93 69.76 -39.89
CA LYS A 447 -17.01 70.69 -39.59
C LYS A 447 -16.80 71.96 -40.37
N VAL A 448 -17.83 72.37 -41.12
CA VAL A 448 -17.75 73.61 -41.88
C VAL A 448 -17.77 74.82 -40.94
N SER A 449 -18.63 74.77 -39.92
CA SER A 449 -18.74 75.87 -38.97
C SER A 449 -17.49 76.01 -38.10
N GLY A 450 -16.65 74.97 -38.02
CA GLY A 450 -15.44 75.04 -37.22
C GLY A 450 -15.62 74.48 -35.83
N ASN A 451 -14.66 73.67 -35.39
CA ASN A 451 -14.70 73.08 -34.06
C ASN A 451 -13.89 73.94 -33.10
N TYR A 452 -14.59 74.73 -32.27
CA TYR A 452 -13.94 75.59 -31.29
C TYR A 452 -14.46 75.32 -29.88
N ASN A 453 -15.16 74.21 -29.67
CA ASN A 453 -15.81 73.91 -28.40
C ASN A 453 -15.01 72.97 -27.53
N TYR A 454 -13.78 72.63 -27.91
CA TYR A 454 -12.95 71.72 -27.14
C TYR A 454 -12.18 72.50 -26.08
N LEU A 455 -12.12 71.96 -24.87
CA LEU A 455 -11.37 72.54 -23.77
C LEU A 455 -10.49 71.48 -23.12
N TYR A 456 -9.41 71.94 -22.48
CA TYR A 456 -8.51 71.06 -21.76
C TYR A 456 -7.79 71.87 -20.70
N ARG A 457 -7.24 71.18 -19.71
CA ARG A 457 -6.52 71.81 -18.61
C ARG A 457 -5.02 71.76 -18.88
N LEU A 458 -4.37 72.92 -18.81
CA LEU A 458 -2.96 73.05 -19.15
C LEU A 458 -2.05 73.28 -17.96
N PHE A 459 -2.45 74.08 -16.99
CA PHE A 459 -1.62 74.42 -15.84
C PHE A 459 -1.88 73.44 -14.69
N ARG A 460 -0.80 72.82 -14.21
CA ARG A 460 -0.86 71.96 -13.04
C ARG A 460 0.37 72.21 -12.18
N LYS A 461 0.16 72.19 -10.86
CA LYS A 461 1.24 72.49 -9.93
C LYS A 461 2.34 71.43 -9.99
N SER A 462 1.98 70.16 -10.08
CA SER A 462 2.93 69.06 -10.05
C SER A 462 2.69 68.14 -11.24
N ASN A 463 3.60 67.18 -11.40
CA ASN A 463 3.49 66.22 -12.49
C ASN A 463 2.36 65.23 -12.24
N LEU A 464 1.60 64.92 -13.29
CA LEU A 464 0.50 63.98 -13.17
C LEU A 464 1.04 62.56 -13.00
N LYS A 465 0.36 61.76 -12.17
CA LYS A 465 0.65 60.37 -11.91
C LYS A 465 -0.30 59.47 -12.68
N PRO A 466 0.11 58.24 -12.99
CA PRO A 466 -0.79 57.33 -13.72
C PRO A 466 -2.06 57.04 -12.94
N PHE A 467 -3.16 56.84 -13.66
CA PHE A 467 -4.46 56.52 -13.08
C PHE A 467 -4.91 57.59 -12.08
N GLU A 468 -4.67 58.86 -12.42
CA GLU A 468 -5.02 59.98 -11.57
C GLU A 468 -5.77 61.03 -12.38
N ARG A 469 -6.66 61.75 -11.70
CA ARG A 469 -7.48 62.80 -12.32
C ARG A 469 -7.31 64.10 -11.55
N ASP A 470 -7.26 65.21 -12.29
CA ASP A 470 -7.07 66.54 -11.70
C ASP A 470 -8.30 67.39 -11.96
N ILE A 471 -8.87 67.94 -10.89
CA ILE A 471 -9.99 68.86 -10.98
C ILE A 471 -9.70 70.18 -10.29
N SER A 472 -8.49 70.39 -9.80
CA SER A 472 -8.15 71.63 -9.11
C SER A 472 -8.13 72.81 -10.07
N PRO A 494 -5.99 79.95 -17.71
CA PRO A 494 -5.50 78.58 -17.53
C PRO A 494 -5.83 77.64 -18.67
N LEU A 495 -6.86 77.94 -19.47
CA LEU A 495 -7.32 77.05 -20.54
C LEU A 495 -7.03 77.70 -21.88
N ARG A 496 -6.47 76.93 -22.81
CA ARG A 496 -6.13 77.42 -24.14
C ARG A 496 -7.06 76.80 -25.18
N SER A 497 -7.41 77.60 -26.18
CA SER A 497 -8.22 77.14 -27.31
C SER A 497 -7.29 76.71 -28.44
N TYR A 498 -7.55 75.54 -29.00
CA TYR A 498 -6.68 74.97 -30.02
C TYR A 498 -6.95 75.67 -31.36
N SER A 499 -5.91 76.24 -31.95
CA SER A 499 -6.02 77.00 -33.20
C SER A 499 -5.94 76.05 -34.39
N PHE A 500 -6.99 75.24 -34.55
CA PHE A 500 -7.08 74.34 -35.68
C PHE A 500 -7.60 75.10 -36.90
N ARG A 501 -6.97 74.88 -38.05
CA ARG A 501 -7.35 75.57 -39.27
C ARG A 501 -7.51 74.57 -40.41
N PRO A 502 -8.41 74.86 -41.36
CA PRO A 502 -8.61 73.94 -42.49
C PRO A 502 -7.43 73.85 -43.44
N THR A 503 -6.46 74.77 -43.36
CA THR A 503 -5.26 74.72 -44.17
C THR A 503 -4.30 73.62 -43.73
N TYR A 504 -4.75 72.75 -42.82
CA TYR A 504 -3.92 71.64 -42.37
C TYR A 504 -3.64 70.68 -43.53
N GLY A 505 -2.49 70.04 -43.48
CA GLY A 505 -2.12 69.09 -44.50
C GLY A 505 -2.94 67.82 -44.41
N VAL A 506 -2.71 66.93 -45.38
CA VAL A 506 -3.40 65.65 -45.41
C VAL A 506 -3.05 64.84 -44.16
N GLY A 507 -1.80 64.90 -43.73
CA GLY A 507 -1.37 64.19 -42.54
C GLY A 507 -1.63 64.91 -41.23
N HIS A 508 -1.98 66.19 -41.27
CA HIS A 508 -2.18 66.97 -40.05
C HIS A 508 -3.66 67.09 -39.66
N GLN A 509 -4.57 66.50 -40.43
CA GLN A 509 -5.97 66.50 -40.04
C GLN A 509 -6.18 65.61 -38.81
N PRO A 510 -7.16 65.93 -37.97
CA PRO A 510 -7.44 65.08 -36.80
C PRO A 510 -7.84 63.68 -37.21
N TYR A 511 -7.43 62.70 -36.40
CA TYR A 511 -7.71 61.29 -36.65
C TYR A 511 -8.34 60.69 -35.39
N ARG A 512 -9.36 59.87 -35.58
CA ARG A 512 -10.08 59.27 -34.47
C ARG A 512 -9.57 57.86 -34.19
N VAL A 513 -9.29 57.58 -32.93
CA VAL A 513 -8.80 56.28 -32.48
C VAL A 513 -9.60 55.87 -31.26
N VAL A 514 -10.13 54.64 -31.28
CA VAL A 514 -10.89 54.08 -30.16
C VAL A 514 -10.17 52.85 -29.66
N VAL A 515 -9.98 52.76 -28.34
CA VAL A 515 -9.17 51.72 -27.72
C VAL A 515 -10.00 51.05 -26.63
N LEU A 516 -9.89 49.73 -26.55
CA LEU A 516 -10.46 48.96 -25.45
C LEU A 516 -9.37 48.68 -24.42
N SER A 517 -9.66 48.96 -23.15
CA SER A 517 -8.69 48.83 -22.08
C SER A 517 -9.11 47.73 -21.12
N PHE A 518 -8.16 46.89 -20.72
CA PHE A 518 -8.40 45.78 -19.82
C PHE A 518 -7.49 45.88 -18.61
N GLU A 519 -7.96 45.37 -17.47
CA GLU A 519 -7.21 45.43 -16.23
C GLU A 519 -7.22 44.05 -15.56
N LEU A 520 -6.21 43.83 -14.71
CA LEU A 520 -6.07 42.58 -13.96
C LEU A 520 -6.20 42.88 -12.47
N LEU A 521 -7.16 42.20 -11.82
CA LEU A 521 -7.43 42.42 -10.41
C LEU A 521 -7.77 41.08 -9.75
N HIS A 522 -8.00 41.12 -8.44
CA HIS A 522 -8.29 39.91 -7.68
C HIS A 522 -9.68 39.36 -7.96
N ALA A 523 -10.58 40.20 -8.48
CA ALA A 523 -11.93 39.73 -8.77
C ALA A 523 -11.92 38.74 -9.92
N PRO A 524 -12.85 37.78 -9.92
CA PRO A 524 -12.91 36.81 -11.03
C PRO A 524 -13.29 37.49 -12.33
N ALA A 525 -12.87 36.86 -13.43
CA ALA A 525 -13.10 37.41 -14.77
C ALA A 525 -14.59 37.31 -15.10
N THR A 526 -15.30 38.42 -14.95
CA THR A 526 -16.73 38.46 -15.19
C THR A 526 -17.08 38.76 -16.64
N VAL A 527 -16.09 39.05 -17.50
CA VAL A 527 -16.32 39.39 -18.90
C VAL A 527 -15.44 38.48 -19.73
N CYS A 528 -16.04 37.49 -20.39
CA CYS A 528 -15.35 36.63 -21.33
C CYS A 528 -16.31 36.29 -22.46
N GLY A 529 -15.82 36.34 -23.70
CA GLY A 529 -16.65 36.11 -24.85
C GLY A 529 -16.66 34.65 -25.29
N PRO A 530 -17.49 34.33 -26.28
CA PRO A 530 -17.43 32.99 -26.88
C PRO A 530 -16.10 32.77 -27.57
N LYS A 531 -15.60 31.54 -27.47
CA LYS A 531 -14.28 31.24 -28.01
C LYS A 531 -14.36 30.15 -29.06
N THR A 534 -19.52 27.03 -30.48
CA THR A 534 -19.52 27.11 -31.94
C THR A 534 -20.62 26.23 -32.53
N ASN A 535 -20.26 25.45 -33.56
CA ASN A 535 -21.23 24.61 -34.24
C ASN A 535 -21.71 23.49 -33.31
N LEU A 536 -22.94 23.03 -33.55
CA LEU A 536 -23.53 21.94 -32.80
C LEU A 536 -23.64 20.71 -33.69
N VAL A 537 -23.01 19.61 -33.25
CA VAL A 537 -23.14 18.33 -33.91
C VAL A 537 -24.37 17.62 -33.36
N LYS A 538 -24.79 16.58 -34.07
CA LYS A 538 -25.98 15.83 -33.68
C LYS A 538 -25.83 14.37 -34.08
N ASN A 539 -26.22 13.48 -33.17
CA ASN A 539 -26.32 12.05 -33.45
C ASN A 539 -25.01 11.44 -33.94
N LYS A 540 -23.93 11.70 -33.20
CA LYS A 540 -22.62 11.16 -33.56
C LYS A 540 -21.82 10.91 -32.29
N CYS A 541 -21.09 9.79 -32.27
CA CYS A 541 -20.26 9.41 -31.12
C CYS A 541 -19.02 10.28 -31.12
N VAL A 542 -19.19 11.55 -30.74
CA VAL A 542 -18.12 12.54 -30.74
C VAL A 542 -18.19 13.32 -29.43
N ASN A 543 -17.27 14.28 -29.30
CA ASN A 543 -17.17 15.11 -28.12
C ASN A 543 -18.36 16.07 -28.03
N PHE A 544 -18.88 16.24 -26.83
CA PHE A 544 -19.80 17.33 -26.51
C PHE A 544 -19.20 18.16 -25.39
N ASN A 545 -19.08 19.47 -25.60
CA ASN A 545 -18.43 20.36 -24.65
C ASN A 545 -19.33 21.57 -24.44
N PHE A 546 -19.99 21.62 -23.30
CA PHE A 546 -20.89 22.71 -22.94
C PHE A 546 -20.30 23.40 -21.72
N ASN A 547 -19.59 24.51 -21.96
CA ASN A 547 -18.97 25.31 -20.90
C ASN A 547 -18.02 24.46 -20.05
N GLY A 548 -17.10 23.76 -20.73
CA GLY A 548 -16.06 23.02 -20.06
C GLY A 548 -16.40 21.59 -19.70
N LEU A 549 -17.62 21.15 -19.92
CA LEU A 549 -18.04 19.79 -19.58
C LEU A 549 -17.77 18.87 -20.77
N LYS A 550 -16.81 17.95 -20.59
CA LYS A 550 -16.42 17.02 -21.63
C LYS A 550 -17.19 15.71 -21.50
N GLY A 551 -17.23 14.95 -22.59
CA GLY A 551 -17.91 13.67 -22.56
C GLY A 551 -17.83 12.99 -23.91
N THR A 552 -18.38 11.76 -23.94
CA THR A 552 -18.40 10.93 -25.13
C THR A 552 -19.66 10.10 -25.14
N GLY A 553 -20.40 10.15 -26.25
CA GLY A 553 -21.63 9.39 -26.38
C GLY A 553 -22.42 9.85 -27.58
N VAL A 554 -23.65 9.37 -27.65
CA VAL A 554 -24.59 9.75 -28.69
C VAL A 554 -25.52 10.82 -28.14
N LEU A 555 -26.01 11.69 -29.02
CA LEU A 555 -26.96 12.72 -28.67
C LEU A 555 -28.30 12.38 -29.31
N THR A 556 -29.33 12.18 -28.48
CA THR A 556 -30.66 11.80 -28.93
C THR A 556 -31.69 12.72 -28.30
N GLU A 557 -32.94 12.55 -28.72
CA GLU A 557 -34.05 13.30 -28.13
C GLU A 557 -34.22 12.94 -26.66
N SER A 558 -34.69 13.91 -25.89
CA SER A 558 -34.94 13.72 -24.46
C SER A 558 -36.42 13.91 -24.18
N ASN A 559 -37.05 12.90 -23.58
CA ASN A 559 -38.44 12.98 -23.18
C ASN A 559 -38.64 13.66 -21.83
N LYS A 560 -37.56 13.99 -21.12
CA LYS A 560 -37.65 14.57 -19.80
C LYS A 560 -37.59 16.08 -19.88
N LYS A 561 -38.51 16.75 -19.20
CA LYS A 561 -38.60 18.21 -19.20
C LYS A 561 -37.90 18.74 -17.95
N PHE A 562 -36.90 19.58 -18.16
CA PHE A 562 -36.15 20.17 -17.05
C PHE A 562 -36.93 21.35 -16.50
N LEU A 563 -36.30 22.10 -15.65
CA LEU A 563 -36.71 23.45 -15.31
C LEU A 563 -35.74 24.45 -15.92
N PRO A 564 -36.20 25.66 -16.25
CA PRO A 564 -35.36 26.55 -17.07
C PRO A 564 -34.01 26.88 -16.46
N PHE A 565 -33.90 26.88 -15.14
CA PHE A 565 -32.63 27.15 -14.49
C PHE A 565 -31.70 25.94 -14.44
N GLN A 566 -32.21 24.75 -14.74
CA GLN A 566 -31.42 23.52 -14.65
C GLN A 566 -30.83 23.14 -16.00
N GLN A 567 -29.55 22.83 -16.00
CA GLN A 567 -28.80 22.53 -17.22
C GLN A 567 -28.40 21.07 -17.34
N PHE A 568 -27.67 20.55 -16.35
CA PHE A 568 -27.08 19.22 -16.43
C PHE A 568 -27.82 18.28 -15.50
N GLY A 569 -28.47 17.27 -16.07
CA GLY A 569 -29.10 16.23 -15.30
C GLY A 569 -28.21 15.00 -15.18
N ARG A 570 -28.61 14.10 -14.29
CA ARG A 570 -27.85 12.88 -14.06
C ARG A 570 -28.80 11.70 -13.87
N ASP A 571 -28.23 10.50 -13.98
CA ASP A 571 -28.96 9.26 -13.79
C ASP A 571 -28.64 8.73 -12.38
N ILE A 572 -29.09 7.51 -12.07
CA ILE A 572 -28.76 6.92 -10.78
C ILE A 572 -27.25 6.75 -10.63
N ALA A 573 -26.57 6.40 -11.72
CA ALA A 573 -25.14 6.12 -11.69
C ALA A 573 -24.25 7.35 -11.52
N ASP A 574 -24.81 8.53 -11.22
CA ASP A 574 -24.02 9.76 -11.01
C ASP A 574 -23.17 10.07 -12.24
N THR A 575 -23.81 10.07 -13.41
CA THR A 575 -23.15 10.40 -14.67
C THR A 575 -24.03 11.36 -15.45
N THR A 576 -23.39 12.16 -16.30
CA THR A 576 -24.11 13.10 -17.15
C THR A 576 -24.96 12.33 -18.16
N ASP A 577 -26.28 12.44 -18.03
CA ASP A 577 -27.20 11.75 -18.92
C ASP A 577 -27.97 12.66 -19.86
N ALA A 578 -28.27 13.89 -19.43
CA ALA A 578 -29.03 14.82 -20.25
C ALA A 578 -28.37 16.19 -20.20
N VAL A 579 -28.50 16.93 -21.30
CA VAL A 579 -27.88 18.24 -21.42
C VAL A 579 -28.71 19.10 -22.36
N ARG A 580 -28.63 20.41 -22.16
CA ARG A 580 -29.36 21.38 -22.97
C ARG A 580 -28.37 22.41 -23.48
N ASP A 581 -28.46 22.73 -24.76
CA ASP A 581 -27.48 23.62 -25.38
C ASP A 581 -27.65 25.05 -24.86
N PRO A 582 -26.57 25.71 -24.45
CA PRO A 582 -26.73 27.07 -23.89
C PRO A 582 -27.35 28.06 -24.85
N GLN A 583 -27.19 27.87 -26.15
CA GLN A 583 -27.77 28.79 -27.13
C GLN A 583 -29.13 28.31 -27.64
N THR A 584 -29.24 27.04 -27.98
CA THR A 584 -30.49 26.48 -28.48
C THR A 584 -31.18 25.70 -27.38
N LEU A 585 -32.45 26.03 -27.12
CA LEU A 585 -33.15 25.55 -25.92
C LEU A 585 -33.80 24.19 -26.22
N GLU A 586 -32.97 23.16 -26.28
CA GLU A 586 -33.42 21.80 -26.52
C GLU A 586 -32.78 20.84 -25.53
N ILE A 587 -33.58 19.96 -24.96
CA ILE A 587 -33.12 18.95 -24.01
C ILE A 587 -32.72 17.71 -24.79
N LEU A 588 -31.54 17.16 -24.50
CA LEU A 588 -31.02 15.99 -25.21
C LEU A 588 -30.71 14.88 -24.23
N ASP A 589 -30.75 13.63 -24.71
CA ASP A 589 -30.37 12.46 -23.94
C ASP A 589 -29.02 11.96 -24.41
N ILE A 590 -28.08 11.78 -23.48
CA ILE A 590 -26.75 11.28 -23.79
C ILE A 590 -26.70 9.82 -23.36
N THR A 591 -27.02 8.94 -24.29
CA THR A 591 -26.84 7.50 -24.08
C THR A 591 -25.39 7.14 -24.34
N PRO A 592 -24.77 6.25 -23.54
CA PRO A 592 -23.40 5.85 -23.83
C PRO A 592 -23.26 5.16 -25.18
N CYS A 593 -22.23 5.53 -25.94
CA CYS A 593 -22.05 5.01 -27.28
C CYS A 593 -21.63 3.53 -27.18
N SER A 594 -21.71 2.83 -28.32
CA SER A 594 -21.61 1.37 -28.30
C SER A 594 -20.29 0.91 -27.71
N PHE A 595 -20.38 0.00 -26.74
CA PHE A 595 -19.23 -0.50 -25.99
C PHE A 595 -19.25 -2.02 -26.00
N GLY A 596 -18.11 -2.63 -26.31
CA GLY A 596 -18.03 -4.08 -26.36
C GLY A 596 -16.66 -4.62 -26.66
N GLY A 597 -16.28 -5.70 -26.01
CA GLY A 597 -14.98 -6.30 -26.24
C GLY A 597 -14.95 -7.11 -27.53
N VAL A 598 -13.73 -7.37 -28.00
CA VAL A 598 -13.51 -8.15 -29.22
C VAL A 598 -13.17 -9.58 -28.80
N SER A 599 -14.07 -10.51 -29.13
CA SER A 599 -13.85 -11.93 -28.87
C SER A 599 -13.95 -12.70 -30.18
N VAL A 600 -13.08 -13.69 -30.35
CA VAL A 600 -12.90 -14.40 -31.61
C VAL A 600 -13.58 -15.75 -31.52
N ILE A 601 -14.40 -16.07 -32.53
CA ILE A 601 -14.97 -17.40 -32.68
C ILE A 601 -14.12 -18.12 -33.72
N THR A 602 -13.21 -18.98 -33.25
CA THR A 602 -12.41 -19.77 -34.16
C THR A 602 -12.23 -21.17 -33.60
N PRO A 603 -12.62 -22.20 -34.34
CA PRO A 603 -12.41 -23.57 -33.87
C PRO A 603 -10.95 -24.00 -34.03
N GLY A 604 -10.66 -25.25 -33.73
CA GLY A 604 -9.29 -25.73 -33.85
C GLY A 604 -8.80 -25.68 -35.29
N THR A 605 -7.51 -25.39 -35.44
CA THR A 605 -6.91 -25.38 -36.77
C THR A 605 -6.97 -26.75 -37.43
N ASN A 606 -7.15 -27.82 -36.65
CA ASN A 606 -7.34 -29.15 -37.22
C ASN A 606 -8.61 -29.26 -38.04
N THR A 607 -9.56 -28.34 -37.85
CA THR A 607 -10.85 -28.38 -38.54
C THR A 607 -11.04 -27.27 -39.54
N SER A 608 -10.65 -26.04 -39.22
CA SER A 608 -10.85 -24.91 -40.11
C SER A 608 -9.73 -23.89 -39.90
N ASN A 609 -9.76 -22.84 -40.70
CA ASN A 609 -8.83 -21.74 -40.57
C ASN A 609 -9.48 -20.36 -40.64
N GLN A 610 -10.76 -20.29 -40.99
CA GLN A 610 -11.48 -19.02 -41.02
C GLN A 610 -11.70 -18.50 -39.60
N VAL A 611 -11.83 -17.18 -39.49
CA VAL A 611 -12.05 -16.52 -38.21
C VAL A 611 -13.44 -15.88 -38.21
N ALA A 612 -13.92 -15.61 -37.00
CA ALA A 612 -15.17 -14.90 -36.80
C ALA A 612 -15.01 -13.94 -35.62
N VAL A 613 -15.46 -12.71 -35.79
CA VAL A 613 -15.30 -11.67 -34.79
C VAL A 613 -16.67 -11.33 -34.20
N LEU A 614 -16.73 -11.24 -32.88
CA LEU A 614 -17.95 -10.95 -32.15
C LEU A 614 -17.83 -9.59 -31.46
N TYR A 615 -18.97 -8.94 -31.26
CA TYR A 615 -19.01 -7.60 -30.67
C TYR A 615 -20.05 -7.61 -29.55
N GLN A 616 -19.59 -7.38 -28.33
CA GLN A 616 -20.44 -7.52 -27.14
C GLN A 616 -21.36 -6.32 -27.00
N GLY A 617 -22.60 -6.47 -27.43
CA GLY A 617 -23.58 -5.39 -27.27
C GLY A 617 -23.24 -4.13 -28.04
N VAL A 618 -22.77 -4.30 -29.29
CA VAL A 618 -22.41 -3.17 -30.15
C VAL A 618 -23.06 -3.38 -31.50
N ASN A 619 -23.74 -2.35 -32.00
CA ASN A 619 -24.25 -2.38 -33.36
C ASN A 619 -23.12 -2.12 -34.34
N CYS A 620 -23.03 -2.96 -35.37
CA CYS A 620 -22.14 -2.78 -36.50
C CYS A 620 -22.43 -1.56 -37.35
N THR A 621 -23.43 -0.76 -37.00
CA THR A 621 -23.49 0.53 -37.69
C THR A 621 -22.46 1.52 -37.16
N GLU A 622 -21.53 1.06 -36.32
CA GLU A 622 -20.39 1.84 -35.88
C GLU A 622 -19.06 1.26 -36.33
N VAL A 623 -19.07 0.21 -37.15
CA VAL A 623 -17.83 -0.38 -37.63
C VAL A 623 -17.60 0.03 -39.08
N ASN A 644 -22.54 -14.24 -44.30
CA ASN A 644 -22.58 -12.78 -44.41
C ASN A 644 -22.55 -12.13 -43.04
N VAL A 645 -22.90 -10.85 -42.99
CA VAL A 645 -22.95 -10.08 -41.75
C VAL A 645 -24.31 -10.25 -41.12
N PHE A 646 -24.32 -10.60 -39.83
CA PHE A 646 -25.55 -10.87 -39.10
C PHE A 646 -25.63 -9.98 -37.86
N GLN A 647 -26.83 -9.46 -37.60
CA GLN A 647 -27.11 -8.66 -36.40
C GLN A 647 -27.85 -9.55 -35.41
N THR A 648 -27.30 -9.67 -34.21
CA THR A 648 -27.91 -10.48 -33.16
C THR A 648 -28.43 -9.57 -32.05
N ARG A 649 -28.93 -10.19 -30.99
CA ARG A 649 -29.33 -9.45 -29.80
C ARG A 649 -28.13 -9.13 -28.90
N ALA A 650 -26.94 -9.64 -29.25
CA ALA A 650 -25.69 -9.15 -28.70
C ALA A 650 -25.07 -8.07 -29.57
N GLY A 651 -25.75 -7.64 -30.63
CA GLY A 651 -25.26 -6.57 -31.48
C GLY A 651 -25.22 -6.95 -32.96
N CYS A 652 -24.05 -6.87 -33.56
CA CYS A 652 -23.79 -7.43 -34.89
C CYS A 652 -22.67 -8.46 -34.79
N LEU A 653 -22.77 -9.51 -35.59
CA LEU A 653 -21.78 -10.57 -35.66
C LEU A 653 -21.22 -10.64 -37.08
N ILE A 654 -19.89 -10.60 -37.20
CA ILE A 654 -19.21 -10.65 -38.47
C ILE A 654 -18.37 -11.92 -38.52
N GLY A 655 -18.53 -12.69 -39.60
CA GLY A 655 -17.77 -13.91 -39.77
C GLY A 655 -18.59 -15.19 -39.69
N ALA A 656 -19.89 -15.10 -39.46
CA ALA A 656 -20.75 -16.26 -39.49
C ALA A 656 -22.12 -15.86 -40.03
N GLU A 657 -22.79 -16.81 -40.66
CA GLU A 657 -24.14 -16.61 -41.17
C GLU A 657 -25.13 -17.26 -40.22
N TYR A 658 -26.11 -16.50 -39.76
CA TYR A 658 -27.06 -17.01 -38.79
C TYR A 658 -27.88 -18.14 -39.38
N VAL A 659 -28.16 -19.14 -38.55
CA VAL A 659 -28.95 -20.30 -38.94
C VAL A 659 -30.20 -20.32 -38.07
N ASN A 660 -31.37 -20.39 -38.71
CA ASN A 660 -32.63 -20.41 -38.00
C ASN A 660 -32.91 -21.73 -37.31
N ASN A 661 -32.16 -22.78 -37.61
CA ASN A 661 -32.46 -24.10 -37.11
C ASN A 661 -31.87 -24.29 -35.71
N SER A 662 -32.20 -25.42 -35.09
CA SER A 662 -31.79 -25.73 -33.72
C SER A 662 -30.79 -26.89 -33.74
N TYR A 663 -29.61 -26.66 -33.17
CA TYR A 663 -28.59 -27.68 -33.05
C TYR A 663 -28.01 -27.64 -31.64
N GLU A 664 -27.42 -28.76 -31.23
CA GLU A 664 -26.79 -28.83 -29.92
C GLU A 664 -25.64 -27.84 -29.83
N CYS A 665 -25.52 -27.19 -28.67
CA CYS A 665 -24.45 -26.22 -28.47
C CYS A 665 -23.10 -26.90 -28.37
N ASP A 666 -22.09 -26.29 -28.97
CA ASP A 666 -20.70 -26.69 -28.81
C ASP A 666 -19.86 -25.62 -28.11
N ILE A 667 -19.86 -24.40 -28.62
CA ILE A 667 -19.14 -23.29 -28.03
C ILE A 667 -20.10 -22.14 -27.78
N PRO A 668 -20.31 -21.72 -26.53
CA PRO A 668 -21.20 -20.58 -26.26
C PRO A 668 -20.61 -19.29 -26.81
N ILE A 669 -21.45 -18.52 -27.51
CA ILE A 669 -21.03 -17.27 -28.12
C ILE A 669 -21.47 -16.06 -27.30
N GLY A 670 -22.70 -16.07 -26.80
CA GLY A 670 -23.17 -14.99 -25.95
C GLY A 670 -24.65 -14.72 -26.05
N ALA A 671 -25.29 -14.46 -24.90
CA ALA A 671 -26.73 -14.17 -24.84
C ALA A 671 -27.54 -15.28 -25.50
N GLY A 672 -27.13 -16.52 -25.27
CA GLY A 672 -27.84 -17.66 -25.84
C GLY A 672 -27.50 -17.98 -27.28
N ILE A 673 -26.28 -17.69 -27.71
CA ILE A 673 -25.81 -18.00 -29.06
C ILE A 673 -24.73 -19.06 -28.96
N CYS A 674 -24.85 -20.12 -29.76
CA CYS A 674 -23.86 -21.19 -29.81
C CYS A 674 -23.55 -21.52 -31.26
N ALA A 675 -22.38 -22.12 -31.47
CA ALA A 675 -21.89 -22.47 -32.80
C ALA A 675 -21.71 -23.96 -32.94
N SER A 676 -22.03 -24.50 -34.11
CA SER A 676 -21.78 -25.89 -34.45
C SER A 676 -21.34 -25.97 -35.90
N TYR A 677 -20.30 -26.76 -36.16
CA TYR A 677 -19.72 -26.89 -37.49
C TYR A 677 -20.24 -28.17 -38.13
N GLN A 678 -20.84 -28.02 -39.32
CA GLN A 678 -21.42 -29.17 -40.03
C GLN A 678 -21.01 -29.17 -41.49
N SER A 694 -19.22 -23.87 -42.79
CA SER A 694 -18.19 -23.02 -42.20
C SER A 694 -18.56 -22.61 -40.77
N ILE A 695 -18.08 -21.45 -40.36
CA ILE A 695 -18.40 -20.89 -39.05
C ILE A 695 -19.82 -20.33 -39.10
N ILE A 696 -20.70 -20.85 -38.25
CA ILE A 696 -22.07 -20.37 -38.16
C ILE A 696 -22.37 -20.03 -36.71
N ALA A 697 -23.32 -19.13 -36.51
CA ALA A 697 -23.81 -18.79 -35.18
C ALA A 697 -25.33 -18.86 -35.18
N TYR A 698 -25.88 -19.43 -34.10
CA TYR A 698 -27.32 -19.56 -33.99
C TYR A 698 -27.70 -19.46 -32.52
N THR A 699 -28.95 -19.07 -32.28
CA THR A 699 -29.46 -19.02 -30.92
C THR A 699 -29.36 -20.41 -30.30
N MET A 700 -28.75 -20.49 -29.12
CA MET A 700 -28.45 -21.78 -28.53
C MET A 700 -29.73 -22.57 -28.32
N SER A 701 -29.90 -23.65 -29.09
CA SER A 701 -31.00 -24.55 -28.84
C SER A 701 -30.85 -25.13 -27.44
N LEU A 702 -31.98 -25.26 -26.74
CA LEU A 702 -31.94 -25.67 -25.35
C LEU A 702 -31.17 -26.96 -25.17
N GLY A 703 -31.22 -27.84 -26.16
CA GLY A 703 -30.54 -29.12 -26.09
C GLY A 703 -31.33 -30.18 -26.81
N ALA A 704 -31.67 -31.26 -26.11
CA ALA A 704 -32.59 -32.25 -26.64
C ALA A 704 -34.00 -31.83 -26.24
N GLU A 705 -34.62 -30.98 -27.06
CA GLU A 705 -35.99 -30.57 -26.80
C GLU A 705 -36.90 -31.79 -26.79
N ASN A 706 -37.76 -31.87 -25.78
CA ASN A 706 -38.54 -33.07 -25.59
C ASN A 706 -39.75 -32.75 -24.72
N SER A 707 -40.80 -33.54 -24.89
CA SER A 707 -41.96 -33.50 -24.03
C SER A 707 -42.07 -34.82 -23.30
N VAL A 708 -42.09 -34.78 -21.97
CA VAL A 708 -42.20 -35.98 -21.18
C VAL A 708 -43.57 -36.63 -21.42
N ALA A 709 -43.61 -37.96 -21.39
CA ALA A 709 -44.86 -38.69 -21.55
C ALA A 709 -45.45 -38.97 -20.17
N TYR A 710 -46.02 -37.92 -19.58
CA TYR A 710 -46.65 -38.05 -18.27
C TYR A 710 -47.80 -39.04 -18.33
N SER A 711 -47.87 -39.91 -17.31
CA SER A 711 -48.89 -40.93 -17.25
C SER A 711 -49.65 -40.81 -15.93
N ASN A 712 -50.95 -41.07 -15.99
CA ASN A 712 -51.79 -41.03 -14.80
C ASN A 712 -51.91 -42.37 -14.10
N ASN A 713 -51.68 -43.47 -14.82
CA ASN A 713 -51.87 -44.80 -14.24
C ASN A 713 -50.79 -45.79 -14.65
N SER A 714 -49.77 -45.38 -15.40
CA SER A 714 -48.76 -46.29 -15.91
C SER A 714 -47.37 -45.82 -15.49
N ILE A 715 -46.42 -46.76 -15.52
CA ILE A 715 -45.05 -46.50 -15.11
C ILE A 715 -44.11 -47.04 -16.17
N ALA A 716 -42.90 -46.48 -16.20
CA ALA A 716 -41.84 -46.96 -17.09
C ALA A 716 -40.55 -47.01 -16.29
N ILE A 717 -39.94 -48.19 -16.23
CA ILE A 717 -38.74 -48.43 -15.43
C ILE A 717 -37.70 -49.05 -16.35
N PRO A 718 -36.46 -48.57 -16.35
CA PRO A 718 -35.45 -49.13 -17.27
C PRO A 718 -35.22 -50.61 -17.03
N THR A 719 -35.00 -51.34 -18.12
CA THR A 719 -34.63 -52.74 -18.07
C THR A 719 -33.15 -52.95 -18.32
N ASN A 720 -32.39 -51.88 -18.49
CA ASN A 720 -30.96 -51.96 -18.75
C ASN A 720 -30.30 -50.67 -18.25
N PHE A 721 -28.98 -50.62 -18.37
CA PHE A 721 -28.23 -49.46 -17.90
C PHE A 721 -26.83 -49.55 -18.49
N THR A 722 -26.00 -48.58 -18.10
CA THR A 722 -24.57 -48.60 -18.40
C THR A 722 -23.82 -48.15 -17.16
N ILE A 723 -22.63 -48.70 -16.95
CA ILE A 723 -21.71 -48.15 -15.95
C ILE A 723 -20.86 -47.13 -16.69
N SER A 724 -21.41 -45.92 -16.81
CA SER A 724 -20.64 -44.82 -17.36
C SER A 724 -19.70 -44.31 -16.28
N VAL A 725 -18.42 -44.24 -16.61
CA VAL A 725 -17.40 -43.79 -15.68
C VAL A 725 -16.72 -42.58 -16.28
N THR A 726 -16.52 -41.56 -15.46
CA THR A 726 -16.04 -40.26 -15.91
C THR A 726 -14.81 -39.89 -15.10
N THR A 727 -14.36 -38.66 -15.27
CA THR A 727 -13.23 -38.14 -14.53
C THR A 727 -13.61 -36.84 -13.84
N GLU A 728 -13.30 -36.76 -12.54
CA GLU A 728 -13.32 -35.51 -11.81
C GLU A 728 -11.90 -35.24 -11.34
N ILE A 729 -11.43 -34.03 -11.60
CA ILE A 729 -10.05 -33.65 -11.29
C ILE A 729 -10.12 -32.53 -10.26
N LEU A 730 -9.52 -32.77 -9.10
CA LEU A 730 -9.56 -31.81 -8.00
C LEU A 730 -8.14 -31.45 -7.59
N PRO A 731 -7.71 -30.22 -7.80
CA PRO A 731 -6.35 -29.85 -7.39
C PRO A 731 -6.23 -29.76 -5.88
N VAL A 732 -5.57 -30.76 -5.28
CA VAL A 732 -5.50 -30.86 -3.83
C VAL A 732 -4.34 -30.08 -3.23
N SER A 733 -3.43 -29.59 -4.05
CA SER A 733 -2.29 -28.84 -3.54
C SER A 733 -1.88 -27.82 -4.59
N MET A 734 -0.89 -27.01 -4.23
CA MET A 734 -0.29 -26.06 -5.14
C MET A 734 1.21 -26.02 -4.87
N THR A 735 1.91 -25.20 -5.65
CA THR A 735 3.35 -25.09 -5.52
C THR A 735 3.66 -24.16 -4.34
N LYS A 736 3.85 -24.74 -3.17
CA LYS A 736 4.15 -23.93 -1.99
C LYS A 736 5.48 -23.21 -2.18
N THR A 737 5.51 -21.94 -1.82
CA THR A 737 6.68 -21.10 -2.02
C THR A 737 6.98 -20.31 -0.76
N SER A 738 8.26 -20.09 -0.51
CA SER A 738 8.72 -19.27 0.61
C SER A 738 9.78 -18.32 0.08
N VAL A 739 9.51 -17.02 0.14
CA VAL A 739 10.31 -16.02 -0.53
C VAL A 739 11.05 -15.19 0.51
N ASP A 740 12.35 -15.02 0.31
CA ASP A 740 13.13 -14.10 1.11
C ASP A 740 12.92 -12.69 0.56
N CYS A 741 12.44 -11.79 1.43
CA CYS A 741 12.14 -10.42 1.02
C CYS A 741 13.41 -9.71 0.54
N THR A 742 14.47 -9.76 1.34
CA THR A 742 15.69 -9.04 1.00
C THR A 742 16.36 -9.62 -0.24
N MET A 743 16.45 -10.95 -0.33
CA MET A 743 16.94 -11.55 -1.57
C MET A 743 16.12 -11.11 -2.77
N TYR A 744 14.80 -11.25 -2.68
CA TYR A 744 13.93 -10.92 -3.81
C TYR A 744 14.16 -9.49 -4.27
N ILE A 745 14.30 -8.55 -3.33
CA ILE A 745 14.43 -7.14 -3.71
C ILE A 745 15.84 -6.86 -4.24
N CYS A 746 16.87 -7.05 -3.42
CA CYS A 746 18.23 -6.75 -3.86
C CYS A 746 19.24 -7.88 -3.63
N GLY A 747 18.91 -8.93 -2.89
CA GLY A 747 19.90 -9.94 -2.58
C GLY A 747 21.08 -9.44 -1.77
N ASP A 748 22.27 -9.51 -2.35
CA ASP A 748 23.53 -9.27 -1.64
C ASP A 748 23.86 -7.79 -1.45
N SER A 749 22.91 -6.88 -1.69
CA SER A 749 23.19 -5.45 -1.56
C SER A 749 23.10 -5.09 -0.08
N THR A 750 24.22 -4.65 0.49
CA THR A 750 24.26 -4.31 1.91
C THR A 750 23.35 -3.13 2.22
N GLU A 751 23.41 -2.08 1.42
CA GLU A 751 22.55 -0.93 1.64
C GLU A 751 21.08 -1.31 1.49
N CYS A 752 20.74 -2.07 0.46
CA CYS A 752 19.37 -2.54 0.31
C CYS A 752 18.90 -3.31 1.53
N SER A 753 19.68 -4.29 1.96
CA SER A 753 19.28 -5.12 3.09
C SER A 753 19.08 -4.29 4.35
N ASN A 754 20.08 -3.46 4.69
CA ASN A 754 20.00 -2.68 5.92
C ASN A 754 18.85 -1.68 5.88
N LEU A 755 18.67 -0.99 4.75
CA LEU A 755 17.64 0.05 4.67
C LEU A 755 16.25 -0.56 4.51
N LEU A 756 16.18 -1.83 4.09
CA LEU A 756 14.89 -2.49 3.89
C LEU A 756 14.39 -3.14 5.17
N LEU A 757 15.27 -3.84 5.89
CA LEU A 757 14.83 -4.55 7.08
C LEU A 757 14.36 -3.62 8.18
N GLN A 758 14.68 -2.33 8.09
CA GLN A 758 14.19 -1.32 9.04
C GLN A 758 12.89 -0.68 8.59
N TYR A 759 12.30 -1.14 7.48
CA TYR A 759 10.99 -0.67 7.04
C TYR A 759 9.83 -1.29 7.78
N GLY A 760 10.06 -1.97 8.89
CA GLY A 760 8.97 -2.60 9.59
C GLY A 760 8.91 -4.09 9.34
N SER A 761 7.85 -4.73 9.83
CA SER A 761 7.72 -6.18 9.79
C SER A 761 7.06 -6.67 8.51
N PHE A 762 7.13 -5.89 7.42
CA PHE A 762 6.50 -6.32 6.18
C PHE A 762 7.05 -7.65 5.70
N CYS A 763 8.38 -7.75 5.55
CA CYS A 763 8.96 -8.97 5.03
C CYS A 763 8.70 -10.14 5.97
N THR A 764 8.82 -9.92 7.29
CA THR A 764 8.59 -10.97 8.25
C THR A 764 7.14 -11.47 8.22
N GLN A 765 6.18 -10.54 8.18
CA GLN A 765 4.78 -10.95 8.16
C GLN A 765 4.43 -11.65 6.85
N LEU A 766 4.99 -11.20 5.74
CA LEU A 766 4.76 -11.88 4.48
C LEU A 766 5.34 -13.30 4.51
N LYS A 767 6.55 -13.44 5.05
CA LYS A 767 7.13 -14.77 5.19
C LYS A 767 6.29 -15.65 6.11
N ARG A 768 5.74 -15.06 7.18
CA ARG A 768 4.86 -15.82 8.06
C ARG A 768 3.61 -16.29 7.32
N ALA A 769 3.03 -15.42 6.50
CA ALA A 769 1.89 -15.81 5.70
C ALA A 769 2.25 -16.93 4.74
N LEU A 770 3.41 -16.83 4.09
CA LEU A 770 3.82 -17.87 3.16
C LEU A 770 4.07 -19.19 3.88
N THR A 771 4.67 -19.13 5.07
CA THR A 771 4.88 -20.36 5.84
C THR A 771 3.55 -20.98 6.25
N GLY A 772 2.59 -20.15 6.64
CA GLY A 772 1.24 -20.66 6.86
C GLY A 772 0.68 -21.32 5.62
N ILE A 773 0.92 -20.71 4.45
CA ILE A 773 0.48 -21.30 3.20
C ILE A 773 1.07 -22.68 3.04
N ALA A 774 2.38 -22.79 3.23
CA ALA A 774 3.06 -24.06 3.03
C ALA A 774 2.54 -25.13 3.99
N VAL A 775 2.40 -24.77 5.25
CA VAL A 775 1.93 -25.75 6.22
C VAL A 775 0.50 -26.15 5.92
N GLU A 776 -0.31 -25.26 5.34
CA GLU A 776 -1.66 -25.69 5.04
C GLU A 776 -1.73 -26.53 3.77
N GLN A 777 -0.85 -26.32 2.77
CA GLN A 777 -0.76 -27.35 1.73
C GLN A 777 -0.37 -28.71 2.32
N ASP A 778 0.60 -28.72 3.23
CA ASP A 778 0.97 -29.99 3.86
C ASP A 778 -0.23 -30.60 4.57
N LYS A 779 -1.02 -29.75 5.24
CA LYS A 779 -2.20 -30.23 5.95
C LYS A 779 -3.24 -30.76 4.98
N ASN A 780 -3.43 -30.09 3.85
CA ASN A 780 -4.35 -30.58 2.82
C ASN A 780 -3.90 -31.93 2.31
N THR A 781 -2.61 -32.09 2.04
CA THR A 781 -2.10 -33.39 1.61
C THR A 781 -2.40 -34.45 2.65
N GLN A 782 -2.17 -34.11 3.93
CA GLN A 782 -2.50 -35.03 5.01
C GLN A 782 -3.96 -35.45 4.95
N GLU A 783 -4.87 -34.47 4.89
CA GLU A 783 -6.30 -34.76 4.94
C GLU A 783 -6.78 -35.50 3.71
N VAL A 784 -6.17 -35.26 2.56
CA VAL A 784 -6.63 -35.88 1.31
C VAL A 784 -6.11 -37.30 1.19
N PHE A 785 -4.82 -37.50 1.46
CA PHE A 785 -4.20 -38.80 1.24
C PHE A 785 -4.10 -39.62 2.51
N ALA A 786 -3.46 -39.07 3.54
CA ALA A 786 -3.15 -39.85 4.74
C ALA A 786 -4.29 -39.74 5.74
N GLN A 787 -5.44 -40.29 5.36
CA GLN A 787 -6.54 -40.51 6.27
C GLN A 787 -6.47 -41.87 6.96
N VAL A 788 -5.49 -42.69 6.59
CA VAL A 788 -5.29 -44.00 7.21
C VAL A 788 -3.81 -44.16 7.54
N LYS A 789 -3.52 -44.72 8.71
CA LYS A 789 -2.16 -44.84 9.20
C LYS A 789 -1.58 -46.23 9.05
N GLN A 790 -2.39 -47.24 8.78
CA GLN A 790 -1.93 -48.61 8.61
C GLN A 790 -1.64 -48.81 7.13
N ILE A 791 -0.35 -48.92 6.79
CA ILE A 791 0.10 -48.99 5.40
C ILE A 791 -0.37 -50.33 4.80
N TYR A 792 -1.30 -50.23 3.86
CA TYR A 792 -1.83 -51.42 3.21
C TYR A 792 -1.08 -51.67 1.90
N LYS A 793 -0.88 -52.94 1.59
CA LYS A 793 -0.32 -53.38 0.33
C LYS A 793 -1.13 -54.55 -0.18
N THR A 794 -1.46 -54.51 -1.47
CA THR A 794 -2.17 -55.62 -2.08
C THR A 794 -1.30 -56.87 -2.05
N PRO A 795 -1.91 -58.04 -1.95
CA PRO A 795 -1.12 -59.27 -2.00
C PRO A 795 -0.39 -59.38 -3.32
N PRO A 796 0.72 -60.10 -3.36
CA PRO A 796 1.53 -60.13 -4.59
C PRO A 796 0.76 -60.62 -5.81
N ILE A 797 -0.28 -61.42 -5.61
CA ILE A 797 -1.20 -61.74 -6.70
C ILE A 797 -2.11 -60.55 -6.94
N LYS A 798 -2.10 -60.03 -8.16
CA LYS A 798 -2.92 -58.87 -8.52
C LYS A 798 -4.23 -59.33 -9.14
N TYR A 799 -4.95 -60.17 -8.40
CA TYR A 799 -6.22 -60.73 -8.84
C TYR A 799 -7.35 -60.06 -8.09
N PHE A 800 -8.36 -59.59 -8.84
CA PHE A 800 -9.45 -58.79 -8.28
C PHE A 800 -10.80 -59.31 -8.77
N GLY A 801 -10.99 -60.62 -8.71
CA GLY A 801 -12.28 -61.22 -9.02
C GLY A 801 -12.77 -60.98 -10.43
N GLY A 802 -11.87 -61.06 -11.41
CA GLY A 802 -12.23 -60.87 -12.80
C GLY A 802 -12.28 -59.43 -13.25
N PHE A 803 -11.90 -58.48 -12.40
CA PHE A 803 -11.92 -57.07 -12.73
C PHE A 803 -10.49 -56.62 -12.98
N ASN A 804 -10.24 -56.06 -14.15
CA ASN A 804 -8.89 -55.79 -14.63
C ASN A 804 -8.51 -54.36 -14.28
N PHE A 805 -7.29 -54.17 -13.79
CA PHE A 805 -6.87 -52.86 -13.29
C PHE A 805 -5.43 -52.58 -13.68
N SER A 806 -5.04 -53.04 -14.87
CA SER A 806 -3.63 -53.03 -15.23
C SER A 806 -3.08 -51.62 -15.37
N GLN A 807 -3.92 -50.64 -15.71
CA GLN A 807 -3.44 -49.29 -15.98
C GLN A 807 -3.30 -48.43 -14.73
N ILE A 808 -3.68 -48.92 -13.54
CA ILE A 808 -3.78 -48.08 -12.36
C ILE A 808 -2.84 -48.52 -11.25
N LEU A 809 -2.69 -49.83 -11.02
CA LEU A 809 -1.89 -50.29 -9.89
C LEU A 809 -0.43 -49.88 -10.06
N PRO A 810 0.30 -49.69 -8.96
CA PRO A 810 1.75 -49.48 -9.07
C PRO A 810 2.41 -50.67 -9.73
N ASP A 811 3.37 -50.39 -10.62
CA ASP A 811 4.05 -51.43 -11.36
C ASP A 811 5.43 -51.74 -10.80
N PRO A 812 5.67 -52.96 -10.31
CA PRO A 812 7.02 -53.30 -9.82
C PRO A 812 8.10 -53.21 -10.88
N SER A 813 7.73 -53.34 -12.16
CA SER A 813 8.73 -53.25 -13.22
C SER A 813 9.39 -51.88 -13.25
N LYS A 814 8.59 -50.82 -13.15
CA LYS A 814 9.13 -49.47 -13.12
C LYS A 814 9.65 -49.17 -11.72
N PRO A 815 10.93 -48.80 -11.57
CA PRO A 815 11.45 -48.52 -10.22
C PRO A 815 10.78 -47.34 -9.54
N SER A 816 10.13 -46.46 -10.29
CA SER A 816 9.50 -45.28 -9.72
C SER A 816 8.02 -45.49 -9.36
N LYS A 817 7.52 -46.71 -9.54
CA LYS A 817 6.15 -47.07 -9.15
C LYS A 817 5.12 -46.17 -9.84
N ARG A 818 5.28 -46.00 -11.15
CA ARG A 818 4.51 -45.02 -11.90
C ARG A 818 3.59 -45.74 -12.88
N SER A 819 2.27 -45.52 -12.72
CA SER A 819 1.26 -46.13 -13.56
C SER A 819 1.15 -45.39 -14.89
N PHE A 820 0.58 -46.03 -15.93
CA PHE A 820 0.45 -45.34 -17.23
C PHE A 820 -0.38 -44.07 -17.16
N ILE A 821 -1.42 -44.03 -16.32
CA ILE A 821 -2.26 -42.84 -16.24
C ILE A 821 -1.46 -41.65 -15.76
N GLU A 822 -0.75 -41.82 -14.64
CA GLU A 822 0.11 -40.75 -14.18
C GLU A 822 1.31 -40.53 -15.10
N ASP A 823 1.71 -41.54 -15.88
CA ASP A 823 2.72 -41.32 -16.92
C ASP A 823 2.26 -40.27 -17.91
N LEU A 824 1.06 -40.47 -18.47
CA LEU A 824 0.55 -39.48 -19.42
C LEU A 824 0.23 -38.16 -18.75
N LEU A 825 -0.16 -38.19 -17.47
CA LEU A 825 -0.36 -36.94 -16.73
C LEU A 825 0.95 -36.16 -16.62
N PHE A 826 2.04 -36.84 -16.24
CA PHE A 826 3.34 -36.18 -16.18
C PHE A 826 3.73 -35.63 -17.55
N ASN A 827 3.49 -36.40 -18.61
CA ASN A 827 3.84 -35.92 -19.94
C ASN A 827 3.04 -34.68 -20.32
N LYS A 828 1.75 -34.66 -19.99
CA LYS A 828 0.88 -33.58 -20.43
C LYS A 828 1.04 -32.32 -19.59
N VAL A 829 1.32 -32.45 -18.29
CA VAL A 829 1.51 -31.27 -17.47
C VAL A 829 2.81 -30.58 -17.87
N THR A 830 2.87 -29.27 -17.63
CA THR A 830 4.05 -28.48 -17.97
C THR A 830 4.61 -27.78 -16.74
N LYS A 859 16.11 -18.19 -10.20
CA LYS A 859 16.56 -17.08 -9.36
C LYS A 859 15.37 -16.34 -8.76
N GLY A 860 15.41 -16.11 -7.46
CA GLY A 860 14.29 -15.54 -6.74
C GLY A 860 13.10 -16.44 -6.57
N LEU A 861 13.04 -17.56 -7.28
CA LEU A 861 11.96 -18.53 -7.18
C LEU A 861 12.34 -19.62 -6.19
N THR A 862 11.42 -19.97 -5.31
CA THR A 862 11.63 -21.05 -4.36
C THR A 862 10.46 -22.02 -4.45
N VAL A 863 10.78 -23.29 -4.70
CA VAL A 863 9.78 -24.35 -4.71
C VAL A 863 10.13 -25.32 -3.59
N LEU A 864 9.23 -25.46 -2.65
CA LEU A 864 9.72 -26.46 -1.71
C LEU A 864 9.20 -27.83 -2.10
N PRO A 865 10.02 -28.87 -1.91
CA PRO A 865 9.58 -30.20 -2.28
C PRO A 865 8.36 -30.60 -1.48
N PRO A 866 7.45 -31.38 -2.07
CA PRO A 866 6.30 -31.85 -1.31
C PRO A 866 6.75 -32.70 -0.14
N LEU A 867 6.07 -32.53 1.00
CA LEU A 867 6.34 -33.42 2.12
C LEU A 867 6.02 -34.86 1.74
N LEU A 868 5.02 -35.04 0.90
CA LEU A 868 4.69 -36.33 0.31
C LEU A 868 5.10 -36.24 -1.16
N THR A 869 6.23 -36.84 -1.50
CA THR A 869 6.69 -36.85 -2.88
C THR A 869 5.76 -37.75 -3.71
N ASP A 870 5.99 -37.76 -5.02
CA ASP A 870 5.17 -38.58 -5.90
C ASP A 870 5.17 -40.03 -5.48
N GLU A 871 6.32 -40.54 -5.01
CA GLU A 871 6.42 -41.94 -4.63
C GLU A 871 5.51 -42.26 -3.45
N MET A 872 5.58 -41.45 -2.38
CA MET A 872 4.74 -41.70 -1.22
C MET A 872 3.27 -41.44 -1.52
N ILE A 873 2.96 -40.43 -2.33
CA ILE A 873 1.58 -40.22 -2.75
C ILE A 873 1.06 -41.45 -3.47
N ALA A 874 1.86 -42.00 -4.39
CA ALA A 874 1.46 -43.21 -5.09
C ALA A 874 1.30 -44.37 -4.12
N GLN A 875 2.14 -44.45 -3.10
CA GLN A 875 2.02 -45.56 -2.16
C GLN A 875 0.73 -45.44 -1.35
N TYR A 876 0.39 -44.23 -0.89
CA TYR A 876 -0.91 -44.02 -0.26
C TYR A 876 -2.06 -44.37 -1.19
N THR A 877 -1.95 -44.00 -2.46
CA THR A 877 -3.01 -44.40 -3.40
C THR A 877 -3.12 -45.91 -3.46
N SER A 878 -1.97 -46.60 -3.49
CA SER A 878 -1.98 -48.05 -3.49
C SER A 878 -2.64 -48.60 -2.24
N ALA A 879 -2.32 -48.04 -1.08
CA ALA A 879 -2.92 -48.51 0.16
C ALA A 879 -4.41 -48.23 0.21
N LEU A 880 -4.83 -47.07 -0.26
CA LEU A 880 -6.25 -46.74 -0.29
C LEU A 880 -7.00 -47.69 -1.21
N LEU A 881 -6.42 -47.99 -2.37
CA LEU A 881 -7.03 -48.98 -3.25
C LEU A 881 -7.08 -50.34 -2.57
N ALA A 882 -6.00 -50.73 -1.90
CA ALA A 882 -6.00 -52.00 -1.17
C ALA A 882 -7.16 -52.05 -0.20
N GLY A 883 -7.33 -50.99 0.59
CA GLY A 883 -8.44 -50.96 1.51
C GLY A 883 -9.79 -51.05 0.82
N THR A 884 -10.01 -50.19 -0.16
CA THR A 884 -11.35 -50.03 -0.71
C THR A 884 -11.75 -51.21 -1.59
N ILE A 885 -10.79 -51.94 -2.16
CA ILE A 885 -11.11 -53.18 -2.87
C ILE A 885 -11.05 -54.39 -1.95
N THR A 886 -9.87 -54.68 -1.37
CA THR A 886 -9.72 -55.89 -0.59
C THR A 886 -10.59 -55.88 0.66
N SER A 887 -10.51 -54.79 1.44
CA SER A 887 -11.13 -54.75 2.75
C SER A 887 -12.29 -53.76 2.82
N GLY A 888 -12.83 -53.34 1.68
CA GLY A 888 -14.03 -52.54 1.69
C GLY A 888 -13.84 -51.16 2.30
N TRP A 889 -14.92 -50.62 2.86
CA TRP A 889 -14.92 -49.26 3.38
C TRP A 889 -14.58 -49.19 4.87
N THR A 890 -14.24 -50.30 5.50
CA THR A 890 -13.94 -50.28 6.94
C THR A 890 -12.60 -49.63 7.25
N PHE A 891 -11.65 -49.64 6.31
CA PHE A 891 -10.30 -49.19 6.62
C PHE A 891 -10.25 -47.71 6.97
N GLY A 892 -11.31 -46.95 6.66
CA GLY A 892 -11.41 -45.59 7.14
C GLY A 892 -11.86 -45.47 8.58
N ALA A 893 -12.25 -46.57 9.20
CA ALA A 893 -12.68 -46.60 10.60
C ALA A 893 -11.66 -47.29 11.50
N GLY A 894 -10.44 -47.51 11.02
CA GLY A 894 -9.42 -48.17 11.79
C GLY A 894 -8.75 -49.28 11.00
N ALA A 895 -8.48 -50.40 11.66
CA ALA A 895 -7.93 -51.56 10.94
C ALA A 895 -8.85 -51.99 9.81
N ALA A 896 -8.24 -52.39 8.69
CA ALA A 896 -8.99 -52.86 7.55
C ALA A 896 -9.62 -54.21 7.84
N LEU A 897 -10.90 -54.35 7.53
CA LEU A 897 -11.64 -55.57 7.77
C LEU A 897 -11.81 -56.30 6.44
N GLN A 898 -11.29 -57.52 6.36
CA GLN A 898 -11.31 -58.27 5.11
C GLN A 898 -12.74 -58.63 4.72
N ILE A 899 -13.08 -58.40 3.46
CA ILE A 899 -14.46 -58.52 2.98
C ILE A 899 -14.45 -58.83 1.49
N PRO A 900 -15.35 -59.67 0.98
CA PRO A 900 -15.37 -59.95 -0.47
C PRO A 900 -15.71 -58.71 -1.27
N PHE A 901 -14.96 -58.51 -2.37
CA PHE A 901 -15.21 -57.38 -3.25
C PHE A 901 -16.56 -57.39 -3.94
N ALA A 902 -17.04 -58.50 -4.52
CA ALA A 902 -18.36 -58.46 -5.10
C ALA A 902 -19.54 -58.43 -4.11
N MET A 903 -19.41 -58.97 -2.89
CA MET A 903 -20.38 -58.67 -1.86
C MET A 903 -20.32 -57.20 -1.47
N GLN A 904 -19.13 -56.59 -1.50
CA GLN A 904 -19.03 -55.15 -1.26
C GLN A 904 -19.78 -54.36 -2.33
N MET A 905 -19.55 -54.67 -3.60
CA MET A 905 -20.24 -53.94 -4.66
C MET A 905 -21.74 -54.23 -4.65
N ALA A 906 -22.14 -55.42 -4.20
CA ALA A 906 -23.56 -55.68 -3.97
C ALA A 906 -24.10 -54.77 -2.86
N TYR A 907 -23.32 -54.57 -1.81
CA TYR A 907 -23.70 -53.61 -0.78
C TYR A 907 -23.86 -52.21 -1.36
N ARG A 908 -22.99 -51.85 -2.31
CA ARG A 908 -23.07 -50.52 -2.91
C ARG A 908 -24.32 -50.38 -3.78
N PHE A 909 -24.65 -51.42 -4.55
CA PHE A 909 -25.94 -51.45 -5.23
C PHE A 909 -27.09 -51.29 -4.24
N ASN A 910 -27.02 -52.00 -3.11
CA ASN A 910 -28.02 -51.82 -2.07
C ASN A 910 -28.08 -50.38 -1.60
N GLY A 911 -26.93 -49.71 -1.54
CA GLY A 911 -26.88 -48.33 -1.11
C GLY A 911 -27.43 -47.35 -2.14
N ILE A 912 -27.45 -47.74 -3.41
CA ILE A 912 -28.14 -46.95 -4.43
C ILE A 912 -29.49 -47.56 -4.78
N GLY A 913 -30.06 -48.34 -3.87
CA GLY A 913 -31.37 -48.96 -4.11
C GLY A 913 -31.38 -49.98 -5.22
N VAL A 914 -30.37 -50.85 -5.27
CA VAL A 914 -30.30 -51.92 -6.25
C VAL A 914 -29.99 -53.22 -5.50
N THR A 915 -30.79 -54.25 -5.76
CA THR A 915 -30.63 -55.50 -5.03
C THR A 915 -29.35 -56.23 -5.44
N GLN A 916 -28.84 -57.05 -4.52
CA GLN A 916 -27.61 -57.79 -4.75
C GLN A 916 -27.74 -58.80 -5.89
N ASN A 917 -28.97 -59.26 -6.16
CA ASN A 917 -29.19 -60.21 -7.24
C ASN A 917 -28.82 -59.61 -8.59
N VAL A 918 -28.92 -58.29 -8.72
CA VAL A 918 -28.53 -57.64 -9.96
C VAL A 918 -27.05 -57.89 -10.24
N LEU A 919 -26.20 -57.68 -9.24
CA LEU A 919 -24.79 -58.00 -9.39
C LEU A 919 -24.57 -59.50 -9.57
N TYR A 920 -25.33 -60.31 -8.83
CA TYR A 920 -25.15 -61.76 -8.91
C TYR A 920 -25.38 -62.28 -10.32
N GLU A 921 -26.46 -61.83 -10.97
CA GLU A 921 -26.80 -62.29 -12.30
C GLU A 921 -26.18 -61.43 -13.40
N ASN A 922 -25.28 -60.51 -13.04
CA ASN A 922 -24.58 -59.68 -14.02
C ASN A 922 -23.08 -59.63 -13.71
N GLN A 923 -22.54 -60.68 -13.11
CA GLN A 923 -21.17 -60.63 -12.60
C GLN A 923 -20.14 -60.42 -13.73
N LYS A 924 -20.01 -61.42 -14.61
CA LYS A 924 -18.99 -61.34 -15.65
C LYS A 924 -19.29 -60.23 -16.64
N LEU A 925 -20.57 -60.05 -16.98
CA LEU A 925 -20.92 -59.02 -17.96
C LEU A 925 -20.66 -57.63 -17.40
N ILE A 926 -20.96 -57.39 -16.12
CA ILE A 926 -20.67 -56.09 -15.53
C ILE A 926 -19.17 -55.88 -15.48
N ALA A 927 -18.42 -56.97 -15.29
CA ALA A 927 -16.97 -56.89 -15.42
C ALA A 927 -16.58 -56.42 -16.82
N ASN A 928 -17.23 -56.96 -17.85
CA ASN A 928 -16.91 -56.59 -19.22
C ASN A 928 -17.19 -55.12 -19.47
N GLN A 929 -18.35 -54.62 -19.04
CA GLN A 929 -18.59 -53.19 -19.20
C GLN A 929 -17.61 -52.36 -18.39
N PHE A 930 -17.21 -52.85 -17.21
CA PHE A 930 -16.25 -52.13 -16.40
C PHE A 930 -14.91 -52.01 -17.15
N ASN A 931 -14.50 -53.10 -17.80
CA ASN A 931 -13.25 -53.08 -18.55
C ASN A 931 -13.33 -52.16 -19.75
N SER A 932 -14.41 -52.25 -20.52
CA SER A 932 -14.57 -51.37 -21.66
C SER A 932 -14.61 -49.92 -21.22
N ALA A 933 -15.24 -49.66 -20.07
CA ALA A 933 -15.32 -48.30 -19.55
C ALA A 933 -13.96 -47.77 -19.15
N ILE A 934 -13.16 -48.57 -18.45
CA ILE A 934 -11.82 -48.10 -18.07
C ILE A 934 -10.94 -47.92 -19.29
N GLY A 935 -11.10 -48.78 -20.30
CA GLY A 935 -10.36 -48.57 -21.55
C GLY A 935 -10.74 -47.27 -22.22
N LYS A 936 -12.04 -46.97 -22.27
CA LYS A 936 -12.45 -45.68 -22.80
C LYS A 936 -11.91 -44.54 -21.96
N ILE A 937 -11.81 -44.75 -20.64
CA ILE A 937 -11.25 -43.73 -19.76
C ILE A 937 -9.80 -43.44 -20.14
N GLN A 938 -9.00 -44.48 -20.29
CA GLN A 938 -7.58 -44.26 -20.61
C GLN A 938 -7.45 -43.63 -22.00
N ASP A 939 -8.28 -44.06 -22.95
CA ASP A 939 -8.25 -43.44 -24.27
C ASP A 939 -8.62 -41.97 -24.21
N SER A 940 -9.65 -41.64 -23.45
CA SER A 940 -10.09 -40.25 -23.32
C SER A 940 -9.03 -39.40 -22.64
N LEU A 941 -8.37 -39.95 -21.63
CA LEU A 941 -7.30 -39.21 -20.96
C LEU A 941 -6.12 -38.99 -21.90
N SER A 942 -5.79 -40.01 -22.71
CA SER A 942 -4.69 -39.86 -23.67
C SER A 942 -4.99 -38.84 -24.74
N SER A 943 -6.23 -38.84 -25.26
CA SER A 943 -6.60 -38.02 -26.40
C SER A 943 -7.35 -36.75 -26.00
N THR A 944 -7.41 -36.42 -24.72
CA THR A 944 -8.15 -35.25 -24.25
C THR A 944 -7.16 -34.23 -23.67
N ALA A 945 -6.79 -33.20 -24.43
CA ALA A 945 -5.87 -32.19 -23.88
C ALA A 945 -6.49 -31.30 -22.82
N SER A 946 -7.82 -31.31 -22.69
CA SER A 946 -8.52 -30.46 -21.73
C SER A 946 -8.81 -31.15 -20.41
N ALA A 947 -8.48 -32.45 -20.29
CA ALA A 947 -8.74 -33.16 -19.04
C ALA A 947 -7.96 -32.56 -17.89
N LEU A 948 -6.70 -32.21 -18.11
CA LEU A 948 -5.85 -31.57 -17.11
C LEU A 948 -5.98 -30.05 -17.15
N GLY A 949 -7.10 -29.52 -17.66
CA GLY A 949 -7.21 -28.09 -17.85
C GLY A 949 -7.06 -27.31 -16.56
N LYS A 950 -7.74 -27.73 -15.50
CA LYS A 950 -7.69 -27.00 -14.25
C LYS A 950 -6.29 -27.04 -13.63
N LEU A 951 -5.63 -28.20 -13.67
CA LEU A 951 -4.28 -28.30 -13.13
C LEU A 951 -3.32 -27.41 -13.90
N GLN A 952 -3.36 -27.50 -15.23
CA GLN A 952 -2.52 -26.64 -16.05
C GLN A 952 -2.82 -25.18 -15.80
N ASP A 953 -4.08 -24.86 -15.54
CA ASP A 953 -4.51 -23.50 -15.25
C ASP A 953 -3.85 -23.00 -13.96
N VAL A 954 -3.86 -23.83 -12.91
CA VAL A 954 -3.18 -23.46 -11.67
C VAL A 954 -1.70 -23.24 -11.92
N VAL A 955 -1.10 -24.13 -12.71
CA VAL A 955 0.31 -24.00 -13.05
C VAL A 955 0.57 -22.68 -13.78
N ASN A 956 -0.35 -22.30 -14.68
CA ASN A 956 -0.19 -21.03 -15.40
C ASN A 956 -0.23 -19.85 -14.46
N HIS A 957 -1.16 -19.84 -13.49
CA HIS A 957 -1.11 -18.79 -12.47
C HIS A 957 0.26 -18.75 -11.79
N ASN A 958 0.73 -19.89 -11.30
CA ASN A 958 2.05 -19.89 -10.65
C ASN A 958 3.11 -19.28 -11.56
N ALA A 959 3.14 -19.74 -12.81
CA ALA A 959 4.19 -19.32 -13.73
C ALA A 959 4.14 -17.83 -13.99
N GLN A 960 2.97 -17.32 -14.37
CA GLN A 960 2.86 -15.90 -14.73
C GLN A 960 3.12 -15.00 -13.54
N ALA A 961 2.66 -15.40 -12.35
CA ALA A 961 2.99 -14.64 -11.16
C ALA A 961 4.49 -14.57 -10.96
N LEU A 962 5.18 -15.70 -11.16
CA LEU A 962 6.63 -15.68 -11.03
C LEU A 962 7.26 -14.82 -12.13
N ASN A 963 6.70 -14.85 -13.34
CA ASN A 963 7.26 -14.08 -14.45
C ASN A 963 7.23 -12.60 -14.14
N THR A 964 6.07 -12.07 -13.76
CA THR A 964 6.02 -10.66 -13.41
C THR A 964 6.91 -10.36 -12.20
N LEU A 965 6.85 -11.24 -11.19
CA LEU A 965 7.64 -11.09 -9.97
C LEU A 965 9.12 -10.88 -10.28
N VAL A 966 9.64 -11.63 -11.25
CA VAL A 966 11.06 -11.51 -11.56
C VAL A 966 11.30 -10.38 -12.54
N LYS A 967 10.47 -10.28 -13.58
CA LYS A 967 10.77 -9.38 -14.70
C LYS A 967 10.62 -7.92 -14.34
N GLN A 968 9.85 -7.58 -13.31
CA GLN A 968 9.73 -6.16 -12.97
C GLN A 968 11.05 -5.52 -12.55
N LEU A 969 12.07 -6.32 -12.20
CA LEU A 969 13.35 -5.77 -11.77
C LEU A 969 14.32 -5.53 -12.92
N SER A 970 14.68 -6.59 -13.66
CA SER A 970 15.79 -6.55 -14.60
C SER A 970 15.37 -6.20 -16.02
N SER A 971 14.27 -5.46 -16.18
CA SER A 971 13.79 -5.07 -17.50
C SER A 971 14.62 -3.90 -18.02
N LYS A 972 15.30 -4.11 -19.16
CA LYS A 972 16.13 -3.05 -19.73
C LYS A 972 15.27 -1.92 -20.29
N PHE A 973 14.15 -2.25 -20.94
CA PHE A 973 13.21 -1.29 -21.51
C PHE A 973 13.86 -0.41 -22.57
N GLY A 974 14.97 -0.84 -23.17
CA GLY A 974 15.55 -0.11 -24.27
C GLY A 974 16.25 1.19 -23.92
N ALA A 975 16.68 1.34 -22.67
CA ALA A 975 17.42 2.52 -22.26
C ALA A 975 18.92 2.26 -22.29
N ILE A 976 19.70 3.31 -22.04
CA ILE A 976 21.15 3.17 -22.06
C ILE A 976 21.62 2.29 -20.90
N SER A 977 21.08 2.50 -19.71
CA SER A 977 21.49 1.75 -18.53
C SER A 977 20.35 1.69 -17.53
N SER A 978 20.11 0.51 -16.98
CA SER A 978 19.09 0.30 -15.96
C SER A 978 19.70 -0.19 -14.66
N VAL A 979 20.90 0.30 -14.33
CA VAL A 979 21.66 -0.18 -13.18
C VAL A 979 21.47 0.79 -12.02
N LEU A 980 21.17 0.23 -10.85
CA LEU A 980 21.14 1.04 -9.63
C LEU A 980 22.49 1.70 -9.40
N ASN A 981 23.59 0.99 -9.69
CA ASN A 981 24.91 1.60 -9.58
C ASN A 981 25.13 2.67 -10.63
N ASP A 982 24.52 2.52 -11.82
CA ASP A 982 24.57 3.59 -12.81
C ASP A 982 23.88 4.85 -12.28
N ILE A 983 22.72 4.68 -11.65
CA ILE A 983 22.04 5.83 -11.04
C ILE A 983 22.91 6.42 -9.94
N PHE A 984 23.58 5.57 -9.15
CA PHE A 984 24.45 6.04 -8.08
C PHE A 984 25.60 6.88 -8.64
N SER A 985 26.18 6.43 -9.75
CA SER A 985 27.29 7.15 -10.35
C SER A 985 26.83 8.45 -11.02
N ARG A 986 25.63 8.46 -11.58
CA ARG A 986 25.13 9.64 -12.27
C ARG A 986 24.42 10.63 -11.34
N LEU A 987 24.21 10.27 -10.08
CA LEU A 987 23.54 11.14 -9.12
C LEU A 987 24.37 11.26 -7.86
N ASP A 988 24.16 12.35 -7.13
CA ASP A 988 24.76 12.48 -5.81
C ASP A 988 24.16 11.45 -4.86
N PRO A 989 24.92 11.01 -3.86
CA PRO A 989 24.43 9.97 -2.94
C PRO A 989 23.12 10.36 -2.25
N PRO A 990 22.91 11.64 -1.87
CA PRO A 990 21.62 11.98 -1.24
C PRO A 990 20.41 11.63 -2.07
N GLU A 991 20.45 11.85 -3.39
CA GLU A 991 19.32 11.47 -4.24
C GLU A 991 19.43 10.05 -4.76
N ALA A 992 20.62 9.47 -4.75
CA ALA A 992 20.75 8.04 -5.04
C ALA A 992 20.04 7.22 -3.98
N GLU A 993 20.12 7.65 -2.72
CA GLU A 993 19.37 6.99 -1.65
C GLU A 993 17.87 7.11 -1.89
N VAL A 994 17.41 8.28 -2.35
CA VAL A 994 15.99 8.47 -2.65
C VAL A 994 15.56 7.53 -3.78
N GLN A 995 16.39 7.38 -4.81
CA GLN A 995 16.11 6.44 -5.87
C GLN A 995 16.05 5.02 -5.34
N ILE A 996 16.96 4.67 -4.42
CA ILE A 996 16.91 3.38 -3.76
C ILE A 996 15.56 3.18 -3.10
N ASP A 997 15.11 4.18 -2.35
CA ASP A 997 13.86 4.09 -1.63
C ASP A 997 12.70 3.87 -2.59
N ARG A 998 12.62 4.67 -3.65
CA ARG A 998 11.53 4.54 -4.60
C ARG A 998 11.53 3.16 -5.25
N LEU A 999 12.71 2.69 -5.69
CA LEU A 999 12.81 1.40 -6.36
C LEU A 999 12.35 0.28 -5.43
N ILE A 1000 12.86 0.27 -4.21
CA ILE A 1000 12.57 -0.84 -3.30
C ILE A 1000 11.11 -0.79 -2.86
N THR A 1001 10.56 0.41 -2.67
CA THR A 1001 9.13 0.50 -2.34
C THR A 1001 8.28 -0.04 -3.47
N GLY A 1002 8.60 0.31 -4.72
CA GLY A 1002 7.84 -0.23 -5.83
C GLY A 1002 7.91 -1.73 -5.91
N ARG A 1003 9.13 -2.28 -5.79
CA ARG A 1003 9.28 -3.73 -5.88
C ARG A 1003 8.57 -4.43 -4.72
N LEU A 1004 8.68 -3.87 -3.52
CA LEU A 1004 8.01 -4.46 -2.36
C LEU A 1004 6.50 -4.45 -2.52
N GLN A 1005 5.95 -3.34 -3.04
CA GLN A 1005 4.51 -3.30 -3.29
C GLN A 1005 4.10 -4.34 -4.30
N SER A 1006 4.89 -4.51 -5.36
CA SER A 1006 4.58 -5.55 -6.34
C SER A 1006 4.59 -6.93 -5.68
N LEU A 1007 5.59 -7.19 -4.84
CA LEU A 1007 5.65 -8.46 -4.13
C LEU A 1007 4.43 -8.66 -3.25
N GLN A 1008 4.04 -7.61 -2.52
CA GLN A 1008 2.90 -7.74 -1.61
C GLN A 1008 1.61 -8.01 -2.37
N THR A 1009 1.44 -7.37 -3.52
CA THR A 1009 0.28 -7.67 -4.37
C THR A 1009 0.32 -9.12 -4.81
N TYR A 1010 1.50 -9.60 -5.24
CA TYR A 1010 1.65 -11.00 -5.60
C TYR A 1010 1.25 -11.90 -4.44
N VAL A 1011 1.70 -11.58 -3.24
CA VAL A 1011 1.44 -12.42 -2.07
C VAL A 1011 -0.05 -12.44 -1.78
N THR A 1012 -0.72 -11.29 -1.86
CA THR A 1012 -2.16 -11.26 -1.59
C THR A 1012 -2.92 -12.09 -2.62
N GLN A 1013 -2.54 -11.97 -3.90
CA GLN A 1013 -3.16 -12.81 -4.92
C GLN A 1013 -2.92 -14.28 -4.62
N GLN A 1014 -1.70 -14.61 -4.20
CA GLN A 1014 -1.40 -15.98 -3.81
C GLN A 1014 -2.26 -16.41 -2.63
N LEU A 1015 -2.53 -15.49 -1.70
CA LEU A 1015 -3.35 -15.82 -0.54
C LEU A 1015 -4.77 -16.19 -0.95
N ILE A 1016 -5.36 -15.38 -1.83
CA ILE A 1016 -6.74 -15.67 -2.23
C ILE A 1016 -6.78 -16.93 -3.09
N ARG A 1017 -5.81 -17.09 -3.99
CA ARG A 1017 -5.74 -18.33 -4.75
C ARG A 1017 -5.60 -19.52 -3.81
N ALA A 1018 -4.80 -19.36 -2.75
CA ALA A 1018 -4.63 -20.42 -1.76
C ALA A 1018 -5.92 -20.70 -1.02
N ALA A 1019 -6.71 -19.66 -0.72
CA ALA A 1019 -7.99 -19.89 -0.07
C ALA A 1019 -8.93 -20.68 -0.98
N GLU A 1020 -8.95 -20.34 -2.26
CA GLU A 1020 -9.76 -21.10 -3.21
C GLU A 1020 -9.28 -22.54 -3.31
N ILE A 1021 -7.96 -22.73 -3.38
CA ILE A 1021 -7.40 -24.08 -3.39
C ILE A 1021 -7.70 -24.81 -2.10
N ARG A 1022 -7.75 -24.10 -0.98
CA ARG A 1022 -8.08 -24.70 0.30
C ARG A 1022 -9.52 -25.19 0.31
N ALA A 1023 -10.43 -24.38 -0.22
CA ALA A 1023 -11.82 -24.82 -0.36
C ALA A 1023 -11.89 -26.05 -1.26
N SER A 1024 -11.21 -26.02 -2.40
CA SER A 1024 -11.20 -27.17 -3.29
C SER A 1024 -10.58 -28.38 -2.62
N ALA A 1025 -9.59 -28.17 -1.76
CA ALA A 1025 -8.91 -29.30 -1.12
C ALA A 1025 -9.78 -29.93 -0.05
N ASN A 1026 -10.48 -29.12 0.73
CA ASN A 1026 -11.49 -29.68 1.62
C ASN A 1026 -12.54 -30.42 0.82
N LEU A 1027 -12.92 -29.87 -0.33
CA LEU A 1027 -13.85 -30.55 -1.23
C LEU A 1027 -13.31 -31.92 -1.63
N ALA A 1028 -12.03 -31.98 -1.99
CA ALA A 1028 -11.44 -33.23 -2.44
C ALA A 1028 -11.33 -34.22 -1.28
N ALA A 1029 -11.03 -33.74 -0.08
CA ALA A 1029 -11.00 -34.61 1.09
C ALA A 1029 -12.38 -35.20 1.35
N THR A 1030 -13.42 -34.38 1.24
CA THR A 1030 -14.78 -34.89 1.37
C THR A 1030 -15.08 -35.92 0.29
N LYS A 1031 -14.62 -35.66 -0.94
CA LYS A 1031 -14.83 -36.61 -2.01
C LYS A 1031 -14.14 -37.94 -1.71
N MET A 1032 -12.90 -37.88 -1.23
CA MET A 1032 -12.18 -39.09 -0.86
C MET A 1032 -12.92 -39.86 0.23
N SER A 1033 -13.40 -39.14 1.24
CA SER A 1033 -14.02 -39.80 2.38
C SER A 1033 -15.37 -40.40 2.02
N GLU A 1034 -16.22 -39.64 1.33
CA GLU A 1034 -17.61 -40.04 1.10
C GLU A 1034 -17.84 -40.76 -0.21
N CYS A 1035 -16.92 -40.69 -1.16
CA CYS A 1035 -17.03 -41.41 -2.41
C CYS A 1035 -16.14 -42.64 -2.47
N VAL A 1036 -15.03 -42.66 -1.72
CA VAL A 1036 -14.08 -43.76 -1.75
C VAL A 1036 -14.11 -44.56 -0.45
N LEU A 1037 -13.83 -43.91 0.69
CA LEU A 1037 -13.91 -44.58 1.98
C LEU A 1037 -15.32 -45.03 2.33
N GLY A 1038 -16.29 -44.77 1.46
CA GLY A 1038 -17.64 -45.22 1.67
C GLY A 1038 -18.50 -44.76 0.51
N GLN A 1039 -19.74 -45.23 0.51
CA GLN A 1039 -20.70 -44.86 -0.51
C GLN A 1039 -21.36 -43.54 -0.16
N SER A 1040 -21.71 -42.76 -1.17
CA SER A 1040 -22.46 -41.53 -0.99
C SER A 1040 -23.81 -41.66 -1.68
N LYS A 1041 -24.89 -41.49 -0.93
CA LYS A 1041 -26.20 -41.32 -1.52
C LYS A 1041 -26.43 -39.92 -2.05
N ARG A 1042 -25.53 -39.00 -1.73
CA ARG A 1042 -25.64 -37.61 -2.17
C ARG A 1042 -25.37 -37.53 -3.66
N VAL A 1043 -26.45 -37.48 -4.44
CA VAL A 1043 -26.35 -37.57 -5.89
C VAL A 1043 -25.68 -36.33 -6.46
N ASP A 1044 -24.99 -36.51 -7.59
CA ASP A 1044 -24.37 -35.42 -8.34
C ASP A 1044 -23.31 -34.70 -7.53
N PHE A 1045 -22.70 -35.39 -6.59
CA PHE A 1045 -21.47 -34.93 -5.97
C PHE A 1045 -20.27 -35.79 -6.34
N CYS A 1046 -20.43 -37.11 -6.35
CA CYS A 1046 -19.36 -38.03 -6.71
C CYS A 1046 -19.52 -38.51 -8.16
N GLY A 1047 -20.03 -37.66 -9.02
CA GLY A 1047 -20.31 -38.01 -10.40
C GLY A 1047 -21.80 -38.03 -10.68
N LYS A 1048 -22.12 -37.92 -11.97
CA LYS A 1048 -23.51 -37.84 -12.39
C LYS A 1048 -24.24 -39.15 -12.12
N GLY A 1049 -25.48 -39.05 -11.67
CA GLY A 1049 -26.28 -40.22 -11.38
C GLY A 1049 -26.01 -40.78 -10.01
N TYR A 1050 -26.74 -41.83 -9.69
CA TYR A 1050 -26.50 -42.56 -8.44
C TYR A 1050 -25.06 -43.04 -8.41
N HIS A 1051 -24.30 -42.57 -7.42
CA HIS A 1051 -22.88 -42.89 -7.35
C HIS A 1051 -22.63 -44.18 -6.59
N LEU A 1052 -21.70 -44.99 -7.09
CA LEU A 1052 -21.36 -46.27 -6.47
C LEU A 1052 -20.08 -46.17 -5.63
N MET A 1053 -18.96 -45.82 -6.27
CA MET A 1053 -17.66 -45.94 -5.63
C MET A 1053 -16.64 -45.33 -6.58
N SER A 1054 -15.43 -45.07 -6.07
CA SER A 1054 -14.44 -44.31 -6.82
C SER A 1054 -13.03 -44.82 -6.54
N PHE A 1055 -12.11 -44.43 -7.42
CA PHE A 1055 -10.69 -44.78 -7.41
C PHE A 1055 -9.83 -43.55 -7.52
N PRO A 1056 -8.83 -43.40 -6.66
CA PRO A 1056 -7.89 -42.27 -6.79
C PRO A 1056 -6.70 -42.60 -7.68
N GLN A 1057 -5.98 -41.55 -8.06
CA GLN A 1057 -4.72 -41.64 -8.78
C GLN A 1057 -3.96 -40.34 -8.60
N SER A 1058 -2.64 -40.43 -8.55
CA SER A 1058 -1.82 -39.26 -8.28
C SER A 1058 -1.91 -38.26 -9.43
N ALA A 1059 -1.52 -37.02 -9.13
CA ALA A 1059 -1.51 -35.95 -10.11
C ALA A 1059 -0.66 -34.82 -9.58
N PRO A 1060 0.07 -34.11 -10.44
CA PRO A 1060 0.95 -33.03 -9.96
C PRO A 1060 0.15 -31.98 -9.20
N HIS A 1061 0.46 -31.86 -7.91
CA HIS A 1061 -0.23 -30.94 -6.99
C HIS A 1061 -1.73 -31.22 -6.92
N GLY A 1062 -2.17 -32.35 -7.43
CA GLY A 1062 -3.58 -32.65 -7.47
C GLY A 1062 -3.85 -34.12 -7.38
N VAL A 1063 -5.06 -34.50 -7.80
CA VAL A 1063 -5.49 -35.89 -7.78
C VAL A 1063 -6.56 -36.06 -8.83
N VAL A 1064 -6.75 -37.29 -9.29
CA VAL A 1064 -7.78 -37.63 -10.26
C VAL A 1064 -8.61 -38.76 -9.70
N PHE A 1065 -9.93 -38.59 -9.73
CA PHE A 1065 -10.87 -39.56 -9.18
C PHE A 1065 -11.72 -40.16 -10.30
N LEU A 1066 -11.82 -41.48 -10.30
CA LEU A 1066 -12.59 -42.21 -11.30
C LEU A 1066 -13.81 -42.82 -10.60
N HIS A 1067 -14.99 -42.44 -11.05
CA HIS A 1067 -16.23 -42.80 -10.36
C HIS A 1067 -17.03 -43.85 -11.11
N VAL A 1068 -17.67 -44.73 -10.35
CA VAL A 1068 -18.60 -45.73 -10.86
C VAL A 1068 -20.02 -45.23 -10.59
N THR A 1069 -20.79 -45.03 -11.66
CA THR A 1069 -22.16 -44.56 -11.54
C THR A 1069 -23.09 -45.45 -12.36
N TYR A 1070 -24.22 -45.81 -11.77
CA TYR A 1070 -25.25 -46.61 -12.44
C TYR A 1070 -26.16 -45.65 -13.19
N VAL A 1071 -26.01 -45.61 -14.51
CA VAL A 1071 -26.78 -44.71 -15.37
C VAL A 1071 -27.78 -45.56 -16.15
N PRO A 1072 -29.07 -45.38 -15.95
CA PRO A 1072 -30.05 -46.27 -16.57
C PRO A 1072 -30.26 -45.97 -18.05
N ALA A 1073 -30.83 -46.95 -18.75
CA ALA A 1073 -31.12 -46.82 -20.17
C ALA A 1073 -32.19 -47.83 -20.54
N GLN A 1074 -32.70 -47.69 -21.77
CA GLN A 1074 -33.71 -48.60 -22.34
C GLN A 1074 -34.97 -48.64 -21.48
N GLU A 1075 -35.61 -47.48 -21.38
CA GLU A 1075 -36.89 -47.38 -20.68
C GLU A 1075 -38.00 -48.01 -21.50
N LYS A 1076 -39.06 -48.43 -20.82
CA LYS A 1076 -40.19 -49.07 -21.48
C LYS A 1076 -41.44 -48.91 -20.63
N ASN A 1077 -42.54 -48.55 -21.26
CA ASN A 1077 -43.84 -48.49 -20.58
C ASN A 1077 -44.23 -49.87 -20.07
N PHE A 1078 -44.93 -49.91 -18.94
CA PHE A 1078 -45.36 -51.20 -18.41
C PHE A 1078 -46.73 -51.07 -17.79
N THR A 1079 -47.52 -52.14 -17.92
CA THR A 1079 -48.89 -52.18 -17.42
C THR A 1079 -48.87 -52.45 -15.92
N THR A 1080 -49.13 -51.42 -15.13
CA THR A 1080 -49.03 -51.50 -13.68
C THR A 1080 -50.40 -51.30 -13.03
N ALA A 1081 -50.58 -51.93 -11.87
CA ALA A 1081 -51.81 -51.84 -11.11
C ALA A 1081 -51.55 -51.28 -9.72
N PRO A 1082 -52.40 -50.36 -9.24
CA PRO A 1082 -52.21 -49.81 -7.89
C PRO A 1082 -52.48 -50.83 -6.80
N ALA A 1083 -53.59 -51.56 -6.94
CA ALA A 1083 -53.99 -52.57 -5.98
C ALA A 1083 -54.91 -53.57 -6.67
N ILE A 1084 -54.79 -54.83 -6.26
CA ILE A 1084 -55.64 -55.90 -6.76
C ILE A 1084 -56.69 -56.19 -5.70
N CYS A 1085 -57.92 -55.74 -5.94
CA CYS A 1085 -58.98 -55.82 -4.94
C CYS A 1085 -59.59 -57.21 -4.97
N HIS A 1086 -59.01 -58.11 -4.18
CA HIS A 1086 -59.51 -59.47 -4.02
C HIS A 1086 -60.03 -59.62 -2.59
N ASP A 1087 -61.30 -60.05 -2.48
CA ASP A 1087 -61.97 -60.21 -1.19
C ASP A 1087 -61.97 -58.92 -0.38
N GLY A 1088 -62.03 -57.78 -1.08
CA GLY A 1088 -62.07 -56.49 -0.40
C GLY A 1088 -60.75 -56.02 0.16
N LYS A 1089 -59.63 -56.57 -0.30
CA LYS A 1089 -58.31 -56.18 0.19
C LYS A 1089 -57.52 -55.54 -0.94
N ALA A 1090 -57.02 -54.33 -0.68
CA ALA A 1090 -56.16 -53.62 -1.62
C ALA A 1090 -54.71 -53.90 -1.26
N HIS A 1091 -53.95 -54.43 -2.22
CA HIS A 1091 -52.63 -54.99 -1.96
C HIS A 1091 -51.55 -53.97 -2.29
N PHE A 1092 -50.63 -53.73 -1.35
CA PHE A 1092 -49.46 -52.89 -1.51
C PHE A 1092 -48.19 -53.65 -1.19
N PRO A 1093 -47.11 -53.43 -1.94
CA PRO A 1093 -45.80 -53.98 -1.58
C PRO A 1093 -45.00 -52.99 -0.75
N ARG A 1094 -43.94 -53.52 -0.13
CA ARG A 1094 -43.03 -52.65 0.61
C ARG A 1094 -42.21 -51.79 -0.35
N GLU A 1095 -41.65 -52.42 -1.39
CA GLU A 1095 -40.69 -51.76 -2.26
C GLU A 1095 -40.97 -51.92 -3.75
N GLY A 1096 -41.68 -52.98 -4.16
CA GLY A 1096 -41.90 -53.25 -5.57
C GLY A 1096 -43.16 -52.61 -6.11
N VAL A 1097 -43.27 -52.63 -7.44
CA VAL A 1097 -44.45 -52.16 -8.14
C VAL A 1097 -44.99 -53.29 -8.99
N PHE A 1098 -46.30 -53.54 -8.89
CA PHE A 1098 -46.93 -54.62 -9.65
C PHE A 1098 -47.10 -54.21 -11.10
N VAL A 1099 -46.57 -55.02 -12.02
CA VAL A 1099 -46.62 -54.73 -13.45
C VAL A 1099 -47.00 -55.99 -14.20
N SER A 1100 -47.43 -55.80 -15.45
CA SER A 1100 -47.83 -56.90 -16.32
C SER A 1100 -47.14 -56.76 -17.67
N ASN A 1101 -46.62 -57.89 -18.19
CA ASN A 1101 -46.12 -57.93 -19.55
C ASN A 1101 -47.22 -58.15 -20.57
N GLY A 1102 -48.43 -58.46 -20.14
CA GLY A 1102 -49.53 -58.69 -21.05
C GLY A 1102 -50.39 -59.89 -20.68
N THR A 1103 -49.78 -60.90 -20.08
CA THR A 1103 -50.52 -62.11 -19.73
C THR A 1103 -50.31 -62.51 -18.26
N HIS A 1104 -49.19 -62.09 -17.68
CA HIS A 1104 -48.88 -62.38 -16.29
C HIS A 1104 -48.51 -61.09 -15.57
N TRP A 1105 -48.77 -61.06 -14.26
CA TRP A 1105 -48.57 -59.89 -13.43
C TRP A 1105 -47.41 -60.16 -12.47
N PHE A 1106 -46.44 -59.25 -12.43
CA PHE A 1106 -45.26 -59.43 -11.61
C PHE A 1106 -44.94 -58.14 -10.87
N VAL A 1107 -44.12 -58.27 -9.83
CA VAL A 1107 -43.71 -57.16 -8.97
C VAL A 1107 -42.26 -56.80 -9.30
N THR A 1108 -41.99 -55.51 -9.49
CA THR A 1108 -40.68 -55.02 -9.84
C THR A 1108 -40.32 -53.80 -9.00
N GLN A 1109 -39.02 -53.55 -8.86
CA GLN A 1109 -38.53 -52.52 -7.96
C GLN A 1109 -38.59 -51.14 -8.62
N ARG A 1110 -37.93 -50.17 -7.99
CA ARG A 1110 -38.09 -48.77 -8.38
C ARG A 1110 -37.19 -48.39 -9.54
N ASN A 1111 -35.88 -48.62 -9.41
CA ASN A 1111 -34.91 -48.14 -10.40
C ASN A 1111 -34.45 -49.22 -11.37
N PHE A 1112 -35.11 -50.37 -11.39
CA PHE A 1112 -34.83 -51.39 -12.40
C PHE A 1112 -36.03 -52.31 -12.53
N TYR A 1113 -36.21 -52.87 -13.71
CA TYR A 1113 -37.34 -53.74 -14.00
C TYR A 1113 -36.96 -55.17 -13.64
N GLU A 1114 -37.34 -55.61 -12.44
CA GLU A 1114 -37.03 -56.97 -12.00
C GLU A 1114 -38.29 -57.69 -11.51
N PRO A 1115 -38.88 -58.54 -12.35
CA PRO A 1115 -40.08 -59.28 -11.92
C PRO A 1115 -39.77 -60.27 -10.80
N GLN A 1116 -40.77 -60.47 -9.94
CA GLN A 1116 -40.66 -61.40 -8.82
C GLN A 1116 -42.03 -62.03 -8.56
N ILE A 1117 -42.02 -63.17 -7.89
CA ILE A 1117 -43.25 -63.92 -7.63
C ILE A 1117 -44.03 -63.22 -6.52
N ILE A 1118 -45.31 -62.96 -6.80
CA ILE A 1118 -46.20 -62.29 -5.87
C ILE A 1118 -46.96 -63.36 -5.08
N THR A 1119 -46.64 -63.49 -3.81
CA THR A 1119 -47.27 -64.46 -2.92
C THR A 1119 -47.87 -63.75 -1.71
N THR A 1120 -48.37 -64.55 -0.77
CA THR A 1120 -48.84 -64.00 0.50
C THR A 1120 -47.67 -63.50 1.34
N ASP A 1121 -46.49 -64.09 1.17
CA ASP A 1121 -45.33 -63.70 1.97
C ASP A 1121 -44.78 -62.35 1.55
N ASN A 1122 -44.68 -62.12 0.24
CA ASN A 1122 -43.99 -60.96 -0.31
C ASN A 1122 -44.90 -59.76 -0.51
N THR A 1123 -46.13 -59.81 0.00
CA THR A 1123 -47.06 -58.69 -0.09
C THR A 1123 -47.76 -58.51 1.24
N PHE A 1124 -48.24 -57.29 1.48
CA PHE A 1124 -49.02 -56.98 2.67
C PHE A 1124 -50.27 -56.21 2.27
N VAL A 1125 -51.35 -56.40 3.03
CA VAL A 1125 -52.61 -55.72 2.79
C VAL A 1125 -52.69 -54.53 3.72
N SER A 1126 -52.79 -53.33 3.14
CA SER A 1126 -52.93 -52.10 3.91
C SER A 1126 -54.06 -51.28 3.31
N GLY A 1127 -55.11 -51.08 4.09
CA GLY A 1127 -56.25 -50.31 3.64
C GLY A 1127 -57.19 -51.10 2.77
N ASN A 1128 -58.37 -50.52 2.54
CA ASN A 1128 -59.39 -51.15 1.71
C ASN A 1128 -59.24 -50.68 0.27
N CYS A 1129 -60.14 -51.12 -0.59
CA CYS A 1129 -60.13 -50.75 -2.00
C CYS A 1129 -60.80 -49.41 -2.27
N ASP A 1130 -61.47 -48.82 -1.29
CA ASP A 1130 -62.20 -47.57 -1.47
C ASP A 1130 -61.31 -46.34 -1.30
N VAL A 1131 -60.02 -46.53 -1.03
CA VAL A 1131 -59.08 -45.43 -0.94
C VAL A 1131 -58.05 -45.45 -2.07
N VAL A 1132 -57.76 -46.63 -2.64
CA VAL A 1132 -56.77 -46.73 -3.71
C VAL A 1132 -57.37 -46.20 -5.01
N ILE A 1133 -56.60 -45.38 -5.72
CA ILE A 1133 -56.99 -44.89 -7.04
C ILE A 1133 -56.63 -45.95 -8.06
N GLY A 1134 -57.62 -46.41 -8.83
CA GLY A 1134 -57.38 -47.46 -9.80
C GLY A 1134 -57.97 -48.80 -9.45
N ILE A 1135 -59.20 -48.82 -8.92
CA ILE A 1135 -59.85 -50.08 -8.58
C ILE A 1135 -59.95 -50.98 -9.81
N VAL A 1136 -59.48 -52.22 -9.66
CA VAL A 1136 -59.51 -53.21 -10.73
C VAL A 1136 -60.03 -54.53 -10.17
N ASN A 1137 -60.53 -55.38 -11.07
CA ASN A 1137 -61.02 -56.70 -10.73
C ASN A 1137 -60.19 -57.73 -11.48
N ASN A 1138 -59.56 -58.65 -10.75
CA ASN A 1138 -58.74 -59.70 -11.35
C ASN A 1138 -58.83 -60.98 -10.55
N ALA B 33 -43.37 33.90 23.39
CA ALA B 33 -42.09 34.52 23.08
C ALA B 33 -41.26 33.65 22.14
N TYR B 34 -41.40 32.34 22.28
CA TYR B 34 -40.67 31.38 21.49
C TYR B 34 -41.62 30.45 20.76
N THR B 35 -41.21 30.04 19.55
CA THR B 35 -42.02 29.15 18.73
C THR B 35 -41.11 28.32 17.85
N ASN B 36 -41.66 27.23 17.31
CA ASN B 36 -40.92 26.32 16.45
C ASN B 36 -40.72 26.93 15.06
N SER B 37 -39.47 26.92 14.60
CA SER B 37 -39.20 27.34 13.21
C SER B 37 -39.66 26.31 12.20
N PHE B 38 -39.92 25.08 12.62
CA PHE B 38 -40.48 24.00 11.80
C PHE B 38 -39.53 23.68 10.65
N THR B 39 -40.00 23.59 9.40
CA THR B 39 -39.20 23.01 8.33
C THR B 39 -38.99 23.98 7.17
N ARG B 40 -38.56 25.21 7.45
CA ARG B 40 -38.31 26.19 6.40
C ARG B 40 -36.82 26.34 6.16
N GLY B 41 -36.48 26.83 4.97
CA GLY B 41 -35.11 27.09 4.59
C GLY B 41 -34.53 26.16 3.54
N VAL B 42 -35.26 25.12 3.13
CA VAL B 42 -34.75 24.15 2.19
C VAL B 42 -34.75 24.74 0.79
N TYR B 43 -33.66 24.53 0.05
CA TYR B 43 -33.47 25.16 -1.25
C TYR B 43 -32.63 24.27 -2.14
N TYR B 44 -32.72 24.51 -3.45
CA TYR B 44 -31.88 23.83 -4.41
C TYR B 44 -30.48 24.43 -4.35
N PRO B 45 -29.42 23.62 -4.16
CA PRO B 45 -28.09 24.20 -3.96
C PRO B 45 -27.60 25.07 -5.11
N ASP B 46 -27.90 24.69 -6.35
CA ASP B 46 -27.43 25.42 -7.51
C ASP B 46 -28.28 25.04 -8.71
N LYS B 47 -27.79 25.37 -9.91
CA LYS B 47 -28.56 25.25 -11.15
C LYS B 47 -28.48 23.87 -11.79
N VAL B 48 -28.17 22.84 -11.01
CA VAL B 48 -28.04 21.48 -11.55
C VAL B 48 -29.34 20.72 -11.30
N PHE B 49 -29.65 19.78 -12.17
CA PHE B 49 -30.85 18.97 -12.06
C PHE B 49 -30.50 17.58 -11.56
N ARG B 50 -31.39 17.02 -10.75
CA ARG B 50 -31.26 15.66 -10.24
C ARG B 50 -32.61 14.96 -10.36
N SER B 51 -32.61 13.75 -10.90
CA SER B 51 -33.85 13.03 -11.21
C SER B 51 -33.97 11.81 -10.30
N SER B 52 -34.89 11.87 -9.35
CA SER B 52 -35.22 10.75 -8.47
C SER B 52 -33.99 10.18 -7.77
N VAL B 53 -33.05 11.04 -7.38
CA VAL B 53 -31.85 10.63 -6.68
C VAL B 53 -31.72 11.46 -5.41
N LEU B 54 -31.02 10.90 -4.43
CA LEU B 54 -30.83 11.53 -3.14
C LEU B 54 -29.39 11.98 -3.01
N HIS B 55 -29.19 13.26 -2.75
CA HIS B 55 -27.87 13.85 -2.59
C HIS B 55 -27.75 14.45 -1.19
N SER B 56 -26.59 14.28 -0.58
CA SER B 56 -26.28 14.89 0.70
C SER B 56 -25.20 15.93 0.50
N THR B 57 -25.46 17.15 0.97
CA THR B 57 -24.56 18.27 0.77
C THR B 57 -24.16 18.87 2.11
N GLN B 58 -23.05 19.59 2.11
CA GLN B 58 -22.49 20.19 3.32
C GLN B 58 -22.27 21.67 3.07
N ASP B 59 -23.23 22.49 3.49
CA ASP B 59 -23.12 23.94 3.43
C ASP B 59 -23.78 24.52 4.69
N LEU B 60 -23.94 25.83 4.70
CA LEU B 60 -24.58 26.51 5.83
C LEU B 60 -26.09 26.32 5.72
N PHE B 61 -26.69 25.63 6.69
CA PHE B 61 -28.09 25.23 6.61
C PHE B 61 -28.82 25.59 7.89
N LEU B 62 -30.11 25.84 7.73
CA LEU B 62 -30.98 26.21 8.84
C LEU B 62 -31.42 24.97 9.60
N PRO B 63 -31.26 24.93 10.93
CA PRO B 63 -31.67 23.74 11.69
C PRO B 63 -33.17 23.56 11.68
N PHE B 64 -33.61 22.35 11.98
CA PHE B 64 -35.01 21.98 11.91
C PHE B 64 -35.60 21.84 13.31
N PHE B 65 -36.91 22.06 13.40
CA PHE B 65 -37.62 22.08 14.68
C PHE B 65 -36.93 23.04 15.65
N SER B 66 -36.52 24.19 15.14
CA SER B 66 -35.72 25.14 15.89
C SER B 66 -36.61 26.15 16.60
N ASN B 67 -36.22 26.51 17.81
CA ASN B 67 -37.02 27.37 18.67
C ASN B 67 -36.70 28.81 18.32
N VAL B 68 -37.59 29.46 17.57
CA VAL B 68 -37.38 30.81 17.06
C VAL B 68 -38.27 31.78 17.81
N THR B 69 -37.74 32.98 18.07
CA THR B 69 -38.50 34.01 18.77
C THR B 69 -39.65 34.51 17.88
N TRP B 70 -40.75 34.89 18.52
CA TRP B 70 -41.94 35.38 17.85
C TRP B 70 -42.05 36.89 18.01
N PHE B 71 -42.26 37.59 16.90
CA PHE B 71 -42.34 39.05 16.89
C PHE B 71 -43.80 39.52 16.91
N HIS B 72 -43.99 40.76 17.34
CA HIS B 72 -45.30 41.39 17.44
C HIS B 72 -45.26 42.76 16.82
N VAL B 73 -46.35 43.14 16.14
CA VAL B 73 -46.49 44.46 15.55
C VAL B 73 -47.83 45.04 16.01
N ILE B 74 -47.78 46.18 16.70
CA ILE B 74 -48.99 46.84 17.17
C ILE B 74 -48.82 48.35 17.11
N LYS B 81 -47.75 51.82 23.37
CA LYS B 81 -47.06 52.11 22.12
C LYS B 81 -45.64 51.58 22.13
N ARG B 82 -45.50 50.27 21.95
CA ARG B 82 -44.19 49.62 21.93
C ARG B 82 -43.83 49.27 20.49
N PHE B 83 -42.65 49.72 20.07
CA PHE B 83 -42.12 49.44 18.74
C PHE B 83 -40.85 48.63 18.90
N ASP B 84 -40.84 47.43 18.32
CA ASP B 84 -39.66 46.58 18.30
C ASP B 84 -38.97 46.75 16.95
N ASN B 85 -37.82 47.44 16.95
CA ASN B 85 -37.04 47.68 15.75
C ASN B 85 -35.63 47.18 15.99
N PRO B 86 -35.42 45.88 15.94
CA PRO B 86 -34.08 45.32 16.13
C PRO B 86 -33.33 45.22 14.81
N VAL B 87 -32.01 45.12 14.92
CA VAL B 87 -31.14 44.96 13.77
C VAL B 87 -30.54 43.57 13.83
N LEU B 88 -30.94 42.72 12.89
CA LEU B 88 -30.52 41.32 12.91
C LEU B 88 -29.09 41.20 12.41
N PRO B 89 -28.21 40.51 13.13
CA PRO B 89 -26.83 40.32 12.64
C PRO B 89 -26.79 39.27 11.54
N PHE B 90 -26.11 39.60 10.43
CA PHE B 90 -25.99 38.67 9.32
C PHE B 90 -25.22 37.42 9.71
N ASN B 91 -24.07 37.60 10.37
CA ASN B 91 -23.19 36.49 10.75
C ASN B 91 -22.81 35.74 9.47
N ASP B 92 -23.00 34.43 9.41
CA ASP B 92 -22.68 33.67 8.20
C ASP B 92 -23.84 33.59 7.22
N GLY B 93 -25.01 34.10 7.56
CA GLY B 93 -26.15 34.10 6.66
C GLY B 93 -27.44 33.86 7.41
N VAL B 94 -28.55 34.15 6.74
CA VAL B 94 -29.88 34.02 7.32
C VAL B 94 -30.87 33.56 6.26
N TYR B 95 -31.87 32.81 6.70
CA TYR B 95 -33.05 32.51 5.90
C TYR B 95 -34.13 33.50 6.31
N PHE B 96 -34.44 34.46 5.43
CA PHE B 96 -35.35 35.56 5.74
C PHE B 96 -36.62 35.39 4.91
N ALA B 97 -37.70 35.00 5.58
CA ALA B 97 -39.02 34.87 4.95
C ALA B 97 -39.95 35.91 5.54
N SER B 98 -40.89 36.39 4.72
CA SER B 98 -41.81 37.43 5.12
C SER B 98 -43.24 37.04 4.78
N ILE B 99 -44.16 37.27 5.71
CA ILE B 99 -45.60 37.18 5.41
C ILE B 99 -45.99 38.58 4.94
N GLU B 100 -45.77 38.82 3.65
CA GLU B 100 -45.84 40.17 3.09
C GLU B 100 -47.00 40.28 2.11
N LYS B 101 -47.84 41.29 2.31
CA LYS B 101 -48.90 41.64 1.38
C LYS B 101 -48.86 43.14 1.15
N SER B 102 -49.07 43.55 -0.11
CA SER B 102 -49.07 44.95 -0.53
C SER B 102 -47.71 45.63 -0.37
N ASN B 103 -46.66 44.87 -0.08
CA ASN B 103 -45.28 45.34 -0.14
C ASN B 103 -45.00 46.47 0.85
N ILE B 104 -45.15 46.17 2.14
CA ILE B 104 -44.61 47.06 3.16
C ILE B 104 -43.08 47.00 3.17
N ILE B 105 -42.52 45.79 3.16
CA ILE B 105 -41.07 45.63 3.16
C ILE B 105 -40.52 46.00 1.78
N ARG B 106 -39.53 46.88 1.76
CA ARG B 106 -38.98 47.42 0.52
C ARG B 106 -37.55 47.00 0.23
N GLY B 107 -36.64 47.14 1.20
CA GLY B 107 -35.26 46.83 0.94
C GLY B 107 -34.44 46.85 2.21
N TRP B 108 -33.20 46.39 2.08
CA TRP B 108 -32.28 46.25 3.19
C TRP B 108 -31.08 47.17 3.01
N ILE B 109 -30.34 47.37 4.09
CA ILE B 109 -29.08 48.13 4.06
C ILE B 109 -28.02 47.28 4.73
N PHE B 110 -26.95 46.97 3.99
CA PHE B 110 -25.83 46.18 4.50
C PHE B 110 -24.62 47.10 4.67
N GLY B 111 -24.00 47.05 5.84
CA GLY B 111 -22.83 47.87 6.09
C GLY B 111 -22.33 47.67 7.49
N THR B 112 -21.18 48.26 7.77
CA THR B 112 -20.57 48.21 9.10
C THR B 112 -20.18 49.58 9.63
N THR B 113 -19.75 50.50 8.75
CA THR B 113 -19.26 51.80 9.19
C THR B 113 -20.07 52.98 8.68
N LEU B 114 -20.79 52.82 7.55
CA LEU B 114 -21.66 53.86 7.00
C LEU B 114 -20.86 55.09 6.56
N ASP B 115 -19.85 54.86 5.73
CA ASP B 115 -19.09 55.95 5.12
C ASP B 115 -18.48 55.42 3.81
N SER B 116 -17.57 56.20 3.23
CA SER B 116 -17.00 55.84 1.94
C SER B 116 -15.93 54.77 2.04
N LYS B 117 -15.42 54.49 3.23
CA LYS B 117 -14.44 53.42 3.39
C LYS B 117 -15.06 52.06 3.08
N THR B 118 -16.30 51.85 3.50
CA THR B 118 -17.02 50.61 3.24
C THR B 118 -18.05 50.82 2.12
N GLN B 119 -18.57 49.70 1.62
CA GLN B 119 -19.51 49.69 0.52
C GLN B 119 -20.87 49.20 0.98
N SER B 120 -21.92 49.92 0.59
CA SER B 120 -23.27 49.64 1.05
C SER B 120 -24.18 49.27 -0.13
N LEU B 121 -25.01 48.25 0.08
CA LEU B 121 -25.91 47.74 -0.93
C LEU B 121 -27.34 48.21 -0.63
N LEU B 122 -28.02 48.74 -1.64
CA LEU B 122 -29.36 49.30 -1.49
C LEU B 122 -30.29 48.73 -2.56
N ILE B 123 -31.49 48.34 -2.12
CA ILE B 123 -32.52 47.82 -3.01
C ILE B 123 -33.78 48.62 -2.80
N VAL B 124 -34.40 49.07 -3.90
CA VAL B 124 -35.68 49.77 -3.84
C VAL B 124 -36.59 49.24 -4.94
N ASN B 125 -37.88 49.49 -4.78
CA ASN B 125 -38.91 49.10 -5.74
C ASN B 125 -39.75 50.34 -6.00
N ASN B 126 -39.37 51.10 -7.03
CA ASN B 126 -40.07 52.34 -7.36
C ASN B 126 -41.35 52.00 -8.12
N ALA B 127 -41.96 53.02 -8.73
CA ALA B 127 -43.31 52.89 -9.29
C ALA B 127 -43.39 51.89 -10.44
N THR B 128 -42.28 51.49 -11.05
CA THR B 128 -42.31 50.57 -12.18
C THR B 128 -41.63 49.24 -11.90
N ASN B 129 -40.37 49.25 -11.45
CA ASN B 129 -39.55 48.05 -11.40
C ASN B 129 -38.86 47.97 -10.04
N VAL B 130 -38.06 46.92 -9.87
CA VAL B 130 -37.23 46.73 -8.69
C VAL B 130 -35.81 47.14 -9.06
N VAL B 131 -35.27 48.11 -8.33
CA VAL B 131 -33.97 48.71 -8.61
C VAL B 131 -32.95 48.13 -7.64
N ILE B 132 -31.84 47.62 -8.18
CA ILE B 132 -30.74 47.08 -7.39
C ILE B 132 -29.54 47.98 -7.65
N LYS B 133 -29.04 48.63 -6.59
CA LYS B 133 -27.93 49.57 -6.73
C LYS B 133 -26.97 49.40 -5.57
N VAL B 134 -25.75 49.88 -5.77
CA VAL B 134 -24.72 49.93 -4.74
C VAL B 134 -24.10 51.32 -4.81
N CYS B 135 -24.55 52.23 -3.96
CA CYS B 135 -24.00 53.57 -3.86
C CYS B 135 -23.84 53.94 -2.39
N GLU B 136 -22.90 54.84 -2.13
CA GLU B 136 -22.51 55.17 -0.76
C GLU B 136 -23.41 56.31 -0.26
N PHE B 137 -24.61 55.94 0.16
CA PHE B 137 -25.55 56.90 0.74
C PHE B 137 -25.18 57.22 2.19
N GLN B 138 -25.33 58.49 2.56
CA GLN B 138 -25.14 58.94 3.93
C GLN B 138 -26.52 59.11 4.57
N PHE B 139 -27.06 58.00 5.06
CA PHE B 139 -28.36 58.00 5.70
C PHE B 139 -28.26 58.39 7.18
N CYS B 167 -21.06 56.05 -7.08
CA CYS B 167 -21.85 54.85 -7.28
C CYS B 167 -20.97 53.77 -7.88
N THR B 168 -21.11 52.54 -7.40
CA THR B 168 -20.22 51.46 -7.77
C THR B 168 -20.89 50.31 -8.51
N PHE B 169 -22.13 49.98 -8.19
CA PHE B 169 -22.78 48.83 -8.80
C PHE B 169 -24.28 49.07 -8.92
N GLU B 170 -24.86 48.60 -10.03
CA GLU B 170 -26.29 48.74 -10.30
C GLU B 170 -26.78 47.47 -10.99
N TYR B 171 -28.06 47.16 -10.78
CA TYR B 171 -28.67 45.99 -11.40
C TYR B 171 -30.18 46.20 -11.51
N VAL B 172 -30.79 45.55 -12.49
CA VAL B 172 -32.21 45.66 -12.77
C VAL B 172 -32.80 44.26 -12.90
N SER B 173 -33.95 44.03 -12.26
CA SER B 173 -34.66 42.77 -12.31
C SER B 173 -36.01 42.97 -13.01
N GLN B 174 -36.81 41.91 -13.03
CA GLN B 174 -38.14 41.99 -13.62
C GLN B 174 -39.06 42.82 -12.73
N PRO B 175 -40.08 43.44 -13.30
CA PRO B 175 -41.07 44.16 -12.47
C PRO B 175 -41.90 43.20 -11.64
N PHE B 176 -42.09 43.55 -10.36
CA PHE B 176 -42.96 42.77 -9.51
C PHE B 176 -44.43 42.95 -9.86
N LEU B 177 -44.76 43.98 -10.65
CA LEU B 177 -46.13 44.23 -11.07
C LEU B 177 -46.23 44.23 -12.58
N ASN B 186 -53.89 30.70 8.48
CA ASN B 186 -54.87 31.70 8.06
C ASN B 186 -54.21 32.75 7.17
N PHE B 187 -52.89 32.86 7.29
CA PHE B 187 -52.14 33.82 6.48
C PHE B 187 -52.18 33.40 5.02
N LYS B 188 -52.04 34.40 4.13
CA LYS B 188 -52.28 34.19 2.70
C LYS B 188 -51.04 34.30 1.85
N ASN B 189 -50.11 35.20 2.15
CA ASN B 189 -48.98 35.48 1.29
C ASN B 189 -47.67 35.19 1.99
N LEU B 190 -46.68 34.77 1.20
CA LEU B 190 -45.33 34.52 1.71
C LEU B 190 -44.31 34.98 0.67
N ARG B 191 -43.19 35.53 1.14
CA ARG B 191 -42.08 35.93 0.29
C ARG B 191 -40.79 35.50 0.98
N GLU B 192 -40.12 34.50 0.41
CA GLU B 192 -38.92 33.92 1.01
C GLU B 192 -37.68 34.47 0.30
N PHE B 193 -36.72 34.94 1.10
CA PHE B 193 -35.46 35.47 0.60
C PHE B 193 -34.31 34.78 1.32
N VAL B 194 -33.18 34.69 0.65
CA VAL B 194 -31.98 34.06 1.19
C VAL B 194 -30.84 35.06 1.11
N PHE B 195 -30.20 35.32 2.26
CA PHE B 195 -29.01 36.15 2.32
C PHE B 195 -27.82 35.22 2.61
N LYS B 196 -27.11 34.85 1.56
CA LYS B 196 -25.90 34.04 1.67
C LYS B 196 -24.71 34.80 1.11
N ASN B 197 -23.63 34.85 1.88
CA ASN B 197 -22.35 35.37 1.40
C ASN B 197 -21.34 34.25 1.60
N ILE B 198 -21.26 33.35 0.63
CA ILE B 198 -20.47 32.13 0.71
C ILE B 198 -19.30 32.28 -0.25
N ASP B 199 -18.11 32.57 0.29
CA ASP B 199 -16.91 32.79 -0.51
C ASP B 199 -17.14 33.89 -1.55
N GLY B 200 -17.82 34.95 -1.14
CA GLY B 200 -18.11 36.06 -2.01
C GLY B 200 -19.27 35.87 -2.96
N TYR B 201 -19.99 34.75 -2.86
CA TYR B 201 -21.11 34.44 -3.74
C TYR B 201 -22.41 34.78 -3.04
N PHE B 202 -23.34 35.38 -3.77
CA PHE B 202 -24.68 35.68 -3.28
C PHE B 202 -25.67 34.96 -4.19
N LYS B 203 -26.00 33.72 -3.84
CA LYS B 203 -27.01 32.97 -4.58
C LYS B 203 -28.39 33.48 -4.22
N ILE B 204 -29.19 33.75 -5.24
CA ILE B 204 -30.50 34.37 -5.08
C ILE B 204 -31.58 33.32 -5.30
N TYR B 205 -32.57 33.30 -4.43
CA TYR B 205 -33.68 32.37 -4.51
C TYR B 205 -34.98 33.12 -4.30
N SER B 206 -36.04 32.68 -4.98
CA SER B 206 -37.35 33.29 -4.84
C SER B 206 -38.41 32.21 -4.85
N LYS B 207 -39.35 32.28 -3.90
CA LYS B 207 -40.45 31.33 -3.86
C LYS B 207 -41.63 32.00 -3.17
N HIS B 208 -42.71 32.24 -3.91
CA HIS B 208 -43.93 32.82 -3.38
C HIS B 208 -45.07 31.83 -3.59
N THR B 209 -45.86 31.59 -2.54
CA THR B 209 -46.92 30.61 -2.59
C THR B 209 -48.13 31.13 -1.82
N PRO B 210 -49.31 31.16 -2.43
CA PRO B 210 -50.52 31.51 -1.68
C PRO B 210 -50.82 30.45 -0.63
N ILE B 211 -51.13 30.90 0.58
CA ILE B 211 -51.43 29.99 1.68
C ILE B 211 -52.72 30.39 2.37
N ASP B 218 -46.47 32.32 13.80
CA ASP B 218 -46.32 30.87 13.66
C ASP B 218 -46.22 30.47 12.20
N LEU B 219 -45.05 30.03 11.79
CA LEU B 219 -44.88 29.56 10.41
C LEU B 219 -45.64 28.25 10.22
N PRO B 220 -46.53 28.17 9.25
CA PRO B 220 -47.43 27.01 9.16
C PRO B 220 -46.70 25.75 8.73
N GLN B 221 -47.35 24.62 9.01
CA GLN B 221 -46.88 23.32 8.53
C GLN B 221 -47.06 23.23 7.03
N GLY B 222 -45.97 23.05 6.30
CA GLY B 222 -46.03 22.95 4.85
C GLY B 222 -44.64 22.70 4.31
N PHE B 223 -44.58 22.52 2.99
CA PHE B 223 -43.32 22.29 2.30
C PHE B 223 -43.13 23.30 1.17
N SER B 224 -41.91 23.80 1.03
CA SER B 224 -41.60 24.78 -0.01
C SER B 224 -40.09 24.84 -0.20
N ALA B 225 -39.63 24.64 -1.43
CA ALA B 225 -38.22 24.78 -1.77
C ALA B 225 -37.99 26.11 -2.47
N LEU B 226 -36.73 26.55 -2.45
CA LEU B 226 -36.34 27.83 -3.02
C LEU B 226 -35.46 27.60 -4.24
N GLU B 227 -36.02 27.85 -5.42
CA GLU B 227 -35.29 27.66 -6.66
C GLU B 227 -34.27 28.77 -6.85
N PRO B 228 -33.09 28.46 -7.39
CA PRO B 228 -32.07 29.50 -7.59
C PRO B 228 -32.39 30.35 -8.81
N LEU B 229 -32.08 31.64 -8.70
CA LEU B 229 -32.26 32.58 -9.79
C LEU B 229 -30.97 33.21 -10.25
N VAL B 230 -30.19 33.80 -9.35
CA VAL B 230 -28.95 34.49 -9.68
C VAL B 230 -27.88 34.09 -8.67
N ASP B 231 -26.69 33.77 -9.17
CA ASP B 231 -25.50 33.58 -8.34
C ASP B 231 -24.56 34.75 -8.65
N LEU B 232 -24.57 35.75 -7.78
CA LEU B 232 -23.79 36.97 -8.02
C LEU B 232 -22.54 36.95 -7.16
N PRO B 233 -21.34 36.90 -7.75
CA PRO B 233 -20.10 36.92 -6.97
C PRO B 233 -19.73 38.33 -6.50
N ILE B 234 -20.43 38.77 -5.45
CA ILE B 234 -20.20 40.12 -4.92
C ILE B 234 -18.79 40.25 -4.34
N GLY B 235 -18.33 39.24 -3.62
CA GLY B 235 -17.02 39.30 -3.01
C GLY B 235 -16.88 40.34 -1.91
N ILE B 236 -17.89 40.48 -1.06
CA ILE B 236 -17.86 41.42 0.05
C ILE B 236 -18.25 40.70 1.33
N ASN B 237 -17.86 41.28 2.46
CA ASN B 237 -18.15 40.73 3.77
C ASN B 237 -19.37 41.43 4.37
N ILE B 238 -20.31 40.62 4.85
CA ILE B 238 -21.55 41.13 5.44
C ILE B 238 -21.61 40.67 6.89
N THR B 239 -21.96 41.59 7.79
CA THR B 239 -22.15 41.28 9.20
C THR B 239 -23.46 41.81 9.74
N ARG B 240 -23.97 42.93 9.24
CA ARG B 240 -25.17 43.56 9.76
C ARG B 240 -26.18 43.74 8.63
N PHE B 241 -27.46 43.54 8.97
CA PHE B 241 -28.55 43.79 8.04
C PHE B 241 -29.81 44.09 8.83
N GLN B 242 -30.79 44.71 8.16
CA GLN B 242 -32.01 45.13 8.82
C GLN B 242 -33.03 45.50 7.75
N THR B 243 -34.30 45.14 8.00
CA THR B 243 -35.37 45.45 7.07
C THR B 243 -35.97 46.82 7.37
N LEU B 244 -36.44 47.47 6.32
CA LEU B 244 -36.97 48.83 6.41
C LEU B 244 -38.44 48.85 6.02
N LEU B 245 -39.20 49.69 6.71
CA LEU B 245 -40.64 49.79 6.52
C LEU B 245 -41.01 51.13 5.91
N ALA B 246 -42.27 51.25 5.50
CA ALA B 246 -42.82 52.49 4.99
C ALA B 246 -44.24 52.65 5.51
N LEU B 247 -44.59 53.87 5.89
CA LEU B 247 -45.94 54.14 6.36
C LEU B 247 -46.90 54.28 5.18
N HIS B 248 -48.19 54.31 5.49
CA HIS B 248 -49.24 54.36 4.47
C HIS B 248 -49.74 55.79 4.31
N ARG B 249 -49.76 56.26 3.07
CA ARG B 249 -50.28 57.58 2.73
C ARG B 249 -51.52 57.43 1.87
N SER B 250 -52.61 58.06 2.28
CA SER B 250 -53.87 57.96 1.55
C SER B 250 -54.74 59.19 1.79
N GLY B 260 -51.57 60.39 9.14
CA GLY B 260 -52.31 59.15 9.06
C GLY B 260 -51.43 57.96 8.69
N TRP B 261 -51.28 57.03 9.63
CA TRP B 261 -50.47 55.84 9.43
C TRP B 261 -51.22 54.62 9.96
N THR B 262 -51.06 53.50 9.27
CA THR B 262 -51.67 52.24 9.68
C THR B 262 -50.62 51.13 9.64
N ALA B 263 -50.52 50.40 10.74
CA ALA B 263 -49.57 49.30 10.86
C ALA B 263 -50.32 47.97 10.87
N GLY B 264 -49.94 47.06 9.98
CA GLY B 264 -50.59 45.77 9.92
C GLY B 264 -50.16 44.85 11.04
N ALA B 265 -50.89 43.74 11.15
CA ALA B 265 -50.61 42.72 12.17
C ALA B 265 -49.92 41.53 11.49
N ALA B 266 -48.65 41.33 11.82
CA ALA B 266 -47.88 40.23 11.23
C ALA B 266 -46.68 39.94 12.12
N ALA B 267 -46.01 38.84 11.82
CA ALA B 267 -44.81 38.43 12.53
C ALA B 267 -43.85 37.77 11.56
N TYR B 268 -42.58 38.17 11.62
CA TYR B 268 -41.53 37.58 10.81
C TYR B 268 -40.51 36.91 11.71
N TYR B 269 -39.73 36.01 11.14
CA TYR B 269 -38.80 35.19 11.91
C TYR B 269 -37.47 35.09 11.18
N VAL B 270 -36.40 35.00 11.94
CA VAL B 270 -35.04 34.89 11.41
C VAL B 270 -34.35 33.72 12.09
N GLY B 271 -33.81 32.80 11.29
CA GLY B 271 -32.97 31.73 11.77
C GLY B 271 -31.51 31.97 11.47
N TYR B 272 -30.76 30.88 11.44
CA TYR B 272 -29.34 30.94 11.12
C TYR B 272 -28.89 29.67 10.41
N LEU B 273 -27.95 29.83 9.50
CA LEU B 273 -27.41 28.71 8.74
C LEU B 273 -26.15 28.18 9.40
N GLN B 274 -26.04 26.86 9.47
CA GLN B 274 -24.89 26.19 10.07
C GLN B 274 -24.44 25.07 9.16
N PRO B 275 -23.16 24.66 9.26
CA PRO B 275 -22.71 23.54 8.41
C PRO B 275 -23.27 22.21 8.86
N ARG B 276 -24.24 21.70 8.10
CA ARG B 276 -24.88 20.43 8.41
C ARG B 276 -25.40 19.84 7.11
N THR B 277 -25.63 18.53 7.13
CA THR B 277 -25.94 17.79 5.92
C THR B 277 -27.42 17.39 5.90
N PHE B 278 -28.04 17.52 4.73
CA PHE B 278 -29.46 17.24 4.55
C PHE B 278 -29.65 15.98 3.70
N LEU B 279 -30.88 15.49 3.70
CA LEU B 279 -31.28 14.36 2.86
C LEU B 279 -32.29 14.87 1.84
N LEU B 280 -31.79 15.19 0.65
CA LEU B 280 -32.64 15.71 -0.43
C LEU B 280 -33.31 14.56 -1.17
N LYS B 281 -34.60 14.73 -1.46
CA LYS B 281 -35.35 13.80 -2.29
C LYS B 281 -35.95 14.56 -3.46
N TYR B 282 -35.89 13.97 -4.64
CA TYR B 282 -36.41 14.59 -5.86
C TYR B 282 -37.46 13.68 -6.47
N ASN B 283 -38.56 14.27 -6.91
CA ASN B 283 -39.71 13.51 -7.38
C ASN B 283 -39.47 13.03 -8.81
N GLU B 284 -40.48 12.38 -9.38
CA GLU B 284 -40.38 11.90 -10.76
C GLU B 284 -40.37 13.04 -11.77
N ASN B 285 -40.78 14.24 -11.37
CA ASN B 285 -40.59 15.40 -12.22
C ASN B 285 -39.25 16.07 -11.98
N GLY B 286 -38.69 15.92 -10.79
CA GLY B 286 -37.42 16.53 -10.47
C GLY B 286 -37.55 17.68 -9.50
N THR B 287 -38.46 17.58 -8.54
CA THR B 287 -38.66 18.62 -7.54
C THR B 287 -38.52 18.03 -6.14
N ILE B 288 -38.18 18.90 -5.20
CA ILE B 288 -37.92 18.49 -3.82
C ILE B 288 -39.24 18.17 -3.14
N THR B 289 -39.31 17.00 -2.49
CA THR B 289 -40.52 16.55 -1.83
C THR B 289 -40.36 16.38 -0.32
N ASP B 290 -39.30 15.72 0.12
CA ASP B 290 -39.06 15.51 1.55
C ASP B 290 -37.59 15.77 1.83
N ALA B 291 -37.33 16.42 2.96
CA ALA B 291 -35.97 16.81 3.33
C ALA B 291 -35.73 16.50 4.80
N VAL B 292 -34.55 15.96 5.10
CA VAL B 292 -34.17 15.60 6.46
C VAL B 292 -32.72 16.01 6.69
N ASP B 293 -32.50 16.83 7.72
CA ASP B 293 -31.14 17.12 8.18
C ASP B 293 -30.57 15.88 8.85
N CYS B 294 -29.29 15.58 8.61
CA CYS B 294 -28.72 14.34 9.13
C CYS B 294 -28.67 14.37 10.66
N ALA B 295 -27.97 15.35 11.23
CA ALA B 295 -27.76 15.40 12.67
C ALA B 295 -28.89 16.09 13.42
N LEU B 296 -30.07 16.20 12.81
CA LEU B 296 -31.21 16.77 13.52
C LEU B 296 -31.66 15.88 14.67
N ASP B 297 -31.86 14.59 14.39
CA ASP B 297 -32.32 13.61 15.35
C ASP B 297 -31.56 12.32 15.12
N PRO B 298 -31.54 11.40 16.09
CA PRO B 298 -31.01 10.07 15.80
C PRO B 298 -31.73 9.40 14.65
N LEU B 299 -33.06 9.53 14.58
CA LEU B 299 -33.79 9.03 13.42
C LEU B 299 -33.33 9.73 12.15
N SER B 300 -33.05 11.03 12.26
CA SER B 300 -32.56 11.77 11.10
C SER B 300 -31.22 11.22 10.63
N GLU B 301 -30.33 10.86 11.56
CA GLU B 301 -29.06 10.27 11.19
C GLU B 301 -29.24 8.89 10.56
N THR B 302 -30.20 8.11 11.07
CA THR B 302 -30.50 6.84 10.44
C THR B 302 -30.96 7.04 8.99
N LYS B 303 -31.83 8.03 8.77
CA LYS B 303 -32.25 8.34 7.41
C LYS B 303 -31.08 8.80 6.56
N CYS B 304 -30.19 9.61 7.13
CA CYS B 304 -29.03 10.10 6.40
C CYS B 304 -28.13 8.96 5.96
N THR B 305 -27.89 7.99 6.85
CA THR B 305 -27.04 6.86 6.51
C THR B 305 -27.72 5.94 5.50
N LEU B 306 -28.99 5.59 5.73
CA LEU B 306 -29.65 4.63 4.84
C LEU B 306 -30.16 5.26 3.55
N LYS B 307 -30.03 6.58 3.41
CA LYS B 307 -30.40 7.28 2.17
C LYS B 307 -31.86 7.01 1.79
N SER B 308 -32.76 7.05 2.77
CA SER B 308 -34.16 6.78 2.52
C SER B 308 -35.02 7.48 3.56
N PHE B 309 -36.25 7.82 3.15
CA PHE B 309 -37.26 8.33 4.07
C PHE B 309 -38.08 7.23 4.71
N THR B 310 -37.92 5.98 4.27
CA THR B 310 -38.49 4.82 4.93
C THR B 310 -37.36 3.89 5.34
N VAL B 311 -37.39 3.43 6.59
CA VAL B 311 -36.32 2.62 7.16
C VAL B 311 -36.95 1.42 7.85
N GLU B 312 -36.39 0.24 7.60
CA GLU B 312 -36.83 -0.99 8.25
C GLU B 312 -36.54 -0.92 9.76
N LYS B 313 -37.11 -1.86 10.50
CA LYS B 313 -36.89 -1.94 11.93
C LYS B 313 -35.59 -2.69 12.20
N GLY B 314 -34.66 -2.05 12.90
CA GLY B 314 -33.39 -2.70 13.23
C GLY B 314 -32.40 -1.73 13.83
N ILE B 315 -31.19 -2.25 14.04
CA ILE B 315 -30.07 -1.49 14.59
C ILE B 315 -29.09 -1.16 13.47
N TYR B 316 -28.64 0.10 13.43
CA TYR B 316 -27.77 0.59 12.38
C TYR B 316 -26.61 1.36 12.99
N GLN B 317 -25.41 1.10 12.51
CA GLN B 317 -24.25 1.84 12.95
C GLN B 317 -24.32 3.27 12.44
N THR B 318 -24.09 4.23 13.33
CA THR B 318 -24.18 5.64 12.97
C THR B 318 -22.83 6.33 13.06
N SER B 319 -22.17 6.28 14.22
CA SER B 319 -20.90 6.98 14.42
C SER B 319 -20.18 6.31 15.58
N ASN B 320 -19.13 6.98 16.07
CA ASN B 320 -18.35 6.50 17.20
C ASN B 320 -18.35 7.56 18.29
N PHE B 321 -18.60 7.14 19.53
CA PHE B 321 -18.61 8.08 20.63
C PHE B 321 -17.19 8.55 20.93
N ARG B 322 -16.98 9.85 20.85
CA ARG B 322 -15.69 10.47 21.14
C ARG B 322 -15.71 10.97 22.56
N VAL B 323 -14.89 10.37 23.42
CA VAL B 323 -14.77 10.81 24.80
C VAL B 323 -13.74 11.94 24.83
N GLN B 324 -14.17 13.12 25.27
CA GLN B 324 -13.15 14.14 25.17
C GLN B 324 -12.30 14.20 26.43
N PRO B 325 -10.99 14.30 26.28
CA PRO B 325 -10.11 14.51 27.44
C PRO B 325 -10.47 15.79 28.17
N THR B 326 -10.83 15.64 29.45
CA THR B 326 -11.28 16.79 30.23
C THR B 326 -10.17 17.80 30.44
N GLU B 327 -8.96 17.34 30.76
CA GLU B 327 -7.89 18.26 31.15
C GLU B 327 -6.56 17.73 30.62
N SER B 328 -5.61 18.66 30.46
CA SER B 328 -4.25 18.35 30.05
C SER B 328 -3.36 18.31 31.29
N ILE B 329 -2.67 17.19 31.49
CA ILE B 329 -1.87 16.97 32.70
C ILE B 329 -0.43 16.68 32.28
N VAL B 330 0.51 17.35 32.93
CA VAL B 330 1.94 17.17 32.68
C VAL B 330 2.62 16.86 34.01
N ARG B 331 3.47 15.84 34.01
CA ARG B 331 4.16 15.41 35.23
C ARG B 331 5.61 15.12 34.91
N PHE B 332 6.52 15.89 35.50
CA PHE B 332 7.95 15.82 35.28
C PHE B 332 8.69 15.71 36.61
N PRO B 333 9.98 15.30 36.63
CA PRO B 333 10.75 15.35 37.86
C PRO B 333 10.94 16.85 38.15
N ASN B 334 11.82 17.51 37.38
CA ASN B 334 12.01 18.98 37.55
C ASN B 334 11.96 19.34 39.04
N ILE B 335 12.55 18.49 39.89
CA ILE B 335 12.48 18.73 41.36
C ILE B 335 13.18 20.05 41.72
N THR B 336 12.83 20.64 42.87
CA THR B 336 13.42 21.93 43.31
C THR B 336 14.81 22.12 42.72
N ASN B 337 15.71 21.13 42.92
CA ASN B 337 17.10 21.22 42.39
C ASN B 337 17.16 22.18 41.19
N LEU B 338 16.41 21.86 40.12
CA LEU B 338 16.42 22.71 38.90
C LEU B 338 17.88 22.94 38.48
N CYS B 339 18.22 24.15 38.03
CA CYS B 339 19.59 24.43 37.52
C CYS B 339 20.36 25.30 38.51
N PRO B 340 21.71 25.18 38.57
CA PRO B 340 22.52 25.97 39.51
C PRO B 340 22.73 27.40 39.01
N PHE B 341 21.65 28.06 38.59
CA PHE B 341 21.74 29.42 38.09
C PHE B 341 22.21 30.38 39.19
N ASP B 342 21.79 30.14 40.43
CA ASP B 342 22.16 31.04 41.51
C ASP B 342 23.66 31.14 41.72
N GLU B 343 24.36 30.01 41.63
CA GLU B 343 25.80 30.00 41.86
C GLU B 343 26.55 30.87 40.86
N VAL B 344 26.04 31.02 39.64
CA VAL B 344 26.69 31.89 38.67
C VAL B 344 26.36 33.35 38.93
N PHE B 345 25.07 33.65 39.09
CA PHE B 345 24.67 35.04 39.31
C PHE B 345 25.06 35.52 40.69
N ASN B 346 24.80 34.72 41.72
CA ASN B 346 25.07 35.12 43.11
C ASN B 346 26.45 34.70 43.58
N ALA B 347 27.43 34.55 42.69
CA ALA B 347 28.77 34.21 43.13
C ALA B 347 29.42 35.42 43.81
N THR B 348 30.42 35.13 44.65
CA THR B 348 31.08 36.18 45.42
C THR B 348 31.91 37.07 44.50
N ARG B 349 32.90 36.50 43.83
CA ARG B 349 33.76 37.23 42.93
C ARG B 349 33.80 36.53 41.57
N PHE B 350 33.60 37.29 40.51
CA PHE B 350 33.64 36.74 39.17
C PHE B 350 35.06 36.75 38.62
N ALA B 351 35.26 35.97 37.56
CA ALA B 351 36.50 36.05 36.80
C ALA B 351 36.48 37.27 35.90
N SER B 352 37.67 37.76 35.54
CA SER B 352 37.78 38.95 34.73
C SER B 352 37.28 38.68 33.31
N VAL B 353 37.13 39.76 32.54
CA VAL B 353 36.54 39.66 31.21
C VAL B 353 37.43 38.86 30.27
N TYR B 354 38.75 39.06 30.35
CA TYR B 354 39.64 38.34 29.44
C TYR B 354 39.60 36.84 29.72
N ALA B 355 39.71 36.45 30.98
CA ALA B 355 39.58 35.05 31.39
C ALA B 355 38.18 34.80 31.97
N TRP B 356 37.18 35.00 31.12
CA TRP B 356 35.80 34.75 31.54
C TRP B 356 35.59 33.26 31.81
N ASN B 357 34.77 32.98 32.81
CA ASN B 357 34.59 31.63 33.32
C ASN B 357 33.42 30.96 32.59
N ARG B 358 33.67 29.78 32.03
CA ARG B 358 32.68 29.03 31.28
C ARG B 358 32.21 27.85 32.13
N LYS B 359 30.93 27.83 32.46
CA LYS B 359 30.34 26.77 33.26
C LYS B 359 29.31 26.02 32.41
N ARG B 360 29.48 24.72 32.31
CA ARG B 360 28.53 23.88 31.57
C ARG B 360 27.33 23.57 32.45
N ILE B 361 26.15 24.06 32.05
CA ILE B 361 24.90 23.82 32.77
C ILE B 361 24.09 22.82 31.97
N SER B 362 23.82 21.66 32.57
CA SER B 362 23.12 20.60 31.87
C SER B 362 22.47 19.68 32.89
N ASN B 363 21.53 18.87 32.40
CA ASN B 363 20.87 17.85 33.21
C ASN B 363 20.11 18.48 34.38
N CYS B 364 19.31 19.50 34.06
CA CYS B 364 18.54 20.24 35.04
C CYS B 364 17.43 21.01 34.33
N VAL B 365 16.59 21.65 35.13
CA VAL B 365 15.39 22.33 34.63
C VAL B 365 15.56 23.83 34.81
N ALA B 366 15.32 24.58 33.75
CA ALA B 366 15.49 26.03 33.77
C ALA B 366 14.31 26.71 34.45
N ASP B 367 14.59 27.86 35.06
CA ASP B 367 13.59 28.66 35.77
C ASP B 367 13.77 30.14 35.42
N TYR B 368 13.85 30.44 34.12
CA TYR B 368 14.12 31.80 33.67
C TYR B 368 13.06 32.81 34.09
N SER B 369 11.88 32.35 34.51
CA SER B 369 10.85 33.28 34.98
C SER B 369 11.36 34.12 36.15
N VAL B 370 12.31 33.59 36.93
CA VAL B 370 12.88 34.36 38.04
C VAL B 370 13.70 35.53 37.52
N LEU B 371 14.47 35.31 36.45
CA LEU B 371 15.36 36.36 35.95
C LEU B 371 14.56 37.58 35.49
N TYR B 372 13.46 37.36 34.78
CA TYR B 372 12.61 38.48 34.38
C TYR B 372 11.99 39.16 35.59
N ASN B 373 11.55 38.37 36.57
CA ASN B 373 11.01 38.92 37.81
C ASN B 373 12.07 39.47 38.74
N LEU B 374 13.35 39.20 38.46
CA LEU B 374 14.41 39.64 39.36
C LEU B 374 14.45 41.16 39.46
N ALA B 375 14.33 41.86 38.33
CA ALA B 375 14.30 43.31 38.27
C ALA B 375 15.51 43.96 38.92
N PRO B 376 16.60 43.20 39.08
CA PRO B 376 17.82 43.71 39.69
C PRO B 376 18.98 43.77 38.68
N PHE B 377 18.69 43.64 37.39
CA PHE B 377 19.71 43.66 36.36
C PHE B 377 19.70 45.00 35.64
N PHE B 378 20.87 45.62 35.52
CA PHE B 378 20.98 46.87 34.80
C PHE B 378 20.75 46.66 33.30
N THR B 379 21.21 45.54 32.77
CA THR B 379 21.06 45.21 31.36
C THR B 379 20.40 43.84 31.23
N PHE B 380 19.33 43.77 30.45
CA PHE B 380 18.60 42.52 30.20
C PHE B 380 18.25 42.49 28.71
N LYS B 381 19.15 41.91 27.91
CA LYS B 381 19.01 41.88 26.46
C LYS B 381 19.02 40.43 25.98
N CYS B 382 17.99 40.04 25.25
CA CYS B 382 17.90 38.72 24.63
C CYS B 382 17.71 38.92 23.14
N TYR B 383 18.68 38.46 22.34
CA TYR B 383 18.69 38.74 20.92
C TYR B 383 18.03 37.63 20.10
N GLY B 384 18.58 36.41 20.17
CA GLY B 384 18.06 35.32 19.38
C GLY B 384 16.90 34.57 20.00
N VAL B 385 16.59 34.84 21.26
CA VAL B 385 15.54 34.14 21.99
C VAL B 385 14.57 35.15 22.56
N SER B 386 13.25 34.91 22.32
CA SER B 386 12.17 35.73 22.84
C SER B 386 11.52 35.05 24.04
N PRO B 387 11.01 35.84 25.00
CA PRO B 387 10.52 35.25 26.25
C PRO B 387 9.33 34.31 26.09
N THR B 388 8.56 34.41 25.02
CA THR B 388 7.39 33.55 24.86
C THR B 388 7.80 32.09 24.71
N LYS B 389 8.74 31.81 23.81
CA LYS B 389 9.22 30.46 23.59
C LYS B 389 10.45 30.12 24.41
N LEU B 390 11.03 31.10 25.12
CA LEU B 390 12.26 30.86 25.87
C LEU B 390 12.04 29.86 27.00
N ASN B 391 10.95 30.02 27.75
CA ASN B 391 10.75 29.23 28.94
C ASN B 391 10.24 27.82 28.66
N ASP B 392 9.84 27.53 27.43
CA ASP B 392 9.29 26.22 27.08
C ASP B 392 9.95 25.67 25.82
N LEU B 393 11.28 25.75 25.77
CA LEU B 393 12.04 25.20 24.66
C LEU B 393 13.20 24.38 25.19
N CYS B 394 13.56 23.32 24.45
CA CYS B 394 14.62 22.41 24.85
C CYS B 394 15.86 22.65 24.01
N PHE B 395 17.03 22.52 24.64
CA PHE B 395 18.31 22.71 23.97
C PHE B 395 19.28 21.62 24.43
N THR B 396 20.27 21.35 23.58
CA THR B 396 21.23 20.29 23.90
C THR B 396 22.05 20.64 25.13
N ASN B 397 22.67 21.82 25.14
CA ASN B 397 23.47 22.27 26.27
C ASN B 397 23.40 23.79 26.35
N VAL B 398 23.56 24.30 27.57
CA VAL B 398 23.61 25.73 27.83
C VAL B 398 24.81 26.00 28.73
N TYR B 399 25.59 27.01 28.38
CA TYR B 399 26.82 27.34 29.11
C TYR B 399 26.66 28.69 29.76
N ALA B 400 27.22 28.84 30.96
CA ALA B 400 27.10 30.06 31.75
C ALA B 400 28.42 30.81 31.69
N ASP B 401 28.46 31.84 30.85
CA ASP B 401 29.61 32.73 30.79
C ASP B 401 29.37 33.95 31.66
N SER B 402 30.29 34.21 32.59
CA SER B 402 30.13 35.29 33.56
C SER B 402 31.46 36.02 33.73
N PHE B 403 31.39 37.32 33.97
CA PHE B 403 32.57 38.16 34.13
C PHE B 403 32.12 39.50 34.68
N VAL B 404 33.08 40.39 34.89
CA VAL B 404 32.83 41.74 35.40
C VAL B 404 33.47 42.74 34.46
N ILE B 405 32.67 43.71 33.99
CA ILE B 405 33.14 44.79 33.14
C ILE B 405 32.59 46.10 33.68
N ARG B 406 32.87 47.19 32.96
CA ARG B 406 32.44 48.52 33.37
C ARG B 406 31.08 48.85 32.75
N GLY B 407 30.46 49.91 33.28
CA GLY B 407 29.14 50.29 32.80
C GLY B 407 29.14 50.73 31.34
N ASP B 408 30.14 51.52 30.95
CA ASP B 408 30.26 51.94 29.56
C ASP B 408 30.56 50.78 28.61
N GLU B 409 31.20 49.72 29.11
CA GLU B 409 31.59 48.59 28.29
C GLU B 409 30.56 47.46 28.30
N VAL B 410 29.43 47.63 28.99
CA VAL B 410 28.37 46.65 28.95
C VAL B 410 27.78 46.54 27.54
N ARG B 411 27.65 47.67 26.86
CA ARG B 411 26.95 47.74 25.58
C ARG B 411 27.67 47.01 24.45
N GLN B 412 29.00 46.84 24.56
CA GLN B 412 29.73 46.06 23.56
C GLN B 412 29.35 44.59 23.57
N ILE B 413 28.63 44.12 24.59
CA ILE B 413 28.21 42.71 24.66
C ILE B 413 26.92 42.62 23.84
N ALA B 414 27.09 42.44 22.53
CA ALA B 414 25.99 42.39 21.59
C ALA B 414 26.46 41.83 20.25
N PRO B 415 25.68 40.94 19.62
CA PRO B 415 26.08 40.41 18.31
C PRO B 415 26.16 41.52 17.26
N GLY B 416 27.29 41.56 16.57
CA GLY B 416 27.52 42.59 15.57
C GLY B 416 28.32 43.75 16.12
N GLN B 417 27.98 44.16 17.35
CA GLN B 417 28.75 45.19 18.03
C GLN B 417 30.14 44.67 18.39
N THR B 418 31.15 45.51 18.16
CA THR B 418 32.53 45.16 18.43
C THR B 418 33.18 46.27 19.26
N GLY B 419 34.49 46.17 19.43
CA GLY B 419 35.23 47.20 20.15
C GLY B 419 36.46 46.68 20.84
N ASN B 420 36.78 47.26 22.00
CA ASN B 420 37.92 46.84 22.78
C ASN B 420 37.62 45.62 23.64
N ILE B 421 36.36 45.40 23.99
CA ILE B 421 35.95 44.24 24.77
C ILE B 421 35.45 43.10 23.88
N ALA B 422 34.74 43.45 22.80
CA ALA B 422 34.13 42.44 21.93
C ALA B 422 35.06 41.92 20.85
N ASP B 423 36.31 42.37 20.80
CA ASP B 423 37.28 41.86 19.84
C ASP B 423 38.47 41.14 20.45
N TYR B 424 38.95 41.59 21.61
CA TYR B 424 40.13 41.00 22.23
C TYR B 424 39.84 40.18 23.48
N ASN B 425 38.72 40.42 24.15
CA ASN B 425 38.40 39.70 25.39
C ASN B 425 37.34 38.62 25.18
N TYR B 426 36.23 38.97 24.54
CA TYR B 426 35.15 38.01 24.30
C TYR B 426 34.27 38.55 23.19
N LYS B 427 34.16 37.79 22.09
CA LYS B 427 33.36 38.18 20.94
C LYS B 427 32.11 37.32 20.87
N LEU B 428 30.97 37.97 20.83
CA LEU B 428 29.75 37.22 20.53
C LEU B 428 29.66 36.95 19.04
N PRO B 429 29.20 35.77 18.64
CA PRO B 429 28.88 35.54 17.22
C PRO B 429 27.75 36.47 16.80
N ASP B 430 27.82 36.92 15.54
CA ASP B 430 26.78 37.79 15.01
C ASP B 430 25.43 37.09 14.92
N ASP B 431 25.40 35.77 15.03
CA ASP B 431 24.19 34.97 15.09
C ASP B 431 23.90 34.56 16.52
N PHE B 432 24.11 35.49 17.46
CA PHE B 432 23.97 35.19 18.88
C PHE B 432 22.51 34.92 19.20
N THR B 433 22.17 33.65 19.36
CA THR B 433 20.87 33.23 19.85
C THR B 433 21.00 33.00 21.34
N GLY B 434 20.66 34.01 22.14
CA GLY B 434 20.81 33.90 23.57
C GLY B 434 20.44 35.19 24.25
N CYS B 435 20.95 35.37 25.47
CA CYS B 435 20.59 36.51 26.30
C CYS B 435 21.85 37.15 26.85
N VAL B 436 21.75 38.45 27.16
CA VAL B 436 22.83 39.22 27.77
C VAL B 436 22.25 39.85 29.04
N ILE B 437 22.84 39.52 30.19
CA ILE B 437 22.38 39.99 31.48
C ILE B 437 23.54 40.69 32.19
N ALA B 438 23.27 41.87 32.74
CA ALA B 438 24.27 42.63 33.46
C ALA B 438 23.61 43.43 34.56
N TRP B 439 24.34 43.66 35.65
CA TRP B 439 23.82 44.44 36.75
C TRP B 439 24.98 45.09 37.51
N ASN B 440 24.66 46.21 38.15
CA ASN B 440 25.67 46.97 38.88
C ASN B 440 26.09 46.24 40.15
N SER B 441 27.40 46.23 40.41
CA SER B 441 27.94 45.66 41.64
C SER B 441 29.06 46.55 42.18
N ASN B 442 28.83 47.87 42.20
CA ASN B 442 29.79 48.77 42.82
C ASN B 442 29.89 48.51 44.33
N LYS B 443 28.92 47.83 44.92
CA LYS B 443 28.98 47.48 46.33
C LYS B 443 30.05 46.44 46.61
N LEU B 444 30.12 45.38 45.81
CA LEU B 444 31.09 44.31 46.05
C LEU B 444 32.45 44.58 45.40
N ASP B 445 32.47 44.93 44.12
CA ASP B 445 33.69 44.92 43.32
C ASP B 445 34.38 46.28 43.29
N SER B 446 34.26 47.06 44.36
CA SER B 446 34.91 48.37 44.44
C SER B 446 35.53 48.51 45.82
N LYS B 447 36.85 48.63 45.87
CA LYS B 447 37.58 48.88 47.11
C LYS B 447 37.91 50.37 47.21
N VAL B 448 37.97 50.86 48.45
CA VAL B 448 38.25 52.27 48.68
C VAL B 448 39.61 52.66 48.10
N SER B 449 40.61 51.81 48.31
CA SER B 449 41.94 52.07 47.78
C SER B 449 42.10 51.75 46.31
N GLY B 450 41.11 51.14 45.68
CA GLY B 450 41.19 50.80 44.28
C GLY B 450 41.18 49.31 44.02
N ASN B 451 40.09 48.81 43.44
CA ASN B 451 39.96 47.39 43.13
C ASN B 451 40.64 47.12 41.79
N TYR B 452 41.85 46.57 41.84
CA TYR B 452 42.65 46.32 40.65
C TYR B 452 42.74 44.82 40.35
N ASN B 453 41.72 44.06 40.73
CA ASN B 453 41.70 42.62 40.51
C ASN B 453 40.97 42.21 39.24
N TYR B 454 40.16 43.10 38.66
CA TYR B 454 39.47 42.81 37.42
C TYR B 454 40.24 43.46 36.27
N LEU B 455 40.69 42.64 35.32
CA LEU B 455 41.51 43.11 34.22
C LEU B 455 40.85 42.75 32.91
N TYR B 456 41.38 43.32 31.83
CA TYR B 456 40.89 43.09 30.49
C TYR B 456 42.06 42.81 29.55
N ARG B 457 41.74 42.57 28.28
CA ARG B 457 42.74 42.54 27.23
C ARG B 457 42.62 43.83 26.41
N LEU B 458 43.60 44.72 26.58
CA LEU B 458 43.57 46.02 25.93
C LEU B 458 44.02 45.95 24.48
N PHE B 459 45.16 45.29 24.24
CA PHE B 459 45.85 45.32 22.96
C PHE B 459 46.33 43.92 22.57
N ARG B 460 45.60 43.30 21.63
CA ARG B 460 45.86 41.94 21.17
C ARG B 460 46.39 41.99 19.74
N LYS B 461 47.21 40.99 19.38
CA LYS B 461 47.86 41.00 18.07
C LYS B 461 46.88 41.18 16.92
N SER B 462 45.85 40.33 16.88
CA SER B 462 44.88 40.34 15.79
C SER B 462 43.48 40.33 16.40
N ASN B 463 42.48 40.08 15.56
CA ASN B 463 41.14 39.77 16.04
C ASN B 463 41.05 38.27 16.30
N LEU B 464 39.95 37.84 16.90
CA LEU B 464 39.78 36.46 17.36
C LEU B 464 38.78 35.73 16.48
N LYS B 465 39.12 34.50 16.12
CA LYS B 465 38.16 33.65 15.42
C LYS B 465 37.12 33.15 16.40
N PRO B 466 35.97 32.69 15.91
CA PRO B 466 34.96 32.11 16.80
C PRO B 466 35.54 30.98 17.64
N PHE B 467 35.15 30.95 18.92
CA PHE B 467 35.62 29.95 19.88
C PHE B 467 37.14 29.98 20.02
N GLU B 468 37.69 31.19 20.00
CA GLU B 468 39.10 31.40 20.31
C GLU B 468 39.19 32.20 21.61
N ARG B 469 40.20 31.88 22.41
CA ARG B 469 40.33 32.47 23.74
C ARG B 469 41.80 32.80 23.98
N ASP B 470 42.11 34.09 24.08
CA ASP B 470 43.48 34.54 24.32
C ASP B 470 43.65 34.76 25.82
N ILE B 471 44.28 33.81 26.48
CA ILE B 471 44.71 33.94 27.87
C ILE B 471 46.20 34.21 27.96
N SER B 472 46.88 34.37 26.82
CA SER B 472 48.31 34.56 26.81
C SER B 472 48.68 35.95 27.32
N THR B 473 49.48 35.99 28.38
CA THR B 473 50.04 37.22 28.90
C THR B 473 51.34 37.61 28.17
N GLU B 474 51.53 37.10 26.96
CA GLU B 474 52.76 37.33 26.20
C GLU B 474 53.00 38.82 26.02
N ILE B 475 54.24 39.24 26.31
CA ILE B 475 54.58 40.66 26.20
C ILE B 475 54.52 41.08 24.74
N TYR B 476 53.80 42.17 24.47
CA TYR B 476 53.58 42.63 23.12
C TYR B 476 54.87 43.16 22.50
N GLN B 477 55.11 42.80 21.24
CA GLN B 477 56.20 43.38 20.45
C GLN B 477 55.58 44.39 19.50
N ALA B 478 55.44 45.63 19.98
CA ALA B 478 54.78 46.69 19.21
C ALA B 478 55.70 47.39 18.25
N GLY B 479 56.83 46.79 17.90
CA GLY B 479 57.79 47.40 16.98
C GLY B 479 58.60 46.34 16.28
N ASN B 480 59.91 46.56 16.20
CA ASN B 480 60.83 45.59 15.62
C ASN B 480 61.71 44.90 16.65
N LYS B 481 61.98 45.55 17.78
CA LYS B 481 62.87 44.97 18.79
C LYS B 481 62.16 43.84 19.53
N PRO B 482 62.70 42.62 19.52
CA PRO B 482 62.06 41.52 20.24
C PRO B 482 62.05 41.78 21.74
N CYS B 483 60.97 41.35 22.39
CA CYS B 483 60.80 41.51 23.83
C CYS B 483 61.34 40.27 24.52
N ASN B 484 62.49 40.41 25.16
CA ASN B 484 63.15 39.29 25.84
C ASN B 484 62.59 39.10 27.24
N GLY B 485 61.25 38.99 27.34
CA GLY B 485 60.60 38.78 28.60
C GLY B 485 60.60 39.98 29.53
N VAL B 486 61.12 41.12 29.09
CA VAL B 486 61.26 42.30 29.94
C VAL B 486 60.37 43.41 29.39
N ALA B 487 59.91 44.28 30.29
CA ALA B 487 59.07 45.40 29.93
C ALA B 487 59.91 46.58 29.46
N GLY B 488 59.24 47.54 28.83
CA GLY B 488 59.89 48.73 28.33
C GLY B 488 59.14 49.26 27.12
N PHE B 489 59.84 50.08 26.34
CA PHE B 489 59.26 50.60 25.10
C PHE B 489 59.07 49.45 24.11
N ASN B 490 57.93 49.46 23.42
CA ASN B 490 57.54 48.40 22.49
C ASN B 490 57.46 47.04 23.16
N CYS B 491 57.37 47.01 24.49
CA CYS B 491 57.26 45.77 25.27
C CYS B 491 56.30 46.04 26.42
N TYR B 492 55.02 45.73 26.19
CA TYR B 492 53.97 46.05 27.15
C TYR B 492 53.23 44.78 27.55
N PHE B 493 52.72 44.79 28.78
CA PHE B 493 51.96 43.65 29.29
C PHE B 493 50.54 43.72 28.74
N PRO B 494 50.06 42.66 28.08
CA PRO B 494 48.78 42.76 27.35
C PRO B 494 47.55 42.86 28.24
N LEU B 495 47.71 42.92 29.56
CA LEU B 495 46.59 42.99 30.49
C LEU B 495 46.73 44.23 31.34
N ARG B 496 45.70 45.08 31.34
CA ARG B 496 45.67 46.27 32.16
C ARG B 496 44.52 46.18 33.15
N SER B 497 44.71 46.79 34.32
CA SER B 497 43.77 46.67 35.42
C SER B 497 42.72 47.78 35.38
N TYR B 498 41.48 47.41 35.66
CA TYR B 498 40.40 48.39 35.77
C TYR B 498 40.60 49.28 36.98
N SER B 499 40.32 50.56 36.83
CA SER B 499 40.33 51.48 37.94
C SER B 499 39.02 51.52 38.70
N PHE B 500 38.65 50.38 39.30
CA PHE B 500 37.42 50.29 40.08
C PHE B 500 37.60 51.00 41.42
N ARG B 501 37.01 52.18 41.54
CA ARG B 501 36.93 52.92 42.78
C ARG B 501 35.48 53.35 43.00
N PRO B 502 35.00 53.32 44.24
CA PRO B 502 33.60 53.67 44.49
C PRO B 502 33.25 55.09 44.09
N THR B 503 34.22 56.01 44.14
CA THR B 503 33.98 57.40 43.79
C THR B 503 33.74 57.58 42.29
N TYR B 504 34.18 56.59 41.51
CA TYR B 504 34.04 56.67 40.03
C TYR B 504 32.57 56.81 39.64
N GLY B 505 32.32 57.24 38.40
CA GLY B 505 30.98 57.46 37.92
C GLY B 505 30.24 56.18 37.58
N VAL B 506 29.06 56.37 36.98
CA VAL B 506 28.19 55.24 36.67
C VAL B 506 28.86 54.30 35.67
N GLY B 507 29.50 54.85 34.63
CA GLY B 507 30.10 54.02 33.61
C GLY B 507 31.33 53.25 34.07
N HIS B 508 31.97 53.74 35.13
CA HIS B 508 33.19 53.07 35.65
C HIS B 508 32.84 52.15 36.82
N GLN B 509 31.56 52.08 37.20
CA GLN B 509 31.21 51.14 38.25
C GLN B 509 31.26 49.71 37.71
N PRO B 510 31.68 48.75 38.53
CA PRO B 510 31.77 47.35 38.07
C PRO B 510 30.37 46.78 37.85
N TYR B 511 30.10 46.38 36.61
CA TYR B 511 28.83 45.81 36.21
C TYR B 511 29.03 44.33 35.96
N ARG B 512 28.50 43.49 36.85
CA ARG B 512 28.65 42.05 36.72
C ARG B 512 27.77 41.55 35.58
N VAL B 513 28.36 40.80 34.66
CA VAL B 513 27.70 40.39 33.44
C VAL B 513 27.70 38.86 33.38
N VAL B 514 26.53 38.28 33.10
CA VAL B 514 26.38 36.84 32.93
C VAL B 514 25.73 36.61 31.58
N VAL B 515 26.36 35.78 30.75
CA VAL B 515 25.83 35.44 29.44
C VAL B 515 25.62 33.93 29.39
N LEU B 516 24.38 33.52 29.12
CA LEU B 516 24.03 32.11 29.02
C LEU B 516 23.94 31.76 27.54
N SER B 517 24.89 30.98 27.06
CA SER B 517 24.96 30.62 25.64
C SER B 517 23.87 29.61 25.33
N PHE B 518 23.01 29.94 24.38
CA PHE B 518 21.97 29.02 23.92
C PHE B 518 22.41 28.42 22.59
N GLU B 519 22.49 27.09 22.55
CA GLU B 519 22.87 26.38 21.34
C GLU B 519 22.22 25.00 21.38
N LEU B 520 22.10 24.40 20.20
CA LEU B 520 21.42 23.11 20.07
C LEU B 520 22.17 22.26 19.06
N LEU B 521 22.54 21.05 19.47
CA LEU B 521 23.32 20.16 18.62
C LEU B 521 22.51 18.92 18.23
N PRO B 524 18.79 13.96 22.18
CA PRO B 524 19.31 14.33 23.49
C PRO B 524 18.89 15.74 23.91
N ALA B 525 18.00 15.83 24.91
CA ALA B 525 17.57 17.12 25.43
C ALA B 525 17.57 17.02 26.95
N THR B 526 18.71 17.34 27.57
CA THR B 526 18.86 17.32 29.01
C THR B 526 18.68 18.70 29.63
N VAL B 527 18.35 19.71 28.83
CA VAL B 527 18.15 21.08 29.30
C VAL B 527 16.75 21.49 28.90
N CYS B 528 15.89 21.68 29.89
CA CYS B 528 14.49 22.06 29.67
C CYS B 528 14.09 23.13 30.68
N GLY B 529 12.85 23.63 30.53
CA GLY B 529 12.33 24.63 31.48
C GLY B 529 11.35 24.01 32.45
N PRO B 530 10.52 24.79 33.16
CA PRO B 530 9.61 24.25 34.19
C PRO B 530 8.61 23.27 33.56
N LYS B 531 8.02 23.63 32.42
CA LYS B 531 7.05 22.74 31.71
C LYS B 531 5.74 22.63 32.52
N LYS B 532 5.72 23.13 33.76
CA LYS B 532 4.47 23.13 34.59
C LYS B 532 4.00 21.70 34.85
N SER B 533 4.37 21.14 36.01
CA SER B 533 3.88 19.79 36.38
C SER B 533 2.42 19.91 36.86
N THR B 534 1.46 19.63 35.99
CA THR B 534 0.02 19.81 36.33
C THR B 534 -0.51 18.63 37.17
N ASN B 535 -1.25 18.92 38.25
CA ASN B 535 -1.87 17.86 39.02
C ASN B 535 -2.64 16.91 38.12
N LEU B 536 -2.59 15.63 38.46
CA LEU B 536 -3.28 14.59 37.71
C LEU B 536 -4.77 14.58 38.06
N VAL B 537 -5.51 13.72 37.37
CA VAL B 537 -6.92 13.50 37.64
C VAL B 537 -7.15 12.01 37.88
N LYS B 538 -8.38 11.67 38.21
CA LYS B 538 -8.75 10.29 38.50
C LYS B 538 -10.06 9.94 37.83
N ASN B 539 -10.18 8.68 37.39
CA ASN B 539 -11.38 8.16 36.76
C ASN B 539 -11.82 9.03 35.58
N LYS B 540 -10.83 9.41 34.76
CA LYS B 540 -11.09 10.21 33.56
C LYS B 540 -10.00 9.90 32.54
N CYS B 541 -10.41 9.60 31.31
CA CYS B 541 -9.44 9.41 30.24
C CYS B 541 -9.12 10.77 29.61
N VAL B 542 -7.87 11.21 29.79
CA VAL B 542 -7.42 12.52 29.33
C VAL B 542 -6.07 12.35 28.66
N ASN B 543 -5.50 13.47 28.20
CA ASN B 543 -4.16 13.49 27.63
C ASN B 543 -3.14 13.86 28.69
N PHE B 544 -2.05 13.09 28.76
CA PHE B 544 -1.08 13.23 29.83
C PHE B 544 0.32 13.35 29.24
N ASN B 545 1.23 13.89 30.05
CA ASN B 545 2.65 13.98 29.71
C ASN B 545 3.42 13.45 30.92
N PHE B 546 3.74 12.17 30.88
CA PHE B 546 4.49 11.50 31.94
C PHE B 546 5.90 11.24 31.43
N ASN B 547 6.84 12.09 31.85
CA ASN B 547 8.25 11.97 31.48
C ASN B 547 8.42 11.88 29.97
N GLY B 548 7.68 12.71 29.24
CA GLY B 548 7.73 12.73 27.80
C GLY B 548 6.85 11.74 27.09
N LEU B 549 5.95 11.06 27.80
CA LEU B 549 5.05 10.08 27.22
C LEU B 549 3.64 10.65 27.18
N LYS B 550 2.94 10.46 26.06
CA LYS B 550 1.60 10.99 25.87
C LYS B 550 0.65 9.89 25.43
N GLY B 551 -0.60 10.05 25.83
CA GLY B 551 -1.63 9.08 25.47
C GLY B 551 -2.96 9.48 26.08
N THR B 552 -3.97 8.67 25.79
CA THR B 552 -5.33 8.87 26.29
C THR B 552 -5.82 7.60 26.96
N GLY B 553 -6.28 7.73 28.20
CA GLY B 553 -6.81 6.62 28.97
C GLY B 553 -7.08 7.06 30.39
N VAL B 554 -7.93 6.33 31.11
CA VAL B 554 -8.28 6.73 32.47
C VAL B 554 -7.09 6.49 33.39
N LEU B 555 -6.80 7.45 34.26
CA LEU B 555 -5.70 7.37 35.20
C LEU B 555 -6.29 7.21 36.60
N THR B 556 -6.33 5.98 37.09
CA THR B 556 -6.96 5.66 38.36
C THR B 556 -5.93 5.09 39.32
N GLU B 557 -6.36 4.91 40.57
CA GLU B 557 -5.50 4.32 41.59
C GLU B 557 -5.19 2.87 41.24
N SER B 558 -3.96 2.46 41.58
CA SER B 558 -3.51 1.10 41.38
C SER B 558 -2.73 0.65 42.61
N ASN B 559 -2.93 -0.62 43.00
CA ASN B 559 -2.31 -1.18 44.18
C ASN B 559 -1.30 -2.27 43.82
N LYS B 560 -0.55 -2.05 42.74
CA LYS B 560 0.50 -2.97 42.33
C LYS B 560 1.85 -2.40 42.78
N LYS B 561 2.78 -3.29 43.11
CA LYS B 561 4.12 -2.91 43.53
C LYS B 561 5.09 -3.43 42.47
N PHE B 562 5.68 -2.50 41.71
CA PHE B 562 6.66 -2.85 40.69
C PHE B 562 8.04 -2.44 41.17
N LEU B 563 9.06 -3.01 40.54
CA LEU B 563 10.43 -2.78 41.00
C LEU B 563 10.80 -1.31 40.84
N PRO B 564 11.54 -0.73 41.78
CA PRO B 564 11.76 0.72 41.76
C PRO B 564 12.49 1.23 40.53
N PHE B 565 13.43 0.48 39.97
CA PHE B 565 14.24 1.02 38.89
C PHE B 565 13.44 1.15 37.60
N GLN B 566 12.50 0.23 37.37
CA GLN B 566 11.67 0.30 36.17
C GLN B 566 10.77 1.53 36.23
N GLN B 567 10.72 2.26 35.11
CA GLN B 567 9.98 3.52 35.05
C GLN B 567 8.52 3.33 34.67
N PHE B 568 8.24 2.53 33.65
CA PHE B 568 6.88 2.30 33.20
C PHE B 568 6.77 0.90 32.62
N GLY B 569 5.53 0.40 32.55
CA GLY B 569 5.26 -0.94 32.09
C GLY B 569 4.44 -0.99 30.81
N ARG B 570 4.28 -2.22 30.30
CA ARG B 570 3.50 -2.48 29.10
C ARG B 570 2.78 -3.80 29.26
N ASP B 571 1.77 -4.01 28.42
CA ASP B 571 0.92 -5.19 28.51
C ASP B 571 1.33 -6.20 27.44
N ILE B 572 0.52 -7.25 27.28
CA ILE B 572 0.80 -8.27 26.29
C ILE B 572 0.85 -7.66 24.89
N ALA B 573 -0.09 -6.78 24.59
CA ALA B 573 -0.15 -6.12 23.29
C ALA B 573 0.77 -4.91 23.19
N ASP B 574 1.76 -4.82 24.09
CA ASP B 574 2.81 -3.80 24.11
C ASP B 574 2.29 -2.40 24.40
N THR B 575 1.00 -2.22 24.60
CA THR B 575 0.47 -0.92 24.98
C THR B 575 0.83 -0.59 26.42
N THR B 576 1.07 0.69 26.69
CA THR B 576 1.39 1.13 28.03
C THR B 576 0.17 0.96 28.94
N ASP B 577 0.39 0.43 30.15
CA ASP B 577 -0.68 0.23 31.12
C ASP B 577 -0.48 0.96 32.44
N ALA B 578 0.74 1.39 32.75
CA ALA B 578 1.01 2.10 33.99
C ALA B 578 2.23 2.99 33.80
N VAL B 579 2.35 3.98 34.68
CA VAL B 579 3.47 4.92 34.62
C VAL B 579 3.71 5.46 36.02
N ARG B 580 4.96 5.79 36.32
CA ARG B 580 5.36 6.31 37.63
C ARG B 580 5.46 7.83 37.57
N ASP B 581 4.75 8.49 38.46
CA ASP B 581 4.87 9.94 38.52
C ASP B 581 6.03 10.32 39.44
N PRO B 582 6.89 11.26 39.03
CA PRO B 582 7.95 11.71 39.93
C PRO B 582 7.40 12.41 41.15
N GLN B 583 8.23 12.48 42.19
CA GLN B 583 7.96 13.10 43.48
C GLN B 583 6.91 12.34 44.28
N THR B 584 6.36 11.26 43.74
CA THR B 584 5.45 10.41 44.50
C THR B 584 5.91 8.97 44.36
N LEU B 585 6.57 8.67 43.24
CA LEU B 585 7.08 7.33 42.93
C LEU B 585 5.97 6.28 42.95
N GLU B 586 4.75 6.70 42.65
CA GLU B 586 3.59 5.83 42.69
C GLU B 586 3.10 5.56 41.27
N ILE B 587 2.52 4.38 41.08
CA ILE B 587 2.09 3.92 39.76
C ILE B 587 0.60 4.12 39.59
N LEU B 588 0.18 4.46 38.38
CA LEU B 588 -1.23 4.63 38.06
C LEU B 588 -1.61 3.66 36.95
N ASP B 589 -2.61 2.83 37.21
CA ASP B 589 -3.07 1.88 36.20
C ASP B 589 -3.84 2.62 35.11
N ILE B 590 -3.37 2.51 33.88
CA ILE B 590 -3.96 3.19 32.73
C ILE B 590 -4.77 2.17 31.94
N THR B 591 -6.08 2.38 31.85
CA THR B 591 -7.01 1.58 31.09
C THR B 591 -7.42 2.34 29.84
N PRO B 592 -7.58 1.66 28.71
CA PRO B 592 -7.98 2.36 27.47
C PRO B 592 -9.27 3.15 27.68
N CYS B 593 -9.30 4.36 27.13
CA CYS B 593 -10.42 5.26 27.33
C CYS B 593 -11.70 4.66 26.75
N SER B 594 -12.82 5.31 27.05
CA SER B 594 -14.13 4.71 26.92
C SER B 594 -14.82 5.05 25.60
N PHE B 595 -14.07 5.22 24.52
CA PHE B 595 -14.69 5.51 23.24
C PHE B 595 -15.30 4.23 22.65
N GLY B 596 -16.41 4.41 21.93
CA GLY B 596 -17.09 3.29 21.32
C GLY B 596 -18.03 3.77 20.23
N GLY B 597 -18.59 2.80 19.51
CA GLY B 597 -19.46 3.13 18.40
C GLY B 597 -20.81 3.66 18.85
N VAL B 598 -21.49 4.32 17.92
CA VAL B 598 -22.82 4.89 18.15
C VAL B 598 -23.80 4.20 17.21
N SER B 599 -24.87 3.64 17.77
CA SER B 599 -25.93 3.04 17.00
C SER B 599 -27.27 3.50 17.54
N VAL B 600 -28.28 3.50 16.68
CA VAL B 600 -29.61 4.00 17.01
C VAL B 600 -30.59 2.83 16.97
N ILE B 601 -31.23 2.57 18.10
CA ILE B 601 -32.35 1.62 18.13
C ILE B 601 -33.57 2.39 17.68
N THR B 602 -33.98 2.18 16.43
CA THR B 602 -35.16 2.85 15.91
C THR B 602 -36.03 1.86 15.16
N PRO B 603 -37.32 1.80 15.47
CA PRO B 603 -38.25 0.98 14.70
C PRO B 603 -38.54 1.66 13.36
N GLY B 604 -39.37 1.01 12.56
CA GLY B 604 -39.72 1.55 11.26
C GLY B 604 -40.47 2.85 11.38
N THR B 605 -40.20 3.77 10.44
CA THR B 605 -40.89 5.04 10.42
C THR B 605 -42.39 4.85 10.20
N ASN B 606 -42.77 3.77 9.51
CA ASN B 606 -44.18 3.43 9.37
C ASN B 606 -44.82 3.06 10.71
N THR B 607 -44.02 2.68 11.70
CA THR B 607 -44.56 2.29 13.00
C THR B 607 -44.54 3.44 14.00
N SER B 608 -43.39 4.09 14.17
CA SER B 608 -43.27 5.17 15.14
C SER B 608 -42.11 6.08 14.72
N ASN B 609 -41.77 7.03 15.59
CA ASN B 609 -40.63 7.91 15.32
C ASN B 609 -39.80 8.18 16.57
N GLN B 610 -40.04 7.48 17.68
CA GLN B 610 -39.19 7.62 18.85
C GLN B 610 -37.90 6.82 18.68
N VAL B 611 -36.80 7.38 19.16
CA VAL B 611 -35.49 6.77 19.00
C VAL B 611 -34.77 6.72 20.35
N ALA B 612 -33.85 5.78 20.45
CA ALA B 612 -32.92 5.70 21.57
C ALA B 612 -31.53 5.38 21.02
N VAL B 613 -30.51 5.81 21.72
CA VAL B 613 -29.13 5.71 21.26
C VAL B 613 -28.37 4.73 22.14
N LEU B 614 -27.62 3.83 21.50
CA LEU B 614 -26.75 2.87 22.17
C LEU B 614 -25.30 3.29 22.00
N TYR B 615 -24.51 3.14 23.06
CA TYR B 615 -23.10 3.50 23.01
C TYR B 615 -22.28 2.26 23.36
N GLN B 616 -21.27 1.97 22.54
CA GLN B 616 -20.51 0.74 22.67
C GLN B 616 -19.47 0.86 23.77
N GLY B 617 -19.67 0.13 24.86
CA GLY B 617 -18.69 0.07 25.94
C GLY B 617 -18.36 1.41 26.53
N VAL B 618 -19.38 2.23 26.80
CA VAL B 618 -19.20 3.55 27.38
C VAL B 618 -19.89 3.59 28.72
N ASN B 619 -19.15 4.00 29.75
CA ASN B 619 -19.75 4.11 31.08
C ASN B 619 -20.80 5.21 31.10
N CYS B 620 -21.92 4.93 31.76
CA CYS B 620 -23.01 5.88 31.83
C CYS B 620 -22.68 7.12 32.65
N THR B 621 -21.60 7.08 33.42
CA THR B 621 -21.24 8.21 34.27
C THR B 621 -20.47 9.30 33.54
N GLU B 622 -19.99 9.04 32.32
CA GLU B 622 -19.26 10.03 31.54
C GLU B 622 -20.08 10.61 30.39
N VAL B 623 -20.99 9.84 29.82
CA VAL B 623 -21.82 10.31 28.71
C VAL B 623 -22.73 11.44 29.17
N ASN B 644 -34.89 6.26 30.80
CA ASN B 644 -33.88 7.24 30.42
C ASN B 644 -32.52 6.59 30.18
N VAL B 645 -31.57 6.88 31.06
CA VAL B 645 -30.20 6.40 30.95
C VAL B 645 -30.10 5.06 31.66
N PHE B 646 -29.67 4.02 30.93
CA PHE B 646 -29.46 2.70 31.50
C PHE B 646 -28.10 2.16 31.06
N GLN B 647 -27.46 1.43 31.95
CA GLN B 647 -26.13 0.86 31.71
C GLN B 647 -26.27 -0.62 31.39
N THR B 648 -25.89 -1.01 30.18
CA THR B 648 -25.99 -2.39 29.73
C THR B 648 -24.69 -3.13 30.02
N ARG B 649 -24.70 -4.43 29.76
CA ARG B 649 -23.47 -5.21 29.79
C ARG B 649 -22.55 -4.80 28.65
N ALA B 650 -23.10 -4.16 27.61
CA ALA B 650 -22.35 -3.76 26.44
C ALA B 650 -22.08 -2.26 26.35
N GLY B 651 -22.84 -1.44 27.07
CA GLY B 651 -22.60 -0.01 27.03
C GLY B 651 -23.72 0.75 27.73
N CYS B 652 -23.80 2.04 27.40
CA CYS B 652 -24.76 2.96 28.01
C CYS B 652 -25.93 3.18 27.06
N LEU B 653 -27.14 2.97 27.55
CA LEU B 653 -28.36 3.04 26.75
C LEU B 653 -29.14 4.28 27.17
N ILE B 654 -29.36 5.18 26.22
CA ILE B 654 -30.01 6.46 26.47
C ILE B 654 -31.26 6.56 25.60
N GLY B 655 -32.37 6.92 26.22
CA GLY B 655 -33.63 7.09 25.52
C GLY B 655 -34.59 5.94 25.68
N ALA B 656 -34.12 4.78 26.11
CA ALA B 656 -34.97 3.62 26.35
C ALA B 656 -35.07 3.37 27.85
N GLU B 657 -36.10 2.63 28.24
CA GLU B 657 -36.35 2.27 29.62
C GLU B 657 -36.17 0.76 29.75
N TYR B 658 -35.28 0.35 30.65
CA TYR B 658 -35.06 -1.07 30.86
C TYR B 658 -36.27 -1.71 31.52
N VAL B 659 -36.50 -2.98 31.17
CA VAL B 659 -37.62 -3.75 31.70
C VAL B 659 -37.06 -4.99 32.36
N ASN B 660 -37.48 -5.23 33.61
CA ASN B 660 -37.11 -6.46 34.29
C ASN B 660 -37.63 -7.68 33.53
N ASN B 661 -38.86 -7.60 33.04
CA ASN B 661 -39.40 -8.68 32.21
C ASN B 661 -38.62 -8.79 30.92
N SER B 662 -38.44 -10.01 30.45
CA SER B 662 -37.63 -10.31 29.27
C SER B 662 -38.51 -10.88 28.17
N TYR B 663 -38.43 -10.29 26.99
CA TYR B 663 -39.20 -10.70 25.83
C TYR B 663 -38.27 -11.30 24.77
N GLU B 664 -38.85 -11.66 23.64
CA GLU B 664 -38.08 -12.24 22.55
C GLU B 664 -37.30 -11.15 21.81
N CYS B 665 -36.03 -11.44 21.52
CA CYS B 665 -35.18 -10.47 20.86
C CYS B 665 -35.62 -10.24 19.43
N ASP B 666 -35.65 -8.99 19.02
CA ASP B 666 -35.89 -8.62 17.63
C ASP B 666 -34.84 -7.70 17.06
N ILE B 667 -34.34 -6.76 17.84
CA ILE B 667 -33.27 -5.85 17.44
C ILE B 667 -32.10 -6.04 18.40
N PRO B 668 -31.13 -6.87 18.05
CA PRO B 668 -29.92 -6.99 18.88
C PRO B 668 -29.31 -5.64 19.21
N ILE B 669 -28.97 -5.46 20.48
CA ILE B 669 -28.32 -4.25 20.97
C ILE B 669 -26.87 -4.53 21.35
N GLY B 670 -26.64 -5.53 22.19
CA GLY B 670 -25.31 -5.89 22.60
C GLY B 670 -25.32 -6.68 23.89
N ALA B 671 -24.47 -7.72 23.96
CA ALA B 671 -24.37 -8.58 25.15
C ALA B 671 -25.70 -9.20 25.53
N GLY B 672 -26.59 -9.39 24.55
CA GLY B 672 -27.89 -9.96 24.79
C GLY B 672 -29.01 -8.98 25.06
N ILE B 673 -28.69 -7.69 25.22
CA ILE B 673 -29.73 -6.68 25.38
C ILE B 673 -30.49 -6.53 24.07
N CYS B 674 -31.82 -6.45 24.17
CA CYS B 674 -32.67 -6.34 22.99
C CYS B 674 -33.84 -5.41 23.29
N ALA B 675 -34.20 -4.60 22.30
CA ALA B 675 -35.23 -3.58 22.44
C ALA B 675 -36.40 -3.87 21.51
N SER B 676 -37.61 -3.87 22.06
CA SER B 676 -38.83 -4.06 21.30
C SER B 676 -39.79 -2.91 21.58
N TYR B 677 -40.72 -2.70 20.66
CA TYR B 677 -41.63 -1.57 20.75
C TYR B 677 -42.67 -1.79 21.84
N GLN B 678 -43.14 -0.69 22.42
CA GLN B 678 -44.11 -0.76 23.51
C GLN B 678 -45.46 -1.28 23.02
N SER B 694 -42.78 4.97 23.17
CA SER B 694 -41.53 4.60 23.81
C SER B 694 -41.02 3.27 23.28
N ILE B 695 -39.70 3.08 23.30
CA ILE B 695 -39.09 1.82 22.92
C ILE B 695 -38.38 1.23 24.14
N ILE B 696 -38.81 0.05 24.55
CA ILE B 696 -38.31 -0.60 25.75
C ILE B 696 -37.22 -1.59 25.36
N ALA B 697 -36.20 -1.70 26.22
CA ALA B 697 -35.11 -2.63 26.02
C ALA B 697 -34.99 -3.54 27.23
N TYR B 698 -34.36 -4.69 27.02
CA TYR B 698 -34.32 -5.73 28.03
C TYR B 698 -33.26 -6.75 27.65
N THR B 699 -32.87 -7.57 28.62
CA THR B 699 -32.10 -8.76 28.31
C THR B 699 -32.99 -9.72 27.55
N MET B 700 -32.45 -10.29 26.47
CA MET B 700 -33.28 -11.13 25.61
C MET B 700 -33.71 -12.39 26.34
N SER B 701 -34.98 -12.75 26.19
CA SER B 701 -35.49 -14.01 26.71
C SER B 701 -35.38 -15.07 25.64
N LEU B 702 -34.78 -16.21 25.99
CA LEU B 702 -34.60 -17.28 25.01
C LEU B 702 -35.94 -17.79 24.52
N GLY B 703 -36.83 -18.14 25.44
CA GLY B 703 -38.12 -18.69 25.05
C GLY B 703 -38.76 -19.41 26.21
N ALA B 704 -39.57 -20.40 25.88
CA ALA B 704 -40.34 -21.13 26.87
C ALA B 704 -39.58 -22.37 27.32
N GLU B 705 -39.30 -22.46 28.62
CA GLU B 705 -38.81 -23.70 29.20
C GLU B 705 -39.90 -24.76 29.08
N ASN B 706 -39.60 -25.84 28.37
CA ASN B 706 -40.61 -26.86 28.12
C ASN B 706 -40.37 -28.09 28.98
N VAL B 708 -37.72 -29.62 28.51
CA VAL B 708 -38.55 -30.72 28.05
C VAL B 708 -38.79 -31.69 29.19
N ALA B 709 -40.01 -32.23 29.25
CA ALA B 709 -40.36 -33.19 30.28
C ALA B 709 -39.76 -34.56 29.98
N TYR B 710 -38.54 -34.80 30.47
CA TYR B 710 -37.91 -36.10 30.30
C TYR B 710 -38.78 -37.20 30.91
N SER B 711 -38.89 -38.31 30.18
CA SER B 711 -39.81 -39.37 30.55
C SER B 711 -39.10 -40.72 30.53
N ASN B 712 -39.65 -41.65 31.31
CA ASN B 712 -39.19 -43.03 31.35
C ASN B 712 -40.23 -44.01 30.80
N ASN B 713 -41.44 -43.98 31.35
CA ASN B 713 -42.50 -44.89 30.94
C ASN B 713 -43.54 -44.20 30.07
N SER B 714 -43.28 -42.98 29.63
CA SER B 714 -44.25 -42.21 28.86
C SER B 714 -43.78 -42.10 27.41
N ILE B 715 -44.70 -42.37 26.49
CA ILE B 715 -44.47 -42.16 25.07
C ILE B 715 -45.50 -41.14 24.60
N ALA B 716 -45.24 -40.56 23.43
CA ALA B 716 -46.20 -39.68 22.79
C ALA B 716 -46.11 -39.90 21.29
N ILE B 717 -47.28 -40.07 20.65
CA ILE B 717 -47.36 -40.41 19.24
C ILE B 717 -48.04 -39.26 18.51
N PRO B 718 -47.35 -38.57 17.60
CA PRO B 718 -47.99 -37.47 16.86
C PRO B 718 -49.20 -37.96 16.07
N THR B 719 -50.21 -37.09 15.98
CA THR B 719 -51.42 -37.38 15.23
C THR B 719 -51.72 -36.35 14.15
N ASN B 720 -50.95 -35.27 14.07
CA ASN B 720 -51.20 -34.21 13.12
C ASN B 720 -49.89 -33.48 12.84
N PHE B 721 -49.93 -32.57 11.88
CA PHE B 721 -48.74 -31.86 11.45
C PHE B 721 -49.12 -30.70 10.55
N THR B 722 -48.12 -29.91 10.19
CA THR B 722 -48.25 -28.88 9.17
C THR B 722 -47.19 -29.09 8.10
N ILE B 723 -47.58 -28.97 6.83
CA ILE B 723 -46.63 -28.91 5.73
C ILE B 723 -46.38 -27.43 5.47
N SER B 724 -45.44 -26.87 6.21
CA SER B 724 -45.06 -25.49 5.94
C SER B 724 -44.19 -25.43 4.69
N VAL B 725 -44.23 -24.29 4.03
CA VAL B 725 -43.36 -24.01 2.90
C VAL B 725 -42.62 -22.72 3.20
N THR B 726 -41.30 -22.78 3.15
CA THR B 726 -40.46 -21.66 3.55
C THR B 726 -39.60 -21.24 2.37
N THR B 727 -39.50 -19.94 2.15
CA THR B 727 -38.63 -19.43 1.11
C THR B 727 -37.18 -19.67 1.51
N GLU B 728 -36.41 -20.23 0.59
CA GLU B 728 -34.98 -20.41 0.77
C GLU B 728 -34.28 -19.69 -0.37
N ILE B 729 -33.30 -18.86 -0.04
CA ILE B 729 -32.74 -17.89 -0.97
C ILE B 729 -31.24 -18.09 -1.02
N LEU B 730 -30.69 -18.16 -2.24
CA LEU B 730 -29.26 -18.35 -2.44
C LEU B 730 -28.83 -17.48 -3.62
N PRO B 731 -27.87 -16.59 -3.43
CA PRO B 731 -27.29 -15.89 -4.57
C PRO B 731 -26.49 -16.86 -5.43
N VAL B 732 -26.61 -16.71 -6.75
CA VAL B 732 -25.95 -17.57 -7.71
C VAL B 732 -25.00 -16.79 -8.60
N SER B 733 -25.51 -15.81 -9.32
CA SER B 733 -24.69 -15.02 -10.22
C SER B 733 -24.39 -13.65 -9.62
N MET B 734 -23.42 -12.99 -10.22
CA MET B 734 -23.10 -11.59 -9.93
C MET B 734 -23.12 -10.82 -11.24
N THR B 735 -22.97 -9.49 -11.12
CA THR B 735 -22.88 -8.61 -12.29
C THR B 735 -21.46 -8.71 -12.83
N LYS B 736 -21.20 -9.81 -13.54
CA LYS B 736 -19.86 -10.09 -14.04
C LYS B 736 -19.42 -8.98 -14.97
N THR B 737 -18.13 -8.63 -14.89
CA THR B 737 -17.61 -7.51 -15.65
C THR B 737 -16.16 -7.77 -16.02
N SER B 738 -15.72 -7.12 -17.09
CA SER B 738 -14.32 -7.11 -17.50
C SER B 738 -13.88 -5.67 -17.66
N VAL B 739 -12.73 -5.34 -17.08
CA VAL B 739 -12.25 -3.97 -17.03
C VAL B 739 -11.05 -3.82 -17.95
N ASP B 740 -11.23 -3.05 -19.02
CA ASP B 740 -10.09 -2.54 -19.76
C ASP B 740 -9.30 -1.64 -18.83
N CYS B 741 -8.12 -2.08 -18.41
CA CYS B 741 -7.36 -1.32 -17.42
C CYS B 741 -6.97 0.05 -17.95
N THR B 742 -6.50 0.10 -19.20
CA THR B 742 -6.07 1.38 -19.78
C THR B 742 -7.24 2.34 -19.91
N MET B 743 -8.37 1.86 -20.44
CA MET B 743 -9.55 2.72 -20.57
C MET B 743 -10.04 3.18 -19.22
N TYR B 744 -10.08 2.27 -18.23
CA TYR B 744 -10.43 2.64 -16.87
C TYR B 744 -9.58 3.78 -16.36
N ILE B 745 -8.26 3.59 -16.37
CA ILE B 745 -7.40 4.57 -15.71
C ILE B 745 -7.36 5.88 -16.49
N CYS B 746 -7.28 5.81 -17.81
CA CYS B 746 -6.94 6.97 -18.62
C CYS B 746 -8.09 7.49 -19.46
N GLY B 747 -8.87 6.61 -20.09
CA GLY B 747 -9.83 7.03 -21.09
C GLY B 747 -9.23 6.94 -22.47
N ASP B 748 -9.36 8.01 -23.25
CA ASP B 748 -8.76 8.09 -24.57
C ASP B 748 -7.46 8.89 -24.59
N SER B 749 -6.93 9.23 -23.41
CA SER B 749 -5.72 10.06 -23.34
C SER B 749 -4.52 9.25 -23.82
N THR B 750 -3.94 9.68 -24.95
CA THR B 750 -2.77 8.99 -25.48
C THR B 750 -1.58 9.12 -24.54
N GLU B 751 -1.39 10.29 -23.92
CA GLU B 751 -0.29 10.46 -22.98
C GLU B 751 -0.45 9.52 -21.79
N CYS B 752 -1.65 9.44 -21.23
CA CYS B 752 -1.86 8.57 -20.08
C CYS B 752 -1.71 7.10 -20.46
N SER B 753 -2.19 6.71 -21.64
CA SER B 753 -2.02 5.34 -22.08
C SER B 753 -0.55 4.99 -22.25
N ASN B 754 0.21 5.89 -22.88
CA ASN B 754 1.65 5.66 -23.06
C ASN B 754 2.36 5.54 -21.72
N LEU B 755 1.98 6.38 -20.75
CA LEU B 755 2.56 6.26 -19.41
C LEU B 755 2.19 4.94 -18.76
N LEU B 756 0.91 4.55 -18.83
CA LEU B 756 0.44 3.39 -18.09
C LEU B 756 1.01 2.09 -18.64
N LEU B 757 1.07 1.95 -19.97
CA LEU B 757 1.47 0.68 -20.56
C LEU B 757 2.88 0.27 -20.16
N GLN B 758 3.69 1.20 -19.65
CA GLN B 758 5.03 0.89 -19.18
C GLN B 758 5.07 0.36 -17.75
N TYR B 759 3.93 0.25 -17.08
CA TYR B 759 3.89 -0.15 -15.67
C TYR B 759 3.70 -1.66 -15.48
N GLY B 760 3.69 -2.44 -16.55
CA GLY B 760 3.71 -3.88 -16.40
C GLY B 760 2.38 -4.57 -16.66
N SER B 761 2.32 -5.84 -16.27
CA SER B 761 1.17 -6.70 -16.58
C SER B 761 0.18 -6.77 -15.43
N PHE B 762 0.16 -5.77 -14.55
CA PHE B 762 -0.85 -5.71 -13.51
C PHE B 762 -2.24 -5.61 -14.13
N CYS B 763 -2.37 -4.81 -15.18
CA CYS B 763 -3.64 -4.70 -15.90
C CYS B 763 -4.05 -6.05 -16.48
N THR B 764 -3.09 -6.78 -17.05
CA THR B 764 -3.40 -8.10 -17.60
C THR B 764 -3.86 -9.05 -16.51
N GLN B 765 -3.19 -9.02 -15.35
CA GLN B 765 -3.65 -9.80 -14.21
C GLN B 765 -5.09 -9.46 -13.87
N LEU B 766 -5.39 -8.16 -13.79
CA LEU B 766 -6.76 -7.72 -13.47
C LEU B 766 -7.76 -8.29 -14.46
N LYS B 767 -7.50 -8.08 -15.75
CA LYS B 767 -8.44 -8.50 -16.78
C LYS B 767 -8.65 -10.01 -16.75
N ARG B 768 -7.55 -10.75 -16.62
CA ARG B 768 -7.62 -12.21 -16.67
C ARG B 768 -8.30 -12.77 -15.42
N ALA B 769 -8.08 -12.15 -14.27
CA ALA B 769 -8.83 -12.54 -13.08
C ALA B 769 -10.31 -12.30 -13.27
N LEU B 770 -10.67 -11.16 -13.89
CA LEU B 770 -12.09 -10.91 -14.15
C LEU B 770 -12.66 -11.92 -15.14
N THR B 771 -11.88 -12.30 -16.15
CA THR B 771 -12.33 -13.34 -17.08
C THR B 771 -12.54 -14.66 -16.36
N GLY B 772 -11.64 -14.99 -15.43
CA GLY B 772 -11.87 -16.16 -14.59
C GLY B 772 -13.15 -16.06 -13.80
N ILE B 773 -13.43 -14.88 -13.25
CA ILE B 773 -14.70 -14.66 -12.57
C ILE B 773 -15.86 -14.93 -13.50
N ALA B 774 -15.78 -14.42 -14.73
CA ALA B 774 -16.90 -14.55 -15.66
C ALA B 774 -17.13 -16.00 -16.06
N VAL B 775 -16.05 -16.72 -16.38
CA VAL B 775 -16.20 -18.12 -16.77
C VAL B 775 -16.67 -18.95 -15.59
N GLU B 776 -16.22 -18.60 -14.37
CA GLU B 776 -16.74 -19.26 -13.18
C GLU B 776 -18.23 -19.00 -13.03
N GLN B 777 -18.65 -17.77 -13.27
CA GLN B 777 -20.06 -17.44 -13.16
C GLN B 777 -20.89 -18.25 -14.15
N ASP B 778 -20.41 -18.34 -15.39
CA ASP B 778 -21.12 -19.10 -16.41
C ASP B 778 -21.17 -20.58 -16.07
N LYS B 779 -20.08 -21.13 -15.53
CA LYS B 779 -20.08 -22.55 -15.21
C LYS B 779 -20.92 -22.86 -13.98
N ASN B 780 -20.95 -21.96 -12.99
CA ASN B 780 -21.92 -22.10 -11.91
C ASN B 780 -23.33 -22.07 -12.45
N THR B 781 -23.61 -21.15 -13.38
CA THR B 781 -24.94 -21.08 -13.96
C THR B 781 -25.29 -22.38 -14.69
N GLN B 782 -24.32 -22.94 -15.42
CA GLN B 782 -24.55 -24.18 -16.14
C GLN B 782 -24.80 -25.34 -15.17
N GLU B 783 -24.01 -25.41 -14.10
CA GLU B 783 -24.21 -26.48 -13.13
C GLU B 783 -25.57 -26.34 -12.46
N VAL B 784 -25.97 -25.11 -12.15
CA VAL B 784 -27.25 -24.87 -11.50
C VAL B 784 -28.42 -25.23 -12.42
N PHE B 785 -28.36 -24.80 -13.67
CA PHE B 785 -29.53 -24.88 -14.53
C PHE B 785 -29.39 -25.93 -15.64
N ALA B 786 -28.32 -25.86 -16.42
CA ALA B 786 -28.08 -26.88 -17.43
C ALA B 786 -27.45 -28.10 -16.78
N GLN B 787 -28.08 -28.61 -15.71
CA GLN B 787 -27.64 -29.87 -15.13
C GLN B 787 -28.01 -31.03 -16.03
N VAL B 788 -29.08 -30.88 -16.82
CA VAL B 788 -29.48 -31.85 -17.82
C VAL B 788 -29.36 -31.22 -19.20
N LYS B 789 -28.65 -31.92 -20.10
CA LYS B 789 -28.51 -31.44 -21.46
C LYS B 789 -29.80 -31.63 -22.26
N GLN B 790 -30.60 -32.64 -21.92
CA GLN B 790 -31.86 -32.89 -22.58
C GLN B 790 -32.95 -32.06 -21.91
N ILE B 791 -33.78 -31.42 -22.73
CA ILE B 791 -34.71 -30.40 -22.27
C ILE B 791 -36.12 -30.95 -22.38
N TYR B 792 -36.66 -31.40 -21.26
CA TYR B 792 -38.05 -31.82 -21.18
C TYR B 792 -38.93 -30.58 -21.09
N LYS B 793 -40.19 -30.73 -21.52
CA LYS B 793 -41.11 -29.60 -21.58
C LYS B 793 -42.44 -29.93 -20.92
N THR B 794 -43.04 -28.91 -20.32
CA THR B 794 -44.35 -29.04 -19.68
C THR B 794 -45.44 -28.89 -20.73
N PRO B 795 -46.32 -29.89 -20.86
CA PRO B 795 -47.43 -29.77 -21.82
C PRO B 795 -48.41 -28.69 -21.38
N PRO B 796 -49.11 -28.06 -22.33
CA PRO B 796 -50.18 -27.14 -21.94
C PRO B 796 -51.24 -27.80 -21.08
N ILE B 797 -51.48 -29.09 -21.27
CA ILE B 797 -52.42 -29.85 -20.45
C ILE B 797 -51.71 -30.19 -19.13
N LYS B 798 -51.92 -29.37 -18.11
CA LYS B 798 -51.25 -29.54 -16.82
C LYS B 798 -52.15 -30.32 -15.86
N TYR B 799 -52.41 -31.58 -16.24
CA TYR B 799 -53.30 -32.45 -15.46
C TYR B 799 -52.48 -33.12 -14.36
N PHE B 800 -52.49 -32.51 -13.18
CA PHE B 800 -51.75 -33.03 -12.03
C PHE B 800 -52.67 -33.68 -11.00
N GLY B 801 -53.95 -33.82 -11.32
CA GLY B 801 -54.91 -34.31 -10.35
C GLY B 801 -55.17 -33.37 -9.19
N GLY B 802 -55.26 -32.07 -9.47
CA GLY B 802 -55.63 -31.09 -8.46
C GLY B 802 -54.49 -30.41 -7.74
N PHE B 803 -53.31 -30.34 -8.35
CA PHE B 803 -52.15 -29.68 -7.75
C PHE B 803 -51.74 -28.55 -8.69
N ASN B 804 -52.31 -27.37 -8.48
CA ASN B 804 -52.15 -26.26 -9.41
C ASN B 804 -50.88 -25.48 -9.06
N PHE B 805 -49.97 -25.39 -10.02
CA PHE B 805 -48.66 -24.77 -9.83
C PHE B 805 -48.53 -23.51 -10.68
N SER B 806 -49.64 -22.80 -10.88
CA SER B 806 -49.65 -21.71 -11.86
C SER B 806 -48.64 -20.63 -11.53
N GLN B 807 -48.43 -20.34 -10.24
CA GLN B 807 -47.56 -19.23 -9.90
C GLN B 807 -46.09 -19.58 -10.08
N ILE B 808 -45.75 -20.86 -10.11
CA ILE B 808 -44.37 -21.29 -10.31
C ILE B 808 -44.10 -21.68 -11.76
N LEU B 809 -45.04 -22.36 -12.39
CA LEU B 809 -44.84 -22.78 -13.78
C LEU B 809 -45.33 -21.69 -14.71
N PRO B 810 -44.48 -21.20 -15.62
CA PRO B 810 -44.94 -20.20 -16.59
C PRO B 810 -46.12 -20.72 -17.40
N ASP B 811 -47.12 -19.87 -17.55
CA ASP B 811 -48.32 -20.24 -18.28
C ASP B 811 -48.08 -20.10 -19.78
N PRO B 812 -48.42 -21.10 -20.59
CA PRO B 812 -48.32 -20.94 -22.04
C PRO B 812 -49.13 -19.77 -22.57
N SER B 813 -50.18 -19.37 -21.85
CA SER B 813 -50.92 -18.16 -22.21
C SER B 813 -50.17 -16.89 -21.85
N LYS B 814 -49.20 -16.96 -20.94
CA LYS B 814 -48.47 -15.78 -20.52
C LYS B 814 -47.41 -15.47 -21.57
N PRO B 815 -47.38 -14.24 -22.12
CA PRO B 815 -46.59 -14.00 -23.35
C PRO B 815 -45.11 -14.30 -23.24
N SER B 816 -44.45 -13.93 -22.15
CA SER B 816 -43.00 -14.05 -22.06
C SER B 816 -42.54 -15.27 -21.29
N LYS B 817 -43.46 -16.20 -20.98
CA LYS B 817 -43.11 -17.51 -20.42
C LYS B 817 -42.36 -17.38 -19.11
N ARG B 818 -42.84 -16.53 -18.21
CA ARG B 818 -42.22 -16.33 -16.92
C ARG B 818 -43.28 -16.47 -15.82
N SER B 819 -42.84 -16.97 -14.66
CA SER B 819 -43.78 -17.25 -13.59
C SER B 819 -44.23 -15.95 -12.92
N PHE B 820 -45.47 -15.91 -12.40
CA PHE B 820 -45.90 -14.74 -11.63
C PHE B 820 -45.02 -14.47 -10.43
N ILE B 821 -44.52 -15.52 -9.79
CA ILE B 821 -43.55 -15.33 -8.72
C ILE B 821 -42.29 -14.65 -9.25
N GLU B 822 -41.84 -15.05 -10.43
CA GLU B 822 -40.71 -14.37 -11.05
C GLU B 822 -41.04 -12.91 -11.30
N ASP B 823 -42.28 -12.62 -11.69
CA ASP B 823 -42.67 -11.24 -11.94
C ASP B 823 -42.60 -10.42 -10.66
N LEU B 824 -43.13 -10.98 -9.56
CA LEU B 824 -43.03 -10.32 -8.27
C LEU B 824 -41.56 -10.11 -7.89
N LEU B 825 -40.73 -11.12 -8.12
CA LEU B 825 -39.32 -11.01 -7.80
C LEU B 825 -38.68 -9.88 -8.59
N PHE B 826 -38.96 -9.84 -9.90
CA PHE B 826 -38.27 -8.92 -10.80
C PHE B 826 -38.69 -7.48 -10.55
N ASN B 827 -39.98 -7.24 -10.33
CA ASN B 827 -40.39 -5.87 -10.04
C ASN B 827 -40.14 -5.48 -8.59
N LYS B 828 -39.85 -6.44 -7.71
CA LYS B 828 -39.36 -6.08 -6.38
C LYS B 828 -37.89 -5.66 -6.43
N VAL B 829 -37.06 -6.42 -7.15
CA VAL B 829 -35.63 -6.13 -7.19
C VAL B 829 -35.37 -4.95 -8.11
N THR B 830 -34.27 -4.25 -7.86
CA THR B 830 -33.90 -3.09 -8.67
C THR B 830 -32.47 -3.22 -9.19
N LYS B 859 -19.03 5.50 -16.12
CA LYS B 859 -19.18 4.27 -16.89
C LYS B 859 -17.81 3.65 -17.14
N GLY B 860 -17.56 3.25 -18.38
CA GLY B 860 -16.30 2.65 -18.76
C GLY B 860 -16.18 1.18 -18.45
N LEU B 861 -17.18 0.59 -17.80
CA LEU B 861 -17.19 -0.83 -17.49
C LEU B 861 -18.34 -1.50 -18.23
N THR B 862 -18.25 -2.82 -18.35
CA THR B 862 -19.21 -3.59 -19.10
C THR B 862 -19.99 -4.52 -18.18
N VAL B 863 -21.19 -4.88 -18.62
CA VAL B 863 -21.94 -5.98 -18.04
C VAL B 863 -22.16 -7.00 -19.15
N LEU B 864 -21.62 -8.19 -18.95
CA LEU B 864 -21.80 -9.22 -19.95
C LEU B 864 -23.14 -9.92 -19.73
N PRO B 865 -23.89 -10.20 -20.80
CA PRO B 865 -25.14 -10.91 -20.62
C PRO B 865 -24.88 -12.32 -20.13
N PRO B 866 -25.82 -12.89 -19.38
CA PRO B 866 -25.67 -14.30 -19.01
C PRO B 866 -25.75 -15.17 -20.25
N LEU B 867 -24.99 -16.27 -20.24
CA LEU B 867 -25.12 -17.22 -21.33
C LEU B 867 -26.54 -17.73 -21.44
N LEU B 868 -27.15 -18.04 -20.31
CA LEU B 868 -28.57 -18.36 -20.25
C LEU B 868 -29.28 -17.07 -19.86
N THR B 869 -30.03 -16.48 -20.78
CA THR B 869 -30.74 -15.25 -20.50
C THR B 869 -31.85 -15.53 -19.49
N ASP B 870 -32.61 -14.48 -19.15
CA ASP B 870 -33.72 -14.69 -18.22
C ASP B 870 -34.73 -15.70 -18.77
N GLU B 871 -35.06 -15.58 -20.06
CA GLU B 871 -35.98 -16.53 -20.69
C GLU B 871 -35.42 -17.94 -20.64
N MET B 872 -34.13 -18.09 -20.97
CA MET B 872 -33.55 -19.41 -21.06
C MET B 872 -33.38 -20.05 -19.68
N ILE B 873 -33.04 -19.25 -18.67
CA ILE B 873 -33.02 -19.75 -17.30
C ILE B 873 -34.42 -20.19 -16.89
N ALA B 874 -35.43 -19.39 -17.22
CA ALA B 874 -36.80 -19.78 -16.90
C ALA B 874 -37.15 -21.10 -17.57
N GLN B 875 -36.72 -21.27 -18.82
CA GLN B 875 -36.96 -22.53 -19.53
C GLN B 875 -36.23 -23.69 -18.87
N TYR B 876 -35.00 -23.46 -18.42
CA TYR B 876 -34.27 -24.51 -17.70
C TYR B 876 -35.00 -24.89 -16.42
N THR B 877 -35.49 -23.90 -15.68
CA THR B 877 -36.26 -24.18 -14.47
C THR B 877 -37.52 -24.94 -14.80
N SER B 878 -38.18 -24.58 -15.90
CA SER B 878 -39.38 -25.29 -16.32
C SER B 878 -39.05 -26.75 -16.63
N ALA B 879 -37.93 -27.00 -17.30
CA ALA B 879 -37.52 -28.37 -17.57
C ALA B 879 -37.24 -29.12 -16.28
N LEU B 880 -36.58 -28.46 -15.32
CA LEU B 880 -36.31 -29.09 -14.04
C LEU B 880 -37.60 -29.45 -13.33
N LEU B 881 -38.56 -28.53 -13.34
CA LEU B 881 -39.85 -28.80 -12.72
C LEU B 881 -40.57 -29.94 -13.41
N ALA B 882 -40.55 -29.96 -14.74
CA ALA B 882 -41.20 -31.03 -15.48
C ALA B 882 -40.60 -32.37 -15.11
N GLY B 883 -39.28 -32.45 -15.09
CA GLY B 883 -38.61 -33.67 -14.69
C GLY B 883 -39.03 -34.09 -13.30
N THR B 884 -38.77 -33.23 -12.31
CA THR B 884 -39.00 -33.58 -10.92
C THR B 884 -40.47 -33.77 -10.58
N ILE B 885 -41.39 -33.37 -11.46
CA ILE B 885 -42.81 -33.48 -11.16
C ILE B 885 -43.40 -34.66 -11.91
N THR B 886 -43.36 -34.63 -13.24
CA THR B 886 -43.96 -35.69 -14.03
C THR B 886 -43.12 -36.95 -14.01
N SER B 887 -41.80 -36.81 -14.08
CA SER B 887 -40.91 -37.96 -14.12
C SER B 887 -40.07 -38.11 -12.87
N GLY B 888 -40.16 -37.16 -11.94
CA GLY B 888 -39.46 -37.30 -10.68
C GLY B 888 -37.97 -37.02 -10.79
N TRP B 889 -37.21 -37.63 -9.87
CA TRP B 889 -35.82 -37.29 -9.64
C TRP B 889 -34.85 -37.90 -10.64
N THR B 890 -35.25 -38.93 -11.38
CA THR B 890 -34.31 -39.72 -12.16
C THR B 890 -33.77 -38.98 -13.38
N PHE B 891 -34.36 -37.85 -13.77
CA PHE B 891 -33.88 -37.15 -14.96
C PHE B 891 -32.48 -36.59 -14.74
N GLY B 892 -32.05 -36.45 -13.48
CA GLY B 892 -30.66 -36.12 -13.22
C GLY B 892 -29.72 -37.24 -13.59
N ALA B 893 -30.12 -38.48 -13.30
CA ALA B 893 -29.30 -39.65 -13.61
C ALA B 893 -29.48 -40.15 -15.03
N GLY B 894 -30.46 -39.65 -15.77
CA GLY B 894 -30.64 -40.03 -17.15
C GLY B 894 -31.94 -39.53 -17.74
N ALA B 895 -32.60 -40.37 -18.54
CA ALA B 895 -33.90 -39.99 -19.10
C ALA B 895 -34.91 -39.67 -18.01
N ALA B 896 -35.82 -38.75 -18.32
CA ALA B 896 -36.91 -38.40 -17.41
C ALA B 896 -37.90 -39.55 -17.40
N LEU B 897 -37.59 -40.55 -16.59
CA LEU B 897 -38.41 -41.74 -16.46
C LEU B 897 -39.76 -41.33 -15.87
N GLN B 898 -40.80 -41.31 -16.69
CA GLN B 898 -42.10 -40.82 -16.24
C GLN B 898 -42.64 -41.70 -15.12
N ILE B 899 -43.29 -41.06 -14.16
CA ILE B 899 -43.83 -41.75 -12.98
C ILE B 899 -44.91 -40.87 -12.38
N PRO B 900 -46.11 -41.42 -12.15
CA PRO B 900 -47.22 -40.57 -11.69
C PRO B 900 -46.92 -39.86 -10.38
N PHE B 901 -47.45 -38.64 -10.27
CA PHE B 901 -47.17 -37.79 -9.11
C PHE B 901 -47.64 -38.38 -7.78
N ALA B 902 -48.85 -38.94 -7.64
CA ALA B 902 -49.23 -39.52 -6.35
C ALA B 902 -48.28 -40.62 -5.89
N MET B 903 -47.87 -41.52 -6.79
CA MET B 903 -46.92 -42.54 -6.40
C MET B 903 -45.50 -41.98 -6.23
N GLN B 904 -45.17 -40.87 -6.89
CA GLN B 904 -43.88 -40.22 -6.58
C GLN B 904 -43.88 -39.69 -5.15
N MET B 905 -44.96 -39.02 -4.75
CA MET B 905 -45.07 -38.59 -3.36
C MET B 905 -45.17 -39.77 -2.40
N ALA B 906 -45.72 -40.89 -2.85
CA ALA B 906 -45.70 -42.11 -2.05
C ALA B 906 -44.27 -42.60 -1.84
N TYR B 907 -43.46 -42.55 -2.89
CA TYR B 907 -42.04 -42.86 -2.77
C TYR B 907 -41.36 -41.92 -1.79
N ARG B 908 -41.71 -40.64 -1.84
CA ARG B 908 -41.12 -39.68 -0.90
C ARG B 908 -41.50 -39.98 0.56
N PHE B 909 -42.77 -40.32 0.79
CA PHE B 909 -43.17 -40.69 2.15
C PHE B 909 -42.51 -41.98 2.61
N ASN B 910 -42.32 -42.94 1.69
CA ASN B 910 -41.49 -44.10 2.01
C ASN B 910 -40.07 -43.67 2.34
N GLY B 911 -39.62 -42.56 1.74
CA GLY B 911 -38.33 -42.00 2.09
C GLY B 911 -38.30 -41.48 3.51
N ILE B 912 -39.33 -40.75 3.92
CA ILE B 912 -39.37 -40.22 5.29
C ILE B 912 -39.97 -41.19 6.29
N GLY B 913 -40.46 -42.34 5.84
CA GLY B 913 -40.93 -43.38 6.74
C GLY B 913 -42.44 -43.49 6.85
N VAL B 914 -43.13 -43.33 5.72
CA VAL B 914 -44.59 -43.33 5.67
C VAL B 914 -45.03 -44.22 4.51
N THR B 915 -46.02 -45.08 4.77
CA THR B 915 -46.53 -45.97 3.75
C THR B 915 -47.41 -45.22 2.76
N GLN B 916 -47.47 -45.74 1.53
CA GLN B 916 -48.26 -45.13 0.47
C GLN B 916 -49.76 -45.13 0.78
N ASN B 917 -50.23 -46.09 1.59
CA ASN B 917 -51.63 -46.06 2.00
C ASN B 917 -51.93 -44.80 2.81
N VAL B 918 -50.98 -44.36 3.64
CA VAL B 918 -51.17 -43.14 4.42
C VAL B 918 -51.32 -41.95 3.49
N LEU B 919 -50.53 -41.91 2.42
CA LEU B 919 -50.73 -40.86 1.43
C LEU B 919 -52.11 -40.96 0.80
N TYR B 920 -52.50 -42.17 0.36
CA TYR B 920 -53.75 -42.31 -0.38
C TYR B 920 -54.95 -41.92 0.46
N GLU B 921 -54.89 -42.18 1.77
CA GLU B 921 -55.94 -41.70 2.66
C GLU B 921 -55.79 -40.20 2.93
N ASN B 922 -54.59 -39.66 2.75
CA ASN B 922 -54.30 -38.26 3.04
C ASN B 922 -53.98 -37.46 1.79
N GLN B 923 -54.13 -38.04 0.60
CA GLN B 923 -53.77 -37.34 -0.63
C GLN B 923 -54.51 -36.02 -0.77
N LYS B 924 -55.84 -36.06 -0.64
CA LYS B 924 -56.64 -34.86 -0.83
C LYS B 924 -56.29 -33.79 0.19
N LEU B 925 -56.16 -34.18 1.46
CA LEU B 925 -55.91 -33.20 2.51
C LEU B 925 -54.52 -32.59 2.38
N ILE B 926 -53.51 -33.40 2.08
CA ILE B 926 -52.18 -32.83 1.87
C ILE B 926 -52.17 -31.96 0.63
N ALA B 927 -52.97 -32.29 -0.39
CA ALA B 927 -53.06 -31.43 -1.57
C ALA B 927 -53.65 -30.07 -1.19
N ASN B 928 -54.71 -30.07 -0.40
CA ASN B 928 -55.30 -28.81 0.03
C ASN B 928 -54.33 -28.01 0.89
N GLN B 929 -53.63 -28.69 1.79
CA GLN B 929 -52.65 -28.00 2.64
C GLN B 929 -51.53 -27.41 1.77
N PHE B 930 -51.04 -28.18 0.80
CA PHE B 930 -49.98 -27.71 -0.06
C PHE B 930 -50.42 -26.51 -0.89
N ASN B 931 -51.63 -26.55 -1.46
CA ASN B 931 -52.07 -25.43 -2.28
C ASN B 931 -52.33 -24.19 -1.44
N SER B 932 -52.89 -24.35 -0.25
CA SER B 932 -53.05 -23.22 0.66
C SER B 932 -51.70 -22.64 1.05
N ALA B 933 -50.72 -23.51 1.28
CA ALA B 933 -49.37 -23.04 1.61
C ALA B 933 -48.76 -22.29 0.43
N ILE B 934 -49.04 -22.76 -0.79
CA ILE B 934 -48.58 -22.03 -1.98
C ILE B 934 -49.20 -20.65 -2.03
N GLY B 935 -50.49 -20.56 -1.70
CA GLY B 935 -51.13 -19.25 -1.62
C GLY B 935 -50.49 -18.36 -0.57
N LYS B 936 -50.16 -18.93 0.59
CA LYS B 936 -49.46 -18.16 1.61
C LYS B 936 -48.09 -17.71 1.10
N ILE B 937 -47.42 -18.56 0.34
CA ILE B 937 -46.15 -18.18 -0.27
C ILE B 937 -46.34 -17.00 -1.22
N GLN B 938 -47.39 -17.06 -2.04
CA GLN B 938 -47.70 -15.95 -2.93
C GLN B 938 -47.88 -14.65 -2.15
N ASP B 939 -48.71 -14.70 -1.11
CA ASP B 939 -48.97 -13.49 -0.33
C ASP B 939 -47.72 -12.99 0.37
N SER B 940 -46.94 -13.91 0.94
CA SER B 940 -45.73 -13.53 1.67
C SER B 940 -44.70 -12.89 0.75
N LEU B 941 -44.47 -13.48 -0.42
CA LEU B 941 -43.54 -12.88 -1.37
C LEU B 941 -44.07 -11.55 -1.90
N SER B 942 -45.38 -11.42 -2.08
CA SER B 942 -45.93 -10.18 -2.59
C SER B 942 -45.84 -9.05 -1.57
N SER B 943 -46.07 -9.35 -0.30
CA SER B 943 -46.20 -8.33 0.73
C SER B 943 -45.01 -8.24 1.68
N THR B 944 -43.96 -9.03 1.47
CA THR B 944 -42.86 -9.10 2.42
C THR B 944 -41.62 -8.46 1.83
N ALA B 945 -41.26 -7.25 2.26
CA ALA B 945 -39.98 -6.65 1.79
C ALA B 945 -38.76 -7.42 2.26
N SER B 946 -38.87 -8.23 3.31
CA SER B 946 -37.76 -9.01 3.81
C SER B 946 -37.71 -10.43 3.23
N ALA B 947 -38.63 -10.76 2.32
CA ALA B 947 -38.61 -12.08 1.71
C ALA B 947 -37.41 -12.27 0.79
N LEU B 948 -36.95 -11.18 0.16
CA LEU B 948 -35.81 -11.22 -0.75
C LEU B 948 -34.56 -10.62 -0.13
N GLY B 949 -34.32 -10.89 1.16
CA GLY B 949 -33.18 -10.29 1.82
C GLY B 949 -31.86 -10.67 1.17
N LYS B 950 -31.65 -11.97 0.94
CA LYS B 950 -30.35 -12.43 0.47
C LYS B 950 -30.06 -11.98 -0.96
N LEU B 951 -30.99 -12.23 -1.88
CA LEU B 951 -30.78 -11.79 -3.25
C LEU B 951 -30.70 -10.27 -3.35
N GLN B 952 -31.57 -9.57 -2.63
CA GLN B 952 -31.58 -8.13 -2.72
C GLN B 952 -30.27 -7.55 -2.20
N ASP B 953 -29.72 -8.14 -1.11
CA ASP B 953 -28.46 -7.65 -0.59
C ASP B 953 -27.27 -8.04 -1.46
N VAL B 954 -27.30 -9.21 -2.10
CA VAL B 954 -26.17 -9.54 -2.97
C VAL B 954 -26.16 -8.65 -4.20
N VAL B 955 -27.35 -8.38 -4.76
CA VAL B 955 -27.46 -7.40 -5.83
C VAL B 955 -26.95 -6.05 -5.35
N ASN B 956 -27.31 -5.66 -4.12
CA ASN B 956 -26.73 -4.46 -3.52
C ASN B 956 -25.21 -4.54 -3.56
N HIS B 957 -24.64 -5.49 -2.84
CA HIS B 957 -23.19 -5.62 -2.73
C HIS B 957 -22.52 -5.39 -4.08
N ASN B 958 -23.04 -6.04 -5.12
CA ASN B 958 -22.54 -5.74 -6.46
C ASN B 958 -22.74 -4.26 -6.81
N ALA B 959 -23.92 -3.72 -6.49
CA ALA B 959 -24.26 -2.36 -6.93
C ALA B 959 -23.38 -1.31 -6.29
N GLN B 960 -23.34 -1.27 -4.95
CA GLN B 960 -22.44 -0.29 -4.33
C GLN B 960 -20.98 -0.68 -4.45
N ALA B 961 -20.64 -1.93 -4.76
CA ALA B 961 -19.26 -2.21 -5.14
C ALA B 961 -18.90 -1.42 -6.40
N LEU B 962 -19.73 -1.55 -7.43
CA LEU B 962 -19.52 -0.77 -8.65
C LEU B 962 -19.64 0.72 -8.39
N ASN B 963 -20.47 1.11 -7.44
CA ASN B 963 -20.67 2.52 -7.15
C ASN B 963 -19.45 3.13 -6.49
N THR B 964 -18.90 2.47 -5.48
CA THR B 964 -17.63 2.91 -4.92
C THR B 964 -16.53 2.85 -5.96
N LEU B 965 -16.61 1.88 -6.87
CA LEU B 965 -15.68 1.84 -8.01
C LEU B 965 -15.73 3.13 -8.80
N VAL B 966 -16.93 3.55 -9.20
CA VAL B 966 -17.02 4.74 -10.05
C VAL B 966 -16.71 6.01 -9.27
N LYS B 967 -17.15 6.10 -8.01
CA LYS B 967 -16.79 7.26 -7.19
C LYS B 967 -15.30 7.33 -6.91
N GLN B 968 -14.59 6.21 -6.97
CA GLN B 968 -13.15 6.27 -6.80
C GLN B 968 -12.51 7.13 -7.88
N LEU B 969 -13.04 7.08 -9.10
CA LEU B 969 -12.57 7.99 -10.15
C LEU B 969 -12.77 9.45 -9.76
N SER B 970 -13.73 9.72 -8.88
CA SER B 970 -13.98 11.06 -8.40
C SER B 970 -13.13 11.42 -7.18
N SER B 971 -12.29 10.50 -6.72
CA SER B 971 -11.36 10.78 -5.63
C SER B 971 -10.18 11.56 -6.21
N LYS B 972 -10.10 12.84 -5.87
CA LYS B 972 -9.21 13.74 -6.60
C LYS B 972 -7.75 13.56 -6.21
N PHE B 973 -7.49 13.20 -4.95
CA PHE B 973 -6.14 13.03 -4.42
C PHE B 973 -5.31 14.31 -4.53
N GLY B 974 -5.95 15.45 -4.31
CA GLY B 974 -5.25 16.69 -4.07
C GLY B 974 -4.77 17.46 -5.28
N ALA B 975 -5.12 17.03 -6.50
CA ALA B 975 -4.66 17.71 -7.70
C ALA B 975 -5.72 18.72 -8.17
N ILE B 976 -5.44 19.37 -9.30
CA ILE B 976 -6.31 20.43 -9.77
C ILE B 976 -7.40 19.88 -10.69
N SER B 977 -7.03 19.03 -11.65
CA SER B 977 -8.00 18.46 -12.57
C SER B 977 -7.54 17.07 -12.97
N SER B 978 -8.50 16.13 -13.00
CA SER B 978 -8.19 14.76 -13.35
C SER B 978 -7.88 14.60 -14.83
N VAL B 979 -8.25 15.57 -15.65
CA VAL B 979 -7.87 15.60 -17.05
C VAL B 979 -6.46 16.17 -17.15
N LEU B 980 -5.60 15.49 -17.92
CA LEU B 980 -4.18 15.76 -17.87
C LEU B 980 -3.84 17.13 -18.45
N ASN B 981 -4.74 17.68 -19.27
CA ASN B 981 -4.44 18.91 -20.00
C ASN B 981 -4.23 20.07 -19.05
N ASP B 982 -5.09 20.19 -18.04
CA ASP B 982 -4.97 21.30 -17.09
C ASP B 982 -3.69 21.17 -16.28
N ILE B 983 -3.35 19.95 -15.87
CA ILE B 983 -2.12 19.73 -15.12
C ILE B 983 -0.92 20.18 -15.94
N PHE B 984 -0.88 19.78 -17.23
CA PHE B 984 0.24 20.17 -18.06
C PHE B 984 0.27 21.67 -18.33
N SER B 985 -0.92 22.28 -18.50
CA SER B 985 -0.97 23.69 -18.88
C SER B 985 -0.60 24.60 -17.71
N ARG B 986 -0.94 24.22 -16.48
CA ARG B 986 -0.64 25.07 -15.33
C ARG B 986 0.52 24.57 -14.48
N LEU B 987 1.15 23.44 -14.84
CA LEU B 987 2.26 22.91 -14.08
C LEU B 987 3.41 22.57 -15.03
N ASP B 988 4.61 22.48 -14.45
CA ASP B 988 5.76 22.04 -15.22
C ASP B 988 5.57 20.60 -15.67
N PRO B 989 5.99 20.24 -16.87
CA PRO B 989 5.83 18.86 -17.36
C PRO B 989 6.49 17.84 -16.45
N PRO B 990 7.70 18.09 -15.91
CA PRO B 990 8.31 17.06 -15.06
C PRO B 990 7.49 16.72 -13.82
N GLU B 991 6.97 17.72 -13.11
CA GLU B 991 6.16 17.44 -11.93
C GLU B 991 4.77 16.96 -12.32
N ALA B 992 4.26 17.43 -13.46
CA ALA B 992 3.00 16.92 -13.97
C ALA B 992 3.06 15.42 -14.21
N GLU B 993 4.17 14.95 -14.78
CA GLU B 993 4.34 13.52 -15.01
C GLU B 993 4.30 12.73 -13.70
N VAL B 994 5.02 13.21 -12.68
CA VAL B 994 5.07 12.49 -11.40
C VAL B 994 3.70 12.47 -10.73
N GLN B 995 2.99 13.59 -10.75
CA GLN B 995 1.65 13.62 -10.17
C GLN B 995 0.69 12.73 -10.95
N ILE B 996 0.84 12.68 -12.27
CA ILE B 996 0.07 11.75 -13.09
C ILE B 996 0.33 10.32 -12.63
N ASP B 997 1.60 9.99 -12.42
CA ASP B 997 1.95 8.64 -11.97
C ASP B 997 1.31 8.34 -10.63
N ARG B 998 1.34 9.29 -9.71
CA ARG B 998 0.73 9.10 -8.39
C ARG B 998 -0.77 8.85 -8.51
N LEU B 999 -1.46 9.68 -9.29
CA LEU B 999 -2.91 9.53 -9.40
C LEU B 999 -3.28 8.21 -10.06
N ILE B 1000 -2.58 7.86 -11.15
CA ILE B 1000 -2.92 6.63 -11.86
C ILE B 1000 -2.57 5.41 -11.03
N THR B 1001 -1.50 5.47 -10.22
CA THR B 1001 -1.20 4.33 -9.38
C THR B 1001 -2.18 4.20 -8.22
N GLY B 1002 -2.68 5.33 -7.71
CA GLY B 1002 -3.76 5.25 -6.73
C GLY B 1002 -4.99 4.58 -7.31
N ARG B 1003 -5.39 4.99 -8.51
CA ARG B 1003 -6.54 4.35 -9.16
C ARG B 1003 -6.28 2.88 -9.45
N LEU B 1004 -5.05 2.54 -9.84
CA LEU B 1004 -4.71 1.16 -10.12
C LEU B 1004 -4.81 0.31 -8.86
N GLN B 1005 -4.30 0.82 -7.73
CA GLN B 1005 -4.48 0.12 -6.47
C GLN B 1005 -5.95 -0.03 -6.12
N SER B 1006 -6.74 1.02 -6.39
CA SER B 1006 -8.17 0.93 -6.10
C SER B 1006 -8.84 -0.18 -6.90
N LEU B 1007 -8.51 -0.27 -8.19
CA LEU B 1007 -9.10 -1.31 -9.02
C LEU B 1007 -8.64 -2.69 -8.56
N GLN B 1008 -7.37 -2.82 -8.21
CA GLN B 1008 -6.88 -4.09 -7.68
C GLN B 1008 -7.62 -4.48 -6.41
N THR B 1009 -7.84 -3.51 -5.53
CA THR B 1009 -8.58 -3.79 -4.30
C THR B 1009 -10.01 -4.21 -4.61
N TYR B 1010 -10.66 -3.51 -5.54
CA TYR B 1010 -12.02 -3.85 -5.92
C TYR B 1010 -12.09 -5.28 -6.43
N VAL B 1011 -11.21 -5.64 -7.37
CA VAL B 1011 -11.24 -6.99 -7.89
C VAL B 1011 -10.82 -7.99 -6.82
N THR B 1012 -10.05 -7.56 -5.82
CA THR B 1012 -9.74 -8.43 -4.70
C THR B 1012 -11.01 -8.86 -3.98
N GLN B 1013 -11.80 -7.89 -3.54
CA GLN B 1013 -13.08 -8.29 -2.93
C GLN B 1013 -14.03 -8.93 -3.93
N GLN B 1014 -13.89 -8.62 -5.22
CA GLN B 1014 -14.71 -9.30 -6.21
C GLN B 1014 -14.39 -10.78 -6.26
N LEU B 1015 -13.11 -11.15 -6.22
CA LEU B 1015 -12.74 -12.55 -6.05
C LEU B 1015 -13.23 -13.11 -4.72
N ILE B 1016 -13.26 -12.28 -3.68
CA ILE B 1016 -13.72 -12.78 -2.39
C ILE B 1016 -15.18 -13.23 -2.46
N ARG B 1017 -16.06 -12.36 -2.94
CA ARG B 1017 -17.41 -12.83 -3.25
C ARG B 1017 -17.43 -13.90 -4.34
N ALA B 1018 -16.48 -13.91 -5.26
CA ALA B 1018 -16.46 -14.96 -6.25
C ALA B 1018 -16.38 -16.32 -5.59
N ALA B 1019 -15.42 -16.48 -4.67
CA ALA B 1019 -15.31 -17.72 -3.92
C ALA B 1019 -16.54 -17.95 -3.05
N GLU B 1020 -17.03 -16.90 -2.38
CA GLU B 1020 -18.14 -17.07 -1.45
C GLU B 1020 -19.40 -17.55 -2.17
N ILE B 1021 -19.88 -16.76 -3.13
CA ILE B 1021 -21.04 -17.17 -3.90
C ILE B 1021 -20.77 -18.40 -4.74
N ARG B 1022 -19.52 -18.70 -5.10
CA ARG B 1022 -19.26 -19.96 -5.77
C ARG B 1022 -19.55 -21.14 -4.86
N ALA B 1023 -19.10 -21.06 -3.62
CA ALA B 1023 -19.45 -22.09 -2.64
C ALA B 1023 -20.95 -22.14 -2.43
N SER B 1024 -21.60 -20.97 -2.38
CA SER B 1024 -23.05 -20.95 -2.19
C SER B 1024 -23.77 -21.62 -3.34
N ALA B 1025 -23.30 -21.38 -4.58
CA ALA B 1025 -23.95 -21.97 -5.74
C ALA B 1025 -23.64 -23.45 -5.85
N ASN B 1026 -22.46 -23.87 -5.38
CA ASN B 1026 -22.20 -25.30 -5.24
C ASN B 1026 -23.21 -25.91 -4.28
N LEU B 1027 -23.46 -25.24 -3.17
CA LEU B 1027 -24.51 -25.67 -2.25
C LEU B 1027 -25.87 -25.70 -2.95
N ALA B 1028 -26.12 -24.72 -3.81
CA ALA B 1028 -27.40 -24.67 -4.51
C ALA B 1028 -27.56 -25.86 -5.45
N ALA B 1029 -26.51 -26.19 -6.20
CA ALA B 1029 -26.56 -27.36 -7.06
C ALA B 1029 -26.71 -28.63 -6.23
N THR B 1030 -26.01 -28.69 -5.10
CA THR B 1030 -26.10 -29.86 -4.24
C THR B 1030 -27.51 -30.03 -3.71
N LYS B 1031 -28.17 -28.92 -3.36
CA LYS B 1031 -29.52 -29.03 -2.82
C LYS B 1031 -30.59 -29.14 -3.90
N MET B 1032 -30.30 -28.80 -5.15
CA MET B 1032 -31.19 -29.26 -6.21
C MET B 1032 -31.03 -30.76 -6.42
N SER B 1033 -29.81 -31.26 -6.31
CA SER B 1033 -29.58 -32.70 -6.39
C SER B 1033 -30.31 -33.43 -5.26
N GLU B 1034 -30.16 -32.94 -4.03
CA GLU B 1034 -30.72 -33.62 -2.86
C GLU B 1034 -32.16 -33.24 -2.58
N CYS B 1035 -32.65 -32.15 -3.15
CA CYS B 1035 -33.96 -31.63 -2.83
C CYS B 1035 -34.90 -31.57 -4.03
N VAL B 1036 -34.39 -31.26 -5.22
CA VAL B 1036 -35.17 -31.31 -6.44
C VAL B 1036 -34.93 -32.61 -7.19
N LEU B 1037 -33.66 -32.98 -7.38
CA LEU B 1037 -33.30 -34.21 -8.07
C LEU B 1037 -33.32 -35.42 -7.15
N GLY B 1038 -33.98 -35.31 -6.00
CA GLY B 1038 -34.09 -36.44 -5.10
C GLY B 1038 -34.52 -35.99 -3.72
N GLN B 1039 -34.44 -36.92 -2.77
CA GLN B 1039 -34.68 -36.62 -1.37
C GLN B 1039 -33.36 -36.54 -0.64
N SER B 1040 -33.26 -35.60 0.30
CA SER B 1040 -32.08 -35.42 1.12
C SER B 1040 -32.31 -36.01 2.51
N LYS B 1041 -31.39 -36.84 2.96
CA LYS B 1041 -31.37 -37.24 4.36
C LYS B 1041 -30.82 -36.13 5.25
N ARG B 1042 -30.26 -35.08 4.66
CA ARG B 1042 -29.57 -34.05 5.42
C ARG B 1042 -30.58 -33.18 6.16
N VAL B 1043 -30.25 -32.84 7.39
CA VAL B 1043 -31.08 -31.98 8.22
C VAL B 1043 -30.61 -30.54 8.04
N ASP B 1044 -31.57 -29.62 7.98
CA ASP B 1044 -31.29 -28.19 7.77
C ASP B 1044 -30.53 -27.96 6.47
N PHE B 1045 -30.90 -28.70 5.43
CA PHE B 1045 -30.28 -28.54 4.13
C PHE B 1045 -31.29 -28.24 3.02
N CYS B 1046 -32.46 -28.87 3.05
CA CYS B 1046 -33.59 -28.48 2.21
C CYS B 1046 -34.59 -27.63 2.97
N GLY B 1047 -34.11 -26.81 3.89
CA GLY B 1047 -34.98 -26.12 4.82
C GLY B 1047 -35.07 -26.86 6.15
N LYS B 1048 -35.91 -26.32 7.02
CA LYS B 1048 -35.99 -26.81 8.40
C LYS B 1048 -36.89 -28.04 8.47
N GLY B 1049 -36.31 -29.17 8.85
CA GLY B 1049 -37.06 -30.38 9.12
C GLY B 1049 -36.82 -31.45 8.07
N TYR B 1050 -37.49 -32.57 8.28
CA TYR B 1050 -37.49 -33.66 7.31
C TYR B 1050 -37.97 -33.14 5.96
N HIS B 1051 -37.28 -33.52 4.90
CA HIS B 1051 -37.61 -32.97 3.59
C HIS B 1051 -38.59 -33.86 2.84
N LEU B 1052 -39.48 -33.24 2.07
CA LEU B 1052 -40.46 -33.94 1.26
C LEU B 1052 -40.34 -33.60 -0.22
N MET B 1053 -40.18 -32.34 -0.59
CA MET B 1053 -40.18 -31.97 -1.99
C MET B 1053 -39.58 -30.57 -2.15
N SER B 1054 -39.22 -30.22 -3.39
CA SER B 1054 -38.70 -28.89 -3.69
C SER B 1054 -39.06 -28.49 -5.11
N PHE B 1055 -39.12 -27.17 -5.34
CA PHE B 1055 -39.45 -26.59 -6.64
C PHE B 1055 -38.59 -25.35 -6.92
N PRO B 1056 -37.61 -25.46 -7.81
CA PRO B 1056 -36.76 -24.30 -8.10
C PRO B 1056 -37.53 -23.22 -8.84
N GLN B 1057 -37.06 -21.98 -8.67
CA GLN B 1057 -37.65 -20.84 -9.35
C GLN B 1057 -36.56 -19.87 -9.77
N SER B 1058 -36.70 -19.32 -10.97
CA SER B 1058 -35.71 -18.39 -11.49
C SER B 1058 -35.71 -17.09 -10.69
N ALA B 1059 -34.58 -16.43 -10.67
CA ALA B 1059 -34.42 -15.18 -9.93
C ALA B 1059 -33.25 -14.42 -10.52
N PRO B 1060 -33.25 -13.09 -10.41
CA PRO B 1060 -32.12 -12.31 -10.95
C PRO B 1060 -30.82 -12.68 -10.25
N HIS B 1061 -29.91 -13.27 -11.01
CA HIS B 1061 -28.59 -13.65 -10.54
C HIS B 1061 -28.64 -14.67 -9.40
N GLY B 1062 -29.79 -15.31 -9.20
CA GLY B 1062 -29.92 -16.25 -8.12
C GLY B 1062 -31.10 -17.18 -8.33
N VAL B 1063 -31.42 -17.94 -7.28
CA VAL B 1063 -32.52 -18.88 -7.32
C VAL B 1063 -33.36 -18.69 -6.06
N VAL B 1064 -34.62 -19.09 -6.17
CA VAL B 1064 -35.56 -19.09 -5.05
C VAL B 1064 -36.28 -20.42 -5.05
N PHE B 1065 -36.47 -20.99 -3.86
CA PHE B 1065 -37.04 -22.32 -3.74
C PHE B 1065 -38.29 -22.26 -2.87
N LEU B 1066 -39.19 -23.22 -3.09
CA LEU B 1066 -40.33 -23.45 -2.22
C LEU B 1066 -40.20 -24.89 -1.74
N HIS B 1067 -39.44 -25.07 -0.66
CA HIS B 1067 -39.19 -26.41 -0.16
C HIS B 1067 -40.38 -26.92 0.62
N VAL B 1068 -40.64 -28.21 0.48
CA VAL B 1068 -41.70 -28.88 1.23
C VAL B 1068 -41.04 -29.61 2.38
N THR B 1069 -41.10 -29.02 3.57
CA THR B 1069 -40.41 -29.52 4.75
C THR B 1069 -41.46 -30.02 5.73
N TYR B 1070 -41.30 -31.27 6.17
CA TYR B 1070 -42.28 -31.86 7.07
C TYR B 1070 -42.09 -31.29 8.46
N VAL B 1071 -43.16 -30.72 9.02
CA VAL B 1071 -43.12 -30.16 10.37
C VAL B 1071 -44.23 -30.77 11.23
N PRO B 1072 -43.90 -31.59 12.22
CA PRO B 1072 -44.95 -32.15 13.09
C PRO B 1072 -45.56 -31.09 14.00
N ALA B 1073 -46.75 -31.40 14.51
CA ALA B 1073 -47.42 -30.55 15.48
C ALA B 1073 -48.45 -31.37 16.25
N GLN B 1074 -48.83 -30.85 17.42
CA GLN B 1074 -49.88 -31.43 18.26
C GLN B 1074 -49.58 -32.89 18.59
N GLU B 1075 -48.51 -33.10 19.34
CA GLU B 1075 -48.20 -34.43 19.83
C GLU B 1075 -49.25 -34.88 20.83
N LYS B 1076 -49.50 -36.20 20.87
CA LYS B 1076 -50.47 -36.76 21.81
C LYS B 1076 -49.78 -37.82 22.66
N ASN B 1077 -50.00 -37.74 23.96
CA ASN B 1077 -49.15 -38.36 24.97
C ASN B 1077 -49.73 -39.75 25.27
N PHE B 1078 -48.89 -40.78 25.17
CA PHE B 1078 -49.39 -42.17 25.17
C PHE B 1078 -48.64 -43.12 26.08
N THR B 1079 -48.90 -44.42 25.91
CA THR B 1079 -48.40 -45.47 26.78
C THR B 1079 -47.72 -46.54 25.95
N THR B 1080 -46.64 -47.11 26.49
CA THR B 1080 -45.88 -48.16 25.83
C THR B 1080 -45.20 -49.03 26.88
N ALA B 1081 -44.89 -50.26 26.50
CA ALA B 1081 -44.15 -51.19 27.34
C ALA B 1081 -42.91 -51.66 26.59
N PRO B 1082 -41.84 -52.03 27.31
CA PRO B 1082 -40.59 -52.39 26.62
C PRO B 1082 -40.75 -53.54 25.63
N ALA B 1083 -41.55 -54.55 25.97
CA ALA B 1083 -41.79 -55.66 25.07
C ALA B 1083 -43.06 -56.37 25.50
N ILE B 1084 -43.64 -57.10 24.55
CA ILE B 1084 -44.86 -57.88 24.78
C ILE B 1084 -44.49 -59.35 24.83
N CYS B 1085 -44.79 -60.01 25.95
CA CYS B 1085 -44.43 -61.40 26.16
C CYS B 1085 -45.66 -62.27 25.99
N HIS B 1086 -45.67 -63.07 24.93
CA HIS B 1086 -46.76 -63.98 24.63
C HIS B 1086 -46.24 -65.42 24.67
N ASP B 1087 -46.89 -66.26 25.47
CA ASP B 1087 -46.46 -67.65 25.67
C ASP B 1087 -45.02 -67.71 26.18
N GLY B 1088 -44.66 -66.76 27.04
CA GLY B 1088 -43.29 -66.66 27.50
C GLY B 1088 -42.31 -66.20 26.45
N LYS B 1089 -42.80 -65.72 25.32
CA LYS B 1089 -41.97 -65.33 24.19
C LYS B 1089 -42.17 -63.86 23.88
N ALA B 1090 -41.07 -63.14 23.68
CA ALA B 1090 -41.12 -61.72 23.39
C ALA B 1090 -41.34 -61.49 21.91
N HIS B 1091 -42.46 -60.85 21.57
CA HIS B 1091 -42.83 -60.57 20.19
C HIS B 1091 -42.52 -59.11 19.89
N PHE B 1092 -41.70 -58.88 18.87
CA PHE B 1092 -41.32 -57.54 18.45
C PHE B 1092 -41.78 -57.28 17.02
N PRO B 1093 -42.42 -56.14 16.76
CA PRO B 1093 -42.70 -55.77 15.37
C PRO B 1093 -41.42 -55.56 14.59
N ARG B 1094 -41.47 -55.90 13.30
CA ARG B 1094 -40.30 -55.71 12.46
C ARG B 1094 -39.91 -54.24 12.36
N GLU B 1095 -40.91 -53.36 12.28
CA GLU B 1095 -40.67 -51.94 12.09
C GLU B 1095 -41.42 -51.04 13.05
N GLY B 1096 -42.54 -51.50 13.63
CA GLY B 1096 -43.39 -50.65 14.44
C GLY B 1096 -43.13 -50.79 15.93
N VAL B 1097 -43.89 -50.03 16.70
CA VAL B 1097 -43.80 -50.01 18.15
C VAL B 1097 -45.18 -50.29 18.74
N PHE B 1098 -45.23 -51.18 19.73
CA PHE B 1098 -46.47 -51.49 20.42
C PHE B 1098 -46.85 -50.34 21.35
N VAL B 1099 -48.03 -49.76 21.15
CA VAL B 1099 -48.55 -48.74 22.05
C VAL B 1099 -49.96 -49.15 22.48
N SER B 1100 -50.35 -48.72 23.67
CA SER B 1100 -51.67 -49.00 24.21
C SER B 1100 -52.34 -47.68 24.61
N ASN B 1101 -53.57 -47.49 24.18
CA ASN B 1101 -54.32 -46.30 24.56
C ASN B 1101 -54.99 -46.44 25.93
N GLY B 1102 -54.92 -47.61 26.53
CA GLY B 1102 -55.51 -47.83 27.84
C GLY B 1102 -56.32 -49.11 27.93
N THR B 1103 -56.70 -49.66 26.78
CA THR B 1103 -57.53 -50.86 26.73
C THR B 1103 -56.86 -52.03 26.04
N HIS B 1104 -56.28 -51.82 24.86
CA HIS B 1104 -55.73 -52.92 24.07
C HIS B 1104 -54.34 -52.55 23.56
N TRP B 1105 -53.57 -53.58 23.21
CA TRP B 1105 -52.25 -53.39 22.65
C TRP B 1105 -52.34 -53.35 21.13
N PHE B 1106 -51.56 -52.46 20.52
CA PHE B 1106 -51.60 -52.26 19.08
C PHE B 1106 -50.18 -52.03 18.56
N VAL B 1107 -49.95 -52.47 17.32
CA VAL B 1107 -48.72 -52.18 16.59
C VAL B 1107 -49.02 -51.04 15.63
N THR B 1108 -48.20 -49.99 15.69
CA THR B 1108 -48.44 -48.80 14.89
C THR B 1108 -47.11 -48.25 14.41
N GLN B 1109 -47.16 -47.04 13.87
CA GLN B 1109 -46.01 -46.41 13.26
C GLN B 1109 -45.15 -45.70 14.30
N ARG B 1110 -43.88 -45.50 13.94
CA ARG B 1110 -42.96 -44.82 14.83
C ARG B 1110 -43.33 -43.35 15.01
N ASN B 1111 -44.00 -42.77 14.01
CA ASN B 1111 -44.37 -41.36 14.05
C ASN B 1111 -45.87 -41.13 14.18
N PHE B 1112 -46.71 -42.15 14.03
CA PHE B 1112 -48.14 -41.92 14.03
C PHE B 1112 -48.86 -43.16 14.54
N TYR B 1113 -50.12 -42.94 14.92
CA TYR B 1113 -50.98 -43.97 15.52
C TYR B 1113 -51.81 -44.60 14.41
N GLU B 1114 -51.31 -45.71 13.85
CA GLU B 1114 -52.05 -46.51 12.88
C GLU B 1114 -52.00 -47.96 13.34
N PRO B 1115 -52.92 -48.36 14.22
CA PRO B 1115 -52.91 -49.74 14.73
C PRO B 1115 -53.26 -50.75 13.66
N GLN B 1116 -52.70 -51.94 13.82
CA GLN B 1116 -53.01 -53.07 12.95
C GLN B 1116 -52.91 -54.36 13.76
N ILE B 1117 -53.34 -55.46 13.13
CA ILE B 1117 -53.30 -56.76 13.78
C ILE B 1117 -51.87 -57.27 13.80
N ILE B 1118 -51.40 -57.69 14.98
CA ILE B 1118 -50.07 -58.26 15.12
C ILE B 1118 -50.11 -59.68 14.55
N THR B 1119 -49.62 -59.83 13.32
CA THR B 1119 -49.69 -61.10 12.61
C THR B 1119 -48.36 -61.83 12.70
N THR B 1120 -48.24 -62.92 11.94
CA THR B 1120 -47.01 -63.68 11.89
C THR B 1120 -45.96 -63.08 10.97
N ASP B 1121 -46.30 -62.01 10.25
CA ASP B 1121 -45.37 -61.39 9.31
C ASP B 1121 -44.69 -60.15 9.87
N ASN B 1122 -45.16 -59.62 11.01
CA ASN B 1122 -44.49 -58.52 11.67
C ASN B 1122 -43.68 -58.94 12.88
N THR B 1123 -43.93 -60.12 13.43
CA THR B 1123 -43.23 -60.63 14.59
C THR B 1123 -42.31 -61.77 14.19
N PHE B 1124 -41.21 -61.91 14.92
CA PHE B 1124 -40.17 -62.86 14.59
C PHE B 1124 -39.74 -63.62 15.84
N VAL B 1125 -39.19 -64.81 15.62
CA VAL B 1125 -38.72 -65.65 16.72
C VAL B 1125 -37.32 -65.20 17.10
N SER B 1126 -37.15 -64.76 18.35
CA SER B 1126 -35.84 -64.32 18.83
C SER B 1126 -35.82 -64.44 20.34
N GLY B 1127 -35.18 -65.49 20.84
CA GLY B 1127 -34.91 -65.62 22.26
C GLY B 1127 -36.16 -65.71 23.13
N ASN B 1128 -36.05 -65.13 24.31
CA ASN B 1128 -37.09 -65.16 25.34
C ASN B 1128 -37.30 -63.75 25.92
N CYS B 1129 -38.12 -63.69 26.97
CA CYS B 1129 -38.43 -62.44 27.65
C CYS B 1129 -37.56 -62.19 28.88
N ASP B 1130 -36.66 -63.11 29.23
CA ASP B 1130 -36.02 -63.10 30.54
C ASP B 1130 -34.98 -62.01 30.72
N VAL B 1131 -34.80 -61.05 29.82
CA VAL B 1131 -33.78 -60.02 29.97
C VAL B 1131 -34.38 -58.70 30.45
N VAL B 1132 -35.59 -58.37 29.99
CA VAL B 1132 -36.23 -57.13 30.39
C VAL B 1132 -36.75 -57.24 31.81
N ILE B 1133 -36.68 -56.13 32.55
CA ILE B 1133 -37.17 -56.07 33.92
C ILE B 1133 -38.56 -55.43 33.92
N GLY B 1134 -39.50 -56.07 34.59
CA GLY B 1134 -40.85 -55.58 34.67
C GLY B 1134 -41.71 -55.87 33.46
N ILE B 1135 -41.21 -56.64 32.50
CA ILE B 1135 -42.00 -56.97 31.31
C ILE B 1135 -43.25 -57.73 31.72
N VAL B 1136 -44.35 -57.45 31.05
CA VAL B 1136 -45.65 -58.05 31.37
C VAL B 1136 -45.97 -59.11 30.34
N ASN B 1137 -46.80 -60.07 30.76
CA ASN B 1137 -47.22 -61.16 29.89
C ASN B 1137 -48.50 -60.75 29.16
N ASN B 1138 -48.42 -60.65 27.84
CA ASN B 1138 -49.57 -60.25 27.03
C ASN B 1138 -49.71 -61.15 25.80
N THR C 28 54.63 -10.53 30.84
CA THR C 28 54.88 -11.76 30.08
C THR C 28 53.72 -12.09 29.15
N GLN C 29 54.00 -12.16 27.86
CA GLN C 29 52.97 -12.53 26.89
C GLN C 29 52.61 -14.00 27.04
N LEU C 30 51.32 -14.28 27.14
CA LEU C 30 50.80 -15.62 27.34
C LEU C 30 49.38 -15.68 26.83
N PRO C 31 49.03 -16.65 25.98
CA PRO C 31 47.66 -16.72 25.48
C PRO C 31 46.70 -17.11 26.57
N PRO C 32 45.78 -16.22 26.94
CA PRO C 32 44.91 -16.48 28.10
C PRO C 32 44.09 -17.75 27.92
N ALA C 33 43.95 -18.49 29.00
CA ALA C 33 43.14 -19.70 28.98
C ALA C 33 41.66 -19.35 28.85
N TYR C 34 40.87 -20.35 28.47
CA TYR C 34 39.44 -20.17 28.30
C TYR C 34 38.69 -21.29 29.01
N THR C 35 37.48 -20.96 29.47
CA THR C 35 36.63 -21.91 30.17
C THR C 35 35.18 -21.52 29.92
N ASN C 36 34.28 -22.29 30.51
CA ASN C 36 32.84 -22.03 30.35
C ASN C 36 32.49 -20.71 31.03
N SER C 37 32.19 -19.70 30.21
CA SER C 37 31.73 -18.42 30.75
C SER C 37 30.27 -18.46 31.18
N PHE C 38 29.53 -19.51 30.83
CA PHE C 38 28.14 -19.73 31.24
C PHE C 38 27.28 -18.58 30.70
N THR C 39 26.55 -17.85 31.55
CA THR C 39 25.54 -16.89 31.10
C THR C 39 25.73 -15.54 31.80
N ARG C 40 26.94 -14.99 31.71
CA ARG C 40 27.22 -13.71 32.33
C ARG C 40 26.97 -12.56 31.35
N GLY C 41 26.70 -11.38 31.90
CA GLY C 41 26.64 -10.16 31.12
C GLY C 41 25.27 -9.73 30.67
N VAL C 42 24.21 -10.44 31.06
CA VAL C 42 22.87 -10.09 30.60
C VAL C 42 22.37 -8.85 31.34
N TYR C 43 21.93 -7.85 30.59
CA TYR C 43 21.57 -6.56 31.15
C TYR C 43 20.25 -6.05 30.58
N TYR C 44 19.64 -5.14 31.33
CA TYR C 44 18.35 -4.59 30.95
C TYR C 44 18.51 -3.63 29.77
N PRO C 45 17.67 -3.73 28.74
CA PRO C 45 17.77 -2.76 27.63
C PRO C 45 17.48 -1.33 28.04
N ASP C 46 16.51 -1.10 28.91
CA ASP C 46 16.05 0.23 29.27
C ASP C 46 15.26 0.14 30.58
N LYS C 47 14.56 1.23 30.91
CA LYS C 47 13.87 1.37 32.19
C LYS C 47 12.40 0.96 32.11
N VAL C 48 12.04 0.10 31.17
CA VAL C 48 10.64 -0.25 30.91
C VAL C 48 10.31 -1.56 31.60
N PHE C 49 9.17 -1.59 32.29
CA PHE C 49 8.71 -2.81 32.95
C PHE C 49 7.98 -3.72 31.97
N ARG C 50 8.18 -5.02 32.14
CA ARG C 50 7.51 -6.06 31.38
C ARG C 50 7.12 -7.19 32.32
N SER C 51 6.00 -7.85 32.02
CA SER C 51 5.44 -8.86 32.91
C SER C 51 5.02 -10.10 32.14
N SER C 52 5.63 -11.24 32.48
CA SER C 52 5.26 -12.53 31.91
C SER C 52 5.30 -12.50 30.39
N VAL C 53 6.21 -11.72 29.83
CA VAL C 53 6.36 -11.53 28.40
C VAL C 53 7.81 -11.76 28.00
N LEU C 54 8.03 -11.85 26.70
CA LEU C 54 9.35 -12.10 26.14
C LEU C 54 9.62 -11.06 25.06
N HIS C 55 10.66 -10.26 25.25
CA HIS C 55 11.07 -9.26 24.27
C HIS C 55 12.48 -9.57 23.80
N SER C 56 12.70 -9.39 22.49
CA SER C 56 13.99 -9.63 21.86
C SER C 56 14.57 -8.28 21.43
N THR C 57 15.86 -8.09 21.68
CA THR C 57 16.52 -6.82 21.41
C THR C 57 17.77 -7.05 20.57
N GLN C 58 17.98 -6.17 19.60
CA GLN C 58 19.19 -6.19 18.76
C GLN C 58 20.11 -5.13 19.32
N ASP C 59 20.91 -5.53 20.31
CA ASP C 59 21.87 -4.63 20.95
C ASP C 59 23.20 -5.35 21.16
N LEU C 60 24.10 -4.75 21.94
CA LEU C 60 25.37 -5.38 22.23
C LEU C 60 25.17 -6.52 23.23
N PHE C 61 25.69 -7.70 22.89
CA PHE C 61 25.57 -8.86 23.76
C PHE C 61 26.80 -9.73 23.61
N LEU C 62 27.10 -10.48 24.66
CA LEU C 62 28.26 -11.34 24.59
C LEU C 62 27.84 -12.78 24.31
N PRO C 63 28.68 -13.54 23.62
CA PRO C 63 28.32 -14.92 23.32
C PRO C 63 28.28 -15.76 24.59
N PHE C 64 27.39 -16.74 24.59
CA PHE C 64 27.20 -17.60 25.75
C PHE C 64 27.96 -18.91 25.53
N PHE C 65 28.44 -19.48 26.64
CA PHE C 65 29.34 -20.63 26.60
C PHE C 65 30.53 -20.33 25.70
N SER C 66 30.99 -19.09 25.74
CA SER C 66 31.90 -18.56 24.73
C SER C 66 33.36 -18.88 25.08
N ASN C 67 34.28 -18.27 24.35
CA ASN C 67 35.70 -18.51 24.50
C ASN C 67 36.24 -17.86 25.77
N THR C 69 36.97 -16.81 29.00
CA THR C 69 38.30 -16.29 29.32
C THR C 69 38.44 -16.07 30.82
N TRP C 70 39.44 -16.70 31.43
CA TRP C 70 39.64 -16.63 32.87
C TRP C 70 41.10 -16.30 33.14
N PHE C 71 41.34 -15.14 33.75
CA PHE C 71 42.68 -14.63 33.99
C PHE C 71 43.21 -15.11 35.33
N HIS C 72 44.43 -14.71 35.65
CA HIS C 72 45.08 -15.06 36.90
C HIS C 72 46.06 -13.95 37.29
N VAL C 73 46.38 -13.91 38.58
CA VAL C 73 47.39 -13.01 39.12
C VAL C 73 48.34 -13.85 39.94
N ILE C 74 49.54 -14.11 39.42
CA ILE C 74 50.52 -14.93 40.09
C ILE C 74 51.90 -14.29 39.98
N LYS C 81 59.11 -8.27 39.05
CA LYS C 81 59.03 -9.72 39.11
C LYS C 81 57.98 -10.24 38.12
N ARG C 82 56.72 -10.21 38.53
CA ARG C 82 55.60 -10.60 37.69
C ARG C 82 54.81 -9.37 37.30
N PHE C 83 54.66 -9.15 36.00
CA PHE C 83 54.04 -7.93 35.48
C PHE C 83 53.07 -8.31 34.37
N ASP C 84 51.79 -8.06 34.58
CA ASP C 84 50.73 -8.35 33.62
C ASP C 84 49.80 -7.14 33.54
N ASN C 85 50.03 -6.28 32.55
CA ASN C 85 49.21 -5.08 32.33
C ASN C 85 48.74 -5.08 30.88
N PRO C 86 47.71 -5.87 30.56
CA PRO C 86 47.25 -5.93 29.17
C PRO C 86 46.28 -4.81 28.83
N VAL C 87 46.56 -4.13 27.73
CA VAL C 87 45.73 -3.03 27.25
C VAL C 87 44.76 -3.60 26.22
N LEU C 88 43.53 -3.87 26.65
CA LEU C 88 42.51 -4.42 25.76
C LEU C 88 41.70 -3.29 25.15
N PRO C 89 41.70 -3.13 23.83
CA PRO C 89 40.84 -2.12 23.22
C PRO C 89 39.38 -2.37 23.55
N PHE C 90 38.63 -1.29 23.74
CA PHE C 90 37.24 -1.41 24.16
C PHE C 90 36.39 -2.08 23.11
N ASN C 91 36.61 -1.75 21.84
CA ASN C 91 35.87 -2.31 20.70
C ASN C 91 34.39 -1.93 20.87
N ASP C 92 33.48 -2.79 20.41
CA ASP C 92 32.06 -2.49 20.43
C ASP C 92 31.39 -2.83 21.76
N GLY C 93 32.05 -3.59 22.64
CA GLY C 93 31.46 -3.91 23.92
C GLY C 93 32.35 -4.80 24.76
N VAL C 94 32.48 -4.49 26.04
CA VAL C 94 33.32 -5.25 26.97
C VAL C 94 32.53 -5.53 28.23
N TYR C 95 32.48 -6.79 28.64
CA TYR C 95 31.91 -7.20 29.91
C TYR C 95 33.06 -7.46 30.87
N PHE C 96 33.27 -6.54 31.81
CA PHE C 96 34.40 -6.60 32.73
C PHE C 96 33.87 -6.94 34.11
N ALA C 97 33.87 -8.23 34.43
CA ALA C 97 33.50 -8.68 35.77
C ALA C 97 34.72 -8.62 36.68
N SER C 98 34.51 -8.95 37.95
CA SER C 98 35.59 -8.88 38.93
C SER C 98 35.26 -9.84 40.08
N ILE C 99 35.96 -10.97 40.13
CA ILE C 99 35.98 -11.81 41.32
C ILE C 99 37.00 -11.19 42.26
N GLU C 100 36.55 -10.32 43.15
CA GLU C 100 37.44 -9.49 43.93
C GLU C 100 37.07 -9.57 45.41
N LYS C 101 38.09 -9.53 46.26
CA LYS C 101 37.91 -9.46 47.71
C LYS C 101 38.99 -8.55 48.27
N SER C 102 38.64 -7.77 49.29
CA SER C 102 39.55 -6.86 49.99
C SER C 102 40.06 -5.72 49.10
N ASN C 103 39.40 -5.46 47.97
CA ASN C 103 39.57 -4.22 47.21
C ASN C 103 41.00 -4.05 46.69
N ILE C 104 41.40 -4.98 45.82
CA ILE C 104 42.61 -4.80 45.02
C ILE C 104 42.33 -4.01 43.75
N ILE C 105 41.31 -4.40 42.99
CA ILE C 105 41.00 -3.68 41.75
C ILE C 105 40.45 -2.31 42.09
N ARG C 106 41.08 -1.27 41.54
CA ARG C 106 40.76 0.10 41.89
C ARG C 106 40.11 0.89 40.75
N GLY C 107 40.69 0.87 39.56
CA GLY C 107 40.13 1.65 38.48
C GLY C 107 40.80 1.34 37.16
N TRP C 108 40.12 1.71 36.09
CA TRP C 108 40.57 1.52 34.72
C TRP C 108 40.76 2.88 34.04
N ILE C 109 41.50 2.88 32.93
CA ILE C 109 41.79 4.10 32.18
C ILE C 109 41.03 4.05 30.86
N PHE C 110 40.27 5.09 30.57
CA PHE C 110 39.37 5.11 29.42
C PHE C 110 39.65 6.32 28.53
N GLY C 111 39.55 6.12 27.23
CA GLY C 111 39.76 7.18 26.28
C GLY C 111 40.06 6.61 24.90
N THR C 112 40.54 7.48 24.03
CA THR C 112 40.95 7.10 22.69
C THR C 112 42.46 7.00 22.55
N THR C 113 43.19 7.99 23.06
CA THR C 113 44.64 7.98 23.06
C THR C 113 45.24 8.07 24.46
N LEU C 114 44.43 8.28 25.49
CA LEU C 114 44.90 8.32 26.88
C LEU C 114 45.99 9.37 27.09
N ASP C 115 45.81 10.53 26.46
CA ASP C 115 46.78 11.62 26.54
C ASP C 115 46.06 12.92 26.88
N SER C 116 46.87 13.93 27.21
CA SER C 116 46.34 15.26 27.49
C SER C 116 45.95 16.00 26.22
N LYS C 117 46.35 15.50 25.04
CA LYS C 117 45.90 16.10 23.79
C LYS C 117 44.40 15.95 23.62
N THR C 118 43.85 14.79 23.97
CA THR C 118 42.44 14.54 23.96
C THR C 118 41.88 14.61 25.38
N GLN C 119 40.56 14.50 25.51
CA GLN C 119 39.90 14.49 26.80
C GLN C 119 39.54 13.06 27.16
N SER C 120 40.04 12.60 28.29
CA SER C 120 40.00 11.19 28.67
C SER C 120 38.99 10.95 29.80
N LEU C 121 38.77 9.67 30.08
CA LEU C 121 37.86 9.23 31.13
C LEU C 121 38.59 8.30 32.09
N LEU C 122 38.33 8.47 33.38
CA LEU C 122 39.02 7.71 34.41
C LEU C 122 38.04 7.33 35.51
N ILE C 123 38.27 6.16 36.12
CA ILE C 123 37.44 5.65 37.20
C ILE C 123 38.32 5.39 38.42
N VAL C 124 37.95 5.96 39.56
CA VAL C 124 38.60 5.67 40.83
C VAL C 124 37.55 5.51 41.90
N ASN C 125 37.89 4.73 42.93
CA ASN C 125 37.02 4.50 44.08
C ASN C 125 37.89 4.68 45.33
N ASN C 126 37.95 5.91 45.83
CA ASN C 126 38.68 6.17 47.06
C ASN C 126 37.86 5.71 48.26
N ALA C 127 38.40 5.94 49.46
CA ALA C 127 37.72 5.50 50.68
C ALA C 127 36.44 6.28 50.96
N THR C 128 36.27 7.46 50.36
CA THR C 128 35.13 8.32 50.67
C THR C 128 33.94 8.09 49.75
N ASN C 129 34.15 8.18 48.43
CA ASN C 129 33.04 8.19 47.49
C ASN C 129 33.46 7.49 46.20
N VAL C 130 32.67 7.65 45.16
CA VAL C 130 33.01 7.22 43.81
C VAL C 130 32.85 8.42 42.90
N VAL C 131 33.93 8.80 42.22
CA VAL C 131 34.00 10.05 41.47
C VAL C 131 34.44 9.75 40.05
N ILE C 132 33.74 10.35 39.08
CA ILE C 132 34.09 10.26 37.66
C ILE C 132 34.35 11.67 37.16
N LYS C 133 35.39 11.86 36.37
CA LYS C 133 35.83 13.18 35.95
C LYS C 133 36.03 13.24 34.45
N VAL C 134 36.04 14.46 33.93
CA VAL C 134 36.50 14.75 32.58
C VAL C 134 37.43 15.96 32.64
N CYS C 135 38.70 15.75 32.37
CA CYS C 135 39.70 16.80 32.42
C CYS C 135 40.93 16.34 31.65
N GLU C 136 42.03 17.09 31.79
CA GLU C 136 43.30 16.79 31.14
C GLU C 136 44.39 16.86 32.20
N PHE C 137 44.64 15.72 32.86
CA PHE C 137 45.63 15.63 33.92
C PHE C 137 46.90 14.95 33.42
N GLN C 138 47.84 14.75 34.34
CA GLN C 138 49.04 13.97 34.08
C GLN C 138 48.78 12.52 34.47
N PHE C 139 49.08 11.62 33.56
CA PHE C 139 48.85 10.19 33.79
C PHE C 139 50.18 9.52 34.10
N CYS C 140 50.31 9.05 35.34
CA CYS C 140 51.49 8.28 35.73
C CYS C 140 51.47 6.93 35.02
N ASN C 141 52.62 6.53 34.47
CA ASN C 141 52.69 5.27 33.75
C ASN C 141 52.41 4.09 34.67
N ASP C 142 52.95 4.12 35.88
CA ASP C 142 52.74 3.06 36.87
C ASP C 142 52.34 3.70 38.19
N PRO C 143 51.08 4.13 38.32
CA PRO C 143 50.62 4.69 39.59
C PRO C 143 50.20 3.61 40.57
N PHE C 144 50.58 3.79 41.82
CA PHE C 144 50.25 2.84 42.87
C PHE C 144 50.15 3.58 44.20
N LEU C 145 50.00 2.82 45.28
CA LEU C 145 49.88 3.38 46.62
C LEU C 145 51.08 2.95 47.46
N ASP C 146 51.45 3.81 48.41
CA ASP C 146 52.57 3.54 49.30
C ASP C 146 52.21 3.86 50.75
N MET C 154 50.58 3.41 60.09
CA MET C 154 50.33 4.85 60.04
C MET C 154 50.89 5.47 58.76
N GLU C 155 50.10 6.30 58.10
CA GLU C 155 50.50 6.95 56.86
C GLU C 155 50.50 8.46 57.05
N SER C 156 51.61 9.09 56.66
CA SER C 156 51.71 10.55 56.61
C SER C 156 52.19 11.02 55.24
N GLU C 157 51.99 10.22 54.21
CA GLU C 157 52.44 10.50 52.85
C GLU C 157 51.22 10.70 51.97
N PHE C 158 50.94 11.96 51.62
CA PHE C 158 49.78 12.31 50.80
C PHE C 158 50.27 12.71 49.42
N ARG C 159 50.45 11.72 48.55
CA ARG C 159 50.87 11.94 47.17
C ARG C 159 49.84 11.26 46.27
N VAL C 160 48.78 11.98 45.94
CA VAL C 160 47.71 11.46 45.10
C VAL C 160 47.64 12.19 43.76
N TYR C 161 47.94 13.49 43.73
CA TYR C 161 48.08 14.23 42.49
C TYR C 161 49.06 15.36 42.69
N SER C 162 49.60 15.87 41.58
CA SER C 162 50.64 16.89 41.60
C SER C 162 50.20 18.25 41.11
N SER C 163 49.36 18.31 40.07
CA SER C 163 48.96 19.59 39.51
C SER C 163 47.65 19.43 38.76
N ALA C 164 47.01 20.58 38.48
CA ALA C 164 45.76 20.61 37.73
C ALA C 164 45.82 21.84 36.82
N ASN C 165 46.04 21.60 35.53
CA ASN C 165 46.27 22.70 34.59
C ASN C 165 44.99 23.14 33.88
N ASN C 166 44.35 22.23 33.14
CA ASN C 166 43.27 22.59 32.22
C ASN C 166 42.10 21.62 32.42
N CYS C 167 41.11 22.02 33.22
CA CYS C 167 39.88 21.28 33.39
C CYS C 167 38.71 22.07 32.83
N THR C 168 37.72 21.34 32.29
CA THR C 168 36.56 21.97 31.69
C THR C 168 35.24 21.60 32.35
N PHE C 169 35.15 20.47 33.05
CA PHE C 169 33.92 20.09 33.72
C PHE C 169 34.23 19.06 34.80
N GLU C 170 33.34 18.96 35.78
CA GLU C 170 33.51 18.06 36.91
C GLU C 170 32.22 17.26 37.14
N TYR C 171 32.37 16.08 37.72
CA TYR C 171 31.23 15.22 38.02
C TYR C 171 31.45 14.51 39.34
N VAL C 172 30.37 14.34 40.10
CA VAL C 172 30.36 13.64 41.39
C VAL C 172 29.14 12.74 41.43
N SER C 173 29.29 11.54 41.99
CA SER C 173 28.20 10.60 42.08
C SER C 173 28.18 9.95 43.47
N GLN C 174 27.24 9.02 43.64
CA GLN C 174 27.10 8.32 44.90
C GLN C 174 28.21 7.30 45.10
N PRO C 175 28.55 6.97 46.35
CA PRO C 175 29.62 5.99 46.59
C PRO C 175 29.11 4.57 46.35
N PHE C 176 29.68 3.91 45.34
CA PHE C 176 29.29 2.53 45.05
C PHE C 176 29.66 1.60 46.20
N LEU C 177 30.77 1.88 46.87
CA LEU C 177 31.19 1.08 48.01
C LEU C 177 31.71 1.98 49.13
N ASN C 186 33.17 -21.55 46.36
CA ASN C 186 32.14 -20.69 46.93
C ASN C 186 32.67 -19.28 47.14
N PHE C 187 32.62 -18.47 46.08
CA PHE C 187 33.13 -17.11 46.15
C PHE C 187 32.12 -16.21 46.85
N LYS C 188 32.54 -15.56 47.92
CA LYS C 188 31.65 -14.74 48.73
C LYS C 188 31.38 -13.37 48.12
N ASN C 189 32.36 -12.77 47.45
CA ASN C 189 32.25 -11.43 46.92
C ASN C 189 32.25 -11.49 45.40
N LEU C 190 31.40 -10.69 44.77
CA LEU C 190 31.24 -10.68 43.32
C LEU C 190 30.80 -9.29 42.89
N ARG C 191 31.38 -8.80 41.78
CA ARG C 191 31.11 -7.47 41.27
C ARG C 191 31.14 -7.52 39.75
N GLU C 192 30.03 -7.17 39.12
CA GLU C 192 29.90 -7.23 37.67
C GLU C 192 29.78 -5.81 37.10
N PHE C 193 30.38 -5.61 35.93
CA PHE C 193 30.43 -4.30 35.30
C PHE C 193 30.48 -4.47 33.79
N VAL C 194 29.60 -3.74 33.10
CA VAL C 194 29.54 -3.75 31.64
C VAL C 194 29.78 -2.33 31.14
N PHE C 195 30.70 -2.18 30.20
CA PHE C 195 31.07 -0.89 29.65
C PHE C 195 30.45 -0.74 28.27
N LYS C 196 29.66 0.32 28.09
CA LYS C 196 29.02 0.62 26.81
C LYS C 196 29.18 2.09 26.49
N ASN C 197 29.39 2.39 25.21
CA ASN C 197 29.37 3.76 24.71
C ASN C 197 28.41 3.77 23.52
N ILE C 198 27.13 3.95 23.82
CA ILE C 198 26.06 3.92 22.82
C ILE C 198 25.62 5.34 22.57
N ASP C 199 25.87 5.84 21.35
CA ASP C 199 25.54 7.20 20.95
C ASP C 199 26.18 8.23 21.88
N GLY C 200 27.35 7.90 22.42
CA GLY C 200 28.03 8.78 23.35
C GLY C 200 27.56 8.71 24.78
N TYR C 201 26.95 7.61 25.18
CA TYR C 201 26.45 7.44 26.54
C TYR C 201 27.15 6.26 27.20
N PHE C 202 27.70 6.48 28.38
CA PHE C 202 28.44 5.46 29.11
C PHE C 202 27.58 4.97 30.27
N LYS C 203 27.38 3.66 30.35
CA LYS C 203 26.49 3.06 31.34
C LYS C 203 27.22 1.98 32.12
N ILE C 204 26.93 1.90 33.41
CA ILE C 204 27.54 0.92 34.31
C ILE C 204 26.42 0.16 35.01
N TYR C 205 26.53 -1.17 35.01
CA TYR C 205 25.50 -2.05 35.56
C TYR C 205 26.13 -2.92 36.63
N SER C 206 25.41 -3.15 37.73
CA SER C 206 25.99 -3.84 38.87
C SER C 206 25.04 -4.90 39.41
N LYS C 207 25.62 -5.89 40.08
CA LYS C 207 24.87 -6.97 40.72
C LYS C 207 25.78 -7.65 41.73
N HIS C 208 25.19 -8.08 42.86
CA HIS C 208 25.93 -8.79 43.90
C HIS C 208 25.01 -9.82 44.51
N THR C 209 25.21 -11.10 44.16
CA THR C 209 24.42 -12.19 44.70
C THR C 209 25.36 -13.21 45.36
N PRO C 210 25.37 -13.29 46.69
CA PRO C 210 26.21 -14.29 47.37
C PRO C 210 25.78 -15.70 46.99
N ILE C 211 26.76 -16.55 46.71
CA ILE C 211 26.49 -17.93 46.32
C ILE C 211 26.83 -18.89 47.46
N ASP C 218 34.89 -26.37 39.59
CA ASP C 218 33.90 -26.01 38.59
C ASP C 218 33.17 -24.72 38.97
N LEU C 219 33.30 -23.71 38.12
CA LEU C 219 32.62 -22.44 38.38
C LEU C 219 31.11 -22.64 38.34
N PRO C 220 30.37 -22.14 39.33
CA PRO C 220 28.93 -22.39 39.36
C PRO C 220 28.21 -21.76 38.17
N GLN C 221 27.20 -22.48 37.70
CA GLN C 221 26.33 -21.99 36.63
C GLN C 221 25.09 -21.37 37.25
N GLY C 222 24.78 -20.14 36.84
CA GLY C 222 23.66 -19.43 37.41
C GLY C 222 23.31 -18.23 36.57
N PHE C 223 22.30 -17.50 37.02
CA PHE C 223 21.79 -16.34 36.32
C PHE C 223 21.77 -15.14 37.25
N SER C 224 22.07 -13.96 36.71
CA SER C 224 22.04 -12.74 37.52
C SER C 224 21.94 -11.55 36.57
N ALA C 225 20.84 -10.81 36.66
CA ALA C 225 20.66 -9.62 35.83
C ALA C 225 21.57 -8.50 36.31
N LEU C 226 21.86 -7.57 35.41
CA LEU C 226 22.69 -6.42 35.72
C LEU C 226 21.85 -5.16 35.77
N GLU C 227 21.97 -4.43 36.87
CA GLU C 227 21.01 -3.41 37.25
C GLU C 227 21.56 -2.03 36.89
N PRO C 228 20.82 -1.19 36.16
CA PRO C 228 21.35 0.14 35.83
C PRO C 228 21.56 1.02 37.06
N LEU C 229 22.70 1.71 37.07
CA LEU C 229 23.01 2.71 38.09
C LEU C 229 23.09 4.12 37.51
N VAL C 230 23.99 4.35 36.56
CA VAL C 230 24.29 5.68 36.05
C VAL C 230 24.47 5.61 34.54
N ASP C 231 23.80 6.49 33.83
CA ASP C 231 24.06 6.72 32.41
C ASP C 231 24.77 8.06 32.27
N LEU C 232 25.99 8.03 31.75
CA LEU C 232 26.77 9.25 31.58
C LEU C 232 26.88 9.60 30.10
N PRO C 233 26.22 10.67 29.64
CA PRO C 233 26.31 11.08 28.22
C PRO C 233 27.64 11.75 27.91
N ILE C 234 28.68 10.93 27.79
CA ILE C 234 30.01 11.46 27.53
C ILE C 234 30.07 12.16 26.18
N GLY C 235 29.43 11.59 25.16
CA GLY C 235 29.45 12.19 23.85
C GLY C 235 30.75 12.07 23.11
N ILE C 236 31.67 11.22 23.59
CA ILE C 236 32.96 11.02 22.95
C ILE C 236 33.16 9.52 22.72
N ASN C 237 34.01 9.21 21.76
CA ASN C 237 34.29 7.82 21.40
C ASN C 237 35.12 7.14 22.47
N ILE C 238 34.91 5.84 22.64
CA ILE C 238 35.74 5.00 23.49
C ILE C 238 36.19 3.82 22.66
N THR C 239 37.51 3.60 22.59
CA THR C 239 38.07 2.49 21.83
C THR C 239 39.10 1.66 22.59
N ARG C 240 39.68 2.18 23.66
CA ARG C 240 40.74 1.47 24.38
C ARG C 240 40.56 1.65 25.88
N PHE C 241 41.02 0.66 26.63
CA PHE C 241 41.05 0.75 28.09
C PHE C 241 42.02 -0.30 28.62
N GLN C 242 42.41 -0.12 29.88
CA GLN C 242 43.35 -1.03 30.53
C GLN C 242 43.11 -1.02 32.03
N THR C 243 43.27 -2.17 32.66
CA THR C 243 43.00 -2.32 34.08
C THR C 243 44.28 -2.22 34.90
N LEU C 244 44.20 -1.52 36.03
CA LEU C 244 45.32 -1.36 36.94
C LEU C 244 44.90 -1.74 38.35
N LEU C 245 45.90 -2.01 39.20
CA LEU C 245 45.70 -2.55 40.53
C LEU C 245 46.41 -1.66 41.56
N ALA C 246 46.48 -2.15 42.79
CA ALA C 246 47.10 -1.42 43.89
C ALA C 246 48.03 -2.35 44.65
N LEU C 247 48.98 -1.75 45.37
CA LEU C 247 49.96 -2.49 46.15
C LEU C 247 49.51 -2.54 47.60
N HIS C 248 49.48 -3.75 48.17
CA HIS C 248 49.01 -3.97 49.52
C HIS C 248 50.13 -4.55 50.37
N ARG C 249 50.29 -4.01 51.57
CA ARG C 249 51.29 -4.46 52.53
C ARG C 249 50.59 -4.87 53.82
N SER C 250 51.07 -5.96 54.43
CA SER C 250 50.49 -6.48 55.66
C SER C 250 50.59 -5.47 56.80
N GLY C 260 59.56 -9.41 50.80
CA GLY C 260 58.55 -9.62 51.82
C GLY C 260 57.22 -8.97 51.50
N TRP C 261 56.71 -9.24 50.29
CA TRP C 261 55.45 -8.70 49.84
C TRP C 261 54.55 -9.82 49.36
N THR C 262 53.25 -9.67 49.60
CA THR C 262 52.26 -10.69 49.29
C THR C 262 51.28 -10.17 48.25
N ALA C 263 50.93 -11.02 47.29
CA ALA C 263 49.95 -10.70 46.26
C ALA C 263 48.67 -11.46 46.54
N GLY C 264 47.54 -10.74 46.53
CA GLY C 264 46.27 -11.38 46.79
C GLY C 264 45.83 -12.31 45.67
N ALA C 265 44.97 -13.26 46.03
CA ALA C 265 44.45 -14.24 45.09
C ALA C 265 43.15 -13.70 44.49
N ALA C 266 43.16 -13.44 43.19
CA ALA C 266 41.99 -12.90 42.50
C ALA C 266 42.12 -13.18 41.02
N ALA C 267 41.00 -13.02 40.31
CA ALA C 267 40.97 -13.23 38.87
C ALA C 267 39.86 -12.37 38.27
N TYR C 268 40.10 -11.90 37.05
CA TYR C 268 39.16 -11.06 36.33
C TYR C 268 38.82 -11.70 34.98
N TYR C 269 37.65 -11.36 34.47
CA TYR C 269 37.17 -11.90 33.21
C TYR C 269 37.14 -10.80 32.15
N VAL C 270 37.41 -11.18 30.91
CA VAL C 270 37.26 -10.29 29.76
C VAL C 270 36.59 -11.08 28.64
N GLY C 271 35.38 -10.68 28.27
CA GLY C 271 34.72 -11.23 27.11
C GLY C 271 34.59 -10.15 26.06
N TYR C 272 33.68 -10.31 25.10
CA TYR C 272 33.45 -9.24 24.13
C TYR C 272 32.02 -9.31 23.64
N LEU C 273 31.36 -8.17 23.62
CA LEU C 273 29.95 -8.08 23.23
C LEU C 273 29.85 -7.58 21.79
N GLN C 274 29.12 -8.31 20.96
CA GLN C 274 28.90 -7.96 19.57
C GLN C 274 27.41 -7.99 19.28
N PRO C 275 26.97 -7.27 18.25
CA PRO C 275 25.54 -7.22 17.94
C PRO C 275 24.91 -8.59 17.68
N ARG C 276 24.03 -9.00 18.56
CA ARG C 276 23.17 -10.16 18.35
C ARG C 276 21.87 -9.92 19.12
N THR C 277 21.04 -10.94 19.22
CA THR C 277 19.74 -10.80 19.86
C THR C 277 19.54 -11.87 20.92
N PHE C 278 18.79 -11.53 21.96
CA PHE C 278 18.48 -12.41 23.07
C PHE C 278 16.97 -12.57 23.20
N LEU C 279 16.56 -13.30 24.24
CA LEU C 279 15.15 -13.52 24.56
C LEU C 279 14.98 -13.32 26.06
N LEU C 280 14.57 -12.13 26.46
CA LEU C 280 14.59 -11.70 27.86
C LEU C 280 13.26 -12.01 28.52
N LYS C 281 13.28 -12.86 29.54
CA LYS C 281 12.08 -13.21 30.29
C LYS C 281 12.04 -12.40 31.58
N TYR C 282 10.89 -11.80 31.86
CA TYR C 282 10.70 -10.96 33.04
C TYR C 282 9.66 -11.60 33.95
N ASN C 283 9.97 -11.65 35.24
CA ASN C 283 9.03 -12.17 36.21
C ASN C 283 7.92 -11.16 36.48
N GLU C 284 6.96 -11.55 37.31
CA GLU C 284 5.80 -10.70 37.57
C GLU C 284 6.17 -9.38 38.24
N ASN C 285 7.37 -9.29 38.81
CA ASN C 285 7.83 -8.05 39.41
C ASN C 285 8.68 -7.21 38.45
N GLY C 286 9.23 -7.81 37.41
CA GLY C 286 10.03 -7.11 36.44
C GLY C 286 11.52 -7.40 36.48
N THR C 287 11.93 -8.57 36.94
CA THR C 287 13.33 -8.93 37.04
C THR C 287 13.70 -9.81 35.85
N ILE C 288 14.85 -9.53 35.24
CA ILE C 288 15.35 -10.39 34.18
C ILE C 288 15.66 -11.76 34.78
N THR C 289 14.95 -12.79 34.31
CA THR C 289 15.03 -14.12 34.91
C THR C 289 15.86 -15.10 34.10
N ASP C 290 15.83 -15.00 32.77
CA ASP C 290 16.58 -15.92 31.92
C ASP C 290 16.97 -15.20 30.64
N ALA C 291 17.96 -15.75 29.95
CA ALA C 291 18.43 -15.19 28.69
C ALA C 291 19.03 -16.29 27.84
N VAL C 292 18.81 -16.20 26.52
CA VAL C 292 19.35 -17.15 25.58
C VAL C 292 19.88 -16.38 24.36
N ASP C 293 21.05 -16.80 23.88
CA ASP C 293 21.59 -16.23 22.64
C ASP C 293 20.70 -16.63 21.47
N CYS C 294 20.65 -15.78 20.45
CA CYS C 294 19.91 -16.12 19.24
C CYS C 294 20.68 -17.08 18.36
N ALA C 295 22.01 -16.97 18.32
CA ALA C 295 22.84 -17.77 17.42
C ALA C 295 23.84 -18.63 18.17
N LEU C 296 23.48 -19.07 19.38
CA LEU C 296 24.30 -20.03 20.10
C LEU C 296 24.30 -21.39 19.39
N ASP C 297 23.13 -21.99 19.26
CA ASP C 297 22.99 -23.26 18.57
C ASP C 297 21.66 -23.25 17.83
N PRO C 298 21.34 -24.28 17.04
CA PRO C 298 20.00 -24.33 16.45
C PRO C 298 18.88 -24.29 17.48
N LEU C 299 19.09 -24.87 18.67
CA LEU C 299 18.11 -24.71 19.74
C LEU C 299 17.94 -23.25 20.13
N SER C 300 19.06 -22.53 20.22
CA SER C 300 19.02 -21.11 20.53
C SER C 300 18.27 -20.33 19.46
N GLU C 301 18.55 -20.63 18.19
CA GLU C 301 17.84 -19.96 17.10
C GLU C 301 16.35 -20.26 17.14
N THR C 302 15.99 -21.51 17.44
CA THR C 302 14.60 -21.89 17.56
C THR C 302 13.88 -21.06 18.63
N LYS C 303 14.46 -21.01 19.84
CA LYS C 303 13.83 -20.25 20.90
C LYS C 303 13.81 -18.76 20.57
N CYS C 304 14.88 -18.26 19.96
CA CYS C 304 14.96 -16.86 19.57
C CYS C 304 13.80 -16.48 18.65
N THR C 305 13.59 -17.26 17.59
CA THR C 305 12.55 -16.90 16.63
C THR C 305 11.16 -17.16 17.20
N LEU C 306 10.95 -18.31 17.82
CA LEU C 306 9.62 -18.66 18.33
C LEU C 306 9.22 -17.86 19.56
N LYS C 307 10.15 -17.15 20.19
CA LYS C 307 9.84 -16.22 21.28
C LYS C 307 9.36 -16.98 22.52
N SER C 308 10.08 -18.04 22.88
CA SER C 308 9.72 -18.86 24.02
C SER C 308 10.89 -19.75 24.42
N PHE C 309 11.10 -19.88 25.73
CA PHE C 309 12.02 -20.91 26.21
C PHE C 309 11.43 -22.31 26.08
N THR C 310 10.17 -22.47 26.47
CA THR C 310 9.51 -23.77 26.43
C THR C 310 8.99 -24.01 25.00
N VAL C 311 9.91 -24.40 24.13
CA VAL C 311 9.59 -24.71 22.74
C VAL C 311 9.19 -26.17 22.65
N GLU C 312 8.01 -26.43 22.11
CA GLU C 312 7.49 -27.79 22.04
C GLU C 312 8.26 -28.60 21.00
N LYS C 313 7.90 -29.88 20.89
CA LYS C 313 8.48 -30.76 19.89
C LYS C 313 7.81 -30.51 18.55
N GLY C 314 8.58 -29.99 17.59
CA GLY C 314 8.03 -29.72 16.27
C GLY C 314 9.10 -29.18 15.35
N ILE C 315 8.75 -29.12 14.08
CA ILE C 315 9.62 -28.58 13.04
C ILE C 315 9.25 -27.12 12.81
N TYR C 316 10.26 -26.24 12.81
CA TYR C 316 10.05 -24.81 12.68
C TYR C 316 11.02 -24.22 11.67
N GLN C 317 10.54 -23.26 10.89
CA GLN C 317 11.42 -22.49 10.03
C GLN C 317 12.30 -21.57 10.85
N THR C 318 13.59 -21.50 10.51
CA THR C 318 14.52 -20.63 11.21
C THR C 318 15.05 -19.52 10.31
N SER C 319 15.64 -19.88 9.17
CA SER C 319 16.22 -18.90 8.24
C SER C 319 16.59 -19.63 6.96
N ASN C 320 17.13 -18.89 6.01
CA ASN C 320 17.56 -19.41 4.72
C ASN C 320 19.07 -19.57 4.72
N PHE C 321 19.54 -20.71 4.20
CA PHE C 321 20.96 -20.97 4.08
C PHE C 321 21.47 -20.37 2.78
N ARG C 322 22.27 -19.33 2.89
CA ARG C 322 22.90 -18.73 1.72
C ARG C 322 24.02 -19.61 1.19
N VAL C 323 24.48 -19.27 0.02
CA VAL C 323 25.76 -19.75 -0.49
C VAL C 323 26.74 -18.59 -0.38
N GLN C 324 28.03 -18.92 -0.21
CA GLN C 324 29.04 -17.88 -0.07
C GLN C 324 29.58 -17.51 -1.44
N PRO C 325 29.55 -16.23 -1.84
CA PRO C 325 30.18 -15.84 -3.10
C PRO C 325 31.69 -15.97 -3.01
N THR C 326 32.24 -16.98 -3.68
CA THR C 326 33.64 -17.33 -3.50
C THR C 326 34.55 -16.23 -4.05
N GLU C 327 34.32 -15.80 -5.29
CA GLU C 327 35.10 -14.71 -5.88
C GLU C 327 34.34 -14.16 -7.09
N SER C 328 34.87 -13.08 -7.65
CA SER C 328 34.31 -12.44 -8.83
C SER C 328 35.26 -12.63 -10.01
N ILE C 329 34.72 -13.11 -11.13
CA ILE C 329 35.50 -13.32 -12.35
C ILE C 329 34.86 -12.51 -13.47
N VAL C 330 35.69 -11.77 -14.20
CA VAL C 330 35.24 -10.95 -15.32
C VAL C 330 36.10 -11.30 -16.53
N ARG C 331 35.45 -11.50 -17.68
CA ARG C 331 36.13 -11.92 -18.90
C ARG C 331 35.65 -11.07 -20.07
N PHE C 332 36.60 -10.55 -20.84
CA PHE C 332 36.35 -9.78 -22.04
C PHE C 332 37.22 -10.31 -23.17
N PRO C 333 36.84 -10.08 -24.41
CA PRO C 333 37.77 -10.32 -25.52
C PRO C 333 38.82 -9.22 -25.57
N ASN C 334 40.08 -9.63 -25.64
CA ASN C 334 41.19 -8.69 -25.57
C ASN C 334 42.30 -9.12 -26.52
N ILE C 335 43.32 -8.27 -26.61
CA ILE C 335 44.45 -8.47 -27.53
C ILE C 335 45.74 -8.26 -26.75
N THR C 336 46.69 -9.17 -26.90
CA THR C 336 47.97 -9.10 -26.19
C THR C 336 49.11 -9.39 -27.15
N ASN C 337 50.11 -8.51 -27.17
CA ASN C 337 51.32 -8.72 -27.96
C ASN C 337 52.42 -7.87 -27.36
N LEU C 338 53.56 -8.49 -27.06
CA LEU C 338 54.72 -7.76 -26.52
C LEU C 338 55.28 -6.86 -27.61
N CYS C 339 55.02 -5.55 -27.49
CA CYS C 339 55.37 -4.61 -28.54
C CYS C 339 56.63 -3.86 -28.16
N PRO C 340 57.70 -3.93 -28.96
CA PRO C 340 58.99 -3.31 -28.58
C PRO C 340 59.04 -1.80 -28.80
N PHE C 341 58.42 -1.07 -27.87
CA PHE C 341 58.46 0.38 -27.88
C PHE C 341 59.73 0.94 -27.27
N ASP C 342 60.48 0.11 -26.53
CA ASP C 342 61.69 0.61 -25.88
C ASP C 342 62.74 1.05 -26.90
N GLU C 343 62.94 0.25 -27.95
CA GLU C 343 63.90 0.62 -28.98
C GLU C 343 63.44 1.82 -29.79
N VAL C 344 62.12 2.00 -29.93
CA VAL C 344 61.60 3.17 -30.63
C VAL C 344 61.83 4.43 -29.81
N PHE C 345 61.53 4.37 -28.51
CA PHE C 345 61.60 5.55 -27.66
C PHE C 345 63.00 5.85 -27.13
N ASN C 346 63.94 4.91 -27.24
CA ASN C 346 65.30 5.13 -26.74
C ASN C 346 66.33 4.62 -27.73
N ALA C 347 66.08 4.80 -29.02
CA ALA C 347 67.11 4.51 -30.01
C ALA C 347 68.26 5.50 -29.85
N THR C 348 69.48 5.02 -30.14
CA THR C 348 70.67 5.81 -29.87
C THR C 348 70.67 7.12 -30.65
N ARG C 349 70.36 7.07 -31.94
CA ARG C 349 70.36 8.26 -32.78
C ARG C 349 69.11 8.28 -33.65
N PHE C 350 68.51 9.46 -33.75
CA PHE C 350 67.31 9.69 -34.56
C PHE C 350 67.67 10.41 -35.84
N ALA C 351 66.66 10.59 -36.69
CA ALA C 351 66.80 11.38 -37.89
C ALA C 351 66.63 12.86 -37.58
N SER C 352 66.82 13.69 -38.61
CA SER C 352 66.69 15.13 -38.45
C SER C 352 65.21 15.53 -38.34
N VAL C 353 65.00 16.78 -37.91
CA VAL C 353 63.63 17.26 -37.76
C VAL C 353 62.93 17.37 -39.11
N TYR C 354 63.66 17.72 -40.17
CA TYR C 354 63.07 17.83 -41.49
C TYR C 354 62.91 16.48 -42.18
N ALA C 355 63.59 15.44 -41.70
CA ALA C 355 63.49 14.12 -42.29
C ALA C 355 63.04 13.10 -41.24
N TRP C 356 62.04 13.45 -40.44
CA TRP C 356 61.57 12.55 -39.39
C TRP C 356 60.90 11.33 -39.98
N ASN C 357 61.13 10.18 -39.35
CA ASN C 357 60.60 8.91 -39.83
C ASN C 357 59.33 8.57 -39.07
N ARG C 358 58.30 8.15 -39.81
CA ARG C 358 57.02 7.77 -39.24
C ARG C 358 56.82 6.27 -39.41
N LYS C 359 56.56 5.57 -38.31
CA LYS C 359 56.22 4.16 -38.31
C LYS C 359 54.90 3.99 -37.56
N ARG C 360 53.96 3.27 -38.15
CA ARG C 360 52.66 3.07 -37.53
C ARG C 360 52.68 1.86 -36.62
N ILE C 361 52.11 2.01 -35.43
CA ILE C 361 52.07 0.96 -34.42
C ILE C 361 50.66 0.39 -34.41
N SER C 362 50.55 -0.90 -34.73
CA SER C 362 49.27 -1.58 -34.79
C SER C 362 49.39 -2.95 -34.12
N ASN C 363 48.27 -3.43 -33.61
CA ASN C 363 48.20 -4.72 -32.90
C ASN C 363 49.20 -4.75 -31.74
N CYS C 364 49.28 -3.64 -31.02
CA CYS C 364 50.16 -3.50 -29.86
C CYS C 364 49.35 -3.01 -28.67
N VAL C 365 49.90 -3.25 -27.48
CA VAL C 365 49.33 -2.77 -26.23
C VAL C 365 50.24 -1.67 -25.68
N ALA C 366 49.64 -0.55 -25.28
CA ALA C 366 50.40 0.57 -24.74
C ALA C 366 50.49 0.40 -23.23
N ASP C 367 51.61 -0.14 -22.76
CA ASP C 367 51.83 -0.36 -21.33
C ASP C 367 52.41 0.93 -20.75
N TYR C 368 51.55 1.94 -20.66
CA TYR C 368 51.98 3.26 -20.20
C TYR C 368 52.32 3.30 -18.72
N SER C 369 51.94 2.27 -17.95
CA SER C 369 52.29 2.24 -16.54
C SER C 369 53.79 2.22 -16.34
N VAL C 370 54.50 1.41 -17.13
CA VAL C 370 55.96 1.37 -17.02
C VAL C 370 56.58 2.69 -17.46
N LEU C 371 55.97 3.36 -18.44
CA LEU C 371 56.45 4.69 -18.83
C LEU C 371 56.27 5.69 -17.69
N TYR C 372 55.13 5.63 -17.00
CA TYR C 372 54.89 6.50 -15.86
C TYR C 372 55.86 6.22 -14.73
N ASN C 373 56.21 4.95 -14.52
CA ASN C 373 57.10 4.58 -13.43
C ASN C 373 58.56 4.94 -13.71
N LEU C 374 58.92 5.27 -14.95
CA LEU C 374 60.31 5.54 -15.28
C LEU C 374 60.74 6.90 -14.73
N ALA C 375 61.95 6.94 -14.20
CA ALA C 375 62.47 8.16 -13.56
C ALA C 375 62.67 9.34 -14.52
N PRO C 376 63.34 9.20 -15.67
CA PRO C 376 63.80 10.40 -16.38
C PRO C 376 62.70 11.26 -16.99
N PHE C 377 61.47 10.75 -17.10
CA PHE C 377 60.38 11.56 -17.63
C PHE C 377 59.95 12.60 -16.62
N PHE C 378 60.48 13.82 -16.74
CA PHE C 378 60.21 14.86 -15.75
C PHE C 378 58.77 15.34 -15.82
N THR C 379 58.27 15.65 -17.02
CA THR C 379 56.99 16.32 -17.19
C THR C 379 55.95 15.34 -17.72
N PHE C 380 54.84 15.22 -16.99
CA PHE C 380 53.68 14.45 -17.41
C PHE C 380 52.46 15.33 -17.12
N LYS C 381 52.11 16.20 -18.07
CA LYS C 381 51.04 17.17 -17.89
C LYS C 381 50.03 17.04 -19.03
N CYS C 382 48.75 17.12 -18.69
CA CYS C 382 47.67 17.07 -19.65
C CYS C 382 46.66 18.15 -19.32
N TYR C 383 46.29 18.96 -20.32
CA TYR C 383 45.36 20.07 -20.12
C TYR C 383 43.96 19.79 -20.65
N GLY C 384 43.85 19.38 -21.91
CA GLY C 384 42.53 19.06 -22.46
C GLY C 384 41.95 17.77 -21.98
N VAL C 385 42.72 16.96 -21.25
CA VAL C 385 42.25 15.70 -20.69
C VAL C 385 42.86 15.56 -19.30
N SER C 386 42.13 14.94 -18.40
CA SER C 386 42.63 14.69 -17.05
C SER C 386 43.58 13.50 -17.07
N PRO C 387 44.81 13.64 -16.56
CA PRO C 387 45.74 12.51 -16.56
C PRO C 387 45.24 11.30 -15.78
N THR C 388 44.40 11.51 -14.76
CA THR C 388 43.97 10.41 -13.90
C THR C 388 42.82 9.61 -14.48
N LYS C 389 42.10 10.13 -15.48
CA LYS C 389 40.99 9.43 -16.09
C LYS C 389 41.40 8.65 -17.34
N LEU C 390 42.70 8.53 -17.59
CA LEU C 390 43.16 7.70 -18.71
C LEU C 390 42.81 6.24 -18.50
N ASN C 391 42.75 5.79 -17.24
CA ASN C 391 42.39 4.41 -16.95
C ASN C 391 40.97 4.07 -17.34
N ASP C 392 40.11 5.08 -17.55
CA ASP C 392 38.72 4.86 -17.90
C ASP C 392 38.35 5.38 -19.29
N LEU C 393 39.10 6.34 -19.83
CA LEU C 393 38.85 6.85 -21.17
C LEU C 393 39.76 6.16 -22.17
N CYS C 394 39.26 5.99 -23.39
CA CYS C 394 39.96 5.29 -24.46
C CYS C 394 40.41 6.31 -25.51
N PHE C 395 41.72 6.35 -25.76
CA PHE C 395 42.29 7.24 -26.76
C PHE C 395 43.22 6.45 -27.66
N THR C 396 43.25 6.82 -28.94
CA THR C 396 43.98 6.07 -29.95
C THR C 396 44.73 7.04 -30.85
N ASN C 397 45.23 6.52 -31.97
CA ASN C 397 45.96 7.31 -32.97
C ASN C 397 47.18 7.99 -32.35
N VAL C 398 48.11 7.17 -31.88
CA VAL C 398 49.31 7.63 -31.20
C VAL C 398 50.40 7.82 -32.25
N TYR C 399 50.81 9.07 -32.47
CA TYR C 399 51.93 9.39 -33.33
C TYR C 399 52.68 10.57 -32.74
N ALA C 400 54.01 10.52 -32.80
CA ALA C 400 54.88 11.54 -32.22
C ALA C 400 55.73 12.17 -33.30
N ASP C 401 55.75 13.50 -33.33
CA ASP C 401 56.60 14.26 -34.23
C ASP C 401 57.85 14.70 -33.48
N SER C 402 59.02 14.39 -34.04
CA SER C 402 60.29 14.68 -33.39
C SER C 402 60.75 16.08 -33.75
N PHE C 403 60.94 16.92 -32.74
CA PHE C 403 61.50 18.25 -32.94
C PHE C 403 62.17 18.70 -31.64
N VAL C 404 63.05 19.69 -31.77
CA VAL C 404 63.79 20.23 -30.64
C VAL C 404 63.39 21.70 -30.49
N ILE C 405 62.91 22.07 -29.31
CA ILE C 405 62.49 23.44 -29.02
C ILE C 405 63.09 23.86 -27.68
N ARG C 406 63.10 25.16 -27.45
CA ARG C 406 63.73 25.72 -26.25
C ARG C 406 62.91 25.39 -25.00
N GLY C 407 63.61 25.31 -23.87
CA GLY C 407 62.96 24.95 -22.62
C GLY C 407 61.98 26.00 -22.13
N ASP C 408 62.33 27.28 -22.29
CA ASP C 408 61.47 28.36 -21.81
C ASP C 408 60.32 28.67 -22.75
N GLU C 409 60.19 27.94 -23.86
CA GLU C 409 59.08 28.10 -24.79
C GLU C 409 57.99 27.05 -24.58
N VAL C 410 58.04 26.28 -23.48
CA VAL C 410 57.02 25.27 -23.23
C VAL C 410 55.67 25.92 -23.00
N ARG C 411 55.64 27.16 -22.50
CA ARG C 411 54.37 27.87 -22.32
C ARG C 411 53.71 28.19 -23.65
N GLN C 412 54.45 28.12 -24.76
CA GLN C 412 53.90 28.41 -26.08
C GLN C 412 53.21 27.22 -26.72
N ILE C 413 53.20 26.05 -26.06
CA ILE C 413 52.54 24.86 -26.60
C ILE C 413 51.07 24.96 -26.18
N ALA C 414 50.30 25.72 -26.95
CA ALA C 414 48.89 25.96 -26.69
C ALA C 414 48.23 26.56 -27.92
N PRO C 415 46.95 26.29 -28.15
CA PRO C 415 46.26 26.89 -29.31
C PRO C 415 46.22 28.40 -29.21
N GLY C 416 46.31 29.05 -30.37
CA GLY C 416 46.23 30.49 -30.42
C GLY C 416 47.44 31.22 -29.89
N GLN C 417 48.60 30.59 -29.87
CA GLN C 417 49.83 31.22 -29.39
C GLN C 417 50.59 31.80 -30.57
N THR C 418 51.00 33.06 -30.44
CA THR C 418 51.64 33.79 -31.52
C THR C 418 53.16 33.71 -31.38
N GLY C 419 53.83 33.34 -32.45
CA GLY C 419 55.28 33.21 -32.43
C GLY C 419 55.79 32.92 -33.83
N ASN C 420 57.10 32.70 -33.90
CA ASN C 420 57.78 32.46 -35.18
C ASN C 420 57.94 30.97 -35.48
N ILE C 421 58.63 30.25 -34.58
CA ILE C 421 58.98 28.86 -34.86
C ILE C 421 57.74 27.97 -34.83
N ALA C 422 56.83 28.20 -33.89
CA ALA C 422 55.61 27.41 -33.83
C ALA C 422 54.77 27.61 -35.09
N ASP C 423 54.66 28.86 -35.56
CA ASP C 423 53.90 29.13 -36.77
C ASP C 423 54.56 28.50 -38.00
N TYR C 424 55.88 28.59 -38.10
CA TYR C 424 56.59 28.09 -39.28
C TYR C 424 56.91 26.61 -39.21
N ASN C 425 56.56 25.92 -38.12
CA ASN C 425 56.85 24.50 -37.98
C ASN C 425 55.63 23.62 -38.15
N TYR C 426 54.57 23.86 -37.39
CA TYR C 426 53.38 23.03 -37.47
C TYR C 426 52.16 23.82 -36.99
N LYS C 427 51.04 23.64 -37.68
CA LYS C 427 49.83 24.35 -37.34
C LYS C 427 49.29 23.88 -35.98
N LEU C 428 48.84 24.85 -35.18
CA LEU C 428 48.26 24.54 -33.88
C LEU C 428 46.75 24.62 -33.97
N PRO C 429 46.03 23.50 -33.86
CA PRO C 429 44.58 23.55 -34.02
C PRO C 429 43.90 24.21 -32.83
N ASP C 430 42.67 24.66 -33.07
CA ASP C 430 41.90 25.32 -32.01
C ASP C 430 41.53 24.34 -30.90
N ASP C 431 41.29 23.08 -31.26
CA ASP C 431 40.88 22.05 -30.30
C ASP C 431 42.03 21.11 -29.96
N PHE C 432 43.24 21.64 -29.85
CA PHE C 432 44.41 20.82 -29.51
C PHE C 432 44.30 20.31 -28.08
N THR C 433 44.15 19.00 -27.93
CA THR C 433 43.93 18.37 -26.63
C THR C 433 44.82 17.15 -26.49
N GLY C 434 45.16 16.83 -25.24
CA GLY C 434 45.95 15.65 -24.97
C GLY C 434 47.01 15.83 -23.91
N CYS C 435 48.10 15.08 -24.02
CA CYS C 435 49.20 15.13 -23.06
C CYS C 435 50.50 15.42 -23.81
N VAL C 436 51.31 16.29 -23.23
CA VAL C 436 52.63 16.64 -23.78
C VAL C 436 53.69 16.13 -22.83
N ILE C 437 54.73 15.49 -23.37
CA ILE C 437 55.78 14.87 -22.59
C ILE C 437 57.10 15.54 -22.95
N ALA C 438 57.81 16.00 -21.92
CA ALA C 438 59.12 16.63 -22.09
C ALA C 438 60.03 16.24 -20.94
N TRP C 439 61.26 15.87 -21.28
CA TRP C 439 62.25 15.50 -20.27
C TRP C 439 63.58 16.15 -20.61
N ASN C 440 64.35 16.46 -19.56
CA ASN C 440 65.63 17.13 -19.73
C ASN C 440 66.62 16.23 -20.45
N SER C 441 67.53 16.85 -21.20
CA SER C 441 68.54 16.14 -21.97
C SER C 441 69.91 16.75 -21.72
N ASN C 442 70.24 17.03 -20.47
CA ASN C 442 71.54 17.61 -20.15
C ASN C 442 72.66 16.57 -20.32
N LYS C 443 72.45 15.36 -19.81
CA LYS C 443 73.46 14.31 -19.86
C LYS C 443 73.36 13.43 -21.10
N LEU C 444 72.31 13.59 -21.90
CA LEU C 444 72.09 12.74 -23.07
C LEU C 444 72.55 13.36 -24.37
N ASP C 445 72.30 14.66 -24.57
CA ASP C 445 72.64 15.35 -25.81
C ASP C 445 73.85 16.26 -25.66
N SER C 446 74.83 15.86 -24.85
CA SER C 446 76.08 16.60 -24.69
C SER C 446 77.24 15.64 -24.86
N LYS C 447 78.23 16.05 -25.67
CA LYS C 447 79.40 15.24 -25.92
C LYS C 447 80.64 16.12 -25.89
N VAL C 448 81.78 15.50 -25.60
CA VAL C 448 83.05 16.23 -25.63
C VAL C 448 83.38 16.68 -27.04
N SER C 449 82.99 15.90 -28.05
CA SER C 449 83.26 16.25 -29.44
C SER C 449 82.22 17.20 -30.03
N GLY C 450 81.15 17.50 -29.30
CA GLY C 450 80.14 18.42 -29.80
C GLY C 450 78.96 17.73 -30.45
N ASN C 451 77.76 18.04 -29.97
CA ASN C 451 76.52 17.46 -30.49
C ASN C 451 75.92 18.44 -31.49
N TYR C 452 76.07 18.14 -32.78
CA TYR C 452 75.61 19.01 -33.86
C TYR C 452 74.63 18.29 -34.78
N ASN C 453 73.83 17.38 -34.24
CA ASN C 453 72.89 16.60 -35.02
C ASN C 453 71.51 17.23 -35.15
N TYR C 454 71.25 18.33 -34.46
CA TYR C 454 69.93 18.95 -34.44
C TYR C 454 69.99 20.34 -35.06
N LEU C 455 69.30 20.50 -36.19
CA LEU C 455 69.21 21.78 -36.89
C LEU C 455 67.74 22.09 -37.14
N TYR C 456 67.43 23.36 -37.40
CA TYR C 456 66.06 23.79 -37.57
C TYR C 456 65.93 24.68 -38.80
N ARG C 457 64.79 24.57 -39.47
CA ARG C 457 64.50 25.31 -40.71
C ARG C 457 63.58 26.48 -40.35
N LEU C 458 64.17 27.66 -40.17
CA LEU C 458 63.41 28.82 -39.70
C LEU C 458 62.61 29.48 -40.82
N PHE C 459 63.14 29.50 -42.04
CA PHE C 459 62.59 30.31 -43.12
C PHE C 459 61.75 29.46 -44.06
N ARG C 460 60.52 29.88 -44.30
CA ARG C 460 59.64 29.21 -45.26
C ARG C 460 58.60 30.21 -45.74
N LYS C 461 57.98 29.88 -46.89
CA LYS C 461 57.00 30.78 -47.48
C LYS C 461 55.67 30.74 -46.75
N SER C 462 55.22 29.54 -46.35
CA SER C 462 53.91 29.40 -45.76
C SER C 462 53.93 28.27 -44.73
N ASN C 463 52.86 28.23 -43.91
CA ASN C 463 52.72 27.20 -42.90
C ASN C 463 52.47 25.84 -43.56
N LEU C 464 52.85 24.79 -42.84
CA LEU C 464 52.58 23.42 -43.27
C LEU C 464 51.25 22.96 -42.70
N LYS C 465 50.39 22.46 -43.58
CA LYS C 465 49.07 22.00 -43.16
C LYS C 465 49.20 20.75 -42.29
N PRO C 466 48.21 20.48 -41.44
CA PRO C 466 48.21 19.21 -40.71
C PRO C 466 48.20 18.02 -41.65
N PHE C 467 48.92 16.96 -41.27
CA PHE C 467 49.08 15.77 -42.09
C PHE C 467 49.69 16.10 -43.45
N GLU C 468 50.66 17.03 -43.45
CA GLU C 468 51.35 17.43 -44.67
C GLU C 468 52.84 17.55 -44.41
N ARG C 469 53.64 17.01 -45.33
CA ARG C 469 55.09 17.14 -45.29
C ARG C 469 55.58 17.70 -46.61
N ASP C 470 56.37 18.76 -46.56
CA ASP C 470 56.91 19.41 -47.75
C ASP C 470 58.43 19.43 -47.67
N ILE C 471 59.08 19.02 -48.76
CA ILE C 471 60.53 18.89 -48.81
C ILE C 471 61.14 19.79 -49.88
N SER C 472 60.45 20.88 -50.25
CA SER C 472 60.96 21.81 -51.25
C SER C 472 62.06 22.67 -50.63
N PRO C 494 69.87 28.92 -44.40
CA PRO C 494 68.57 28.63 -43.77
C PRO C 494 68.68 27.92 -42.43
N LEU C 495 69.70 27.09 -42.24
CA LEU C 495 69.90 26.37 -41.00
C LEU C 495 71.03 27.00 -40.19
N ARG C 496 70.90 26.92 -38.87
CA ARG C 496 71.88 27.46 -37.95
C ARG C 496 72.39 26.36 -37.03
N SER C 497 73.67 26.41 -36.69
CA SER C 497 74.30 25.43 -35.82
C SER C 497 74.36 25.97 -34.40
N TYR C 498 73.86 25.19 -33.44
CA TYR C 498 73.87 25.60 -32.05
C TYR C 498 75.24 25.36 -31.42
N SER C 499 75.68 26.32 -30.60
CA SER C 499 76.92 26.18 -29.85
C SER C 499 76.59 25.53 -28.50
N PHE C 500 76.42 24.22 -28.53
CA PHE C 500 76.00 23.46 -27.37
C PHE C 500 77.19 23.28 -26.44
N ARG C 501 77.10 23.87 -25.24
CA ARG C 501 78.12 23.74 -24.21
C ARG C 501 77.47 23.60 -22.85
N PRO C 502 78.04 22.81 -21.94
CA PRO C 502 77.44 22.66 -20.61
C PRO C 502 77.40 23.95 -19.81
N THR C 503 78.39 24.83 -19.98
CA THR C 503 78.45 26.05 -19.20
C THR C 503 77.32 27.03 -19.54
N TYR C 504 76.68 26.86 -20.68
CA TYR C 504 75.65 27.80 -21.11
C TYR C 504 74.46 27.76 -20.16
N GLY C 505 73.85 28.92 -19.96
CA GLY C 505 72.74 29.07 -19.06
C GLY C 505 71.42 28.64 -19.68
N VAL C 506 70.33 28.97 -18.99
CA VAL C 506 69.01 28.59 -19.45
C VAL C 506 68.71 29.29 -20.78
N GLY C 507 68.00 28.58 -21.65
CA GLY C 507 67.68 29.08 -22.97
C GLY C 507 68.62 28.61 -24.06
N HIS C 508 69.77 28.04 -23.71
CA HIS C 508 70.73 27.54 -24.69
C HIS C 508 70.93 26.04 -24.65
N GLN C 509 70.63 25.38 -23.54
CA GLN C 509 70.80 23.94 -23.46
C GLN C 509 69.81 23.24 -24.39
N PRO C 510 70.20 22.11 -25.00
CA PRO C 510 69.27 21.36 -25.86
C PRO C 510 68.18 20.70 -25.03
N TYR C 511 66.93 20.88 -25.45
CA TYR C 511 65.78 20.33 -24.76
C TYR C 511 64.93 19.54 -25.75
N ARG C 512 64.61 18.30 -25.41
CA ARG C 512 63.78 17.45 -26.25
C ARG C 512 62.32 17.57 -25.84
N VAL C 513 61.44 17.67 -26.84
CA VAL C 513 60.00 17.74 -26.61
C VAL C 513 59.33 16.78 -27.58
N VAL C 514 58.51 15.87 -27.04
CA VAL C 514 57.78 14.88 -27.83
C VAL C 514 56.30 15.02 -27.49
N VAL C 515 55.45 15.05 -28.51
CA VAL C 515 54.03 15.32 -28.36
C VAL C 515 53.25 14.05 -28.69
N LEU C 516 52.33 13.68 -27.81
CA LEU C 516 51.41 12.57 -28.02
C LEU C 516 50.03 13.12 -28.34
N SER C 517 49.43 12.63 -29.42
CA SER C 517 48.18 13.18 -29.93
C SER C 517 47.00 12.41 -29.36
N PHE C 518 46.09 13.12 -28.69
CA PHE C 518 44.87 12.56 -28.15
C PHE C 518 43.67 13.26 -28.78
N GLU C 519 42.65 12.47 -29.11
CA GLU C 519 41.43 12.96 -29.73
C GLU C 519 40.23 12.65 -28.85
N LEU C 520 39.34 13.63 -28.69
CA LEU C 520 38.12 13.48 -27.90
C LEU C 520 36.98 13.14 -28.85
N LEU C 521 36.88 11.87 -29.21
CA LEU C 521 35.78 11.32 -30.01
C LEU C 521 35.74 11.94 -31.42
N HIS C 522 36.83 12.56 -31.86
CA HIS C 522 36.95 13.02 -33.24
C HIS C 522 37.32 11.90 -34.20
N ALA C 523 37.67 10.72 -33.68
CA ALA C 523 38.05 9.58 -34.49
C ALA C 523 37.59 8.32 -33.76
N PRO C 524 37.38 7.21 -34.48
CA PRO C 524 37.01 5.97 -33.79
C PRO C 524 38.07 5.56 -32.78
N ALA C 525 37.60 5.11 -31.61
CA ALA C 525 38.49 4.74 -30.52
C ALA C 525 38.89 3.28 -30.66
N THR C 526 40.20 3.04 -30.78
CA THR C 526 40.71 1.69 -30.95
C THR C 526 41.75 1.29 -29.92
N VAL C 527 42.23 2.20 -29.09
CA VAL C 527 43.21 1.91 -28.05
C VAL C 527 42.61 2.32 -26.70
N CYS C 528 42.70 1.43 -25.72
CA CYS C 528 42.06 1.66 -24.43
C CYS C 528 43.03 1.54 -23.28
N GLY C 529 42.52 1.55 -22.04
CA GLY C 529 43.35 1.57 -20.86
C GLY C 529 43.62 0.20 -20.28
N PRO C 530 43.82 0.14 -18.96
CA PRO C 530 44.23 -1.12 -18.33
C PRO C 530 43.08 -2.08 -18.06
N LYS C 531 41.93 -1.87 -18.70
CA LYS C 531 40.82 -2.80 -18.55
C LYS C 531 41.21 -4.15 -19.14
N LYS C 532 40.99 -5.22 -18.37
CA LYS C 532 41.48 -6.54 -18.74
C LYS C 532 40.39 -7.56 -18.41
N SER C 533 40.77 -8.83 -18.42
CA SER C 533 39.88 -9.94 -18.14
C SER C 533 40.51 -10.83 -17.07
N THR C 534 39.72 -11.80 -16.59
CA THR C 534 40.15 -12.69 -15.53
C THR C 534 39.81 -14.13 -15.88
N ASN C 535 40.55 -15.05 -15.27
CA ASN C 535 40.35 -16.48 -15.50
C ASN C 535 39.00 -16.92 -14.95
N LEU C 536 38.45 -17.98 -15.55
CA LEU C 536 37.15 -18.50 -15.18
C LEU C 536 37.29 -19.71 -14.27
N VAL C 537 36.16 -20.14 -13.72
CA VAL C 537 36.12 -21.29 -12.80
C VAL C 537 35.04 -22.24 -13.27
N LYS C 538 35.20 -23.52 -12.90
CA LYS C 538 34.27 -24.58 -13.26
C LYS C 538 33.77 -25.24 -11.98
N ASN C 539 32.45 -25.44 -11.89
CA ASN C 539 31.80 -26.04 -10.74
C ASN C 539 32.09 -25.30 -9.44
N LYS C 540 32.50 -24.04 -9.53
CA LYS C 540 32.78 -23.20 -8.37
C LYS C 540 31.89 -21.97 -8.46
N CYS C 541 30.87 -21.91 -7.61
CA CYS C 541 29.88 -20.84 -7.71
C CYS C 541 30.52 -19.48 -7.53
N VAL C 542 30.19 -18.56 -8.43
CA VAL C 542 30.71 -17.19 -8.40
C VAL C 542 29.63 -16.27 -8.96
N ASN C 543 29.83 -14.97 -8.79
CA ASN C 543 28.99 -13.95 -9.40
C ASN C 543 29.62 -13.49 -10.72
N PHE C 544 29.58 -14.38 -11.70
CA PHE C 544 30.32 -14.20 -12.93
C PHE C 544 29.69 -13.10 -13.78
N ASN C 545 30.55 -12.41 -14.54
CA ASN C 545 30.13 -11.31 -15.40
C ASN C 545 30.65 -11.60 -16.80
N PHE C 546 29.86 -12.32 -17.59
CA PHE C 546 30.24 -12.71 -18.95
C PHE C 546 29.83 -11.59 -19.90
N ASN C 547 30.71 -10.59 -20.03
CA ASN C 547 30.49 -9.44 -20.92
C ASN C 547 29.17 -8.75 -20.59
N GLY C 548 29.06 -8.26 -19.36
CA GLY C 548 27.89 -7.51 -18.94
C GLY C 548 26.77 -8.34 -18.37
N LEU C 549 26.85 -9.67 -18.45
CA LEU C 549 25.82 -10.56 -17.94
C LEU C 549 26.23 -11.03 -16.55
N LYS C 550 25.55 -10.50 -15.53
CA LYS C 550 25.83 -10.85 -14.14
C LYS C 550 24.96 -12.02 -13.73
N GLY C 551 25.59 -13.13 -13.36
CA GLY C 551 24.85 -14.32 -12.98
C GLY C 551 25.56 -15.07 -11.87
N THR C 552 24.78 -15.72 -11.02
CA THR C 552 25.29 -16.47 -9.89
C THR C 552 24.85 -17.92 -9.97
N GLY C 553 25.74 -18.82 -9.60
CA GLY C 553 25.44 -20.23 -9.59
C GLY C 553 26.66 -21.05 -9.96
N VAL C 554 26.42 -22.33 -10.22
CA VAL C 554 27.47 -23.27 -10.58
C VAL C 554 27.54 -23.37 -12.09
N LEU C 555 28.76 -23.45 -12.63
CA LEU C 555 28.99 -23.57 -14.06
C LEU C 555 29.36 -25.00 -14.38
N THR C 556 28.54 -25.65 -15.19
CA THR C 556 28.74 -27.04 -15.59
C THR C 556 28.71 -27.14 -17.10
N GLU C 557 29.47 -28.09 -17.64
CA GLU C 557 29.58 -28.26 -19.08
C GLU C 557 28.23 -28.62 -19.69
N SER C 558 27.93 -28.05 -20.85
CA SER C 558 26.63 -28.21 -21.50
C SER C 558 26.76 -29.10 -22.73
N ASN C 559 25.86 -30.09 -22.82
CA ASN C 559 25.83 -31.00 -23.95
C ASN C 559 24.88 -30.57 -25.07
N LYS C 560 24.20 -29.43 -24.91
CA LYS C 560 23.50 -28.78 -26.01
C LYS C 560 24.35 -27.61 -26.49
N LYS C 561 24.60 -27.56 -27.80
CA LYS C 561 25.58 -26.65 -28.37
C LYS C 561 24.92 -25.80 -29.45
N PHE C 562 24.84 -24.50 -29.21
CA PHE C 562 24.48 -23.53 -30.24
C PHE C 562 25.76 -22.96 -30.85
N LEU C 563 25.64 -21.94 -31.69
CA LEU C 563 26.90 -21.33 -32.10
C LEU C 563 27.40 -20.36 -31.03
N PRO C 564 28.72 -20.18 -30.92
CA PRO C 564 29.24 -19.25 -29.89
C PRO C 564 28.69 -17.84 -30.01
N PHE C 565 28.46 -17.34 -31.22
CA PHE C 565 27.89 -16.00 -31.36
C PHE C 565 26.49 -15.96 -30.78
N GLN C 566 25.70 -17.02 -30.99
CA GLN C 566 24.43 -17.14 -30.29
C GLN C 566 24.71 -17.26 -28.79
N GLN C 567 24.45 -16.18 -28.06
CA GLN C 567 25.07 -16.01 -26.75
C GLN C 567 24.40 -16.87 -25.68
N PHE C 568 23.12 -16.62 -25.41
CA PHE C 568 22.48 -17.28 -24.28
C PHE C 568 21.00 -17.54 -24.60
N GLY C 569 20.41 -18.47 -23.87
CA GLY C 569 19.00 -18.75 -23.93
C GLY C 569 18.35 -18.62 -22.56
N ARG C 570 17.03 -18.83 -22.55
CA ARG C 570 16.25 -18.81 -21.34
C ARG C 570 15.16 -19.88 -21.43
N ASP C 571 14.86 -20.50 -20.30
CA ASP C 571 13.91 -21.60 -20.26
C ASP C 571 12.50 -21.06 -20.02
N ILE C 572 11.55 -21.96 -19.73
CA ILE C 572 10.18 -21.54 -19.45
C ILE C 572 10.13 -20.60 -18.26
N ALA C 573 11.04 -20.77 -17.30
CA ALA C 573 11.14 -19.86 -16.17
C ALA C 573 11.92 -18.60 -16.47
N ASP C 574 12.43 -18.46 -17.70
CA ASP C 574 13.17 -17.29 -18.19
C ASP C 574 14.49 -17.07 -17.46
N THR C 575 14.97 -18.06 -16.71
CA THR C 575 16.30 -17.97 -16.13
C THR C 575 17.35 -18.33 -17.18
N THR C 576 18.47 -17.62 -17.15
CA THR C 576 19.54 -17.88 -18.11
C THR C 576 20.07 -19.29 -17.93
N ASP C 577 20.30 -19.97 -19.06
CA ASP C 577 20.68 -21.37 -19.05
C ASP C 577 22.12 -21.64 -19.46
N ALA C 578 22.73 -20.76 -20.24
CA ALA C 578 24.11 -20.98 -20.68
C ALA C 578 24.72 -19.65 -21.08
N VAL C 579 26.05 -19.66 -21.22
CA VAL C 579 26.77 -18.48 -21.66
C VAL C 579 28.10 -18.91 -22.28
N ARG C 580 28.55 -18.16 -23.28
CA ARG C 580 29.80 -18.41 -23.98
C ARG C 580 30.80 -17.34 -23.57
N ASP C 581 32.02 -17.78 -23.25
CA ASP C 581 33.02 -16.78 -22.90
C ASP C 581 33.93 -16.51 -24.09
N PRO C 582 34.49 -15.30 -24.17
CA PRO C 582 35.39 -14.97 -25.28
C PRO C 582 36.62 -15.86 -25.28
N GLN C 583 37.24 -15.96 -26.47
CA GLN C 583 38.50 -16.64 -26.75
C GLN C 583 38.50 -18.12 -26.33
N THR C 584 37.35 -18.68 -26.00
CA THR C 584 37.27 -20.09 -25.65
C THR C 584 36.18 -20.78 -26.44
N LEU C 585 35.12 -20.03 -26.77
CA LEU C 585 34.02 -20.52 -27.61
C LEU C 585 33.32 -21.72 -26.99
N GLU C 586 33.14 -21.71 -25.68
CA GLU C 586 32.48 -22.82 -24.99
C GLU C 586 31.33 -22.29 -24.15
N ILE C 587 30.22 -23.04 -24.16
CA ILE C 587 29.02 -22.68 -23.41
C ILE C 587 28.82 -23.69 -22.29
N LEU C 588 28.44 -23.19 -21.11
CA LEU C 588 28.25 -24.02 -19.93
C LEU C 588 26.91 -23.74 -19.29
N ASP C 589 26.35 -24.77 -18.66
CA ASP C 589 25.04 -24.64 -18.00
C ASP C 589 25.15 -23.80 -16.74
N ILE C 590 24.07 -23.07 -16.44
CA ILE C 590 23.98 -22.26 -15.23
C ILE C 590 22.76 -22.74 -14.47
N THR C 591 22.98 -23.50 -13.40
CA THR C 591 21.91 -24.01 -12.54
C THR C 591 22.30 -23.72 -11.09
N PRO C 592 21.99 -22.52 -10.59
CA PRO C 592 22.46 -22.13 -9.25
C PRO C 592 22.04 -23.08 -8.15
N CYS C 593 20.73 -23.18 -7.88
CA CYS C 593 20.17 -24.10 -6.90
C CYS C 593 20.99 -24.15 -5.61
N SER C 594 21.51 -23.00 -5.18
CA SER C 594 22.52 -22.95 -4.13
C SER C 594 21.95 -22.67 -2.76
N PHE C 595 21.03 -21.72 -2.65
CA PHE C 595 20.48 -21.33 -1.35
C PHE C 595 19.17 -22.06 -1.06
N GLY C 596 18.83 -22.12 0.22
CA GLY C 596 17.60 -22.75 0.64
C GLY C 596 17.37 -22.55 2.12
N GLY C 597 16.13 -22.80 2.54
CA GLY C 597 15.76 -22.56 3.91
C GLY C 597 16.38 -23.55 4.88
N VAL C 598 16.35 -23.19 6.16
CA VAL C 598 16.83 -24.03 7.24
C VAL C 598 15.73 -24.19 8.27
N SER C 599 15.25 -25.41 8.44
CA SER C 599 14.26 -25.74 9.46
C SER C 599 14.89 -26.70 10.46
N VAL C 600 14.82 -26.32 11.74
CA VAL C 600 15.53 -27.04 12.79
C VAL C 600 14.63 -28.14 13.34
N ILE C 601 15.15 -29.36 13.37
CA ILE C 601 14.49 -30.47 14.05
C ILE C 601 14.92 -30.41 15.51
N THR C 602 13.94 -30.30 16.42
CA THR C 602 14.27 -30.31 17.84
C THR C 602 13.05 -30.74 18.62
N PRO C 603 13.19 -31.65 19.58
CA PRO C 603 12.07 -31.94 20.48
C PRO C 603 11.93 -30.86 21.54
N GLY C 604 11.01 -31.05 22.49
CA GLY C 604 10.83 -30.07 23.54
C GLY C 604 12.06 -29.97 24.43
N THR C 605 12.26 -28.78 24.99
CA THR C 605 13.40 -28.57 25.89
C THR C 605 13.32 -29.44 27.12
N ASN C 606 12.14 -29.94 27.47
CA ASN C 606 12.02 -30.86 28.59
C ASN C 606 12.62 -32.22 28.26
N THR C 607 12.54 -32.65 26.99
CA THR C 607 12.97 -33.99 26.61
C THR C 607 14.44 -34.03 26.20
N SER C 608 14.87 -33.09 25.37
CA SER C 608 16.24 -33.10 24.87
C SER C 608 16.67 -31.68 24.52
N ASN C 609 17.98 -31.49 24.39
CA ASN C 609 18.54 -30.23 23.96
C ASN C 609 19.55 -30.38 22.83
N GLN C 610 19.58 -31.55 22.17
CA GLN C 610 20.41 -31.74 20.99
C GLN C 610 19.58 -31.49 19.74
N VAL C 611 20.17 -30.77 18.79
CA VAL C 611 19.47 -30.25 17.64
C VAL C 611 20.17 -30.70 16.36
N ALA C 612 19.63 -30.25 15.23
CA ALA C 612 20.21 -30.54 13.92
C ALA C 612 19.77 -29.44 12.96
N VAL C 613 20.50 -29.32 11.85
CA VAL C 613 20.21 -28.34 10.82
C VAL C 613 19.91 -29.05 9.51
N LEU C 614 18.86 -28.60 8.83
CA LEU C 614 18.47 -29.12 7.53
C LEU C 614 18.58 -27.99 6.52
N TYR C 615 18.95 -28.33 5.28
CA TYR C 615 19.12 -27.35 4.21
C TYR C 615 18.24 -27.77 3.04
N GLN C 616 17.23 -26.96 2.73
CA GLN C 616 16.31 -27.26 1.64
C GLN C 616 16.96 -26.91 0.30
N GLY C 617 17.06 -27.89 -0.59
CA GLY C 617 17.61 -27.66 -1.90
C GLY C 617 19.07 -27.25 -1.91
N VAL C 618 19.87 -27.85 -1.04
CA VAL C 618 21.30 -27.58 -0.95
C VAL C 618 22.03 -28.91 -0.85
N ASN C 619 23.09 -29.06 -1.65
CA ASN C 619 23.90 -30.26 -1.59
C ASN C 619 24.87 -30.17 -0.40
N CYS C 620 25.39 -31.33 0.00
CA CYS C 620 26.34 -31.39 1.10
C CYS C 620 27.69 -30.78 0.76
N THR C 621 27.94 -30.48 -0.51
CA THR C 621 29.21 -29.89 -0.92
C THR C 621 29.30 -28.40 -0.62
N GLU C 622 28.26 -27.81 -0.04
CA GLU C 622 28.28 -26.38 0.28
C GLU C 622 27.95 -26.17 1.75
N VAL C 623 28.58 -26.92 2.63
CA VAL C 623 28.38 -26.77 4.06
C VAL C 623 28.99 -25.46 4.55
N ASN C 644 28.22 -40.09 8.23
CA ASN C 644 27.64 -39.59 9.46
C ASN C 644 26.85 -38.31 9.20
N VAL C 645 26.87 -37.87 7.94
CA VAL C 645 26.02 -36.78 7.45
C VAL C 645 25.24 -37.29 6.26
N PHE C 646 23.96 -36.93 6.19
CA PHE C 646 23.03 -37.55 5.26
C PHE C 646 22.52 -36.55 4.25
N GLN C 647 22.39 -36.99 3.01
CA GLN C 647 21.86 -36.19 1.91
C GLN C 647 20.47 -36.69 1.54
N THR C 648 19.52 -35.77 1.49
CA THR C 648 18.15 -36.04 1.06
C THR C 648 17.89 -35.32 -0.26
N ARG C 649 16.80 -35.71 -0.92
CA ARG C 649 16.37 -34.96 -2.10
C ARG C 649 15.97 -33.54 -1.73
N ALA C 650 15.51 -33.33 -0.49
CA ALA C 650 15.29 -31.99 0.00
C ALA C 650 16.59 -31.23 0.17
N GLY C 651 17.66 -31.92 0.54
CA GLY C 651 18.96 -31.29 0.61
C GLY C 651 19.87 -32.02 1.59
N CYS C 652 20.93 -31.31 2.00
CA CYS C 652 21.93 -31.86 2.90
C CYS C 652 21.47 -31.73 4.35
N LEU C 653 21.64 -32.81 5.11
CA LEU C 653 21.29 -32.84 6.53
C LEU C 653 22.55 -32.90 7.36
N ILE C 654 22.69 -31.98 8.31
CA ILE C 654 23.86 -31.89 9.18
C ILE C 654 23.38 -31.91 10.63
N GLY C 655 23.98 -32.78 11.43
CA GLY C 655 23.61 -32.92 12.83
C GLY C 655 22.70 -34.09 13.13
N ALA C 656 22.38 -34.91 12.14
CA ALA C 656 21.54 -36.08 12.34
C ALA C 656 22.19 -37.28 11.68
N GLU C 657 21.85 -38.47 12.20
CA GLU C 657 22.39 -39.72 11.69
C GLU C 657 21.29 -40.47 10.95
N TYR C 658 21.54 -40.77 9.68
CA TYR C 658 20.56 -41.51 8.88
C TYR C 658 20.41 -42.93 9.42
N VAL C 659 19.22 -43.49 9.27
CA VAL C 659 18.91 -44.83 9.75
C VAL C 659 18.25 -45.62 8.63
N ASN C 660 18.79 -46.79 8.33
CA ASN C 660 18.14 -47.68 7.37
C ASN C 660 16.78 -48.13 7.90
N ASN C 661 16.70 -48.44 9.19
CA ASN C 661 15.42 -48.74 9.80
C ASN C 661 14.53 -47.51 9.81
N SER C 662 13.22 -47.74 9.69
CA SER C 662 12.26 -46.66 9.72
C SER C 662 11.05 -47.07 10.53
N TYR C 663 10.54 -46.15 11.34
CA TYR C 663 9.37 -46.36 12.17
C TYR C 663 8.30 -45.35 11.78
N GLU C 664 7.20 -45.35 12.53
CA GLU C 664 6.11 -44.43 12.24
C GLU C 664 6.54 -43.00 12.53
N CYS C 665 6.14 -42.08 11.67
CA CYS C 665 6.64 -40.70 11.75
C CYS C 665 5.98 -39.93 12.87
N ASP C 666 6.80 -39.26 13.67
CA ASP C 666 6.32 -38.30 14.66
C ASP C 666 6.60 -36.86 14.29
N ILE C 667 7.54 -36.62 13.37
CA ILE C 667 7.90 -35.28 12.95
C ILE C 667 8.43 -35.28 11.52
N PRO C 668 7.69 -34.71 10.57
CA PRO C 668 8.21 -34.54 9.22
C PRO C 668 9.44 -33.63 9.20
N ILE C 669 10.35 -33.91 8.26
CA ILE C 669 11.55 -33.11 8.06
C ILE C 669 11.62 -32.54 6.64
N GLY C 670 11.46 -33.40 5.64
CA GLY C 670 11.44 -32.96 4.26
C GLY C 670 11.72 -34.07 3.26
N ALA C 671 10.97 -34.08 2.16
CA ALA C 671 11.14 -35.06 1.08
C ALA C 671 11.08 -36.50 1.62
N GLY C 672 10.21 -36.73 2.58
CA GLY C 672 10.01 -38.06 3.11
C GLY C 672 10.97 -38.49 4.19
N ILE C 673 11.52 -37.56 4.95
CA ILE C 673 12.41 -37.87 6.06
C ILE C 673 11.73 -37.47 7.35
N CYS C 674 11.80 -38.34 8.36
CA CYS C 674 11.24 -38.07 9.68
C CYS C 674 12.30 -38.39 10.74
N ALA C 675 12.24 -37.67 11.84
CA ALA C 675 13.23 -37.78 12.89
C ALA C 675 12.81 -38.77 13.97
N SER C 676 13.76 -39.12 14.83
CA SER C 676 13.54 -40.04 15.93
C SER C 676 14.60 -39.77 16.99
N TYR C 677 14.33 -40.26 18.20
CA TYR C 677 15.26 -40.13 19.31
C TYR C 677 15.63 -41.52 19.81
N GLN C 678 16.86 -41.62 20.35
CA GLN C 678 17.40 -42.90 20.81
C GLN C 678 16.51 -43.55 21.87
N SER C 694 21.61 -38.05 20.54
CA SER C 694 21.13 -36.96 19.71
C SER C 694 19.84 -37.33 19.00
N ILE C 695 19.53 -36.63 17.91
CA ILE C 695 18.32 -36.85 17.12
C ILE C 695 18.69 -37.44 15.77
N ILE C 696 18.04 -38.53 15.41
CA ILE C 696 18.31 -39.24 14.18
C ILE C 696 17.18 -38.99 13.20
N ALA C 697 17.50 -39.00 11.92
CA ALA C 697 16.51 -38.86 10.86
C ALA C 697 16.60 -40.07 9.94
N TYR C 698 15.44 -40.56 9.49
CA TYR C 698 15.39 -41.75 8.66
C TYR C 698 14.42 -41.51 7.51
N THR C 699 14.59 -42.28 6.44
CA THR C 699 13.63 -42.27 5.34
C THR C 699 12.34 -42.85 5.88
N MET C 700 11.37 -41.98 6.10
CA MET C 700 10.20 -42.34 6.90
C MET C 700 9.41 -43.47 6.25
N SER C 701 9.02 -44.44 7.07
CA SER C 701 8.02 -45.40 6.67
C SER C 701 6.66 -44.73 6.74
N LEU C 702 5.90 -44.81 5.66
CA LEU C 702 4.62 -44.11 5.59
C LEU C 702 3.62 -44.63 6.63
N GLY C 703 4.01 -45.60 7.43
CA GLY C 703 3.19 -46.08 8.52
C GLY C 703 3.49 -47.54 8.76
N ALA C 704 2.68 -48.14 9.63
CA ALA C 704 2.78 -49.58 9.87
C ALA C 704 2.22 -50.33 8.67
N GLU C 705 3.00 -51.28 8.16
CA GLU C 705 2.61 -52.03 6.98
C GLU C 705 1.73 -53.22 7.38
N ASN C 706 0.70 -53.48 6.57
CA ASN C 706 -0.18 -54.61 6.83
C ASN C 706 -0.78 -55.05 5.49
N SER C 707 -0.23 -56.12 4.92
CA SER C 707 -0.78 -56.71 3.71
C SER C 707 -1.92 -57.62 4.13
N VAL C 708 -3.10 -57.04 4.36
CA VAL C 708 -4.25 -57.82 4.80
C VAL C 708 -4.61 -58.83 3.72
N ALA C 709 -4.94 -60.04 4.15
CA ALA C 709 -5.10 -61.16 3.23
C ALA C 709 -6.37 -61.02 2.40
N TYR C 710 -6.23 -60.52 1.17
CA TYR C 710 -7.33 -60.55 0.23
C TYR C 710 -7.80 -61.98 -0.01
N SER C 711 -9.11 -62.14 -0.12
CA SER C 711 -9.69 -63.43 -0.43
C SER C 711 -10.95 -63.21 -1.25
N ASN C 712 -11.18 -64.13 -2.20
CA ASN C 712 -12.42 -64.18 -2.95
C ASN C 712 -13.42 -65.14 -2.34
N ASN C 713 -13.09 -65.75 -1.19
CA ASN C 713 -13.96 -66.75 -0.60
C ASN C 713 -14.06 -66.65 0.92
N SER C 714 -13.43 -65.66 1.55
CA SER C 714 -13.45 -65.55 3.00
C SER C 714 -13.90 -64.16 3.42
N ILE C 715 -14.51 -64.09 4.60
CA ILE C 715 -15.01 -62.84 5.16
C ILE C 715 -14.47 -62.68 6.57
N ALA C 716 -14.32 -61.42 7.00
CA ALA C 716 -13.88 -61.09 8.35
C ALA C 716 -14.91 -60.15 8.97
N ILE C 717 -15.56 -60.61 10.05
CA ILE C 717 -16.65 -59.89 10.69
C ILE C 717 -16.19 -59.48 12.08
N PRO C 718 -16.48 -58.26 12.54
CA PRO C 718 -16.17 -57.89 13.93
C PRO C 718 -17.20 -58.50 14.87
N THR C 719 -16.73 -59.36 15.78
CA THR C 719 -17.57 -59.88 16.84
C THR C 719 -17.48 -59.05 18.11
N ASN C 720 -16.63 -58.02 18.13
CA ASN C 720 -16.59 -57.03 19.19
C ASN C 720 -16.34 -55.67 18.55
N PHE C 721 -16.34 -54.64 19.38
CA PHE C 721 -16.21 -53.27 18.90
C PHE C 721 -15.82 -52.37 20.06
N THR C 722 -15.52 -51.12 19.73
CA THR C 722 -15.15 -50.12 20.73
C THR C 722 -15.94 -48.84 20.44
N ILE C 723 -16.68 -48.37 21.43
CA ILE C 723 -17.35 -47.07 21.32
C ILE C 723 -16.36 -46.04 21.86
N SER C 724 -15.44 -45.64 20.99
CA SER C 724 -14.51 -44.59 21.33
C SER C 724 -15.17 -43.24 21.11
N VAL C 725 -14.67 -42.23 21.82
CA VAL C 725 -15.09 -40.86 21.63
C VAL C 725 -13.83 -40.00 21.46
N THR C 726 -13.81 -39.18 20.42
CA THR C 726 -12.63 -38.40 20.08
C THR C 726 -12.98 -36.93 20.07
N THR C 727 -12.12 -36.13 20.69
CA THR C 727 -12.28 -34.68 20.65
C THR C 727 -11.90 -34.17 19.27
N GLU C 728 -12.63 -33.16 18.81
CA GLU C 728 -12.38 -32.53 17.52
C GLU C 728 -12.98 -31.13 17.55
N ILE C 729 -12.30 -30.18 16.92
CA ILE C 729 -12.61 -28.78 17.09
C ILE C 729 -12.89 -28.13 15.74
N LEU C 730 -14.01 -27.40 15.67
CA LEU C 730 -14.31 -26.46 14.61
C LEU C 730 -14.40 -25.06 15.21
N PRO C 731 -13.47 -24.16 14.89
CA PRO C 731 -13.64 -22.77 15.31
C PRO C 731 -14.91 -22.20 14.71
N VAL C 732 -15.65 -21.45 15.52
CA VAL C 732 -16.96 -20.93 15.15
C VAL C 732 -16.92 -19.43 14.93
N SER C 733 -16.29 -18.70 15.85
CA SER C 733 -16.34 -17.25 15.81
C SER C 733 -14.97 -16.66 16.01
N MET C 734 -14.71 -15.58 15.28
CA MET C 734 -13.62 -14.69 15.62
C MET C 734 -14.17 -13.61 16.55
N THR C 735 -13.30 -12.74 17.04
CA THR C 735 -13.76 -11.58 17.80
C THR C 735 -14.09 -10.51 16.78
N LYS C 736 -15.39 -10.30 16.53
CA LYS C 736 -15.79 -9.30 15.56
C LYS C 736 -15.19 -7.95 15.93
N THR C 737 -14.60 -7.28 14.95
CA THR C 737 -13.72 -6.16 15.22
C THR C 737 -14.08 -5.03 14.27
N SER C 738 -14.94 -4.13 14.73
CA SER C 738 -15.34 -2.97 13.96
C SER C 738 -14.33 -1.86 14.20
N VAL C 739 -13.33 -1.77 13.33
CA VAL C 739 -12.24 -0.81 13.50
C VAL C 739 -12.65 0.49 12.82
N ASP C 740 -12.69 1.57 13.59
CA ASP C 740 -12.89 2.89 13.01
C ASP C 740 -11.66 3.28 12.22
N CYS C 741 -11.83 3.58 10.94
CA CYS C 741 -10.70 3.98 10.12
C CYS C 741 -10.07 5.27 10.63
N THR C 742 -10.91 6.25 11.00
CA THR C 742 -10.39 7.52 11.48
C THR C 742 -9.60 7.36 12.77
N MET C 743 -10.13 6.58 13.72
CA MET C 743 -9.39 6.33 14.96
C MET C 743 -8.11 5.57 14.68
N TYR C 744 -8.17 4.56 13.81
CA TYR C 744 -6.97 3.80 13.49
C TYR C 744 -5.89 4.68 12.89
N ILE C 745 -6.28 5.62 12.03
CA ILE C 745 -5.27 6.39 11.29
C ILE C 745 -4.76 7.55 12.13
N CYS C 746 -5.66 8.35 12.69
CA CYS C 746 -5.26 9.59 13.35
C CYS C 746 -5.60 9.66 14.83
N GLY C 747 -6.26 8.65 15.40
CA GLY C 747 -6.69 8.76 16.78
C GLY C 747 -7.69 9.88 16.95
N ASP C 748 -7.48 10.68 17.99
CA ASP C 748 -8.30 11.85 18.27
C ASP C 748 -7.74 13.13 17.69
N SER C 749 -6.64 13.04 16.92
CA SER C 749 -6.03 14.23 16.32
C SER C 749 -7.01 14.88 15.35
N THR C 750 -7.49 16.07 15.70
CA THR C 750 -8.51 16.72 14.88
C THR C 750 -7.97 17.10 13.51
N GLU C 751 -6.75 17.62 13.44
CA GLU C 751 -6.20 18.03 12.15
C GLU C 751 -5.99 16.82 11.24
N CYS C 752 -5.38 15.76 11.77
CA CYS C 752 -5.14 14.57 10.96
C CYS C 752 -6.45 13.92 10.53
N SER C 753 -7.43 13.86 11.43
CA SER C 753 -8.72 13.27 11.06
C SER C 753 -9.41 14.10 9.99
N ASN C 754 -9.36 15.42 10.10
CA ASN C 754 -9.96 16.28 9.08
C ASN C 754 -9.29 16.08 7.73
N LEU C 755 -7.95 16.01 7.72
CA LEU C 755 -7.23 15.73 6.48
C LEU C 755 -7.62 14.36 5.93
N LEU C 756 -7.83 13.38 6.80
CA LEU C 756 -8.25 12.07 6.36
C LEU C 756 -9.62 12.11 5.70
N LEU C 757 -10.53 12.92 6.24
CA LEU C 757 -11.87 13.03 5.66
C LEU C 757 -11.84 13.50 4.21
N GLN C 758 -10.77 14.18 3.80
CA GLN C 758 -10.68 14.63 2.42
C GLN C 758 -10.42 13.47 1.47
N TYR C 759 -9.79 12.40 1.96
CA TYR C 759 -9.17 11.41 1.08
C TYR C 759 -10.17 10.57 0.31
N GLY C 760 -11.40 10.43 0.79
CA GLY C 760 -12.45 9.76 0.03
C GLY C 760 -13.09 8.63 0.82
N SER C 761 -13.77 7.76 0.08
CA SER C 761 -14.60 6.70 0.66
C SER C 761 -13.79 5.49 1.10
N PHE C 762 -12.46 5.61 1.18
CA PHE C 762 -11.63 4.51 1.66
C PHE C 762 -12.14 3.97 2.98
N CYS C 763 -12.17 4.83 4.00
CA CYS C 763 -12.61 4.40 5.32
C CYS C 763 -14.04 3.91 5.30
N THR C 764 -14.89 4.51 4.47
CA THR C 764 -16.28 4.07 4.39
C THR C 764 -16.38 2.62 3.95
N GLN C 765 -15.73 2.27 2.83
CA GLN C 765 -15.83 0.90 2.36
C GLN C 765 -15.14 -0.07 3.33
N LEU C 766 -14.03 0.37 3.94
CA LEU C 766 -13.38 -0.50 4.92
C LEU C 766 -14.28 -0.79 6.10
N LYS C 767 -14.91 0.24 6.66
CA LYS C 767 -15.80 0.02 7.79
C LYS C 767 -17.00 -0.82 7.38
N ARG C 768 -17.55 -0.61 6.18
CA ARG C 768 -18.66 -1.43 5.75
C ARG C 768 -18.25 -2.89 5.62
N ALA C 769 -17.05 -3.15 5.11
CA ALA C 769 -16.56 -4.51 5.04
C ALA C 769 -16.40 -5.11 6.44
N LEU C 770 -15.86 -4.35 7.38
CA LEU C 770 -15.67 -4.86 8.73
C LEU C 770 -17.01 -5.14 9.41
N THR C 771 -17.98 -4.26 9.22
CA THR C 771 -19.32 -4.51 9.75
C THR C 771 -19.96 -5.72 9.08
N GLY C 772 -19.69 -5.93 7.79
CA GLY C 772 -20.12 -7.16 7.16
C GLY C 772 -19.49 -8.37 7.81
N ILE C 773 -18.21 -8.28 8.14
CA ILE C 773 -17.56 -9.36 8.89
C ILE C 773 -18.30 -9.61 10.20
N ALA C 774 -18.60 -8.54 10.93
CA ALA C 774 -19.24 -8.69 12.24
C ALA C 774 -20.63 -9.32 12.11
N VAL C 775 -21.42 -8.82 11.16
CA VAL C 775 -22.79 -9.30 11.03
C VAL C 775 -22.80 -10.74 10.53
N GLU C 776 -21.88 -11.08 9.62
CA GLU C 776 -21.68 -12.47 9.25
C GLU C 776 -21.32 -13.30 10.46
N GLN C 777 -20.48 -12.75 11.35
CA GLN C 777 -20.01 -13.53 12.49
C GLN C 777 -21.16 -13.86 13.42
N ASP C 778 -21.97 -12.86 13.77
CA ASP C 778 -23.03 -13.18 14.73
C ASP C 778 -24.17 -13.94 14.07
N LYS C 779 -24.36 -13.83 12.74
CA LYS C 779 -25.33 -14.74 12.15
C LYS C 779 -24.80 -16.16 12.10
N ASN C 780 -23.49 -16.33 11.94
CA ASN C 780 -22.89 -17.64 12.09
C ASN C 780 -23.15 -18.19 13.48
N THR C 781 -22.96 -17.34 14.49
CA THR C 781 -23.26 -17.73 15.86
C THR C 781 -24.73 -18.12 16.00
N GLN C 782 -25.61 -17.36 15.35
CA GLN C 782 -27.05 -17.65 15.38
C GLN C 782 -27.33 -19.04 14.80
N GLU C 783 -26.82 -19.31 13.61
CA GLU C 783 -27.04 -20.61 12.98
C GLU C 783 -26.31 -21.74 13.70
N VAL C 784 -25.29 -21.41 14.50
CA VAL C 784 -24.55 -22.42 15.25
C VAL C 784 -25.25 -22.76 16.56
N PHE C 785 -25.99 -21.81 17.11
CA PHE C 785 -26.54 -22.08 18.44
C PHE C 785 -28.07 -22.13 18.45
N ALA C 786 -28.75 -21.15 17.87
CA ALA C 786 -30.21 -21.12 17.92
C ALA C 786 -30.83 -21.72 16.66
N GLN C 787 -30.60 -23.02 16.48
CA GLN C 787 -31.34 -23.77 15.47
C GLN C 787 -32.70 -24.27 15.96
N VAL C 788 -32.97 -24.16 17.26
CA VAL C 788 -34.28 -24.46 17.82
C VAL C 788 -34.75 -23.26 18.62
N LYS C 789 -35.97 -22.81 18.35
CA LYS C 789 -36.46 -21.59 18.97
C LYS C 789 -37.09 -21.80 20.33
N GLN C 790 -37.34 -23.06 20.71
CA GLN C 790 -37.84 -23.39 22.05
C GLN C 790 -36.62 -23.76 22.89
N ILE C 791 -35.96 -22.74 23.44
CA ILE C 791 -34.72 -22.94 24.18
C ILE C 791 -35.04 -23.56 25.54
N TYR C 792 -34.83 -24.86 25.65
CA TYR C 792 -35.17 -25.61 26.85
C TYR C 792 -34.12 -25.40 27.93
N LYS C 793 -34.36 -26.00 29.09
CA LYS C 793 -33.43 -25.96 30.21
C LYS C 793 -33.18 -27.37 30.72
N THR C 794 -32.04 -27.54 31.37
CA THR C 794 -31.71 -28.82 31.98
C THR C 794 -32.71 -29.12 33.09
N PRO C 795 -33.34 -30.30 33.08
CA PRO C 795 -34.26 -30.65 34.17
C PRO C 795 -33.55 -30.66 35.50
N PRO C 796 -34.22 -30.21 36.57
CA PRO C 796 -33.53 -30.12 37.87
C PRO C 796 -33.00 -31.46 38.38
N ILE C 797 -33.74 -32.54 38.17
CA ILE C 797 -33.27 -33.88 38.49
C ILE C 797 -32.57 -34.43 37.25
N LYS C 798 -31.23 -34.44 37.30
CA LYS C 798 -30.41 -34.84 36.15
C LYS C 798 -30.27 -36.35 36.14
N TYR C 799 -31.40 -37.02 35.98
CA TYR C 799 -31.46 -38.47 35.87
C TYR C 799 -31.50 -38.80 34.38
N PHE C 800 -30.36 -39.20 33.84
CA PHE C 800 -30.19 -39.44 32.40
C PHE C 800 -30.15 -40.93 32.07
N GLY C 801 -30.81 -41.75 32.88
CA GLY C 801 -30.87 -43.18 32.62
C GLY C 801 -29.54 -43.90 32.75
N GLY C 802 -28.71 -43.50 33.70
CA GLY C 802 -27.45 -44.16 33.94
C GLY C 802 -26.29 -43.68 33.08
N PHE C 803 -26.38 -42.47 32.53
CA PHE C 803 -25.35 -41.92 31.66
C PHE C 803 -24.86 -40.61 32.26
N ASN C 804 -23.63 -40.61 32.76
CA ASN C 804 -23.13 -39.54 33.60
C ASN C 804 -22.44 -38.48 32.75
N PHE C 805 -23.02 -37.28 32.72
CA PHE C 805 -22.42 -36.13 32.05
C PHE C 805 -22.29 -34.95 33.01
N SER C 806 -22.08 -35.24 34.30
CA SER C 806 -22.15 -34.21 35.33
C SER C 806 -21.08 -33.14 35.17
N GLN C 807 -20.03 -33.39 34.41
CA GLN C 807 -18.97 -32.41 34.27
C GLN C 807 -19.21 -31.42 33.13
N ILE C 808 -19.85 -31.85 32.05
CA ILE C 808 -20.00 -30.98 30.89
C ILE C 808 -21.12 -29.96 31.09
N LEU C 809 -22.27 -30.37 31.63
CA LEU C 809 -23.38 -29.45 31.79
C LEU C 809 -23.04 -28.36 32.80
N PRO C 810 -23.43 -27.11 32.54
CA PRO C 810 -23.43 -26.12 33.62
C PRO C 810 -24.40 -26.56 34.72
N ASP C 811 -24.01 -26.28 35.96
CA ASP C 811 -24.73 -26.79 37.11
C ASP C 811 -25.64 -25.71 37.66
N PRO C 812 -26.96 -25.92 37.69
CA PRO C 812 -27.84 -24.92 38.32
C PRO C 812 -27.56 -24.69 39.79
N SER C 813 -27.06 -25.71 40.50
CA SER C 813 -26.89 -25.58 41.95
C SER C 813 -25.78 -24.58 42.29
N LYS C 814 -24.71 -24.57 41.51
CA LYS C 814 -23.60 -23.65 41.81
C LYS C 814 -24.04 -22.22 41.53
N PRO C 815 -23.88 -21.30 42.49
CA PRO C 815 -24.27 -19.91 42.24
C PRO C 815 -23.35 -19.20 41.25
N SER C 816 -22.05 -19.51 41.29
CA SER C 816 -21.11 -18.84 40.40
C SER C 816 -21.25 -19.27 38.95
N LYS C 817 -22.01 -20.33 38.67
CA LYS C 817 -22.20 -20.84 37.31
C LYS C 817 -20.86 -21.21 36.66
N ARG C 818 -19.89 -21.65 37.48
CA ARG C 818 -18.54 -21.94 37.03
C ARG C 818 -18.24 -23.42 37.24
N SER C 819 -17.87 -24.14 36.12
CA SER C 819 -17.49 -25.55 36.10
C SER C 819 -15.99 -25.69 35.90
N PHE C 820 -15.39 -26.76 36.45
CA PHE C 820 -13.94 -26.96 36.26
C PHE C 820 -13.54 -27.05 34.80
N ILE C 821 -14.32 -27.74 33.97
CA ILE C 821 -13.96 -27.85 32.55
C ILE C 821 -13.85 -26.47 31.92
N GLU C 822 -14.93 -25.70 31.95
CA GLU C 822 -14.92 -24.40 31.30
C GLU C 822 -13.91 -23.45 31.95
N ASP C 823 -13.78 -23.51 33.28
CA ASP C 823 -12.86 -22.61 33.96
C ASP C 823 -11.42 -22.87 33.56
N LEU C 824 -10.99 -24.13 33.62
CA LEU C 824 -9.63 -24.46 33.21
C LEU C 824 -9.44 -24.23 31.72
N LEU C 825 -10.48 -24.48 30.92
CA LEU C 825 -10.40 -24.25 29.49
C LEU C 825 -10.13 -22.77 29.19
N PHE C 826 -10.90 -21.89 29.84
CA PHE C 826 -10.70 -20.46 29.66
C PHE C 826 -9.33 -20.03 30.19
N ASN C 827 -8.91 -20.59 31.33
CA ASN C 827 -7.62 -20.22 31.90
C ASN C 827 -6.48 -20.61 30.96
N LYS C 828 -6.60 -21.76 30.30
CA LYS C 828 -5.58 -22.19 29.35
C LYS C 828 -5.62 -21.38 28.07
N VAL C 829 -6.81 -21.01 27.61
CA VAL C 829 -6.96 -20.23 26.38
C VAL C 829 -6.73 -18.77 26.72
N THR C 830 -5.65 -18.20 26.17
CA THR C 830 -5.29 -16.82 26.47
C THR C 830 -6.34 -15.83 25.98
N LYS C 859 -4.54 3.89 19.83
CA LYS C 859 -4.64 2.44 19.74
C LYS C 859 -5.49 2.02 18.55
N GLY C 860 -6.75 2.42 18.56
CA GLY C 860 -7.70 1.98 17.57
C GLY C 860 -8.23 0.58 17.77
N LEU C 861 -7.79 -0.12 18.82
CA LEU C 861 -8.28 -1.46 19.10
C LEU C 861 -9.74 -1.38 19.51
N THR C 862 -10.58 -2.17 18.85
CA THR C 862 -12.00 -2.20 19.15
C THR C 862 -12.48 -3.63 19.21
N VAL C 863 -13.26 -3.94 20.24
CA VAL C 863 -13.84 -5.26 20.42
C VAL C 863 -15.32 -5.08 20.74
N LEU C 864 -16.16 -5.70 19.96
CA LEU C 864 -17.58 -5.66 20.25
C LEU C 864 -17.97 -6.93 21.00
N PRO C 865 -18.80 -6.83 22.04
CA PRO C 865 -19.10 -8.02 22.82
C PRO C 865 -19.83 -9.05 21.98
N PRO C 866 -19.68 -10.32 22.31
CA PRO C 866 -20.42 -11.35 21.56
C PRO C 866 -21.91 -11.10 21.66
N LEU C 867 -22.58 -11.20 20.52
CA LEU C 867 -24.02 -10.98 20.51
C LEU C 867 -24.74 -11.97 21.42
N LEU C 868 -24.33 -13.23 21.35
CA LEU C 868 -24.73 -14.23 22.32
C LEU C 868 -23.55 -14.42 23.27
N THR C 869 -23.69 -13.93 24.50
CA THR C 869 -22.61 -13.99 25.48
C THR C 869 -22.29 -15.44 25.82
N ASP C 870 -21.22 -15.60 26.59
CA ASP C 870 -20.78 -16.96 26.94
C ASP C 870 -21.86 -17.71 27.69
N GLU C 871 -22.52 -17.05 28.64
CA GLU C 871 -23.58 -17.70 29.40
C GLU C 871 -24.72 -18.12 28.49
N MET C 872 -25.19 -17.21 27.63
CA MET C 872 -26.31 -17.54 26.76
C MET C 872 -25.95 -18.66 25.81
N ILE C 873 -24.72 -18.66 25.31
CA ILE C 873 -24.23 -19.80 24.54
C ILE C 873 -24.31 -21.06 25.38
N ALA C 874 -24.01 -20.95 26.68
CA ALA C 874 -24.04 -22.12 27.54
C ALA C 874 -25.44 -22.71 27.62
N GLN C 875 -26.46 -21.87 27.84
CA GLN C 875 -27.79 -22.50 27.84
C GLN C 875 -28.28 -22.86 26.44
N TYR C 876 -27.76 -22.24 25.38
CA TYR C 876 -28.01 -22.76 24.05
C TYR C 876 -27.52 -24.21 23.95
N THR C 877 -26.29 -24.45 24.38
CA THR C 877 -25.75 -25.80 24.39
C THR C 877 -26.59 -26.72 25.28
N SER C 878 -27.03 -26.21 26.43
CA SER C 878 -27.85 -27.02 27.32
C SER C 878 -29.15 -27.43 26.64
N ALA C 879 -29.80 -26.49 25.97
CA ALA C 879 -31.04 -26.81 25.26
C ALA C 879 -30.78 -27.82 24.15
N LEU C 880 -29.67 -27.65 23.42
CA LEU C 880 -29.31 -28.62 22.39
C LEU C 880 -29.17 -30.01 22.99
N LEU C 881 -28.43 -30.12 24.09
CA LEU C 881 -28.24 -31.41 24.75
C LEU C 881 -29.56 -31.97 25.23
N ALA C 882 -30.41 -31.14 25.83
CA ALA C 882 -31.69 -31.60 26.34
C ALA C 882 -32.55 -32.16 25.23
N GLY C 883 -32.69 -31.40 24.13
CA GLY C 883 -33.46 -31.91 23.01
C GLY C 883 -32.91 -33.20 22.47
N THR C 884 -31.60 -33.21 22.15
CA THR C 884 -30.98 -34.34 21.48
C THR C 884 -30.86 -35.57 22.37
N ILE C 885 -31.00 -35.43 23.69
CA ILE C 885 -30.89 -36.59 24.56
C ILE C 885 -32.29 -37.01 25.01
N THR C 886 -33.00 -36.10 25.67
CA THR C 886 -34.34 -36.41 26.14
C THR C 886 -35.29 -36.67 24.98
N SER C 887 -35.46 -35.69 24.10
CA SER C 887 -36.53 -35.73 23.11
C SER C 887 -36.14 -36.42 21.82
N GLY C 888 -34.90 -36.91 21.71
CA GLY C 888 -34.48 -37.57 20.49
C GLY C 888 -34.07 -36.61 19.39
N TRP C 889 -34.06 -37.11 18.16
CA TRP C 889 -33.54 -36.38 17.02
C TRP C 889 -34.55 -35.42 16.40
N THR C 890 -35.82 -35.53 16.76
CA THR C 890 -36.88 -34.77 16.10
C THR C 890 -36.98 -33.32 16.56
N PHE C 891 -36.28 -32.94 17.63
CA PHE C 891 -36.54 -31.65 18.26
C PHE C 891 -36.14 -30.48 17.38
N GLY C 892 -35.39 -30.70 16.31
CA GLY C 892 -35.01 -29.62 15.43
C GLY C 892 -36.07 -29.18 14.45
N ALA C 893 -37.19 -29.90 14.36
CA ALA C 893 -38.24 -29.62 13.40
C ALA C 893 -39.55 -29.19 14.05
N GLY C 894 -39.48 -28.63 15.26
CA GLY C 894 -40.67 -28.19 15.96
C GLY C 894 -40.63 -28.52 17.43
N ALA C 895 -41.69 -29.12 17.95
CA ALA C 895 -41.70 -29.50 19.36
C ALA C 895 -40.75 -30.65 19.65
N ALA C 896 -40.04 -30.53 20.77
CA ALA C 896 -39.13 -31.58 21.23
C ALA C 896 -39.97 -32.70 21.84
N LEU C 897 -40.38 -33.63 20.98
CA LEU C 897 -41.24 -34.73 21.41
C LEU C 897 -40.54 -35.56 22.46
N GLN C 898 -41.09 -35.58 23.67
CA GLN C 898 -40.51 -36.37 24.75
C GLN C 898 -40.56 -37.85 24.41
N ILE C 899 -39.52 -38.57 24.82
CA ILE C 899 -39.34 -39.97 24.44
C ILE C 899 -38.28 -40.58 25.35
N PRO C 900 -38.47 -41.83 25.80
CA PRO C 900 -37.42 -42.47 26.61
C PRO C 900 -36.11 -42.58 25.84
N PHE C 901 -35.00 -42.42 26.55
CA PHE C 901 -33.70 -42.59 25.92
C PHE C 901 -33.39 -44.04 25.57
N ALA C 902 -33.67 -45.04 26.41
CA ALA C 902 -33.51 -46.43 25.93
C ALA C 902 -34.34 -46.73 24.70
N MET C 903 -35.54 -46.17 24.61
CA MET C 903 -36.34 -46.37 23.41
C MET C 903 -35.81 -45.55 22.24
N GLN C 904 -35.15 -44.42 22.51
CA GLN C 904 -34.45 -43.71 21.45
C GLN C 904 -33.31 -44.56 20.90
N MET C 905 -32.58 -45.23 21.79
CA MET C 905 -31.54 -46.16 21.36
C MET C 905 -32.12 -47.31 20.55
N ALA C 906 -33.28 -47.81 20.96
CA ALA C 906 -33.96 -48.85 20.20
C ALA C 906 -34.37 -48.35 18.82
N TYR C 907 -34.85 -47.11 18.75
CA TYR C 907 -35.22 -46.52 17.47
C TYR C 907 -33.98 -46.34 16.59
N ARG C 908 -32.85 -45.99 17.20
CA ARG C 908 -31.60 -45.88 16.47
C ARG C 908 -31.17 -47.24 15.91
N PHE C 909 -31.34 -48.29 16.71
CA PHE C 909 -31.06 -49.64 16.20
C PHE C 909 -32.02 -50.02 15.08
N ASN C 910 -33.30 -49.64 15.20
CA ASN C 910 -34.25 -49.88 14.12
C ASN C 910 -33.79 -49.16 12.85
N GLY C 911 -33.22 -47.96 13.00
CA GLY C 911 -32.67 -47.26 11.85
C GLY C 911 -31.45 -47.94 11.27
N ILE C 912 -30.59 -48.49 12.14
CA ILE C 912 -29.34 -49.09 11.67
C ILE C 912 -29.54 -50.60 11.51
N GLY C 913 -30.79 -51.03 11.46
CA GLY C 913 -31.10 -52.45 11.24
C GLY C 913 -30.75 -53.38 12.38
N VAL C 914 -31.00 -52.97 13.62
CA VAL C 914 -30.74 -53.78 14.80
C VAL C 914 -32.03 -53.85 15.62
N THR C 915 -32.36 -55.04 16.10
CA THR C 915 -33.63 -55.24 16.79
C THR C 915 -33.55 -54.70 18.21
N GLN C 916 -34.62 -54.94 18.97
CA GLN C 916 -34.74 -54.43 20.34
C GLN C 916 -34.38 -55.46 21.39
N ASN C 917 -34.54 -56.76 21.09
CA ASN C 917 -34.15 -57.79 22.04
C ASN C 917 -32.65 -57.77 22.29
N VAL C 918 -31.85 -57.56 21.23
CA VAL C 918 -30.40 -57.45 21.39
C VAL C 918 -30.05 -56.22 22.20
N LEU C 919 -30.77 -55.11 22.02
CA LEU C 919 -30.58 -53.95 22.88
C LEU C 919 -30.82 -54.31 24.33
N TYR C 920 -31.97 -54.93 24.61
CA TYR C 920 -32.27 -55.36 25.98
C TYR C 920 -31.15 -56.23 26.53
N GLU C 921 -30.59 -57.11 25.69
CA GLU C 921 -29.53 -58.02 26.11
C GLU C 921 -28.19 -57.32 26.29
N ASN C 922 -28.04 -56.07 25.85
CA ASN C 922 -26.76 -55.40 25.93
C ASN C 922 -26.92 -53.96 26.40
N GLN C 923 -28.12 -53.57 26.85
CA GLN C 923 -28.35 -52.19 27.30
C GLN C 923 -27.41 -51.82 28.42
N LYS C 924 -27.35 -52.63 29.47
CA LYS C 924 -26.54 -52.30 30.64
C LYS C 924 -25.06 -52.22 30.28
N LEU C 925 -24.57 -53.20 29.50
CA LEU C 925 -23.16 -53.22 29.15
C LEU C 925 -22.78 -52.04 28.27
N ILE C 926 -23.61 -51.71 27.28
CA ILE C 926 -23.34 -50.55 26.44
C ILE C 926 -23.36 -49.28 27.26
N ALA C 927 -24.32 -49.16 28.19
CA ALA C 927 -24.40 -47.97 29.03
C ALA C 927 -23.15 -47.81 29.87
N ASN C 928 -22.71 -48.90 30.52
CA ASN C 928 -21.51 -48.82 31.35
C ASN C 928 -20.28 -48.50 30.52
N GLN C 929 -20.17 -49.11 29.34
CA GLN C 929 -19.02 -48.84 28.47
C GLN C 929 -19.02 -47.38 28.03
N PHE C 930 -20.18 -46.85 27.65
CA PHE C 930 -20.26 -45.46 27.24
C PHE C 930 -19.91 -44.52 28.39
N ASN C 931 -20.36 -44.84 29.60
CA ASN C 931 -20.02 -44.01 30.75
C ASN C 931 -18.52 -44.03 31.01
N SER C 932 -17.90 -45.21 30.91
CA SER C 932 -16.46 -45.30 31.06
C SER C 932 -15.74 -44.54 29.96
N ALA C 933 -16.31 -44.54 28.74
CA ALA C 933 -15.72 -43.78 27.65
C ALA C 933 -15.79 -42.28 27.92
N ILE C 934 -16.92 -41.81 28.44
CA ILE C 934 -17.03 -40.41 28.83
C ILE C 934 -16.01 -40.10 29.91
N GLY C 935 -15.84 -41.00 30.88
CA GLY C 935 -14.86 -40.78 31.93
C GLY C 935 -13.45 -40.65 31.37
N LYS C 936 -13.08 -41.55 30.46
CA LYS C 936 -11.72 -41.52 29.94
C LYS C 936 -11.50 -40.29 29.06
N ILE C 937 -12.50 -39.91 28.27
CA ILE C 937 -12.32 -38.73 27.43
C ILE C 937 -12.26 -37.47 28.27
N GLN C 938 -13.05 -37.39 29.34
CA GLN C 938 -13.01 -36.20 30.17
C GLN C 938 -11.71 -36.14 30.96
N ASP C 939 -11.20 -37.29 31.38
CA ASP C 939 -9.87 -37.30 32.01
C ASP C 939 -8.80 -36.85 31.03
N SER C 940 -8.87 -37.33 29.78
CA SER C 940 -7.91 -36.94 28.77
C SER C 940 -7.97 -35.45 28.50
N LEU C 941 -9.18 -34.89 28.47
CA LEU C 941 -9.32 -33.45 28.24
C LEU C 941 -8.85 -32.64 29.44
N SER C 942 -9.14 -33.11 30.65
CA SER C 942 -8.75 -32.37 31.85
C SER C 942 -7.24 -32.37 32.04
N SER C 943 -6.60 -33.52 31.84
CA SER C 943 -5.15 -33.60 31.93
C SER C 943 -4.47 -33.17 30.64
N THR C 944 -5.23 -32.94 29.58
CA THR C 944 -4.70 -32.55 28.27
C THR C 944 -5.53 -31.38 27.77
N ALA C 945 -5.35 -30.19 28.35
CA ALA C 945 -6.00 -29.00 27.77
C ALA C 945 -5.32 -28.49 26.51
N SER C 946 -4.16 -29.06 26.15
CA SER C 946 -3.40 -28.63 24.99
C SER C 946 -3.81 -29.36 23.71
N ALA C 947 -4.83 -30.21 23.77
CA ALA C 947 -5.32 -30.90 22.58
C ALA C 947 -6.35 -30.09 21.82
N LEU C 948 -6.72 -28.90 22.31
CA LEU C 948 -7.72 -28.06 21.63
C LEU C 948 -7.02 -27.25 20.53
N GLY C 949 -6.39 -28.01 19.63
CA GLY C 949 -5.41 -27.41 18.73
C GLY C 949 -6.01 -26.32 17.88
N LYS C 950 -7.16 -26.60 17.25
CA LYS C 950 -7.75 -25.62 16.33
C LYS C 950 -8.14 -24.34 17.07
N LEU C 951 -8.66 -24.46 18.29
CA LEU C 951 -8.97 -23.26 19.06
C LEU C 951 -7.71 -22.45 19.34
N GLN C 952 -6.63 -23.11 19.76
CA GLN C 952 -5.41 -22.34 19.98
C GLN C 952 -4.92 -21.69 18.70
N ASP C 953 -4.98 -22.40 17.57
CA ASP C 953 -4.52 -21.79 16.33
C ASP C 953 -5.35 -20.58 15.95
N VAL C 954 -6.67 -20.67 16.08
CA VAL C 954 -7.50 -19.55 15.63
C VAL C 954 -7.35 -18.36 16.57
N VAL C 955 -7.29 -18.60 17.88
CA VAL C 955 -7.11 -17.47 18.79
C VAL C 955 -5.73 -16.84 18.57
N ASN C 956 -4.72 -17.67 18.26
CA ASN C 956 -3.39 -17.13 18.00
C ASN C 956 -3.35 -16.36 16.69
N HIS C 957 -4.08 -16.82 15.68
CA HIS C 957 -4.15 -16.05 14.43
C HIS C 957 -4.81 -14.70 14.66
N ASN C 958 -5.90 -14.67 15.42
CA ASN C 958 -6.55 -13.39 15.69
C ASN C 958 -5.62 -12.48 16.49
N ALA C 959 -4.98 -13.02 17.52
CA ALA C 959 -4.06 -12.22 18.33
C ALA C 959 -2.90 -11.72 17.50
N GLN C 960 -2.36 -12.56 16.62
CA GLN C 960 -1.23 -12.17 15.80
C GLN C 960 -1.64 -11.15 14.74
N ALA C 961 -2.87 -11.24 14.24
CA ALA C 961 -3.36 -10.23 13.32
C ALA C 961 -3.46 -8.88 14.01
N LEU C 962 -4.06 -8.85 15.20
CA LEU C 962 -4.08 -7.62 15.97
C LEU C 962 -2.67 -7.14 16.29
N ASN C 963 -1.74 -8.06 16.53
CA ASN C 963 -0.38 -7.69 16.87
C ASN C 963 0.33 -7.04 15.69
N THR C 964 0.15 -7.61 14.50
CA THR C 964 0.64 -6.99 13.28
C THR C 964 0.03 -5.62 13.10
N LEU C 965 -1.26 -5.48 13.40
CA LEU C 965 -1.91 -4.19 13.28
C LEU C 965 -1.30 -3.17 14.25
N VAL C 966 -0.96 -3.61 15.46
CA VAL C 966 -0.55 -2.65 16.48
C VAL C 966 0.92 -2.26 16.32
N LYS C 967 1.83 -3.20 16.08
CA LYS C 967 3.19 -2.77 15.76
C LYS C 967 3.33 -2.31 14.31
N GLN C 968 2.27 -2.40 13.53
CA GLN C 968 2.27 -1.74 12.24
C GLN C 968 2.40 -0.22 12.41
N LEU C 969 2.01 0.31 13.58
CA LEU C 969 2.19 1.72 13.87
C LEU C 969 3.65 2.14 13.87
N SER C 970 4.57 1.18 13.98
CA SER C 970 5.99 1.46 14.04
C SER C 970 6.69 1.29 12.71
N SER C 971 5.93 1.12 11.62
CA SER C 971 6.53 1.01 10.30
C SER C 971 6.84 2.39 9.74
N LYS C 972 8.09 2.57 9.31
CA LYS C 972 8.59 3.91 9.00
C LYS C 972 7.94 4.49 7.74
N PHE C 973 7.72 3.67 6.71
CA PHE C 973 7.12 4.11 5.45
C PHE C 973 7.86 5.31 4.86
N GLY C 974 9.19 5.30 4.95
CA GLY C 974 9.96 6.40 4.42
C GLY C 974 9.70 7.74 5.07
N ALA C 975 9.43 7.75 6.36
CA ALA C 975 9.26 8.98 7.13
C ALA C 975 10.36 9.08 8.17
N ILE C 976 11.00 10.25 8.25
CA ILE C 976 12.08 10.43 9.21
C ILE C 976 11.58 10.26 10.64
N SER C 977 10.27 10.42 10.86
CA SER C 977 9.65 10.12 12.14
C SER C 977 8.40 9.30 11.88
N SER C 978 8.20 8.26 12.69
CA SER C 978 7.18 7.26 12.43
C SER C 978 5.83 7.56 13.07
N VAL C 979 5.76 8.55 13.96
CA VAL C 979 4.49 8.86 14.62
C VAL C 979 4.14 10.32 14.37
N LEU C 980 2.84 10.59 14.36
CA LEU C 980 2.32 11.87 13.87
C LEU C 980 2.78 13.03 14.73
N ASN C 981 2.70 12.89 16.05
CA ASN C 981 3.08 13.97 16.95
C ASN C 981 4.58 14.25 16.85
N ASP C 982 5.39 13.20 16.69
CA ASP C 982 6.81 13.41 16.55
C ASP C 982 7.15 14.08 15.22
N ILE C 983 6.40 13.78 14.15
CA ILE C 983 6.57 14.53 12.91
C ILE C 983 6.21 16.00 13.13
N PHE C 984 5.14 16.26 13.86
CA PHE C 984 4.79 17.65 14.19
C PHE C 984 5.93 18.33 14.92
N SER C 985 6.54 17.66 15.89
CA SER C 985 7.60 18.26 16.68
C SER C 985 8.90 18.40 15.91
N ARG C 986 9.13 17.54 14.92
CA ARG C 986 10.43 17.47 14.25
C ARG C 986 10.46 18.18 12.90
N LEU C 987 9.30 18.48 12.30
CA LEU C 987 9.27 19.13 11.01
C LEU C 987 8.28 20.29 11.04
N ASP C 988 8.58 21.32 10.26
CA ASP C 988 7.68 22.46 10.14
C ASP C 988 6.37 22.01 9.49
N PRO C 989 5.25 22.67 9.83
CA PRO C 989 3.93 22.19 9.38
C PRO C 989 3.81 22.00 7.89
N PRO C 990 4.35 22.91 7.02
CA PRO C 990 4.11 22.76 5.58
C PRO C 990 4.56 21.42 4.99
N GLU C 991 5.69 20.88 5.45
CA GLU C 991 6.13 19.56 5.01
C GLU C 991 5.69 18.45 5.96
N ALA C 992 5.46 18.78 7.24
CA ALA C 992 4.98 17.80 8.19
C ALA C 992 3.62 17.28 7.78
N GLU C 993 2.76 18.15 7.23
CA GLU C 993 1.45 17.71 6.78
C GLU C 993 1.57 16.69 5.66
N VAL C 994 2.46 16.92 4.69
CA VAL C 994 2.62 15.99 3.58
C VAL C 994 3.22 14.67 4.05
N GLN C 995 4.19 14.74 4.97
CA GLN C 995 4.76 13.49 5.48
C GLN C 995 3.73 12.71 6.30
N ILE C 996 2.88 13.43 7.04
CA ILE C 996 1.76 12.80 7.72
C ILE C 996 0.83 12.13 6.71
N ASP C 997 0.62 12.78 5.56
CA ASP C 997 -0.18 12.17 4.51
C ASP C 997 0.46 10.88 4.02
N ARG C 998 1.79 10.87 3.89
CA ARG C 998 2.49 9.67 3.45
C ARG C 998 2.35 8.53 4.47
N LEU C 999 2.50 8.84 5.75
CA LEU C 999 2.23 7.82 6.75
C LEU C 999 0.78 7.38 6.70
N ILE C 1000 -0.14 8.31 6.47
CA ILE C 1000 -1.56 7.96 6.43
C ILE C 1000 -1.81 6.94 5.34
N THR C 1001 -1.27 7.18 4.15
CA THR C 1001 -1.50 6.24 3.06
C THR C 1001 -0.77 4.92 3.28
N GLY C 1002 0.41 4.95 3.90
CA GLY C 1002 1.08 3.70 4.21
C GLY C 1002 0.31 2.86 5.22
N ARG C 1003 -0.10 3.48 6.32
CA ARG C 1003 -0.94 2.79 7.30
C ARG C 1003 -2.27 2.38 6.70
N LEU C 1004 -2.76 3.14 5.72
CA LEU C 1004 -3.97 2.74 5.00
C LEU C 1004 -3.74 1.45 4.23
N GLN C 1005 -2.65 1.38 3.47
CA GLN C 1005 -2.24 0.13 2.83
C GLN C 1005 -2.22 -1.01 3.84
N SER C 1006 -1.62 -0.76 5.00
CA SER C 1006 -1.58 -1.76 6.05
C SER C 1006 -2.99 -2.17 6.47
N LEU C 1007 -3.88 -1.20 6.60
CA LEU C 1007 -5.25 -1.50 7.01
C LEU C 1007 -5.97 -2.34 5.98
N GLN C 1008 -5.83 -2.01 4.69
CA GLN C 1008 -6.45 -2.85 3.66
C GLN C 1008 -5.88 -4.25 3.68
N THR C 1009 -4.56 -4.38 3.87
CA THR C 1009 -3.98 -5.71 4.00
C THR C 1009 -4.62 -6.48 5.14
N TYR C 1010 -4.71 -5.84 6.31
CA TYR C 1010 -5.29 -6.51 7.47
C TYR C 1010 -6.74 -6.89 7.21
N VAL C 1011 -7.49 -6.00 6.58
CA VAL C 1011 -8.89 -6.27 6.28
C VAL C 1011 -9.03 -7.42 5.30
N THR C 1012 -8.11 -7.52 4.32
CA THR C 1012 -8.18 -8.62 3.38
C THR C 1012 -7.86 -9.95 4.08
N GLN C 1013 -6.86 -9.95 4.95
CA GLN C 1013 -6.61 -11.14 5.76
C GLN C 1013 -7.84 -11.48 6.60
N GLN C 1014 -8.48 -10.46 7.18
CA GLN C 1014 -9.67 -10.67 7.98
C GLN C 1014 -10.78 -11.29 7.15
N LEU C 1015 -11.01 -10.77 5.94
CA LEU C 1015 -12.04 -11.31 5.07
C LEU C 1015 -11.75 -12.75 4.70
N ILE C 1016 -10.51 -13.05 4.32
CA ILE C 1016 -10.17 -14.41 3.92
C ILE C 1016 -10.35 -15.37 5.09
N ARG C 1017 -9.82 -14.99 6.25
CA ARG C 1017 -9.94 -15.83 7.43
C ARG C 1017 -11.40 -16.00 7.81
N ALA C 1018 -12.19 -14.94 7.73
CA ALA C 1018 -13.60 -15.02 8.09
C ALA C 1018 -14.40 -15.83 7.09
N ALA C 1019 -14.00 -15.81 5.81
CA ALA C 1019 -14.62 -16.71 4.85
C ALA C 1019 -14.33 -18.16 5.21
N GLU C 1020 -13.08 -18.45 5.60
CA GLU C 1020 -12.79 -19.78 6.09
C GLU C 1020 -13.59 -20.11 7.34
N ILE C 1021 -13.74 -19.14 8.23
CA ILE C 1021 -14.50 -19.35 9.45
C ILE C 1021 -15.96 -19.62 9.13
N ARG C 1022 -16.55 -18.88 8.19
CA ARG C 1022 -17.95 -19.10 7.83
C ARG C 1022 -18.14 -20.43 7.13
N ALA C 1023 -17.18 -20.82 6.28
CA ALA C 1023 -17.20 -22.17 5.72
C ALA C 1023 -17.25 -23.19 6.84
N SER C 1024 -16.33 -23.08 7.80
CA SER C 1024 -16.33 -23.98 8.94
C SER C 1024 -17.55 -23.81 9.81
N ALA C 1025 -18.22 -22.66 9.74
CA ALA C 1025 -19.35 -22.41 10.62
C ALA C 1025 -20.62 -23.06 10.09
N ASN C 1026 -20.91 -22.85 8.81
CA ASN C 1026 -21.92 -23.66 8.15
C ASN C 1026 -21.56 -25.14 8.27
N LEU C 1027 -20.25 -25.44 8.22
CA LEU C 1027 -19.80 -26.82 8.39
C LEU C 1027 -20.21 -27.35 9.76
N ALA C 1028 -20.00 -26.56 10.81
CA ALA C 1028 -20.31 -26.99 12.16
C ALA C 1028 -21.82 -27.05 12.40
N ALA C 1029 -22.57 -26.10 11.83
CA ALA C 1029 -24.01 -26.18 11.91
C ALA C 1029 -24.52 -27.45 11.26
N THR C 1030 -23.99 -27.76 10.08
CA THR C 1030 -24.34 -29.01 9.41
C THR C 1030 -23.90 -30.20 10.25
N LYS C 1031 -22.77 -30.08 10.94
CA LYS C 1031 -22.30 -31.15 11.80
C LYS C 1031 -23.29 -31.42 12.91
N MET C 1032 -23.54 -30.43 13.76
CA MET C 1032 -24.46 -30.65 14.86
C MET C 1032 -25.86 -30.96 14.38
N SER C 1033 -26.18 -30.60 13.13
CA SER C 1033 -27.48 -30.95 12.57
C SER C 1033 -27.53 -32.43 12.21
N GLU C 1034 -26.64 -32.88 11.33
CA GLU C 1034 -26.66 -34.23 10.81
C GLU C 1034 -25.98 -35.24 11.72
N CYS C 1035 -25.48 -34.78 12.87
CA CYS C 1035 -24.84 -35.60 13.88
C CYS C 1035 -25.57 -35.57 15.20
N VAL C 1036 -25.97 -34.39 15.67
CA VAL C 1036 -26.64 -34.25 16.96
C VAL C 1036 -28.15 -34.29 16.81
N LEU C 1037 -28.69 -33.64 15.78
CA LEU C 1037 -30.13 -33.71 15.50
C LEU C 1037 -30.50 -34.98 14.74
N GLY C 1038 -29.55 -35.85 14.47
CA GLY C 1038 -29.83 -37.13 13.83
C GLY C 1038 -28.55 -37.83 13.51
N GLN C 1039 -28.66 -39.14 13.32
CA GLN C 1039 -27.51 -39.95 12.93
C GLN C 1039 -27.21 -39.72 11.45
N SER C 1040 -25.93 -39.54 11.12
CA SER C 1040 -25.51 -39.35 9.75
C SER C 1040 -25.27 -40.70 9.09
N LYS C 1041 -26.10 -41.04 8.10
CA LYS C 1041 -25.77 -42.16 7.24
C LYS C 1041 -24.51 -41.86 6.43
N ARG C 1042 -24.29 -40.59 6.09
CA ARG C 1042 -23.03 -40.13 5.52
C ARG C 1042 -21.90 -40.42 6.49
N VAL C 1043 -20.89 -41.14 6.02
CA VAL C 1043 -19.83 -41.64 6.88
C VAL C 1043 -18.67 -40.64 6.93
N ASP C 1044 -17.92 -40.67 8.03
CA ASP C 1044 -16.62 -40.02 8.14
C ASP C 1044 -16.72 -38.50 8.15
N PHE C 1045 -17.80 -37.97 8.73
CA PHE C 1045 -17.90 -36.53 8.93
C PHE C 1045 -18.35 -36.19 10.34
N CYS C 1046 -19.07 -37.11 10.98
CA CYS C 1046 -19.55 -36.95 12.34
C CYS C 1046 -18.71 -37.69 13.36
N GLY C 1047 -17.46 -37.96 13.01
CA GLY C 1047 -16.64 -38.80 13.86
C GLY C 1047 -16.05 -39.97 13.10
N LYS C 1048 -14.92 -40.46 13.57
CA LYS C 1048 -14.10 -41.41 12.80
C LYS C 1048 -14.79 -42.76 12.80
N GLY C 1049 -15.45 -43.08 11.70
CA GLY C 1049 -16.11 -44.35 11.52
C GLY C 1049 -17.62 -44.21 11.46
N TYR C 1050 -18.29 -45.36 11.48
CA TYR C 1050 -19.74 -45.40 11.47
C TYR C 1050 -20.28 -44.59 12.65
N HIS C 1051 -21.25 -43.74 12.39
CA HIS C 1051 -21.64 -42.70 13.33
C HIS C 1051 -23.01 -42.96 13.97
N LEU C 1052 -23.16 -42.49 15.21
CA LEU C 1052 -24.43 -42.49 15.91
C LEU C 1052 -24.92 -41.09 16.24
N MET C 1053 -24.13 -40.28 16.94
CA MET C 1053 -24.62 -39.07 17.58
C MET C 1053 -23.41 -38.28 18.10
N SER C 1054 -23.66 -37.07 18.61
CA SER C 1054 -22.58 -36.19 19.01
C SER C 1054 -23.02 -35.26 20.12
N PHE C 1055 -22.05 -34.81 20.91
CA PHE C 1055 -22.26 -33.88 22.02
C PHE C 1055 -21.58 -32.55 21.76
N PRO C 1056 -22.32 -31.47 21.51
CA PRO C 1056 -21.69 -30.15 21.45
C PRO C 1056 -21.36 -29.63 22.84
N GLN C 1057 -20.45 -28.67 22.87
CA GLN C 1057 -20.05 -28.04 24.12
C GLN C 1057 -19.61 -26.62 23.84
N SER C 1058 -20.03 -25.69 24.69
CA SER C 1058 -19.69 -24.29 24.50
C SER C 1058 -18.19 -24.09 24.67
N ALA C 1059 -17.62 -23.30 23.77
CA ALA C 1059 -16.22 -22.93 23.83
C ALA C 1059 -16.08 -21.48 23.40
N PRO C 1060 -15.10 -20.76 23.92
CA PRO C 1060 -14.87 -19.38 23.47
C PRO C 1060 -14.48 -19.39 22.00
N HIS C 1061 -15.19 -18.60 21.20
CA HIS C 1061 -14.89 -18.39 19.79
C HIS C 1061 -15.04 -19.65 18.95
N GLY C 1062 -15.49 -20.75 19.55
CA GLY C 1062 -15.58 -21.98 18.79
C GLY C 1062 -16.47 -22.98 19.48
N VAL C 1063 -16.42 -24.22 18.97
CA VAL C 1063 -17.21 -25.32 19.51
C VAL C 1063 -16.32 -26.55 19.59
N VAL C 1064 -16.72 -27.49 20.43
CA VAL C 1064 -16.04 -28.77 20.59
C VAL C 1064 -17.07 -29.87 20.39
N PHE C 1065 -16.71 -30.88 19.60
CA PHE C 1065 -17.62 -31.97 19.29
C PHE C 1065 -17.11 -33.27 19.90
N LEU C 1066 -18.01 -34.01 20.54
CA LEU C 1066 -17.68 -35.28 21.17
C LEU C 1066 -18.44 -36.37 20.41
N HIS C 1067 -17.72 -37.14 19.61
CA HIS C 1067 -18.34 -38.00 18.62
C HIS C 1067 -18.63 -39.38 19.20
N VAL C 1068 -19.78 -39.93 18.81
CA VAL C 1068 -20.18 -41.28 19.20
C VAL C 1068 -19.93 -42.18 17.99
N THR C 1069 -18.79 -42.87 17.99
CA THR C 1069 -18.33 -43.61 16.83
C THR C 1069 -18.23 -45.09 17.16
N TYR C 1070 -18.68 -45.92 16.23
CA TYR C 1070 -18.54 -47.37 16.32
C TYR C 1070 -17.20 -47.75 15.72
N VAL C 1071 -16.25 -48.15 16.56
CA VAL C 1071 -14.92 -48.56 16.13
C VAL C 1071 -14.80 -50.06 16.35
N PRO C 1072 -14.76 -50.88 15.29
CA PRO C 1072 -14.68 -52.33 15.48
C PRO C 1072 -13.38 -52.75 16.16
N ALA C 1073 -13.46 -53.86 16.88
CA ALA C 1073 -12.30 -54.44 17.53
C ALA C 1073 -12.47 -55.95 17.60
N GLN C 1074 -11.34 -56.64 17.75
CA GLN C 1074 -11.32 -58.11 17.82
C GLN C 1074 -11.99 -58.74 16.61
N GLU C 1075 -11.61 -58.29 15.43
CA GLU C 1075 -12.16 -58.84 14.20
C GLU C 1075 -11.73 -60.29 14.02
N LYS C 1076 -12.64 -61.09 13.46
CA LYS C 1076 -12.37 -62.50 13.24
C LYS C 1076 -12.78 -62.89 11.82
N ASN C 1077 -11.92 -63.64 11.16
CA ASN C 1077 -12.26 -64.20 9.85
C ASN C 1077 -13.34 -65.26 10.00
N PHE C 1078 -14.26 -65.30 9.04
CA PHE C 1078 -15.36 -66.25 9.09
C PHE C 1078 -15.64 -66.78 7.69
N THR C 1079 -16.37 -67.89 7.64
CA THR C 1079 -16.63 -68.57 6.38
C THR C 1079 -17.83 -67.95 5.68
N THR C 1080 -17.64 -67.59 4.41
CA THR C 1080 -18.69 -67.02 3.58
C THR C 1080 -18.82 -67.84 2.29
N ALA C 1081 -20.04 -67.92 1.79
CA ALA C 1081 -20.36 -68.68 0.59
C ALA C 1081 -21.10 -67.78 -0.40
N PRO C 1082 -20.98 -68.06 -1.70
CA PRO C 1082 -21.70 -67.23 -2.69
C PRO C 1082 -23.21 -67.24 -2.50
N ALA C 1083 -23.82 -68.41 -2.55
CA ALA C 1083 -25.26 -68.54 -2.33
C ALA C 1083 -25.58 -70.01 -2.06
N ILE C 1084 -26.56 -70.24 -1.20
CA ILE C 1084 -26.91 -71.57 -0.73
C ILE C 1084 -28.32 -71.89 -1.21
N CYS C 1085 -28.50 -73.12 -1.70
CA CYS C 1085 -29.72 -73.52 -2.40
C CYS C 1085 -30.61 -74.32 -1.45
N HIS C 1086 -31.78 -73.77 -1.12
CA HIS C 1086 -32.82 -74.48 -0.41
C HIS C 1086 -34.08 -74.54 -1.28
N ASP C 1087 -34.73 -75.69 -1.30
CA ASP C 1087 -36.00 -75.89 -2.01
C ASP C 1087 -35.88 -75.53 -3.49
N GLY C 1088 -34.72 -75.76 -4.07
CA GLY C 1088 -34.49 -75.41 -5.46
C GLY C 1088 -34.41 -73.93 -5.73
N LYS C 1089 -34.28 -73.11 -4.70
CA LYS C 1089 -34.26 -71.66 -4.85
C LYS C 1089 -33.04 -71.09 -4.14
N ALA C 1090 -32.38 -70.13 -4.78
CA ALA C 1090 -31.19 -69.51 -4.24
C ALA C 1090 -31.58 -68.37 -3.31
N HIS C 1091 -30.91 -68.28 -2.17
CA HIS C 1091 -31.20 -67.28 -1.16
C HIS C 1091 -30.10 -66.23 -1.13
N PHE C 1092 -30.50 -64.97 -1.02
CA PHE C 1092 -29.55 -63.88 -0.95
C PHE C 1092 -29.90 -62.95 0.20
N PRO C 1093 -28.90 -62.32 0.82
CA PRO C 1093 -29.15 -61.50 2.00
C PRO C 1093 -29.73 -60.13 1.64
N ARG C 1094 -30.36 -59.52 2.64
CA ARG C 1094 -30.87 -58.15 2.47
C ARG C 1094 -29.72 -57.14 2.58
N GLU C 1095 -29.06 -57.12 3.74
CA GLU C 1095 -27.87 -56.29 3.93
C GLU C 1095 -26.71 -57.02 4.58
N GLY C 1096 -26.93 -58.20 5.16
CA GLY C 1096 -25.88 -58.99 5.76
C GLY C 1096 -25.29 -60.00 4.80
N VAL C 1097 -24.95 -61.17 5.33
CA VAL C 1097 -24.38 -62.24 4.52
C VAL C 1097 -24.54 -63.54 5.28
N PHE C 1098 -24.84 -64.62 4.54
CA PHE C 1098 -24.83 -65.95 5.12
C PHE C 1098 -23.42 -66.34 5.51
N VAL C 1099 -23.26 -66.82 6.75
CA VAL C 1099 -21.98 -67.34 7.23
C VAL C 1099 -22.24 -68.63 8.01
N SER C 1100 -21.20 -69.44 8.12
CA SER C 1100 -21.22 -70.63 8.95
C SER C 1100 -19.89 -70.77 9.65
N ASN C 1101 -19.91 -71.21 10.90
CA ASN C 1101 -18.67 -71.50 11.61
C ASN C 1101 -18.21 -72.93 11.38
N GLY C 1102 -18.93 -73.70 10.56
CA GLY C 1102 -18.53 -75.05 10.23
C GLY C 1102 -19.60 -76.09 10.52
N THR C 1103 -20.32 -75.92 11.63
CA THR C 1103 -21.32 -76.89 12.06
C THR C 1103 -22.75 -76.50 11.70
N HIS C 1104 -23.07 -75.21 11.69
CA HIS C 1104 -24.43 -74.76 11.47
C HIS C 1104 -24.44 -73.54 10.55
N TRP C 1105 -25.52 -73.40 9.79
CA TRP C 1105 -25.72 -72.29 8.87
C TRP C 1105 -26.71 -71.30 9.46
N PHE C 1106 -26.35 -70.03 9.47
CA PHE C 1106 -27.22 -68.97 9.95
C PHE C 1106 -27.02 -67.72 9.10
N VAL C 1107 -27.91 -66.75 9.30
CA VAL C 1107 -27.85 -65.47 8.60
C VAL C 1107 -27.47 -64.39 9.62
N THR C 1108 -26.50 -63.56 9.25
CA THR C 1108 -26.02 -62.49 10.11
C THR C 1108 -25.90 -61.21 9.31
N GLN C 1109 -25.93 -60.08 10.01
CA GLN C 1109 -25.78 -58.80 9.36
C GLN C 1109 -24.30 -58.56 9.02
N ARG C 1110 -24.02 -57.34 8.58
CA ARG C 1110 -22.69 -57.01 8.06
C ARG C 1110 -21.77 -56.47 9.14
N ASN C 1111 -22.14 -55.38 9.80
CA ASN C 1111 -21.22 -54.69 10.69
C ASN C 1111 -21.11 -55.33 12.07
N PHE C 1112 -21.71 -56.50 12.28
CA PHE C 1112 -21.51 -57.24 13.51
C PHE C 1112 -21.98 -58.67 13.30
N TYR C 1113 -21.56 -59.56 14.20
CA TYR C 1113 -21.87 -60.98 14.10
C TYR C 1113 -23.13 -61.28 14.91
N GLU C 1114 -24.27 -61.37 14.21
CA GLU C 1114 -25.54 -61.80 14.81
C GLU C 1114 -26.16 -62.89 13.94
N PRO C 1115 -25.73 -64.14 14.10
CA PRO C 1115 -26.36 -65.23 13.34
C PRO C 1115 -27.84 -65.35 13.67
N GLN C 1116 -28.62 -65.72 12.65
CA GLN C 1116 -30.06 -65.88 12.82
C GLN C 1116 -30.52 -67.08 12.00
N ILE C 1117 -31.67 -67.65 12.40
CA ILE C 1117 -32.15 -68.87 11.78
C ILE C 1117 -32.41 -68.65 10.31
N ILE C 1118 -31.89 -69.54 9.47
CA ILE C 1118 -32.16 -69.51 8.04
C ILE C 1118 -33.58 -70.03 7.81
N THR C 1119 -34.48 -69.13 7.41
CA THR C 1119 -35.88 -69.46 7.18
C THR C 1119 -36.28 -68.91 5.82
N THR C 1120 -37.54 -69.17 5.46
CA THR C 1120 -38.14 -68.54 4.28
C THR C 1120 -38.68 -67.15 4.58
N ASP C 1121 -38.59 -66.70 5.82
CA ASP C 1121 -39.21 -65.45 6.25
C ASP C 1121 -38.21 -64.32 6.48
N ASN C 1122 -36.91 -64.58 6.35
CA ASN C 1122 -35.90 -63.56 6.64
C ASN C 1122 -34.96 -63.30 5.47
N THR C 1123 -35.25 -63.85 4.30
CA THR C 1123 -34.44 -63.63 3.11
C THR C 1123 -35.35 -63.58 1.89
N PHE C 1124 -34.79 -63.11 0.78
CA PHE C 1124 -35.51 -63.02 -0.48
C PHE C 1124 -34.89 -63.95 -1.51
N VAL C 1125 -35.72 -64.44 -2.43
CA VAL C 1125 -35.30 -65.38 -3.46
C VAL C 1125 -35.44 -64.69 -4.82
N SER C 1126 -34.39 -64.76 -5.63
CA SER C 1126 -34.36 -64.18 -6.97
C SER C 1126 -33.96 -65.28 -7.95
N GLY C 1127 -34.96 -66.02 -8.44
CA GLY C 1127 -34.70 -67.08 -9.39
C GLY C 1127 -34.15 -68.33 -8.74
N ASN C 1128 -33.71 -69.24 -9.60
CA ASN C 1128 -33.17 -70.52 -9.15
C ASN C 1128 -31.70 -70.36 -8.74
N CYS C 1129 -31.03 -71.48 -8.51
CA CYS C 1129 -29.66 -71.50 -8.01
C CYS C 1129 -28.62 -71.58 -9.12
N ASP C 1130 -29.04 -71.48 -10.38
CA ASP C 1130 -28.14 -71.72 -11.52
C ASP C 1130 -27.05 -70.67 -11.65
N VAL C 1131 -27.16 -69.52 -10.98
CA VAL C 1131 -26.15 -68.48 -11.13
C VAL C 1131 -24.81 -68.93 -10.54
N VAL C 1132 -24.84 -69.55 -9.36
CA VAL C 1132 -23.62 -70.01 -8.70
C VAL C 1132 -23.14 -71.29 -9.37
N ILE C 1133 -21.83 -71.39 -9.57
CA ILE C 1133 -21.20 -72.56 -10.18
C ILE C 1133 -20.25 -73.17 -9.16
N GLY C 1134 -20.30 -74.50 -9.04
CA GLY C 1134 -19.48 -75.20 -8.07
C GLY C 1134 -20.16 -75.58 -6.79
N ILE C 1135 -21.49 -75.49 -6.73
CA ILE C 1135 -22.21 -75.82 -5.51
C ILE C 1135 -22.36 -77.32 -5.39
N VAL C 1136 -22.23 -77.83 -4.17
CA VAL C 1136 -22.51 -79.23 -3.88
C VAL C 1136 -23.98 -79.35 -3.52
N ASN C 1137 -24.56 -80.53 -3.81
CA ASN C 1137 -25.97 -80.77 -3.56
C ASN C 1137 -26.14 -81.26 -2.13
N ASN C 1138 -26.57 -80.37 -1.25
CA ASN C 1138 -26.71 -80.69 0.17
C ASN C 1138 -28.08 -80.26 0.68
N GLU D 1 61.07 59.68 14.53
CA GLU D 1 59.96 60.62 14.42
C GLU D 1 58.68 59.89 14.00
N VAL D 2 57.55 60.30 14.58
CA VAL D 2 56.25 59.71 14.29
C VAL D 2 55.34 60.83 13.78
N GLN D 3 54.94 60.74 12.52
CA GLN D 3 54.08 61.76 11.92
C GLN D 3 53.34 61.15 10.75
N LEU D 4 52.21 61.77 10.41
CA LEU D 4 51.35 61.33 9.33
C LEU D 4 51.32 62.38 8.22
N VAL D 5 51.15 61.91 6.99
CA VAL D 5 51.20 62.80 5.82
C VAL D 5 50.02 62.51 4.89
N GLU D 6 48.99 63.34 4.98
CA GLU D 6 47.79 63.15 4.17
C GLU D 6 48.02 63.52 2.71
N SER D 7 47.33 62.82 1.83
CA SER D 7 47.41 63.04 0.39
C SER D 7 46.15 62.48 -0.26
N GLY D 8 45.95 62.86 -1.53
CA GLY D 8 44.80 62.41 -2.28
C GLY D 8 43.67 63.40 -2.40
N GLY D 9 43.82 64.61 -1.86
CA GLY D 9 42.80 65.62 -1.98
C GLY D 9 42.85 66.36 -3.30
N GLY D 10 41.96 67.32 -3.45
CA GLY D 10 41.89 68.13 -4.65
C GLY D 10 40.47 68.60 -4.89
N LEU D 11 40.25 69.13 -6.08
CA LEU D 11 38.93 69.58 -6.50
C LEU D 11 38.17 68.44 -7.15
N ILE D 12 36.91 68.28 -6.74
CA ILE D 12 36.08 67.19 -7.25
C ILE D 12 34.67 67.73 -7.46
N GLN D 13 34.07 67.37 -8.59
CA GLN D 13 32.69 67.76 -8.82
C GLN D 13 31.76 66.97 -7.90
N PRO D 14 30.58 67.52 -7.59
CA PRO D 14 29.61 66.76 -6.80
C PRO D 14 29.25 65.43 -7.48
N GLY D 15 29.18 64.37 -6.68
CA GLY D 15 28.97 63.04 -7.20
C GLY D 15 30.23 62.34 -7.66
N GLY D 16 31.39 62.98 -7.55
CA GLY D 16 32.64 62.39 -7.97
C GLY D 16 33.20 61.42 -6.94
N SER D 17 34.42 60.97 -7.20
CA SER D 17 35.08 59.98 -6.36
C SER D 17 36.52 60.39 -6.11
N LEU D 18 37.03 59.97 -4.94
CA LEU D 18 38.40 60.21 -4.53
C LEU D 18 38.85 59.07 -3.62
N ARG D 19 40.13 59.07 -3.29
CA ARG D 19 40.68 58.15 -2.29
C ARG D 19 41.83 58.85 -1.57
N LEU D 20 41.59 59.27 -0.33
CA LEU D 20 42.63 59.90 0.47
C LEU D 20 43.67 58.86 0.87
N SER D 21 44.93 59.28 0.92
CA SER D 21 46.04 58.38 1.25
C SER D 21 47.00 59.12 2.16
N CYS D 22 47.01 58.77 3.45
CA CYS D 22 47.96 59.34 4.41
C CYS D 22 48.85 58.23 4.94
N ALA D 23 50.16 58.40 4.76
CA ALA D 23 51.13 57.41 5.22
C ALA D 23 51.55 57.69 6.65
N ALA D 24 52.02 56.64 7.32
CA ALA D 24 52.48 56.73 8.70
C ALA D 24 53.95 56.31 8.78
N SER D 25 54.72 57.06 9.56
CA SER D 25 56.12 56.75 9.82
C SER D 25 56.33 56.70 11.33
N GLY D 26 57.02 55.67 11.79
CA GLY D 26 57.26 55.48 13.21
C GLY D 26 56.15 54.81 13.98
N VAL D 27 55.02 54.54 13.34
CA VAL D 27 53.89 53.86 13.98
C VAL D 27 53.29 52.87 13.00
N THR D 28 52.87 51.72 13.51
CA THR D 28 52.22 50.69 12.69
C THR D 28 50.71 50.82 12.87
N VAL D 29 50.02 51.27 11.81
CA VAL D 29 48.59 51.55 11.92
C VAL D 29 47.80 50.27 12.11
N SER D 30 48.27 49.14 11.56
CA SER D 30 47.54 47.89 11.68
C SER D 30 47.35 47.48 13.13
N SER D 31 48.27 47.87 14.01
CA SER D 31 48.17 47.52 15.42
C SER D 31 47.39 48.54 16.25
N ASN D 32 47.03 49.68 15.68
CA ASN D 32 46.41 50.76 16.43
C ASN D 32 45.01 51.06 15.91
N TYR D 33 44.26 51.82 16.72
CA TYR D 33 42.98 52.37 16.27
C TYR D 33 43.23 53.65 15.49
N MET D 34 42.49 53.83 14.39
CA MET D 34 42.80 54.90 13.46
C MET D 34 41.52 55.53 12.95
N SER D 35 41.50 56.87 12.87
CA SER D 35 40.29 57.61 12.55
C SER D 35 40.57 58.68 11.49
N TRP D 36 39.51 59.09 10.81
CA TRP D 36 39.51 60.26 9.93
C TRP D 36 38.68 61.37 10.56
N VAL D 37 39.24 62.58 10.62
CA VAL D 37 38.54 63.75 11.14
C VAL D 37 38.69 64.89 10.16
N ARG D 38 37.58 65.48 9.75
CA ARG D 38 37.58 66.60 8.82
C ARG D 38 37.17 67.89 9.52
N GLN D 39 37.40 69.00 8.84
CA GLN D 39 37.07 70.33 9.36
C GLN D 39 36.45 71.15 8.24
N ALA D 40 35.13 71.33 8.30
CA ALA D 40 34.47 72.20 7.33
C ALA D 40 34.93 73.64 7.55
N PRO D 41 34.99 74.45 6.47
CA PRO D 41 35.48 75.82 6.59
C PRO D 41 34.72 76.63 7.64
N GLY D 42 35.44 77.17 8.61
CA GLY D 42 34.84 77.98 9.65
C GLY D 42 33.90 77.21 10.56
N LYS D 43 34.11 75.90 10.69
CA LYS D 43 33.25 75.06 11.51
C LYS D 43 34.13 74.17 12.39
N GLY D 44 33.48 73.49 13.33
CA GLY D 44 34.17 72.56 14.21
C GLY D 44 34.45 71.23 13.54
N LEU D 45 35.26 70.43 14.21
CA LEU D 45 35.65 69.13 13.68
C LEU D 45 34.47 68.17 13.67
N GLU D 46 34.31 67.45 12.57
CA GLU D 46 33.28 66.41 12.44
C GLU D 46 33.98 65.07 12.22
N TRP D 47 33.69 64.11 13.09
CA TRP D 47 34.29 62.79 12.96
C TRP D 47 33.71 62.04 11.77
N ILE D 48 34.59 61.41 11.00
CA ILE D 48 34.18 60.74 9.77
C ILE D 48 34.04 59.26 10.02
N SER D 49 35.14 58.61 10.39
CA SER D 49 35.14 57.16 10.58
C SER D 49 36.29 56.75 11.47
N LEU D 50 36.18 55.55 12.03
CA LEU D 50 37.22 54.93 12.83
C LEU D 50 37.38 53.48 12.41
N ILE D 51 38.62 53.04 12.26
CA ILE D 51 38.94 51.64 11.94
C ILE D 51 39.71 51.06 13.10
N TYR D 52 39.23 49.95 13.64
CA TYR D 52 39.89 49.28 14.73
C TYR D 52 41.12 48.53 14.25
N SER D 53 42.07 48.32 15.17
CA SER D 53 43.15 47.38 14.90
C SER D 53 42.61 45.97 14.70
N GLY D 54 41.43 45.68 15.25
CA GLY D 54 40.71 44.46 15.01
C GLY D 54 39.96 44.41 13.69
N GLY D 55 39.97 45.51 12.94
CA GLY D 55 39.39 45.56 11.61
C GLY D 55 37.99 46.11 11.52
N SER D 56 37.29 46.25 12.64
CA SER D 56 35.93 46.75 12.60
C SER D 56 35.93 48.24 12.27
N THR D 57 35.11 48.63 11.30
CA THR D 57 35.04 50.01 10.83
C THR D 57 33.64 50.56 11.06
N TYR D 58 33.56 51.68 11.76
CA TYR D 58 32.30 52.36 12.03
C TYR D 58 32.35 53.78 11.49
N TYR D 59 31.18 54.31 11.14
CA TYR D 59 31.09 55.60 10.48
C TYR D 59 30.02 56.46 11.15
N ALA D 60 30.13 57.77 10.93
CA ALA D 60 29.03 58.67 11.24
C ALA D 60 27.96 58.57 10.16
N ASP D 61 26.71 58.85 10.55
CA ASP D 61 25.60 58.70 9.62
C ASP D 61 25.65 59.70 8.47
N SER D 62 26.24 60.88 8.68
CA SER D 62 26.34 61.85 7.59
C SER D 62 27.23 61.35 6.47
N VAL D 63 28.09 60.37 6.74
CA VAL D 63 28.99 59.80 5.73
C VAL D 63 28.86 58.29 5.64
N LYS D 64 27.93 57.68 6.39
CA LYS D 64 27.76 56.24 6.36
C LYS D 64 27.21 55.77 5.01
N GLY D 65 27.71 54.63 4.55
CA GLY D 65 27.25 54.01 3.32
C GLY D 65 27.87 54.56 2.06
N ARG D 66 28.32 55.81 2.05
CA ARG D 66 28.94 56.40 0.87
C ARG D 66 30.45 56.13 0.82
N PHE D 67 31.10 56.04 1.97
CA PHE D 67 32.54 55.95 2.03
C PHE D 67 32.98 54.52 2.34
N THR D 68 34.28 54.28 2.25
CA THR D 68 34.85 52.99 2.59
C THR D 68 36.30 53.19 3.04
N ILE D 69 36.63 52.74 4.22
CA ILE D 69 38.00 52.86 4.74
C ILE D 69 38.71 51.53 4.58
N SER D 70 40.00 51.61 4.24
CA SER D 70 40.81 50.42 4.03
C SER D 70 42.24 50.73 4.48
N ARG D 71 43.08 49.70 4.47
CA ARG D 71 44.42 49.79 5.02
C ARG D 71 45.31 48.79 4.32
N ASP D 72 46.53 49.22 3.96
CA ASP D 72 47.49 48.39 3.24
C ASP D 72 48.65 48.08 4.18
N ASN D 73 48.77 46.81 4.57
CA ASN D 73 49.84 46.42 5.48
C ASN D 73 51.21 46.52 4.83
N SER D 74 51.27 46.44 3.50
CA SER D 74 52.55 46.45 2.79
C SER D 74 53.19 47.83 2.71
N LYS D 75 52.43 48.90 2.93
CA LYS D 75 52.95 50.25 2.76
C LYS D 75 52.72 51.16 3.97
N ASN D 76 52.00 50.70 4.98
CA ASN D 76 51.72 51.50 6.19
C ASN D 76 51.11 52.86 5.83
N THR D 77 50.16 52.83 4.90
CA THR D 77 49.53 54.05 4.40
C THR D 77 48.02 53.87 4.48
N LEU D 78 47.33 54.89 4.99
CA LEU D 78 45.89 54.83 5.18
C LEU D 78 45.15 55.13 3.87
N TYR D 79 43.94 54.60 3.78
CA TYR D 79 43.02 54.88 2.69
C TYR D 79 41.67 55.30 3.24
N LEU D 80 40.94 56.07 2.43
CA LEU D 80 39.55 56.42 2.74
C LEU D 80 38.86 56.61 1.39
N GLN D 81 38.18 55.59 0.92
CA GLN D 81 37.60 55.58 -0.42
C GLN D 81 36.45 56.58 -0.47
N MET D 82 36.67 57.70 -1.14
CA MET D 82 35.75 58.83 -1.17
C MET D 82 34.81 58.69 -2.36
N ASN D 83 33.50 58.74 -2.10
CA ASN D 83 32.51 58.53 -3.15
C ASN D 83 31.27 59.37 -2.88
N SER D 84 30.48 59.57 -3.94
CA SER D 84 29.15 60.19 -3.85
C SER D 84 29.20 61.51 -3.09
N LEU D 85 29.89 62.47 -3.70
CA LEU D 85 30.24 63.70 -2.99
C LEU D 85 29.18 64.78 -3.14
N ARG D 86 28.92 65.48 -2.04
CA ARG D 86 27.98 66.59 -2.00
C ARG D 86 28.75 67.83 -1.55
N ALA D 87 28.11 68.99 -1.68
CA ALA D 87 28.84 70.26 -1.57
C ALA D 87 29.49 70.44 -0.21
N GLU D 88 28.74 70.19 0.88
CA GLU D 88 29.32 70.44 2.19
C GLU D 88 30.37 69.41 2.60
N ASP D 89 30.65 68.41 1.76
CA ASP D 89 31.77 67.52 2.04
C ASP D 89 33.11 68.22 1.91
N THR D 90 33.13 69.44 1.36
CA THR D 90 34.35 70.24 1.26
C THR D 90 34.91 70.55 2.64
N ALA D 91 36.07 69.97 2.96
CA ALA D 91 36.69 70.15 4.26
C ALA D 91 38.15 69.76 4.17
N VAL D 92 38.91 70.13 5.20
CA VAL D 92 40.29 69.70 5.35
C VAL D 92 40.27 68.41 6.18
N TYR D 93 40.80 67.34 5.60
CA TYR D 93 40.65 65.99 6.15
C TYR D 93 41.93 65.58 6.85
N TYR D 94 41.85 65.38 8.17
CA TYR D 94 42.94 64.85 8.97
C TYR D 94 42.70 63.39 9.31
N CYS D 95 43.71 62.56 9.11
CA CYS D 95 43.77 61.24 9.72
C CYS D 95 44.74 61.31 10.90
N ALA D 96 44.30 60.79 12.04
CA ALA D 96 45.06 60.99 13.26
C ALA D 96 44.96 59.76 14.14
N ARG D 97 45.98 59.56 14.97
CA ARG D 97 46.14 58.31 15.72
C ARG D 97 45.27 58.30 16.97
N GLU D 98 44.58 57.19 17.17
CA GLU D 98 43.83 56.94 18.41
C GLU D 98 44.73 56.20 19.39
N LEU D 99 44.88 56.76 20.59
CA LEU D 99 45.87 56.23 21.53
C LEU D 99 45.51 54.86 22.05
N ASP D 100 44.27 54.41 21.84
CA ASP D 100 43.68 53.32 22.61
C ASP D 100 43.50 53.79 24.04
N ILE D 101 43.01 52.91 24.91
CA ILE D 101 42.57 53.21 26.28
C ILE D 101 41.47 54.27 26.22
N VAL D 102 40.84 54.39 25.04
CA VAL D 102 39.53 55.00 24.85
C VAL D 102 39.57 56.53 24.92
N GLY D 103 39.41 57.17 23.77
CA GLY D 103 38.99 58.56 23.71
C GLY D 103 40.05 59.61 23.47
N ALA D 104 41.29 59.22 23.14
CA ALA D 104 42.37 60.18 22.96
C ALA D 104 42.93 60.11 21.55
N THR D 105 43.29 61.28 21.00
CA THR D 105 43.88 61.39 19.67
C THR D 105 45.04 62.38 19.73
N ASP D 106 46.28 61.87 19.59
CA ASP D 106 47.47 62.70 19.77
C ASP D 106 48.12 63.10 18.45
N ILE D 107 48.50 62.12 17.64
CA ILE D 107 49.34 62.36 16.46
C ILE D 107 48.42 62.69 15.29
N TRP D 108 48.40 63.95 14.90
CA TRP D 108 47.62 64.43 13.76
C TRP D 108 48.53 64.68 12.56
N GLY D 109 47.95 64.50 11.37
CA GLY D 109 48.62 64.88 10.14
C GLY D 109 48.41 66.34 9.81
N GLN D 110 49.17 66.83 8.82
CA GLN D 110 49.15 68.24 8.48
C GLN D 110 47.83 68.68 7.86
N GLY D 111 47.09 67.78 7.24
CA GLY D 111 45.82 68.14 6.63
C GLY D 111 45.94 68.35 5.13
N THR D 112 44.90 67.90 4.42
CA THR D 112 44.83 68.01 2.97
C THR D 112 43.47 68.58 2.60
N MET D 113 43.45 69.37 1.52
CA MET D 113 42.23 70.05 1.10
C MET D 113 41.39 69.16 0.19
N VAL D 114 40.08 69.16 0.43
CA VAL D 114 39.10 68.51 -0.43
C VAL D 114 38.00 69.52 -0.71
N THR D 115 37.81 69.84 -1.99
CA THR D 115 36.80 70.80 -2.40
C THR D 115 35.80 70.12 -3.32
N VAL D 116 34.52 70.19 -2.97
CA VAL D 116 33.44 69.62 -3.77
C VAL D 116 32.64 70.76 -4.35
N SER D 117 32.96 71.14 -5.59
CA SER D 117 32.28 72.21 -6.28
C SER D 117 32.21 71.89 -7.77
N SER D 118 31.19 72.43 -8.43
CA SER D 118 30.99 72.18 -9.85
C SER D 118 32.10 72.79 -10.69
N GLU E 1 23.30 60.27 21.97
CA GLU E 1 24.12 61.44 21.68
C GLU E 1 24.51 62.16 22.96
N ILE E 2 25.80 62.51 23.06
CA ILE E 2 26.32 63.25 24.20
C ILE E 2 26.94 64.53 23.64
N VAL E 3 26.17 65.61 23.63
CA VAL E 3 26.62 66.87 23.05
C VAL E 3 27.56 67.57 24.02
N LEU E 4 28.69 68.05 23.50
CA LEU E 4 29.65 68.82 24.27
C LEU E 4 29.39 70.30 24.09
N THR E 5 29.23 71.03 25.19
CA THR E 5 29.00 72.47 25.17
C THR E 5 30.20 73.16 25.82
N GLN E 6 30.85 74.04 25.07
CA GLN E 6 32.00 74.79 25.54
C GLN E 6 31.56 76.16 26.03
N SER E 7 32.33 76.71 26.97
CA SER E 7 32.03 78.01 27.54
C SER E 7 33.31 78.63 28.11
N PRO E 8 33.63 79.88 27.74
CA PRO E 8 32.88 80.72 26.80
C PRO E 8 33.18 80.39 25.34
N GLY E 9 32.45 81.02 24.41
CA GLY E 9 32.81 80.93 23.01
C GLY E 9 33.97 81.82 22.62
N THR E 10 34.22 82.88 23.39
CA THR E 10 35.35 83.77 23.17
C THR E 10 35.85 84.26 24.53
N LEU E 11 37.17 84.21 24.71
CA LEU E 11 37.79 84.54 26.00
C LEU E 11 39.02 85.39 25.73
N SER E 12 38.86 86.72 25.79
CA SER E 12 39.94 87.64 25.51
C SER E 12 40.71 87.95 26.80
N LEU E 13 41.98 87.58 26.83
CA LEU E 13 42.82 87.75 28.01
C LEU E 13 44.23 88.15 27.59
N SER E 14 44.94 88.81 28.51
CA SER E 14 46.31 89.24 28.29
C SER E 14 47.28 88.09 28.53
N PRO E 15 48.47 88.15 27.93
CA PRO E 15 49.50 87.16 28.24
C PRO E 15 49.88 87.20 29.71
N GLY E 16 50.12 86.01 30.28
CA GLY E 16 50.43 85.88 31.68
C GLY E 16 49.22 85.71 32.59
N GLU E 17 48.02 85.91 32.05
CA GLU E 17 46.80 85.74 32.83
C GLU E 17 46.30 84.30 32.72
N ARG E 18 45.42 83.94 33.65
CA ARG E 18 44.91 82.57 33.71
C ARG E 18 43.68 82.42 32.84
N ALA E 19 43.72 81.47 31.90
CA ALA E 19 42.58 81.15 31.07
C ALA E 19 41.85 79.93 31.62
N THR E 20 40.51 80.00 31.59
CA THR E 20 39.68 78.93 32.11
C THR E 20 38.58 78.64 31.10
N LEU E 21 38.51 77.39 30.65
CA LEU E 21 37.52 76.95 29.68
C LEU E 21 36.72 75.79 30.26
N SER E 22 35.41 75.82 30.08
CA SER E 22 34.52 74.78 30.56
C SER E 22 33.84 74.10 29.38
N CYS E 23 33.93 72.77 29.36
CA CYS E 23 33.29 71.96 28.33
C CYS E 23 32.32 71.02 29.02
N ARG E 24 31.02 71.27 28.86
CA ARG E 24 29.97 70.52 29.54
C ARG E 24 29.31 69.57 28.56
N ALA E 25 29.21 68.30 28.96
CA ALA E 25 28.57 67.29 28.15
C ALA E 25 27.07 67.24 28.44
N SER E 26 26.29 66.88 27.42
CA SER E 26 24.85 66.73 27.61
C SER E 26 24.49 65.53 28.46
N GLN E 27 25.42 64.60 28.68
CA GLN E 27 25.19 63.44 29.52
C GLN E 27 26.42 63.22 30.40
N SER E 28 26.24 62.44 31.47
CA SER E 28 27.30 62.16 32.42
C SER E 28 28.33 61.24 31.76
N VAL E 29 29.48 61.80 31.40
CA VAL E 29 30.53 61.02 30.75
C VAL E 29 31.11 60.02 31.74
N SER E 30 31.44 58.83 31.24
CA SER E 30 31.99 57.75 32.07
C SER E 30 33.42 58.11 32.47
N SER E 31 33.57 58.70 33.65
CA SER E 31 34.85 59.03 34.27
C SER E 31 35.86 59.57 33.26
N SER E 32 35.47 60.68 32.63
CA SER E 32 36.42 61.54 31.91
C SER E 32 37.02 60.88 30.68
N TYR E 33 36.17 60.40 29.76
CA TYR E 33 36.62 60.12 28.41
C TYR E 33 36.66 61.40 27.58
N LEU E 34 37.54 62.32 27.95
CA LEU E 34 37.67 63.60 27.28
C LEU E 34 39.09 63.76 26.75
N ALA E 35 39.20 64.25 25.52
CA ALA E 35 40.48 64.59 24.91
C ALA E 35 40.51 66.08 24.63
N TRP E 36 41.65 66.70 24.89
CA TRP E 36 41.77 68.15 24.81
C TRP E 36 42.75 68.50 23.70
N TYR E 37 42.46 69.56 22.96
CA TYR E 37 43.21 69.86 21.74
C TYR E 37 43.56 71.33 21.64
N GLN E 38 44.70 71.59 20.99
CA GLN E 38 45.08 72.93 20.54
C GLN E 38 45.02 72.97 19.03
N GLN E 39 44.25 73.91 18.48
CA GLN E 39 44.19 74.10 17.04
C GLN E 39 44.42 75.57 16.72
N LYS E 40 45.43 75.85 15.92
CA LYS E 40 45.74 77.19 15.48
C LYS E 40 45.33 77.38 14.02
N PRO E 41 45.05 78.61 13.60
CA PRO E 41 44.62 78.84 12.22
C PRO E 41 45.63 78.30 11.22
N GLY E 42 45.16 77.43 10.33
CA GLY E 42 46.01 76.79 9.35
C GLY E 42 46.83 75.64 9.87
N GLN E 43 46.55 75.14 11.08
CA GLN E 43 47.30 74.04 11.66
C GLN E 43 46.33 72.99 12.22
N ALA E 44 46.80 71.75 12.24
CA ALA E 44 46.00 70.64 12.72
C ALA E 44 45.82 70.71 14.23
N PRO E 45 44.76 70.11 14.75
CA PRO E 45 44.58 70.06 16.21
C PRO E 45 45.72 69.32 16.90
N ARG E 46 46.12 69.83 18.06
CA ARG E 46 47.21 69.29 18.86
C ARG E 46 46.68 68.84 20.22
N LEU E 47 46.80 67.54 20.50
CA LEU E 47 46.30 67.02 21.76
C LEU E 47 47.13 67.54 22.93
N LEU E 48 46.46 67.85 24.04
CA LEU E 48 47.14 68.21 25.27
C LEU E 48 46.85 67.24 26.40
N ILE E 49 45.58 66.93 26.65
CA ILE E 49 45.16 66.20 27.83
C ILE E 49 44.28 65.03 27.41
N TYR E 50 44.51 63.88 28.02
CA TYR E 50 43.67 62.70 27.85
C TYR E 50 43.19 62.25 29.22
N GLY E 51 41.96 61.75 29.26
CA GLY E 51 41.34 61.46 30.54
C GLY E 51 40.95 62.67 31.35
N ALA E 52 40.98 63.86 30.74
CA ALA E 52 40.57 65.11 31.36
C ALA E 52 41.46 65.50 32.54
N SER E 53 42.47 64.70 32.84
CA SER E 53 43.45 65.08 33.87
C SER E 53 44.90 64.85 33.46
N SER E 54 45.20 63.91 32.58
CA SER E 54 46.57 63.52 32.28
C SER E 54 47.09 64.27 31.07
N ARG E 55 48.22 64.96 31.25
CA ARG E 55 48.85 65.68 30.14
C ARG E 55 49.57 64.71 29.21
N ALA E 56 49.52 65.00 27.92
CA ALA E 56 50.22 64.19 26.92
C ALA E 56 51.70 64.57 26.87
N THR E 57 52.44 63.86 26.02
CA THR E 57 53.86 64.13 25.84
C THR E 57 54.09 65.48 25.19
N GLY E 58 55.04 66.24 25.72
CA GLY E 58 55.37 67.53 25.15
C GLY E 58 54.40 68.64 25.44
N ILE E 59 53.58 68.50 26.48
CA ILE E 59 52.55 69.47 26.83
C ILE E 59 53.02 70.23 28.07
N PRO E 60 53.09 71.55 28.04
CA PRO E 60 53.52 72.30 29.22
C PRO E 60 52.61 72.05 30.40
N ASP E 61 53.22 72.03 31.60
CA ASP E 61 52.48 71.77 32.83
C ASP E 61 51.54 72.89 33.21
N ARG E 62 51.62 74.05 32.56
CA ARG E 62 50.70 75.14 32.83
C ARG E 62 49.26 74.75 32.51
N PHE E 63 49.06 73.85 31.55
CA PHE E 63 47.74 73.31 31.28
C PHE E 63 47.43 72.20 32.27
N SER E 64 46.20 72.19 32.77
CA SER E 64 45.75 71.16 33.71
C SER E 64 44.25 70.98 33.55
N GLY E 65 43.83 69.76 33.28
CA GLY E 65 42.43 69.44 33.12
C GLY E 65 41.79 69.04 34.44
N SER E 66 40.47 69.14 34.49
CA SER E 66 39.71 68.73 35.66
C SER E 66 38.25 68.55 35.27
N GLY E 67 37.63 67.50 35.79
CA GLY E 67 36.21 67.30 35.55
C GLY E 67 35.82 65.86 35.76
N SER E 68 34.52 65.65 35.85
CA SER E 68 33.90 64.34 36.01
C SER E 68 32.41 64.47 35.74
N GLY E 69 31.79 63.37 35.33
CA GLY E 69 30.37 63.38 35.03
C GLY E 69 30.04 64.15 33.78
N THR E 70 29.40 65.32 33.94
CA THR E 70 29.04 66.16 32.82
C THR E 70 29.99 67.33 32.59
N ASP E 71 30.60 67.85 33.66
CA ASP E 71 31.37 69.08 33.61
C ASP E 71 32.86 68.76 33.58
N PHE E 72 33.58 69.40 32.67
CA PHE E 72 35.02 69.24 32.54
C PHE E 72 35.63 70.58 32.19
N THR E 73 36.74 70.92 32.84
CA THR E 73 37.28 72.28 32.81
C THR E 73 38.78 72.26 32.60
N LEU E 74 39.26 73.15 31.73
CA LEU E 74 40.68 73.43 31.56
C LEU E 74 41.07 74.63 32.39
N THR E 75 42.26 74.59 32.99
CA THR E 75 42.90 75.77 33.56
C THR E 75 44.27 75.95 32.92
N ILE E 76 44.53 77.15 32.44
CA ILE E 76 45.83 77.55 31.92
C ILE E 76 46.39 78.56 32.91
N SER E 77 47.37 78.14 33.72
CA SER E 77 47.87 79.00 34.79
C SER E 77 48.46 80.29 34.23
N ARG E 78 49.22 80.20 33.14
CA ARG E 78 49.81 81.37 32.52
C ARG E 78 49.57 81.31 31.02
N LEU E 79 48.97 82.36 30.46
CA LEU E 79 48.74 82.44 29.03
C LEU E 79 49.99 82.96 28.34
N GLU E 80 50.45 82.24 27.33
CA GLU E 80 51.63 82.59 26.56
C GLU E 80 51.24 82.93 25.12
N PRO E 81 52.05 83.73 24.43
CA PRO E 81 51.65 84.21 23.09
C PRO E 81 51.43 83.10 22.07
N GLU E 82 52.06 81.93 22.24
CA GLU E 82 51.86 80.83 21.31
C GLU E 82 50.63 79.98 21.65
N ASP E 83 49.96 80.27 22.77
CA ASP E 83 48.81 79.49 23.21
C ASP E 83 47.48 80.03 22.68
N PHE E 84 47.47 81.21 22.07
CA PHE E 84 46.23 81.89 21.71
C PHE E 84 45.74 81.37 20.37
N ALA E 85 44.67 80.58 20.40
CA ALA E 85 44.12 79.96 19.19
C ALA E 85 42.73 79.42 19.50
N ILE E 86 42.16 78.68 18.55
CA ILE E 86 40.85 78.05 18.71
C ILE E 86 41.01 76.72 19.42
N TYR E 87 40.08 76.40 20.32
CA TYR E 87 40.19 75.22 21.16
C TYR E 87 38.92 74.39 21.09
N TYR E 88 39.08 73.07 20.95
CA TYR E 88 37.97 72.13 20.90
C TYR E 88 38.14 71.07 21.98
N CYS E 89 37.02 70.69 22.62
CA CYS E 89 36.98 69.54 23.51
C CYS E 89 36.33 68.36 22.79
N GLN E 90 36.69 67.16 23.21
CA GLN E 90 36.26 65.95 22.52
C GLN E 90 35.99 64.85 23.55
N GLN E 91 34.95 64.05 23.28
CA GLN E 91 34.57 62.95 24.15
C GLN E 91 34.41 61.69 23.29
N TYR E 92 34.25 60.56 23.97
CA TYR E 92 34.02 59.27 23.30
C TYR E 92 32.87 58.53 23.98
N GLY E 93 31.81 58.26 23.21
CA GLY E 93 30.83 57.27 23.60
C GLY E 93 31.19 55.91 23.05
N VAL E 94 30.58 54.86 23.62
CA VAL E 94 30.98 53.50 23.32
C VAL E 94 30.03 52.81 22.34
N SER E 95 28.74 52.78 22.62
CA SER E 95 27.83 52.03 21.74
C SER E 95 27.80 52.61 20.34
N PRO E 96 27.60 53.91 20.12
CA PRO E 96 28.18 54.54 18.93
C PRO E 96 29.59 55.03 19.24
N PRO E 97 30.50 54.96 18.27
CA PRO E 97 31.81 55.62 18.48
C PRO E 97 31.67 57.13 18.29
N GLU E 98 31.14 57.80 19.31
CA GLU E 98 30.78 59.21 19.22
C GLU E 98 31.99 60.06 19.55
N PHE E 99 32.64 60.60 18.53
CA PHE E 99 33.73 61.56 18.72
C PHE E 99 33.19 62.98 18.62
N THR E 100 32.27 63.30 19.53
CA THR E 100 31.63 64.61 19.53
C THR E 100 32.62 65.67 19.97
N PHE E 101 32.70 66.75 19.20
CA PHE E 101 33.55 67.88 19.52
C PHE E 101 32.71 69.05 20.02
N GLY E 102 33.30 69.84 20.91
CA GLY E 102 32.63 71.00 21.43
C GLY E 102 32.55 72.10 20.40
N PRO E 103 31.68 73.08 20.67
CA PRO E 103 31.51 74.19 19.73
C PRO E 103 32.78 75.00 19.51
N GLY E 104 33.64 75.13 20.51
CA GLY E 104 34.88 75.83 20.35
C GLY E 104 34.95 77.07 21.22
N THR E 105 36.19 77.54 21.44
CA THR E 105 36.44 78.76 22.19
C THR E 105 37.63 79.46 21.58
N LYS E 106 37.44 80.72 21.18
CA LYS E 106 38.51 81.52 20.60
C LYS E 106 39.06 82.46 21.68
N VAL E 107 40.29 82.21 22.10
CA VAL E 107 40.95 83.01 23.11
C VAL E 107 41.89 83.99 22.42
N GLU E 108 41.70 85.28 22.67
CA GLU E 108 42.37 86.35 21.94
C GLU E 108 43.25 87.15 22.88
N ILE E 109 44.24 87.82 22.29
CA ILE E 109 45.15 88.67 23.05
C ILE E 109 44.42 89.95 23.45
N LYS E 110 44.43 90.25 24.75
CA LYS E 110 43.77 91.45 25.25
C LYS E 110 44.78 92.45 25.79
#